data_2M1X
#
_entry.id   2M1X
#
_entity_poly.entity_id   1
_entity_poly.type   'polypeptide(L)'
_entity_poly.pdbx_seq_one_letter_code
;MESSSEQKFYNFVILHARADEHIALRVREKLEALGVPDGATFCEDFQVHGRGELSCLQDAIDHSAFIILLLTSNFDCRLS
LHQVNQAMMSNLTRQGSPDCVIPFLPLESSPAQLSSDTASLLSGLVRLDEHSQIFARKVANTFKPHRLQARKAMWRKEQD
LEHHHHHH
;
_entity_poly.pdbx_strand_id   A
#
# COMPACT_ATOMS: atom_id res chain seq x y z
N MET A 1 -21.91 0.83 -5.53
CA MET A 1 -22.84 1.61 -6.34
C MET A 1 -22.09 2.67 -7.14
N GLU A 2 -22.52 2.85 -8.39
CA GLU A 2 -21.91 3.83 -9.26
C GLU A 2 -22.75 4.00 -10.53
N SER A 3 -22.95 5.27 -10.89
CA SER A 3 -23.74 5.59 -12.07
C SER A 3 -22.81 5.86 -13.25
N SER A 4 -22.65 4.86 -14.09
CA SER A 4 -21.80 4.97 -15.27
C SER A 4 -20.52 5.73 -14.90
N SER A 5 -19.93 5.33 -13.78
CA SER A 5 -18.70 5.96 -13.31
C SER A 5 -17.53 5.54 -14.20
N GLU A 6 -16.60 6.47 -14.36
CA GLU A 6 -15.43 6.21 -15.18
C GLU A 6 -14.60 5.08 -14.58
N GLN A 7 -13.48 4.80 -15.24
CA GLN A 7 -12.59 3.73 -14.78
C GLN A 7 -11.65 4.26 -13.69
N LYS A 8 -11.82 3.71 -12.50
CA LYS A 8 -11.00 4.11 -11.37
C LYS A 8 -10.17 2.92 -10.90
N PHE A 9 -8.89 3.19 -10.65
CA PHE A 9 -7.99 2.14 -10.19
C PHE A 9 -6.79 2.74 -9.47
N TYR A 10 -6.36 2.07 -8.42
CA TYR A 10 -5.22 2.52 -7.64
C TYR A 10 -3.97 1.71 -7.98
N ASN A 11 -2.84 2.20 -7.49
CA ASN A 11 -1.57 1.54 -7.73
C ASN A 11 -1.04 0.96 -6.42
N PHE A 12 -1.64 1.42 -5.33
CA PHE A 12 -1.24 0.96 -4.01
C PHE A 12 -2.29 1.32 -2.95
N VAL A 13 -2.32 0.52 -1.90
CA VAL A 13 -3.27 0.74 -0.82
C VAL A 13 -2.52 1.22 0.42
N ILE A 14 -2.83 2.45 0.81
CA ILE A 14 -2.20 3.05 1.98
C ILE A 14 -2.98 2.66 3.23
N LEU A 15 -2.50 1.61 3.89
CA LEU A 15 -3.14 1.13 5.10
C LEU A 15 -2.71 1.99 6.28
N HIS A 16 -3.69 2.64 6.89
CA HIS A 16 -3.43 3.50 8.03
C HIS A 16 -4.68 3.60 8.90
N ALA A 17 -4.46 3.96 10.15
CA ALA A 17 -5.56 4.11 11.09
C ALA A 17 -6.57 5.13 10.54
N ARG A 18 -7.46 5.56 11.42
CA ARG A 18 -8.47 6.53 11.03
C ARG A 18 -8.06 7.94 11.47
N ALA A 19 -7.00 7.99 12.26
CA ALA A 19 -6.50 9.25 12.76
C ALA A 19 -5.19 9.59 12.04
N ASP A 20 -4.97 8.91 10.93
CA ASP A 20 -3.76 9.13 10.15
C ASP A 20 -4.15 9.42 8.70
N GLU A 21 -5.26 10.12 8.55
CA GLU A 21 -5.74 10.47 7.22
C GLU A 21 -4.78 11.44 6.54
N HIS A 22 -4.84 12.69 6.97
CA HIS A 22 -3.98 13.72 6.40
C HIS A 22 -2.60 13.14 6.13
N ILE A 23 -2.18 12.24 7.02
CA ILE A 23 -0.88 11.60 6.89
C ILE A 23 -0.80 10.89 5.54
N ALA A 24 -1.77 10.01 5.31
CA ALA A 24 -1.82 9.26 4.08
C ALA A 24 -2.07 10.22 2.91
N LEU A 25 -3.03 11.11 3.11
CA LEU A 25 -3.37 12.07 2.08
C LEU A 25 -2.12 12.89 1.72
N ARG A 26 -1.21 12.97 2.68
CA ARG A 26 0.03 13.71 2.49
C ARG A 26 1.04 12.87 1.71
N VAL A 27 0.82 11.55 1.75
CA VAL A 27 1.70 10.63 1.05
C VAL A 27 1.26 10.51 -0.41
N ARG A 28 -0.02 10.23 -0.59
CA ARG A 28 -0.58 10.09 -1.92
C ARG A 28 0.04 11.13 -2.87
N GLU A 29 0.00 12.38 -2.43
CA GLU A 29 0.55 13.47 -3.21
C GLU A 29 2.07 13.34 -3.31
N LYS A 30 2.69 13.19 -2.15
CA LYS A 30 4.14 13.06 -2.10
C LYS A 30 4.59 11.99 -3.09
N LEU A 31 3.68 11.05 -3.34
CA LEU A 31 3.97 9.96 -4.26
C LEU A 31 3.87 10.47 -5.70
N GLU A 32 2.95 11.42 -5.90
CA GLU A 32 2.75 11.99 -7.22
C GLU A 32 3.88 12.98 -7.54
N ALA A 33 4.68 13.25 -6.52
CA ALA A 33 5.80 14.19 -6.68
C ALA A 33 7.05 13.41 -7.12
N LEU A 34 6.94 12.09 -7.07
CA LEU A 34 8.04 11.22 -7.46
C LEU A 34 7.63 10.40 -8.69
N GLY A 35 6.42 9.87 -8.63
CA GLY A 35 5.90 9.06 -9.72
C GLY A 35 4.52 8.50 -9.38
N VAL A 36 4.51 7.48 -8.54
CA VAL A 36 3.28 6.84 -8.14
C VAL A 36 2.22 7.91 -7.89
N PRO A 37 0.98 7.62 -8.38
CA PRO A 37 -0.13 8.55 -8.22
C PRO A 37 -0.65 8.55 -6.78
N ASP A 38 -1.82 9.15 -6.60
CA ASP A 38 -2.43 9.22 -5.29
C ASP A 38 -2.64 7.81 -4.74
N GLY A 39 -3.14 6.94 -5.62
CA GLY A 39 -3.39 5.56 -5.23
C GLY A 39 -4.67 5.45 -4.40
N ALA A 40 -4.49 5.51 -3.09
CA ALA A 40 -5.61 5.41 -2.17
C ALA A 40 -5.09 5.07 -0.78
N THR A 41 -6.04 4.86 0.14
CA THR A 41 -5.69 4.52 1.51
C THR A 41 -6.81 3.70 2.15
N PHE A 42 -6.43 2.49 2.57
CA PHE A 42 -7.38 1.59 3.20
C PHE A 42 -7.38 1.77 4.71
N CYS A 43 -8.51 2.21 5.23
CA CYS A 43 -8.65 2.42 6.67
C CYS A 43 -9.86 1.62 7.15
N GLU A 44 -9.68 0.97 8.30
CA GLU A 44 -10.74 0.18 8.88
C GLU A 44 -11.55 1.00 9.88
N ASP A 45 -12.85 1.09 9.63
CA ASP A 45 -13.73 1.85 10.50
C ASP A 45 -14.77 0.91 11.10
N PHE A 46 -14.95 1.03 12.40
CA PHE A 46 -15.92 0.20 13.11
C PHE A 46 -17.32 0.82 13.06
N GLN A 47 -17.41 1.93 12.35
CA GLN A 47 -18.67 2.63 12.20
C GLN A 47 -19.54 1.93 11.15
N VAL A 48 -18.88 1.45 10.10
CA VAL A 48 -19.57 0.77 9.02
C VAL A 48 -19.76 -0.69 9.40
N HIS A 49 -20.42 -1.42 8.50
CA HIS A 49 -20.66 -2.84 8.72
C HIS A 49 -19.35 -3.61 8.57
N GLY A 50 -18.48 -3.08 7.73
CA GLY A 50 -17.19 -3.72 7.49
C GLY A 50 -16.86 -3.75 6.00
N ARG A 51 -17.69 -4.49 5.27
CA ARG A 51 -17.50 -4.61 3.83
C ARG A 51 -18.33 -3.56 3.09
N GLY A 52 -18.30 -2.35 3.63
CA GLY A 52 -19.04 -1.25 3.03
C GLY A 52 -18.10 -0.18 2.51
N GLU A 53 -16.82 -0.44 2.66
CA GLU A 53 -15.80 0.50 2.20
C GLU A 53 -15.14 -0.01 0.92
N LEU A 54 -14.35 -1.07 1.08
CA LEU A 54 -13.67 -1.67 -0.06
C LEU A 54 -13.99 -3.16 -0.12
N SER A 55 -13.49 -3.80 -1.17
CA SER A 55 -13.71 -5.22 -1.36
C SER A 55 -12.99 -6.02 -0.26
N CYS A 56 -11.68 -6.06 -0.38
CA CYS A 56 -10.87 -6.78 0.59
C CYS A 56 -9.44 -6.20 0.54
N LEU A 57 -8.58 -6.80 1.34
CA LEU A 57 -7.20 -6.36 1.41
C LEU A 57 -6.41 -7.02 0.27
N GLN A 58 -6.80 -8.24 -0.05
CA GLN A 58 -6.15 -8.98 -1.13
C GLN A 58 -6.54 -8.41 -2.49
N ASP A 59 -7.47 -7.46 -2.45
CA ASP A 59 -7.95 -6.83 -3.67
C ASP A 59 -6.87 -5.88 -4.20
N ALA A 60 -6.35 -5.06 -3.30
CA ALA A 60 -5.32 -4.10 -3.66
C ALA A 60 -4.04 -4.86 -4.03
N ILE A 61 -4.02 -6.14 -3.68
CA ILE A 61 -2.87 -6.97 -3.97
C ILE A 61 -2.93 -7.44 -5.43
N ASP A 62 -4.16 -7.60 -5.91
CA ASP A 62 -4.37 -8.03 -7.28
C ASP A 62 -4.80 -6.83 -8.13
N HIS A 63 -5.12 -5.75 -7.44
CA HIS A 63 -5.55 -4.53 -8.12
C HIS A 63 -4.43 -3.49 -8.04
N SER A 64 -4.01 -3.20 -6.82
CA SER A 64 -2.96 -2.22 -6.61
C SER A 64 -1.59 -2.87 -6.86
N ALA A 65 -0.70 -2.07 -7.43
CA ALA A 65 0.64 -2.55 -7.73
C ALA A 65 1.26 -3.14 -6.47
N PHE A 66 1.69 -2.24 -5.59
CA PHE A 66 2.31 -2.65 -4.34
C PHE A 66 1.54 -2.09 -3.14
N ILE A 67 1.24 -2.98 -2.20
CA ILE A 67 0.51 -2.59 -1.00
C ILE A 67 1.43 -1.76 -0.11
N ILE A 68 0.91 -0.61 0.31
CA ILE A 68 1.67 0.28 1.18
C ILE A 68 1.11 0.21 2.60
N LEU A 69 1.93 -0.34 3.49
CA LEU A 69 1.54 -0.48 4.88
C LEU A 69 2.06 0.72 5.68
N LEU A 70 1.14 1.59 6.06
CA LEU A 70 1.50 2.78 6.82
C LEU A 70 1.82 2.37 8.26
N LEU A 71 3.03 1.85 8.44
CA LEU A 71 3.47 1.43 9.76
C LEU A 71 3.59 2.64 10.68
N THR A 72 2.49 2.93 11.37
CA THR A 72 2.45 4.05 12.28
C THR A 72 1.93 3.62 13.65
N SER A 73 2.40 4.30 14.69
CA SER A 73 1.99 4.00 16.04
C SER A 73 0.47 4.10 16.16
N ASN A 74 -0.14 4.76 15.18
CA ASN A 74 -1.57 4.94 15.16
C ASN A 74 -2.21 3.80 14.37
N PHE A 75 -1.41 3.21 13.49
CA PHE A 75 -1.88 2.11 12.66
C PHE A 75 -1.34 0.77 13.17
N ASP A 76 -1.94 -0.30 12.67
CA ASP A 76 -1.54 -1.63 13.06
C ASP A 76 -0.77 -2.29 11.91
N CYS A 77 0.44 -2.73 12.21
CA CYS A 77 1.28 -3.37 11.22
C CYS A 77 1.04 -4.88 11.30
N ARG A 78 1.18 -5.41 12.51
CA ARG A 78 0.97 -6.83 12.73
C ARG A 78 -0.19 -7.34 11.89
N LEU A 79 -1.36 -6.76 12.14
CA LEU A 79 -2.55 -7.15 11.40
C LEU A 79 -2.27 -7.10 9.90
N SER A 80 -1.94 -5.90 9.43
CA SER A 80 -1.64 -5.71 8.02
C SER A 80 -0.84 -6.90 7.49
N LEU A 81 0.16 -7.29 8.25
CA LEU A 81 1.01 -8.41 7.88
C LEU A 81 0.15 -9.66 7.73
N HIS A 82 -0.68 -9.90 8.74
CA HIS A 82 -1.55 -11.06 8.73
C HIS A 82 -2.43 -11.04 7.47
N GLN A 83 -3.15 -9.94 7.32
CA GLN A 83 -4.03 -9.78 6.16
C GLN A 83 -3.23 -9.92 4.87
N VAL A 84 -2.40 -8.92 4.62
CA VAL A 84 -1.58 -8.92 3.42
C VAL A 84 -1.06 -10.33 3.15
N ASN A 85 -0.59 -10.97 4.22
CA ASN A 85 -0.07 -12.32 4.11
C ASN A 85 -1.15 -13.23 3.53
N GLN A 86 -2.18 -13.46 4.32
CA GLN A 86 -3.29 -14.30 3.89
C GLN A 86 -3.63 -14.03 2.42
N ALA A 87 -3.71 -12.75 2.09
CA ALA A 87 -4.02 -12.35 0.73
C ALA A 87 -3.00 -12.96 -0.22
N MET A 88 -1.74 -12.84 0.16
CA MET A 88 -0.66 -13.37 -0.65
C MET A 88 -0.73 -14.90 -0.74
N MET A 89 -0.71 -15.54 0.42
CA MET A 89 -0.78 -16.99 0.47
C MET A 89 -2.15 -17.48 0.02
N SER A 90 -3.06 -16.53 -0.17
CA SER A 90 -4.41 -16.87 -0.60
C SER A 90 -4.42 -17.17 -2.10
N ASN A 91 -3.88 -16.22 -2.86
CA ASN A 91 -3.82 -16.36 -4.31
C ASN A 91 -2.42 -15.99 -4.79
N LEU A 92 -1.59 -17.03 -4.93
CA LEU A 92 -0.22 -16.83 -5.39
C LEU A 92 -0.17 -16.99 -6.91
N THR A 93 -0.96 -17.93 -7.41
CA THR A 93 -1.02 -18.20 -8.83
C THR A 93 -1.38 -16.93 -9.59
N ARG A 94 -1.91 -15.96 -8.86
CA ARG A 94 -2.30 -14.70 -9.45
C ARG A 94 -1.07 -13.83 -9.71
N GLN A 95 -0.58 -13.22 -8.64
CA GLN A 95 0.58 -12.36 -8.75
C GLN A 95 1.77 -12.99 -8.02
N GLY A 96 1.45 -13.87 -7.08
CA GLY A 96 2.48 -14.55 -6.32
C GLY A 96 3.64 -13.61 -6.00
N SER A 97 3.28 -12.40 -5.59
CA SER A 97 4.28 -11.40 -5.25
C SER A 97 4.16 -11.01 -3.78
N PRO A 98 4.74 -11.86 -2.91
CA PRO A 98 4.70 -11.62 -1.48
C PRO A 98 5.66 -10.50 -1.08
N ASP A 99 6.34 -9.97 -2.09
CA ASP A 99 7.29 -8.89 -1.86
C ASP A 99 6.80 -7.62 -2.56
N CYS A 100 5.49 -7.47 -2.57
CA CYS A 100 4.88 -6.31 -3.20
C CYS A 100 4.36 -5.38 -2.10
N VAL A 101 4.92 -5.56 -0.91
CA VAL A 101 4.53 -4.76 0.23
C VAL A 101 5.46 -3.55 0.34
N ILE A 102 4.92 -2.48 0.90
CA ILE A 102 5.69 -1.26 1.07
C ILE A 102 5.38 -0.65 2.44
N PRO A 103 6.26 -0.97 3.43
CA PRO A 103 6.07 -0.46 4.77
C PRO A 103 6.48 1.02 4.86
N PHE A 104 5.48 1.88 4.70
CA PHE A 104 5.72 3.31 4.77
C PHE A 104 5.80 3.80 6.21
N LEU A 105 6.63 4.81 6.42
CA LEU A 105 6.81 5.38 7.74
C LEU A 105 6.75 6.90 7.65
N PRO A 106 5.58 7.45 8.09
CA PRO A 106 5.38 8.89 8.06
C PRO A 106 6.15 9.57 9.19
N LEU A 107 6.14 10.91 9.16
CA LEU A 107 6.84 11.68 10.17
C LEU A 107 6.03 11.67 11.46
N GLU A 108 4.71 11.56 11.30
CA GLU A 108 3.82 11.54 12.45
C GLU A 108 4.16 10.37 13.36
N SER A 109 4.55 9.26 12.75
CA SER A 109 4.91 8.07 13.49
C SER A 109 6.36 7.67 13.19
N SER A 110 6.82 6.65 13.88
CA SER A 110 8.18 6.16 13.69
C SER A 110 8.23 4.65 13.90
N PRO A 111 9.37 4.05 13.46
CA PRO A 111 9.55 2.62 13.59
C PRO A 111 9.86 2.23 15.03
N ALA A 112 10.56 3.12 15.72
CA ALA A 112 10.93 2.89 17.11
C ALA A 112 9.66 2.78 17.95
N GLN A 113 8.60 3.40 17.46
CA GLN A 113 7.33 3.37 18.16
C GLN A 113 6.64 2.02 17.96
N LEU A 114 7.22 1.22 17.08
CA LEU A 114 6.68 -0.10 16.80
C LEU A 114 7.45 -1.14 17.63
N SER A 115 6.84 -2.32 17.75
CA SER A 115 7.44 -3.40 18.50
C SER A 115 8.77 -3.81 17.86
N SER A 116 9.58 -4.51 18.64
CA SER A 116 10.87 -4.96 18.16
C SER A 116 10.68 -6.07 17.12
N ASP A 117 9.44 -6.48 16.96
CA ASP A 117 9.11 -7.53 16.00
C ASP A 117 8.96 -6.91 14.61
N THR A 118 8.40 -5.71 14.59
CA THR A 118 8.18 -5.00 13.35
C THR A 118 9.41 -5.15 12.43
N ALA A 119 10.58 -4.92 13.02
CA ALA A 119 11.81 -5.02 12.28
C ALA A 119 11.83 -6.33 11.49
N SER A 120 11.38 -7.39 12.15
CA SER A 120 11.33 -8.70 11.54
C SER A 120 10.12 -8.79 10.59
N LEU A 121 9.11 -7.99 10.91
CA LEU A 121 7.90 -7.97 10.10
C LEU A 121 8.20 -7.37 8.74
N LEU A 122 9.12 -6.40 8.73
CA LEU A 122 9.50 -5.74 7.51
C LEU A 122 10.94 -6.12 7.16
N SER A 123 11.38 -7.24 7.72
CA SER A 123 12.72 -7.73 7.48
C SER A 123 12.79 -8.40 6.11
N GLY A 124 12.51 -7.63 5.08
CA GLY A 124 12.54 -8.13 3.72
C GLY A 124 12.00 -7.10 2.73
N LEU A 125 10.97 -6.38 3.17
CA LEU A 125 10.36 -5.36 2.33
C LEU A 125 11.29 -4.15 2.25
N VAL A 126 10.84 -3.14 1.53
CA VAL A 126 11.63 -1.93 1.35
C VAL A 126 11.02 -0.82 2.22
N ARG A 127 11.65 -0.62 3.37
CA ARG A 127 11.19 0.41 4.29
C ARG A 127 11.06 1.75 3.57
N LEU A 128 9.82 2.21 3.46
CA LEU A 128 9.54 3.47 2.81
C LEU A 128 9.38 4.57 3.86
N ASP A 129 10.10 5.65 3.66
CA ASP A 129 10.04 6.78 4.58
C ASP A 129 9.48 8.00 3.85
N GLU A 130 9.13 9.00 4.64
CA GLU A 130 8.58 10.24 4.08
C GLU A 130 9.44 11.43 4.48
N HIS A 131 10.55 11.14 5.15
CA HIS A 131 11.46 12.17 5.60
C HIS A 131 12.88 11.81 5.19
N SER A 132 12.99 10.77 4.36
CA SER A 132 14.29 10.33 3.89
C SER A 132 14.56 10.90 2.51
N GLN A 133 15.81 11.31 2.31
CA GLN A 133 16.22 11.88 1.04
C GLN A 133 16.46 10.77 0.01
N ILE A 134 16.21 9.55 0.44
CA ILE A 134 16.40 8.39 -0.42
C ILE A 134 15.03 7.81 -0.79
N PHE A 135 14.08 8.02 0.10
CA PHE A 135 12.73 7.52 -0.12
C PHE A 135 12.32 7.69 -1.59
N ALA A 136 12.79 8.77 -2.17
CA ALA A 136 12.47 9.07 -3.57
C ALA A 136 12.92 7.89 -4.44
N ARG A 137 14.14 7.44 -4.20
CA ARG A 137 14.69 6.34 -4.95
C ARG A 137 14.04 5.02 -4.51
N LYS A 138 13.47 5.05 -3.32
CA LYS A 138 12.81 3.88 -2.78
C LYS A 138 11.48 3.65 -3.51
N VAL A 139 10.73 4.74 -3.64
CA VAL A 139 9.44 4.68 -4.32
C VAL A 139 9.67 4.49 -5.82
N ALA A 140 10.59 5.27 -6.35
CA ALA A 140 10.91 5.20 -7.77
C ALA A 140 11.55 3.85 -8.08
N ASN A 141 11.88 3.13 -7.02
CA ASN A 141 12.50 1.82 -7.15
C ASN A 141 11.40 0.76 -7.27
N THR A 142 10.53 0.75 -6.27
CA THR A 142 9.44 -0.22 -6.23
C THR A 142 8.32 0.22 -7.19
N PHE A 143 7.87 1.46 -6.99
CA PHE A 143 6.82 2.00 -7.81
C PHE A 143 7.38 2.68 -9.06
N LYS A 144 8.16 1.90 -9.81
CA LYS A 144 8.78 2.41 -11.02
C LYS A 144 7.67 2.83 -12.00
N PRO A 145 8.08 3.70 -12.97
CA PRO A 145 7.14 4.19 -13.97
C PRO A 145 6.83 3.10 -15.01
N HIS A 146 7.82 2.27 -15.25
CA HIS A 146 7.68 1.19 -16.22
C HIS A 146 6.83 0.07 -15.61
N ARG A 147 6.65 0.14 -14.30
CA ARG A 147 5.87 -0.85 -13.59
C ARG A 147 4.45 -0.33 -13.35
N LEU A 148 4.37 0.94 -12.98
CA LEU A 148 3.08 1.56 -12.72
C LEU A 148 2.20 1.43 -13.96
N GLN A 149 2.85 1.40 -15.12
CA GLN A 149 2.14 1.27 -16.37
C GLN A 149 2.01 -0.20 -16.77
N ALA A 150 3.14 -0.89 -16.74
CA ALA A 150 3.15 -2.30 -17.09
C ALA A 150 2.28 -3.07 -16.11
N ARG A 151 1.96 -2.43 -15.01
CA ARG A 151 1.13 -3.04 -13.99
C ARG A 151 -0.34 -2.73 -14.23
N LYS A 152 -0.56 -1.58 -14.87
CA LYS A 152 -1.92 -1.15 -15.17
C LYS A 152 -2.26 -1.52 -16.61
N ALA A 153 -1.22 -1.93 -17.34
CA ALA A 153 -1.39 -2.32 -18.73
C ALA A 153 -2.38 -3.49 -18.81
N MET A 154 -2.60 -4.11 -17.66
CA MET A 154 -3.51 -5.24 -17.59
C MET A 154 -4.96 -4.77 -17.40
N TRP A 155 -5.09 -3.55 -16.93
CA TRP A 155 -6.39 -2.97 -16.69
C TRP A 155 -6.78 -2.15 -17.92
N ARG A 156 -5.79 -1.44 -18.44
CA ARG A 156 -6.02 -0.61 -19.63
C ARG A 156 -6.52 -1.47 -20.79
N LYS A 157 -6.23 -2.76 -20.70
CA LYS A 157 -6.65 -3.69 -21.73
C LYS A 157 -8.08 -3.37 -22.15
N GLU A 158 -8.84 -2.84 -21.21
CA GLU A 158 -10.23 -2.48 -21.46
C GLU A 158 -10.31 -1.43 -22.56
N GLN A 159 -9.49 -0.40 -22.42
CA GLN A 159 -9.45 0.68 -23.40
C GLN A 159 -8.67 0.24 -24.65
N ASP A 160 -7.55 -0.42 -24.40
CA ASP A 160 -6.71 -0.89 -25.48
C ASP A 160 -7.57 -1.64 -26.51
N MET A 1 -14.71 14.12 -9.37
CA MET A 1 -14.47 15.54 -9.62
C MET A 1 -13.41 15.70 -10.72
N GLU A 2 -13.27 14.68 -11.54
CA GLU A 2 -12.30 14.70 -12.62
C GLU A 2 -12.69 15.77 -13.65
N SER A 3 -11.70 16.57 -14.02
CA SER A 3 -11.91 17.62 -14.99
C SER A 3 -10.96 17.46 -16.17
N SER A 4 -10.41 16.26 -16.28
CA SER A 4 -9.48 15.96 -17.36
C SER A 4 -9.83 14.62 -18.01
N SER A 5 -11.06 14.20 -17.77
CA SER A 5 -11.55 12.94 -18.32
C SER A 5 -10.47 11.88 -18.20
N GLU A 6 -9.79 11.88 -17.06
CA GLU A 6 -8.73 10.93 -16.81
C GLU A 6 -9.32 9.62 -16.24
N GLN A 7 -8.42 8.67 -15.98
CA GLN A 7 -8.84 7.39 -15.45
C GLN A 7 -8.45 7.29 -13.97
N LYS A 8 -9.35 6.69 -13.20
CA LYS A 8 -9.12 6.52 -11.78
C LYS A 8 -8.77 5.06 -11.49
N PHE A 9 -7.67 4.87 -10.78
CA PHE A 9 -7.21 3.53 -10.43
C PHE A 9 -6.29 3.57 -9.22
N TYR A 10 -6.16 2.42 -8.58
CA TYR A 10 -5.31 2.31 -7.39
C TYR A 10 -3.99 1.61 -7.74
N ASN A 11 -2.91 2.17 -7.22
CA ASN A 11 -1.60 1.61 -7.47
C ASN A 11 -1.04 1.05 -6.15
N PHE A 12 -1.68 1.43 -5.05
CA PHE A 12 -1.26 0.98 -3.74
C PHE A 12 -2.28 1.36 -2.68
N VAL A 13 -2.57 0.41 -1.80
CA VAL A 13 -3.53 0.63 -0.73
C VAL A 13 -2.77 0.93 0.57
N ILE A 14 -2.79 2.20 0.94
CA ILE A 14 -2.12 2.63 2.15
C ILE A 14 -2.96 2.25 3.37
N LEU A 15 -2.61 1.11 3.96
CA LEU A 15 -3.34 0.63 5.12
C LEU A 15 -2.87 1.40 6.36
N HIS A 16 -3.77 2.23 6.87
CA HIS A 16 -3.47 3.03 8.04
C HIS A 16 -4.73 3.16 8.91
N ALA A 17 -4.55 3.78 10.07
CA ALA A 17 -5.66 3.97 10.99
C ALA A 17 -6.65 4.97 10.38
N ARG A 18 -7.56 5.45 11.22
CA ARG A 18 -8.55 6.40 10.78
C ARG A 18 -8.14 7.82 11.17
N ALA A 19 -7.13 7.89 12.01
CA ALA A 19 -6.63 9.18 12.49
C ALA A 19 -5.32 9.51 11.76
N ASP A 20 -5.09 8.79 10.67
CA ASP A 20 -3.88 9.00 9.88
C ASP A 20 -4.28 9.30 8.43
N GLU A 21 -5.47 9.86 8.27
CA GLU A 21 -5.97 10.20 6.96
C GLU A 21 -5.05 11.23 6.28
N HIS A 22 -5.17 12.46 6.75
CA HIS A 22 -4.36 13.54 6.21
C HIS A 22 -2.92 13.06 6.00
N ILE A 23 -2.50 12.16 6.88
CA ILE A 23 -1.16 11.61 6.82
C ILE A 23 -1.00 10.85 5.50
N ALA A 24 -1.96 9.97 5.23
CA ALA A 24 -1.93 9.18 4.02
C ALA A 24 -2.23 10.08 2.82
N LEU A 25 -3.40 10.69 2.86
CA LEU A 25 -3.82 11.58 1.79
C LEU A 25 -2.69 12.55 1.47
N ARG A 26 -1.83 12.76 2.46
CA ARG A 26 -0.71 13.67 2.29
C ARG A 26 0.39 13.00 1.45
N VAL A 27 0.54 11.71 1.67
CA VAL A 27 1.55 10.94 0.94
C VAL A 27 1.06 10.72 -0.50
N ARG A 28 -0.14 10.20 -0.60
CA ARG A 28 -0.73 9.92 -1.91
C ARG A 28 -0.30 11.00 -2.91
N GLU A 29 -0.39 12.25 -2.47
CA GLU A 29 -0.01 13.37 -3.31
C GLU A 29 1.51 13.38 -3.54
N LYS A 30 2.23 13.52 -2.44
CA LYS A 30 3.69 13.55 -2.51
C LYS A 30 4.16 12.54 -3.55
N LEU A 31 3.69 11.31 -3.41
CA LEU A 31 4.06 10.24 -4.32
C LEU A 31 4.04 10.78 -5.75
N GLU A 32 2.89 11.30 -6.14
CA GLU A 32 2.72 11.85 -7.48
C GLU A 32 4.01 12.56 -7.92
N ALA A 33 4.61 13.28 -6.98
CA ALA A 33 5.83 14.00 -7.26
C ALA A 33 6.87 13.03 -7.82
N LEU A 34 7.11 11.96 -7.08
CA LEU A 34 8.07 10.95 -7.48
C LEU A 34 7.56 10.25 -8.74
N GLY A 35 6.30 9.88 -8.71
CA GLY A 35 5.67 9.20 -9.84
C GLY A 35 4.32 8.62 -9.45
N VAL A 36 4.38 7.57 -8.63
CA VAL A 36 3.17 6.90 -8.18
C VAL A 36 2.09 7.95 -7.89
N PRO A 37 0.85 7.64 -8.34
CA PRO A 37 -0.27 8.54 -8.13
C PRO A 37 -0.75 8.50 -6.68
N ASP A 38 -1.93 9.06 -6.46
CA ASP A 38 -2.50 9.10 -5.12
C ASP A 38 -2.62 7.67 -4.59
N GLY A 39 -3.11 6.79 -5.44
CA GLY A 39 -3.28 5.39 -5.07
C GLY A 39 -4.58 5.20 -4.27
N ALA A 40 -4.42 5.21 -2.96
CA ALA A 40 -5.57 5.03 -2.07
C ALA A 40 -5.08 4.66 -0.67
N THR A 41 -6.03 4.34 0.19
CA THR A 41 -5.71 3.97 1.56
C THR A 41 -6.78 3.02 2.12
N PHE A 42 -6.32 2.09 2.94
CA PHE A 42 -7.23 1.13 3.55
C PHE A 42 -7.44 1.42 5.03
N CYS A 43 -8.49 0.83 5.59
CA CYS A 43 -8.80 1.01 6.99
C CYS A 43 -9.16 -0.34 7.60
N GLU A 44 -8.95 -0.44 8.90
CA GLU A 44 -9.25 -1.68 9.61
C GLU A 44 -10.64 -2.20 9.21
N ASP A 45 -10.91 -3.42 9.64
CA ASP A 45 -12.19 -4.05 9.33
C ASP A 45 -13.06 -4.05 10.58
N PHE A 46 -12.61 -3.30 11.58
CA PHE A 46 -13.35 -3.21 12.84
C PHE A 46 -13.96 -1.82 13.01
N GLN A 47 -14.12 -1.13 11.88
CA GLN A 47 -14.69 0.21 11.91
C GLN A 47 -16.10 0.19 11.31
N VAL A 48 -16.38 -0.86 10.54
CA VAL A 48 -17.68 -1.00 9.91
C VAL A 48 -18.46 -2.10 10.63
N HIS A 49 -19.72 -2.25 10.22
CA HIS A 49 -20.58 -3.26 10.82
C HIS A 49 -19.95 -4.64 10.65
N GLY A 50 -19.46 -4.89 9.45
CA GLY A 50 -18.84 -6.16 9.14
C GLY A 50 -17.81 -6.02 8.02
N ARG A 51 -18.01 -6.80 6.98
CA ARG A 51 -17.11 -6.77 5.84
C ARG A 51 -17.91 -6.61 4.53
N GLY A 52 -19.03 -5.93 4.66
CA GLY A 52 -19.89 -5.69 3.50
C GLY A 52 -19.61 -4.32 2.87
N GLU A 53 -18.39 -3.86 3.08
CA GLU A 53 -17.99 -2.57 2.54
C GLU A 53 -17.19 -2.75 1.25
N LEU A 54 -15.97 -3.25 1.40
CA LEU A 54 -15.11 -3.48 0.26
C LEU A 54 -14.70 -4.95 0.22
N SER A 55 -14.30 -5.39 -0.96
CA SER A 55 -13.88 -6.78 -1.14
C SER A 55 -12.97 -7.20 0.00
N CYS A 56 -11.74 -6.69 -0.04
CA CYS A 56 -10.77 -7.02 0.98
C CYS A 56 -9.50 -6.20 0.71
N LEU A 57 -8.56 -6.29 1.65
CA LEU A 57 -7.31 -5.56 1.52
C LEU A 57 -6.50 -6.15 0.37
N GLN A 58 -6.61 -7.46 0.22
CA GLN A 58 -5.89 -8.16 -0.83
C GLN A 58 -6.39 -7.70 -2.21
N ASP A 59 -7.50 -6.98 -2.19
CA ASP A 59 -8.09 -6.47 -3.42
C ASP A 59 -7.10 -5.49 -4.08
N ALA A 60 -6.19 -4.98 -3.27
CA ALA A 60 -5.20 -4.04 -3.76
C ALA A 60 -3.98 -4.82 -4.29
N ILE A 61 -3.76 -5.99 -3.69
CA ILE A 61 -2.65 -6.83 -4.08
C ILE A 61 -2.80 -7.22 -5.55
N ASP A 62 -4.04 -7.15 -6.02
CA ASP A 62 -4.32 -7.49 -7.40
C ASP A 62 -4.55 -6.21 -8.20
N HIS A 63 -5.50 -5.42 -7.74
CA HIS A 63 -5.83 -4.17 -8.39
C HIS A 63 -4.64 -3.21 -8.29
N SER A 64 -4.21 -2.97 -7.06
CA SER A 64 -3.08 -2.08 -6.81
C SER A 64 -1.78 -2.80 -7.12
N ALA A 65 -0.74 -2.01 -7.32
CA ALA A 65 0.58 -2.55 -7.63
C ALA A 65 1.18 -3.14 -6.35
N PHE A 66 1.69 -2.25 -5.51
CA PHE A 66 2.30 -2.67 -4.26
C PHE A 66 1.55 -2.10 -3.06
N ILE A 67 1.22 -2.98 -2.14
CA ILE A 67 0.49 -2.57 -0.93
C ILE A 67 1.43 -1.77 -0.03
N ILE A 68 0.90 -0.67 0.49
CA ILE A 68 1.68 0.19 1.37
C ILE A 68 1.12 0.09 2.78
N LEU A 69 1.98 -0.32 3.70
CA LEU A 69 1.59 -0.46 5.10
C LEU A 69 2.10 0.75 5.89
N LEU A 70 1.16 1.61 6.24
CA LEU A 70 1.49 2.80 7.00
C LEU A 70 1.82 2.41 8.45
N LEU A 71 3.03 1.93 8.64
CA LEU A 71 3.48 1.52 9.96
C LEU A 71 3.60 2.76 10.85
N THR A 72 2.52 3.05 11.55
CA THR A 72 2.51 4.21 12.45
C THR A 72 2.05 3.78 13.85
N SER A 73 2.42 4.60 14.82
CA SER A 73 2.05 4.33 16.20
C SER A 73 0.53 4.38 16.36
N ASN A 74 -0.13 4.89 15.33
CA ASN A 74 -1.57 5.00 15.35
C ASN A 74 -2.18 3.79 14.66
N PHE A 75 -1.32 3.03 13.99
CA PHE A 75 -1.76 1.84 13.28
C PHE A 75 -0.98 0.61 13.75
N ASP A 76 -1.42 -0.55 13.28
CA ASP A 76 -0.78 -1.80 13.65
C ASP A 76 -0.29 -2.50 12.37
N CYS A 77 1.00 -2.84 12.38
CA CYS A 77 1.60 -3.49 11.25
C CYS A 77 1.31 -5.00 11.36
N ARG A 78 1.44 -5.50 12.57
CA ARG A 78 1.21 -6.91 12.83
C ARG A 78 0.01 -7.40 12.01
N LEU A 79 -0.91 -6.49 11.76
CA LEU A 79 -2.10 -6.81 11.00
C LEU A 79 -1.77 -6.76 9.51
N SER A 80 -1.25 -5.61 9.09
CA SER A 80 -0.90 -5.41 7.70
C SER A 80 -0.09 -6.60 7.18
N LEU A 81 1.04 -6.84 7.85
CA LEU A 81 1.90 -7.95 7.47
C LEU A 81 1.08 -9.24 7.42
N HIS A 82 -0.03 -9.22 8.12
CA HIS A 82 -0.91 -10.38 8.17
C HIS A 82 -1.97 -10.26 7.07
N GLN A 83 -2.24 -9.02 6.67
CA GLN A 83 -3.22 -8.76 5.63
C GLN A 83 -2.56 -8.85 4.25
N VAL A 84 -1.23 -8.75 4.25
CA VAL A 84 -0.48 -8.82 3.02
C VAL A 84 -0.08 -10.27 2.74
N ASN A 85 0.48 -10.90 3.76
CA ASN A 85 0.90 -12.29 3.63
C ASN A 85 -0.29 -13.14 3.21
N GLN A 86 -1.18 -13.39 4.16
CA GLN A 86 -2.36 -14.18 3.88
C GLN A 86 -2.94 -13.84 2.51
N ALA A 87 -3.04 -12.54 2.26
CA ALA A 87 -3.56 -12.07 0.99
C ALA A 87 -2.82 -12.75 -0.16
N MET A 88 -1.49 -12.64 -0.12
CA MET A 88 -0.66 -13.24 -1.13
C MET A 88 -0.98 -14.71 -1.31
N MET A 89 -0.59 -15.50 -0.32
CA MET A 89 -0.83 -16.94 -0.36
C MET A 89 -2.31 -17.23 -0.60
N SER A 90 -3.14 -16.23 -0.35
CA SER A 90 -4.57 -16.37 -0.55
C SER A 90 -4.93 -16.18 -2.02
N ASN A 91 -4.13 -15.35 -2.68
CA ASN A 91 -4.34 -15.07 -4.09
C ASN A 91 -2.99 -15.05 -4.82
N LEU A 92 -2.60 -16.22 -5.31
CA LEU A 92 -1.35 -16.35 -6.02
C LEU A 92 -1.63 -16.66 -7.49
N THR A 93 -2.83 -17.16 -7.74
CA THR A 93 -3.24 -17.50 -9.10
C THR A 93 -3.54 -16.23 -9.90
N ARG A 94 -3.40 -15.10 -9.22
CA ARG A 94 -3.64 -13.81 -9.86
C ARG A 94 -2.33 -13.07 -10.09
N GLN A 95 -1.76 -12.58 -9.00
CA GLN A 95 -0.51 -11.85 -9.08
C GLN A 95 0.59 -12.60 -8.31
N GLY A 96 0.17 -13.28 -7.26
CA GLY A 96 1.10 -14.04 -6.42
C GLY A 96 2.43 -13.31 -6.30
N SER A 97 2.36 -12.05 -5.89
CA SER A 97 3.55 -11.24 -5.72
C SER A 97 3.79 -10.96 -4.24
N PRO A 98 4.69 -11.78 -3.64
CA PRO A 98 5.02 -11.63 -2.23
C PRO A 98 5.92 -10.41 -2.01
N ASP A 99 6.22 -9.73 -3.10
CA ASP A 99 7.07 -8.55 -3.04
C ASP A 99 6.23 -7.30 -3.32
N CYS A 100 5.04 -7.28 -2.74
CA CYS A 100 4.14 -6.16 -2.92
C CYS A 100 3.85 -5.55 -1.54
N VAL A 101 4.90 -5.45 -0.75
CA VAL A 101 4.78 -4.88 0.58
C VAL A 101 5.66 -3.64 0.69
N ILE A 102 5.04 -2.54 1.11
CA ILE A 102 5.76 -1.28 1.25
C ILE A 102 5.40 -0.66 2.60
N PRO A 103 6.26 -0.97 3.62
CA PRO A 103 6.04 -0.43 4.95
C PRO A 103 6.44 1.04 5.03
N PHE A 104 5.44 1.89 4.87
CA PHE A 104 5.66 3.33 4.92
C PHE A 104 5.80 3.81 6.36
N LEU A 105 6.44 4.95 6.51
CA LEU A 105 6.64 5.54 7.83
C LEU A 105 6.58 7.07 7.72
N PRO A 106 5.43 7.63 8.17
CA PRO A 106 5.24 9.07 8.14
C PRO A 106 6.04 9.76 9.24
N LEU A 107 6.06 11.08 9.17
CA LEU A 107 6.79 11.87 10.14
C LEU A 107 5.99 11.92 11.46
N GLU A 108 4.68 11.78 11.32
CA GLU A 108 3.81 11.79 12.47
C GLU A 108 4.13 10.63 13.41
N SER A 109 4.53 9.52 12.81
CA SER A 109 4.87 8.33 13.57
C SER A 109 6.31 7.91 13.26
N SER A 110 6.75 6.87 13.96
CA SER A 110 8.10 6.37 13.77
C SER A 110 8.11 4.84 13.92
N PRO A 111 9.25 4.23 13.49
CA PRO A 111 9.39 2.79 13.58
C PRO A 111 9.66 2.35 15.01
N ALA A 112 10.39 3.20 15.73
CA ALA A 112 10.72 2.91 17.12
C ALA A 112 9.43 2.80 17.93
N GLN A 113 8.41 3.47 17.46
CA GLN A 113 7.11 3.45 18.13
C GLN A 113 6.44 2.09 17.95
N LEU A 114 7.00 1.30 17.04
CA LEU A 114 6.46 -0.01 16.77
C LEU A 114 7.18 -1.05 17.64
N SER A 115 6.58 -2.23 17.72
CA SER A 115 7.15 -3.30 18.52
C SER A 115 8.47 -3.77 17.90
N SER A 116 9.20 -4.56 18.67
CA SER A 116 10.48 -5.07 18.21
C SER A 116 10.26 -6.15 17.16
N ASP A 117 8.99 -6.49 16.95
CA ASP A 117 8.63 -7.51 15.98
C ASP A 117 8.52 -6.86 14.59
N THR A 118 7.99 -5.65 14.57
CA THR A 118 7.83 -4.92 13.34
C THR A 118 9.08 -5.08 12.46
N ALA A 119 10.23 -5.04 13.10
CA ALA A 119 11.49 -5.17 12.40
C ALA A 119 11.50 -6.50 11.64
N SER A 120 11.07 -7.54 12.33
CA SER A 120 11.03 -8.87 11.74
C SER A 120 9.84 -8.98 10.79
N LEU A 121 8.94 -8.02 10.91
CA LEU A 121 7.76 -7.99 10.07
C LEU A 121 8.11 -7.34 8.72
N LEU A 122 8.99 -6.36 8.79
CA LEU A 122 9.42 -5.66 7.59
C LEU A 122 10.87 -6.05 7.26
N SER A 123 11.31 -7.12 7.89
CA SER A 123 12.67 -7.60 7.68
C SER A 123 12.79 -8.20 6.28
N GLY A 124 13.48 -7.47 5.41
CA GLY A 124 13.67 -7.92 4.04
C GLY A 124 13.03 -6.95 3.04
N LEU A 125 11.96 -6.30 3.50
CA LEU A 125 11.26 -5.35 2.65
C LEU A 125 12.06 -4.05 2.59
N VAL A 126 11.46 -3.06 1.94
CA VAL A 126 12.10 -1.76 1.79
C VAL A 126 11.30 -0.71 2.58
N ARG A 127 11.74 -0.48 3.81
CA ARG A 127 11.07 0.48 4.66
C ARG A 127 10.96 1.83 3.95
N LEU A 128 9.72 2.20 3.65
CA LEU A 128 9.45 3.46 2.97
C LEU A 128 9.31 4.57 4.01
N ASP A 129 9.96 5.69 3.73
CA ASP A 129 9.91 6.83 4.64
C ASP A 129 9.35 8.04 3.88
N GLU A 130 9.02 9.07 4.65
CA GLU A 130 8.47 10.28 4.07
C GLU A 130 9.33 11.48 4.45
N HIS A 131 10.45 11.19 5.09
CA HIS A 131 11.37 12.23 5.52
C HIS A 131 12.80 11.85 5.11
N SER A 132 12.89 10.83 4.27
CA SER A 132 14.18 10.36 3.79
C SER A 132 14.50 11.00 2.43
N GLN A 133 15.76 11.37 2.28
CA GLN A 133 16.20 11.99 1.04
C GLN A 133 16.45 10.92 -0.02
N ILE A 134 16.32 9.68 0.39
CA ILE A 134 16.54 8.56 -0.51
C ILE A 134 15.19 7.89 -0.81
N PHE A 135 14.27 8.03 0.14
CA PHE A 135 12.95 7.45 -0.01
C PHE A 135 12.45 7.59 -1.45
N ALA A 136 12.80 8.72 -2.06
CA ALA A 136 12.39 9.00 -3.42
C ALA A 136 12.84 7.85 -4.33
N ARG A 137 14.11 7.46 -4.16
CA ARG A 137 14.67 6.38 -4.95
C ARG A 137 14.12 5.03 -4.47
N LYS A 138 13.62 5.04 -3.24
CA LYS A 138 13.06 3.83 -2.66
C LYS A 138 11.70 3.54 -3.31
N VAL A 139 10.91 4.59 -3.43
CA VAL A 139 9.59 4.46 -4.02
C VAL A 139 9.73 4.30 -5.54
N ALA A 140 10.67 5.05 -6.10
CA ALA A 140 10.91 5.00 -7.53
C ALA A 140 11.63 3.69 -7.88
N ASN A 141 11.95 2.93 -6.84
CA ASN A 141 12.64 1.67 -7.02
C ASN A 141 11.61 0.53 -7.01
N THR A 142 10.62 0.67 -6.15
CA THR A 142 9.57 -0.33 -6.03
C THR A 142 8.39 0.02 -6.94
N PHE A 143 7.90 1.24 -6.77
CA PHE A 143 6.78 1.71 -7.57
C PHE A 143 7.26 2.31 -8.89
N LYS A 144 8.19 1.61 -9.52
CA LYS A 144 8.74 2.06 -10.78
C LYS A 144 7.60 2.44 -11.72
N PRO A 145 7.94 3.29 -12.73
CA PRO A 145 6.95 3.73 -13.70
C PRO A 145 6.63 2.63 -14.70
N HIS A 146 7.68 2.11 -15.32
CA HIS A 146 7.53 1.05 -16.30
C HIS A 146 7.00 -0.21 -15.62
N ARG A 147 7.02 -0.18 -14.30
CA ARG A 147 6.54 -1.30 -13.51
C ARG A 147 5.03 -1.22 -13.33
N LEU A 148 4.57 -0.02 -13.00
CA LEU A 148 3.15 0.20 -12.80
C LEU A 148 2.38 -0.23 -14.06
N GLN A 149 2.74 0.39 -15.17
CA GLN A 149 2.09 0.09 -16.44
C GLN A 149 2.21 -1.41 -16.75
N ALA A 150 3.45 -1.89 -16.70
CA ALA A 150 3.71 -3.30 -16.97
C ALA A 150 3.06 -4.15 -15.89
N ARG A 151 2.63 -3.48 -14.83
CA ARG A 151 1.99 -4.16 -13.72
C ARG A 151 0.47 -4.12 -13.88
N LYS A 152 0.01 -3.08 -14.56
CA LYS A 152 -1.42 -2.91 -14.78
C LYS A 152 -1.77 -3.44 -16.18
N ALA A 153 -0.74 -3.68 -16.96
CA ALA A 153 -0.92 -4.19 -18.32
C ALA A 153 -1.77 -5.45 -18.26
N MET A 154 -1.80 -6.06 -17.09
CA MET A 154 -2.57 -7.28 -16.90
C MET A 154 -4.03 -6.96 -16.58
N TRP A 155 -4.23 -5.81 -15.96
CA TRP A 155 -5.57 -5.37 -15.60
C TRP A 155 -6.24 -4.81 -16.85
N ARG A 156 -5.57 -3.83 -17.45
CA ARG A 156 -6.09 -3.20 -18.64
C ARG A 156 -6.75 -4.24 -19.56
N LYS A 157 -6.13 -5.42 -19.59
CA LYS A 157 -6.63 -6.50 -20.42
C LYS A 157 -8.16 -6.54 -20.31
N GLU A 158 -8.64 -6.90 -19.13
CA GLU A 158 -10.06 -6.99 -18.89
C GLU A 158 -10.74 -5.66 -19.23
N GLN A 159 -9.96 -4.58 -19.11
CA GLN A 159 -10.47 -3.26 -19.41
C GLN A 159 -10.63 -3.07 -20.91
N ASP A 160 -9.83 -3.82 -21.66
CA ASP A 160 -9.86 -3.75 -23.11
C ASP A 160 -11.06 -4.54 -23.62
N MET A 1 -31.02 -0.94 -3.33
CA MET A 1 -31.05 -0.64 -4.76
C MET A 1 -29.89 0.28 -5.14
N GLU A 2 -28.71 -0.32 -5.26
CA GLU A 2 -27.52 0.43 -5.63
C GLU A 2 -27.72 1.14 -6.96
N SER A 3 -26.66 1.76 -7.43
CA SER A 3 -26.70 2.48 -8.70
C SER A 3 -25.58 2.01 -9.61
N SER A 4 -25.36 0.70 -9.60
CA SER A 4 -24.31 0.10 -10.42
C SER A 4 -22.94 0.48 -9.87
N SER A 5 -22.73 0.14 -8.60
CA SER A 5 -21.46 0.43 -7.95
C SER A 5 -20.30 -0.09 -8.80
N GLU A 6 -19.50 0.85 -9.29
CA GLU A 6 -18.35 0.50 -10.11
C GLU A 6 -17.13 0.27 -9.23
N GLN A 7 -16.03 -0.11 -9.89
CA GLN A 7 -14.79 -0.37 -9.18
C GLN A 7 -13.77 0.74 -9.47
N LYS A 8 -12.93 1.00 -8.48
CA LYS A 8 -11.91 2.02 -8.62
C LYS A 8 -10.55 1.36 -8.85
N PHE A 9 -9.68 2.08 -9.53
CA PHE A 9 -8.34 1.57 -9.83
C PHE A 9 -7.29 2.27 -8.97
N TYR A 10 -6.40 1.47 -8.39
CA TYR A 10 -5.34 1.99 -7.55
C TYR A 10 -4.01 1.32 -7.86
N ASN A 11 -2.95 1.89 -7.31
CA ASN A 11 -1.62 1.36 -7.52
C ASN A 11 -1.08 0.80 -6.20
N PHE A 12 -1.76 1.14 -5.12
CA PHE A 12 -1.37 0.69 -3.79
C PHE A 12 -2.39 1.12 -2.75
N VAL A 13 -2.64 0.21 -1.80
CA VAL A 13 -3.58 0.48 -0.73
C VAL A 13 -2.82 0.85 0.53
N ILE A 14 -3.02 2.09 0.97
CA ILE A 14 -2.36 2.58 2.16
C ILE A 14 -3.12 2.08 3.40
N LEU A 15 -2.40 1.31 4.22
CA LEU A 15 -2.99 0.77 5.43
C LEU A 15 -2.53 1.60 6.63
N HIS A 16 -3.43 2.45 7.10
CA HIS A 16 -3.13 3.30 8.25
C HIS A 16 -4.31 3.27 9.23
N ALA A 17 -4.24 4.16 10.20
CA ALA A 17 -5.28 4.24 11.21
C ALA A 17 -6.40 5.15 10.71
N ARG A 18 -7.22 5.60 11.66
CA ARG A 18 -8.33 6.49 11.32
C ARG A 18 -7.95 7.94 11.61
N ALA A 19 -6.90 8.11 12.39
CA ALA A 19 -6.43 9.43 12.74
C ALA A 19 -5.13 9.72 11.99
N ASP A 20 -4.88 8.93 10.96
CA ASP A 20 -3.69 9.09 10.16
C ASP A 20 -4.08 9.31 8.69
N GLU A 21 -5.26 9.87 8.51
CA GLU A 21 -5.77 10.13 7.17
C GLU A 21 -4.89 11.15 6.47
N HIS A 22 -5.04 12.41 6.88
CA HIS A 22 -4.25 13.48 6.29
C HIS A 22 -2.84 12.99 6.01
N ILE A 23 -2.36 12.13 6.89
CA ILE A 23 -1.01 11.58 6.74
C ILE A 23 -0.92 10.82 5.42
N ALA A 24 -1.82 9.87 5.24
CA ALA A 24 -1.84 9.06 4.04
C ALA A 24 -2.14 9.97 2.84
N LEU A 25 -3.14 10.83 3.02
CA LEU A 25 -3.53 11.75 1.96
C LEU A 25 -2.35 12.66 1.64
N ARG A 26 -1.45 12.79 2.60
CA ARG A 26 -0.28 13.62 2.43
C ARG A 26 0.80 12.89 1.64
N VAL A 27 0.60 11.58 1.50
CA VAL A 27 1.54 10.75 0.78
C VAL A 27 1.05 10.56 -0.66
N ARG A 28 -0.19 10.11 -0.77
CA ARG A 28 -0.79 9.88 -2.08
C ARG A 28 -0.30 10.93 -3.07
N GLU A 29 -0.27 12.18 -2.61
CA GLU A 29 0.17 13.28 -3.44
C GLU A 29 1.69 13.21 -3.65
N LYS A 30 2.41 13.32 -2.55
CA LYS A 30 3.86 13.27 -2.59
C LYS A 30 4.30 12.24 -3.62
N LEU A 31 3.76 11.03 -3.48
CA LEU A 31 4.10 9.95 -4.39
C LEU A 31 4.04 10.47 -5.83
N GLU A 32 2.86 10.94 -6.21
CA GLU A 32 2.67 11.47 -7.55
C GLU A 32 3.92 12.20 -8.02
N ALA A 33 4.59 12.83 -7.07
CA ALA A 33 5.80 13.57 -7.38
C ALA A 33 6.86 12.61 -7.90
N LEU A 34 7.14 11.59 -7.11
CA LEU A 34 8.13 10.59 -7.49
C LEU A 34 7.65 9.85 -8.73
N GLY A 35 6.38 9.46 -8.70
CA GLY A 35 5.79 8.74 -9.81
C GLY A 35 4.43 8.15 -9.41
N VAL A 36 4.49 7.14 -8.56
CA VAL A 36 3.27 6.49 -8.10
C VAL A 36 2.18 7.54 -7.87
N PRO A 37 0.94 7.20 -8.30
CA PRO A 37 -0.18 8.10 -8.14
C PRO A 37 -0.66 8.13 -6.69
N ASP A 38 -1.85 8.68 -6.51
CA ASP A 38 -2.44 8.77 -5.18
C ASP A 38 -2.59 7.37 -4.59
N GLY A 39 -3.07 6.47 -5.43
CA GLY A 39 -3.27 5.08 -5.01
C GLY A 39 -4.57 4.92 -4.23
N ALA A 40 -4.45 5.00 -2.92
CA ALA A 40 -5.61 4.87 -2.04
C ALA A 40 -5.14 4.58 -0.62
N THR A 41 -6.11 4.47 0.28
CA THR A 41 -5.81 4.19 1.68
C THR A 41 -6.99 3.47 2.34
N PHE A 42 -6.78 2.19 2.61
CA PHE A 42 -7.80 1.38 3.23
C PHE A 42 -7.60 1.30 4.75
N CYS A 43 -8.27 2.20 5.45
CA CYS A 43 -8.16 2.25 6.90
C CYS A 43 -9.57 2.30 7.48
N GLU A 44 -9.79 1.47 8.49
CA GLU A 44 -11.09 1.41 9.14
C GLU A 44 -11.04 0.45 10.34
N ASP A 45 -11.17 1.02 11.52
CA ASP A 45 -11.14 0.23 12.74
C ASP A 45 -12.29 0.66 13.65
N PHE A 46 -13.50 0.32 13.24
CA PHE A 46 -14.68 0.67 14.01
C PHE A 46 -15.30 -0.57 14.68
N GLN A 47 -14.42 -1.38 15.26
CA GLN A 47 -14.86 -2.59 15.93
C GLN A 47 -15.56 -3.51 14.94
N VAL A 48 -15.33 -3.27 13.66
CA VAL A 48 -15.93 -4.06 12.61
C VAL A 48 -15.69 -5.54 12.89
N HIS A 49 -16.18 -6.37 11.99
CA HIS A 49 -16.03 -7.81 12.13
C HIS A 49 -14.78 -8.26 11.37
N GLY A 50 -14.75 -7.94 10.08
CA GLY A 50 -13.63 -8.30 9.24
C GLY A 50 -13.83 -7.80 7.81
N ARG A 51 -14.88 -8.32 7.19
CA ARG A 51 -15.20 -7.95 5.82
C ARG A 51 -16.52 -7.18 5.78
N GLY A 52 -16.54 -6.05 6.48
CA GLY A 52 -17.72 -5.21 6.53
C GLY A 52 -17.38 -3.77 6.18
N GLU A 53 -16.16 -3.58 5.72
CA GLU A 53 -15.70 -2.24 5.34
C GLU A 53 -15.62 -2.13 3.82
N LEU A 54 -14.75 -2.95 3.23
CA LEU A 54 -14.56 -2.94 1.79
C LEU A 54 -14.54 -4.38 1.28
N SER A 55 -14.39 -4.52 -0.02
CA SER A 55 -14.36 -5.83 -0.65
C SER A 55 -13.41 -6.75 0.12
N CYS A 56 -12.12 -6.59 -0.16
CA CYS A 56 -11.11 -7.41 0.49
C CYS A 56 -9.76 -6.68 0.37
N LEU A 57 -8.89 -6.96 1.33
CA LEU A 57 -7.57 -6.35 1.34
C LEU A 57 -6.79 -6.81 0.11
N GLN A 58 -6.81 -8.12 -0.11
CA GLN A 58 -6.11 -8.70 -1.25
C GLN A 58 -6.57 -8.03 -2.55
N ASP A 59 -7.71 -7.38 -2.47
CA ASP A 59 -8.27 -6.70 -3.63
C ASP A 59 -7.21 -5.75 -4.20
N ALA A 60 -6.44 -5.15 -3.30
CA ALA A 60 -5.40 -4.22 -3.69
C ALA A 60 -4.22 -5.00 -4.27
N ILE A 61 -4.09 -6.25 -3.82
CA ILE A 61 -3.02 -7.10 -4.27
C ILE A 61 -3.34 -7.62 -5.68
N ASP A 62 -4.59 -7.41 -6.08
CA ASP A 62 -5.04 -7.85 -7.39
C ASP A 62 -5.12 -6.65 -8.33
N HIS A 63 -5.76 -5.60 -7.85
CA HIS A 63 -5.90 -4.38 -8.64
C HIS A 63 -4.71 -3.47 -8.41
N SER A 64 -4.46 -3.19 -7.13
CA SER A 64 -3.34 -2.33 -6.76
C SER A 64 -2.02 -3.06 -7.01
N ALA A 65 -0.99 -2.27 -7.28
CA ALA A 65 0.32 -2.82 -7.53
C ALA A 65 0.87 -3.45 -6.25
N PHE A 66 1.43 -2.59 -5.40
CA PHE A 66 1.99 -3.05 -4.14
C PHE A 66 1.28 -2.37 -2.96
N ILE A 67 0.94 -3.18 -1.96
CA ILE A 67 0.27 -2.68 -0.78
C ILE A 67 1.27 -1.85 0.05
N ILE A 68 0.78 -0.70 0.50
CA ILE A 68 1.61 0.19 1.29
C ILE A 68 1.12 0.18 2.74
N LEU A 69 1.93 -0.41 3.60
CA LEU A 69 1.60 -0.50 5.01
C LEU A 69 2.10 0.75 5.73
N LEU A 70 1.17 1.61 6.10
CA LEU A 70 1.51 2.84 6.81
C LEU A 70 1.86 2.52 8.25
N LEU A 71 3.08 2.04 8.44
CA LEU A 71 3.55 1.69 9.77
C LEU A 71 3.59 2.95 10.65
N THR A 72 2.48 3.18 11.34
CA THR A 72 2.37 4.34 12.21
C THR A 72 1.93 3.92 13.61
N SER A 73 2.36 4.69 14.59
CA SER A 73 2.02 4.41 15.97
C SER A 73 0.50 4.45 16.15
N ASN A 74 -0.17 5.02 15.15
CA ASN A 74 -1.62 5.12 15.19
C ASN A 74 -2.22 3.89 14.51
N PHE A 75 -1.41 3.24 13.69
CA PHE A 75 -1.85 2.05 12.98
C PHE A 75 -1.14 0.80 13.50
N ASP A 76 -1.60 -0.34 13.01
CA ASP A 76 -1.01 -1.61 13.41
C ASP A 76 -0.58 -2.39 12.16
N CYS A 77 0.65 -2.88 12.21
CA CYS A 77 1.18 -3.64 11.09
C CYS A 77 0.94 -5.13 11.37
N ARG A 78 1.18 -5.51 12.61
CA ARG A 78 0.99 -6.89 13.01
C ARG A 78 -0.25 -7.48 12.34
N LEU A 79 -1.21 -6.61 12.08
CA LEU A 79 -2.45 -7.03 11.44
C LEU A 79 -2.25 -7.04 9.92
N SER A 80 -2.15 -5.85 9.36
CA SER A 80 -1.96 -5.72 7.92
C SER A 80 -0.95 -6.76 7.43
N LEU A 81 0.25 -6.69 7.98
CA LEU A 81 1.30 -7.62 7.60
C LEU A 81 0.75 -9.04 7.63
N HIS A 82 -0.10 -9.30 8.62
CA HIS A 82 -0.70 -10.61 8.77
C HIS A 82 -1.75 -10.82 7.69
N GLN A 83 -2.38 -9.72 7.29
CA GLN A 83 -3.41 -9.77 6.26
C GLN A 83 -2.77 -9.89 4.87
N VAL A 84 -2.11 -8.81 4.47
CA VAL A 84 -1.46 -8.79 3.17
C VAL A 84 -0.76 -10.13 2.93
N ASN A 85 0.03 -10.52 3.91
CA ASN A 85 0.77 -11.77 3.83
C ASN A 85 -0.15 -12.86 3.27
N GLN A 86 -1.33 -12.95 3.85
CA GLN A 86 -2.31 -13.93 3.42
C GLN A 86 -2.83 -13.60 2.03
N ALA A 87 -2.90 -12.30 1.75
CA ALA A 87 -3.37 -11.83 0.46
C ALA A 87 -2.39 -12.25 -0.63
N MET A 88 -1.13 -12.42 -0.22
CA MET A 88 -0.09 -12.82 -1.15
C MET A 88 -0.24 -14.30 -1.53
N MET A 89 -0.23 -15.15 -0.51
CA MET A 89 -0.37 -16.58 -0.72
C MET A 89 -1.75 -16.92 -1.27
N SER A 90 -2.62 -15.91 -1.28
CA SER A 90 -3.97 -16.10 -1.77
C SER A 90 -4.14 -15.39 -3.12
N ASN A 91 -3.08 -14.75 -3.55
CA ASN A 91 -3.09 -14.04 -4.81
C ASN A 91 -1.86 -14.43 -5.64
N LEU A 92 -1.70 -15.74 -5.80
CA LEU A 92 -0.59 -16.27 -6.56
C LEU A 92 -1.04 -16.56 -8.00
N THR A 93 -2.36 -16.60 -8.16
CA THR A 93 -2.93 -16.87 -9.47
C THR A 93 -3.07 -15.58 -10.27
N ARG A 94 -2.60 -14.49 -9.66
CA ARG A 94 -2.66 -13.19 -10.31
C ARG A 94 -1.25 -12.71 -10.66
N GLN A 95 -0.52 -12.33 -9.63
CA GLN A 95 0.84 -11.85 -9.81
C GLN A 95 1.83 -12.76 -9.05
N GLY A 96 1.40 -13.22 -7.90
CA GLY A 96 2.23 -14.09 -7.08
C GLY A 96 3.57 -13.43 -6.76
N SER A 97 3.48 -12.23 -6.19
CA SER A 97 4.67 -11.49 -5.82
C SER A 97 4.61 -11.07 -4.35
N PRO A 98 5.45 -11.74 -3.52
CA PRO A 98 5.49 -11.45 -2.11
C PRO A 98 6.23 -10.13 -1.84
N ASP A 99 6.66 -9.51 -2.93
CA ASP A 99 7.37 -8.24 -2.82
C ASP A 99 6.44 -7.10 -3.23
N CYS A 100 5.17 -7.28 -2.90
CA CYS A 100 4.17 -6.27 -3.23
C CYS A 100 3.76 -5.57 -1.93
N VAL A 101 4.73 -5.43 -1.04
CA VAL A 101 4.49 -4.77 0.23
C VAL A 101 5.55 -3.71 0.46
N ILE A 102 5.09 -2.55 0.94
CA ILE A 102 5.98 -1.44 1.21
C ILE A 102 5.53 -0.73 2.49
N PRO A 103 6.25 -1.03 3.60
CA PRO A 103 5.94 -0.43 4.88
C PRO A 103 6.42 1.03 4.93
N PHE A 104 5.45 1.93 4.82
CA PHE A 104 5.74 3.35 4.85
C PHE A 104 5.93 3.84 6.28
N LEU A 105 6.62 4.97 6.40
CA LEU A 105 6.88 5.55 7.71
C LEU A 105 6.82 7.08 7.61
N PRO A 106 5.65 7.63 8.05
CA PRO A 106 5.45 9.07 8.01
C PRO A 106 6.24 9.77 9.12
N LEU A 107 6.27 11.09 9.04
CA LEU A 107 6.99 11.88 10.02
C LEU A 107 6.17 11.95 11.32
N GLU A 108 4.86 11.83 11.15
CA GLU A 108 3.97 11.86 12.30
C GLU A 108 4.23 10.67 13.23
N SER A 109 4.61 9.57 12.61
CA SER A 109 4.89 8.36 13.37
C SER A 109 6.35 7.94 13.16
N SER A 110 6.76 6.93 13.91
CA SER A 110 8.12 6.42 13.82
C SER A 110 8.13 4.91 14.02
N PRO A 111 9.28 4.29 13.64
CA PRO A 111 9.44 2.85 13.78
C PRO A 111 9.65 2.45 15.24
N ALA A 112 10.32 3.34 15.97
CA ALA A 112 10.60 3.10 17.37
C ALA A 112 9.28 3.00 18.14
N GLN A 113 8.26 3.64 17.59
CA GLN A 113 6.95 3.63 18.22
C GLN A 113 6.29 2.26 18.03
N LEU A 114 6.92 1.44 17.21
CA LEU A 114 6.40 0.11 16.94
C LEU A 114 7.13 -0.90 17.83
N SER A 115 6.54 -2.08 17.95
CA SER A 115 7.12 -3.13 18.76
C SER A 115 8.43 -3.61 18.14
N SER A 116 9.23 -4.27 18.96
CA SER A 116 10.51 -4.78 18.51
C SER A 116 10.31 -5.86 17.45
N ASP A 117 9.06 -6.28 17.32
CA ASP A 117 8.71 -7.31 16.35
C ASP A 117 8.56 -6.67 14.97
N THR A 118 7.95 -5.48 14.97
CA THR A 118 7.74 -4.76 13.73
C THR A 118 8.98 -4.84 12.84
N ALA A 119 10.14 -4.78 13.48
CA ALA A 119 11.40 -4.85 12.77
C ALA A 119 11.49 -6.18 12.03
N SER A 120 11.16 -7.25 12.76
CA SER A 120 11.20 -8.59 12.19
C SER A 120 10.03 -8.79 11.23
N LEU A 121 9.02 -7.92 11.39
CA LEU A 121 7.84 -8.00 10.54
C LEU A 121 8.17 -7.42 9.16
N LEU A 122 9.02 -6.41 9.17
CA LEU A 122 9.42 -5.77 7.92
C LEU A 122 10.89 -6.09 7.64
N SER A 123 11.39 -7.09 8.33
CA SER A 123 12.77 -7.51 8.16
C SER A 123 12.93 -8.27 6.84
N GLY A 124 13.57 -7.59 5.89
CA GLY A 124 13.80 -8.18 4.58
C GLY A 124 13.15 -7.33 3.48
N LEU A 125 12.14 -6.58 3.88
CA LEU A 125 11.42 -5.73 2.94
C LEU A 125 12.12 -4.37 2.88
N VAL A 126 11.55 -3.48 2.07
CA VAL A 126 12.10 -2.14 1.90
C VAL A 126 11.16 -1.14 2.58
N ARG A 127 11.54 -0.74 3.79
CA ARG A 127 10.76 0.22 4.54
C ARG A 127 10.78 1.58 3.86
N LEU A 128 9.59 2.07 3.52
CA LEU A 128 9.46 3.36 2.86
C LEU A 128 9.48 4.46 3.92
N ASP A 129 9.92 5.63 3.48
CA ASP A 129 10.00 6.78 4.37
C ASP A 129 9.45 8.02 3.64
N GLU A 130 9.23 9.06 4.43
CA GLU A 130 8.71 10.30 3.87
C GLU A 130 9.62 11.48 4.27
N HIS A 131 10.69 11.15 4.98
CA HIS A 131 11.63 12.16 5.43
C HIS A 131 13.05 11.73 5.04
N SER A 132 13.12 10.71 4.19
CA SER A 132 14.40 10.21 3.73
C SER A 132 14.71 10.78 2.34
N GLN A 133 15.97 11.17 2.17
CA GLN A 133 16.41 11.72 0.91
C GLN A 133 16.67 10.60 -0.10
N ILE A 134 16.48 9.38 0.37
CA ILE A 134 16.69 8.21 -0.48
C ILE A 134 15.33 7.58 -0.81
N PHE A 135 14.38 7.82 0.08
CA PHE A 135 13.05 7.28 -0.10
C PHE A 135 12.61 7.38 -1.57
N ALA A 136 13.04 8.44 -2.22
CA ALA A 136 12.71 8.66 -3.61
C ALA A 136 13.14 7.44 -4.43
N ARG A 137 14.35 7.00 -4.18
CA ARG A 137 14.90 5.85 -4.89
C ARG A 137 14.26 4.56 -4.36
N LYS A 138 13.73 4.65 -3.15
CA LYS A 138 13.10 3.50 -2.52
C LYS A 138 11.75 3.25 -3.19
N VAL A 139 11.04 4.32 -3.45
CA VAL A 139 9.73 4.22 -4.08
C VAL A 139 9.92 3.98 -5.58
N ALA A 140 10.84 4.75 -6.15
CA ALA A 140 11.12 4.64 -7.58
C ALA A 140 11.77 3.28 -7.85
N ASN A 141 12.10 2.59 -6.78
CA ASN A 141 12.73 1.28 -6.89
C ASN A 141 11.64 0.20 -7.00
N THR A 142 10.69 0.28 -6.08
CA THR A 142 9.59 -0.67 -6.06
C THR A 142 8.48 -0.22 -7.00
N PHE A 143 8.02 1.01 -6.78
CA PHE A 143 6.96 1.56 -7.60
C PHE A 143 7.52 2.18 -8.88
N LYS A 144 8.39 1.42 -9.53
CA LYS A 144 9.01 1.87 -10.76
C LYS A 144 7.91 2.26 -11.76
N PRO A 145 8.32 3.10 -12.77
CA PRO A 145 7.39 3.55 -13.77
C PRO A 145 7.09 2.44 -14.79
N HIS A 146 8.15 1.79 -15.24
CA HIS A 146 8.01 0.71 -16.20
C HIS A 146 7.09 -0.37 -15.63
N ARG A 147 6.91 -0.32 -14.32
CA ARG A 147 6.06 -1.28 -13.64
C ARG A 147 4.69 -0.66 -13.36
N LEU A 148 4.70 0.59 -12.94
CA LEU A 148 3.47 1.29 -12.65
C LEU A 148 2.57 1.26 -13.87
N GLN A 149 3.18 1.50 -15.02
CA GLN A 149 2.43 1.50 -16.28
C GLN A 149 2.05 0.08 -16.67
N ALA A 150 3.01 -0.82 -16.55
CA ALA A 150 2.79 -2.22 -16.88
C ALA A 150 1.55 -2.73 -16.15
N ARG A 151 1.22 -2.03 -15.06
CA ARG A 151 0.06 -2.40 -14.27
C ARG A 151 -1.15 -1.55 -14.66
N LYS A 152 -0.85 -0.39 -15.22
CA LYS A 152 -1.91 0.53 -15.65
C LYS A 152 -2.38 0.12 -17.03
N ALA A 153 -1.68 -0.84 -17.61
CA ALA A 153 -2.03 -1.32 -18.95
C ALA A 153 -3.41 -1.97 -18.91
N MET A 154 -3.68 -2.67 -17.82
CA MET A 154 -4.96 -3.34 -17.64
C MET A 154 -6.04 -2.35 -17.24
N TRP A 155 -5.74 -1.57 -16.22
CA TRP A 155 -6.68 -0.57 -15.73
C TRP A 155 -6.98 0.39 -16.87
N ARG A 156 -5.98 0.62 -17.70
CA ARG A 156 -6.12 1.52 -18.84
C ARG A 156 -7.24 1.04 -19.75
N LYS A 157 -7.64 -0.22 -19.56
CA LYS A 157 -8.69 -0.80 -20.36
C LYS A 157 -10.03 -0.18 -19.97
N GLU A 158 -10.13 0.18 -18.69
CA GLU A 158 -11.35 0.79 -18.18
C GLU A 158 -11.27 2.31 -18.28
N GLN A 159 -10.03 2.79 -18.42
CA GLN A 159 -9.81 4.23 -18.52
C GLN A 159 -9.95 4.68 -19.97
N ASP A 160 -9.51 3.82 -20.88
CA ASP A 160 -9.59 4.13 -22.30
C ASP A 160 -11.05 4.34 -22.69
N MET A 1 -24.30 14.62 -4.70
CA MET A 1 -24.91 14.66 -6.02
C MET A 1 -24.02 15.38 -7.03
N GLU A 2 -22.99 14.67 -7.48
CA GLU A 2 -22.06 15.23 -8.44
C GLU A 2 -22.31 14.64 -9.83
N SER A 3 -22.48 15.53 -10.79
CA SER A 3 -22.72 15.11 -12.16
C SER A 3 -21.40 15.07 -12.94
N SER A 4 -20.32 15.09 -12.19
CA SER A 4 -18.99 15.04 -12.79
C SER A 4 -18.15 13.96 -12.11
N SER A 5 -18.83 13.04 -11.45
CA SER A 5 -18.15 11.96 -10.76
C SER A 5 -17.49 11.03 -11.77
N GLU A 6 -16.19 11.22 -11.94
CA GLU A 6 -15.42 10.40 -12.86
C GLU A 6 -14.85 9.18 -12.15
N GLN A 7 -14.08 8.41 -12.90
CA GLN A 7 -13.45 7.21 -12.35
C GLN A 7 -12.09 7.53 -11.75
N LYS A 8 -11.61 6.62 -10.93
CA LYS A 8 -10.32 6.80 -10.28
C LYS A 8 -9.68 5.43 -10.03
N PHE A 9 -8.40 5.35 -10.35
CA PHE A 9 -7.67 4.11 -10.17
C PHE A 9 -6.63 4.24 -9.05
N TYR A 10 -6.29 3.10 -8.47
CA TYR A 10 -5.31 3.08 -7.39
C TYR A 10 -4.07 2.28 -7.78
N ASN A 11 -2.93 2.74 -7.29
CA ASN A 11 -1.67 2.08 -7.58
C ASN A 11 -1.13 1.41 -6.31
N PHE A 12 -1.71 1.80 -5.19
CA PHE A 12 -1.31 1.26 -3.90
C PHE A 12 -2.34 1.57 -2.82
N VAL A 13 -2.46 0.66 -1.88
CA VAL A 13 -3.40 0.83 -0.78
C VAL A 13 -2.63 1.17 0.51
N ILE A 14 -2.86 2.38 0.98
CA ILE A 14 -2.21 2.85 2.20
C ILE A 14 -3.06 2.46 3.40
N LEU A 15 -2.63 1.40 4.08
CA LEU A 15 -3.35 0.93 5.25
C LEU A 15 -2.96 1.79 6.46
N HIS A 16 -3.98 2.39 7.07
CA HIS A 16 -3.76 3.23 8.22
C HIS A 16 -5.05 3.32 9.05
N ALA A 17 -4.90 3.80 10.27
CA ALA A 17 -6.03 3.94 11.17
C ALA A 17 -7.00 4.98 10.60
N ARG A 18 -7.87 5.47 11.47
CA ARG A 18 -8.84 6.47 11.08
C ARG A 18 -8.37 7.87 11.49
N ALA A 19 -7.32 7.88 12.30
CA ALA A 19 -6.76 9.14 12.78
C ALA A 19 -5.43 9.39 12.07
N ASP A 20 -5.23 8.67 10.98
CA ASP A 20 -4.01 8.81 10.21
C ASP A 20 -4.35 9.15 8.77
N GLU A 21 -5.51 9.77 8.60
CA GLU A 21 -5.97 10.16 7.27
C GLU A 21 -5.07 11.25 6.70
N HIS A 22 -5.26 12.46 7.20
CA HIS A 22 -4.47 13.60 6.73
C HIS A 22 -3.02 13.15 6.50
N ILE A 23 -2.60 12.17 7.29
CA ILE A 23 -1.26 11.66 7.18
C ILE A 23 -1.07 11.00 5.81
N ALA A 24 -1.93 10.03 5.54
CA ALA A 24 -1.87 9.32 4.27
C ALA A 24 -2.18 10.29 3.13
N LEU A 25 -3.27 11.03 3.29
CA LEU A 25 -3.67 12.00 2.28
C LEU A 25 -2.47 12.89 1.92
N ARG A 26 -1.54 12.98 2.87
CA ARG A 26 -0.35 13.78 2.66
C ARG A 26 0.68 13.02 1.83
N VAL A 27 0.67 11.71 2.03
CA VAL A 27 1.60 10.85 1.30
C VAL A 27 1.13 10.72 -0.15
N ARG A 28 -0.11 10.30 -0.30
CA ARG A 28 -0.69 10.14 -1.63
C ARG A 28 -0.18 11.22 -2.57
N GLU A 29 -0.26 12.46 -2.11
CA GLU A 29 0.20 13.59 -2.90
C GLU A 29 1.71 13.52 -3.09
N LYS A 30 2.41 13.54 -1.97
CA LYS A 30 3.87 13.48 -2.00
C LYS A 30 4.31 12.53 -3.12
N LEU A 31 3.73 11.35 -3.10
CA LEU A 31 4.06 10.33 -4.10
C LEU A 31 4.00 10.96 -5.49
N GLU A 32 2.84 11.51 -5.81
CA GLU A 32 2.63 12.15 -7.10
C GLU A 32 3.90 12.91 -7.51
N ALA A 33 4.62 13.39 -6.51
CA ALA A 33 5.84 14.13 -6.77
C ALA A 33 6.88 13.20 -7.40
N LEU A 34 7.13 12.10 -6.72
CA LEU A 34 8.10 11.12 -7.20
C LEU A 34 7.57 10.49 -8.50
N GLY A 35 6.30 10.13 -8.46
CA GLY A 35 5.67 9.52 -9.62
C GLY A 35 4.29 8.95 -9.26
N VAL A 36 4.31 7.86 -8.51
CA VAL A 36 3.07 7.22 -8.10
C VAL A 36 2.04 8.29 -7.75
N PRO A 37 0.78 8.05 -8.20
CA PRO A 37 -0.30 8.98 -7.94
C PRO A 37 -0.77 8.88 -6.48
N ASP A 38 -1.90 9.50 -6.21
CA ASP A 38 -2.48 9.50 -4.88
C ASP A 38 -2.63 8.05 -4.41
N GLY A 39 -3.16 7.22 -5.30
CA GLY A 39 -3.38 5.82 -4.99
C GLY A 39 -4.68 5.62 -4.23
N ALA A 40 -4.57 5.59 -2.90
CA ALA A 40 -5.73 5.40 -2.05
C ALA A 40 -5.27 4.95 -0.66
N THR A 41 -6.25 4.70 0.19
CA THR A 41 -5.96 4.28 1.55
C THR A 41 -7.11 3.41 2.09
N PHE A 42 -6.73 2.40 2.85
CA PHE A 42 -7.72 1.50 3.44
C PHE A 42 -7.70 1.58 4.97
N CYS A 43 -8.88 1.42 5.54
CA CYS A 43 -9.01 1.48 6.99
C CYS A 43 -9.99 0.37 7.43
N GLU A 44 -9.43 -0.65 8.07
CA GLU A 44 -10.23 -1.76 8.54
C GLU A 44 -11.55 -1.25 9.14
N ASP A 45 -12.60 -2.03 8.90
CA ASP A 45 -13.91 -1.67 9.41
C ASP A 45 -13.79 -1.17 10.84
N PHE A 46 -14.09 0.11 11.02
CA PHE A 46 -14.01 0.73 12.33
C PHE A 46 -15.35 1.33 12.73
N GLN A 47 -16.27 0.45 13.10
CA GLN A 47 -17.60 0.88 13.51
C GLN A 47 -18.30 1.61 12.36
N VAL A 48 -17.75 1.44 11.17
CA VAL A 48 -18.31 2.06 9.99
C VAL A 48 -19.69 1.49 9.71
N HIS A 49 -20.28 1.93 8.61
CA HIS A 49 -21.60 1.46 8.22
C HIS A 49 -21.58 -0.07 8.08
N GLY A 50 -20.54 -0.56 7.43
CA GLY A 50 -20.40 -1.99 7.22
C GLY A 50 -19.11 -2.30 6.44
N ARG A 51 -19.04 -3.54 5.95
CA ARG A 51 -17.88 -3.97 5.20
C ARG A 51 -18.06 -3.65 3.71
N GLY A 52 -19.09 -2.86 3.42
CA GLY A 52 -19.39 -2.48 2.06
C GLY A 52 -18.51 -1.31 1.62
N GLU A 53 -17.57 -0.96 2.47
CA GLU A 53 -16.66 0.13 2.19
C GLU A 53 -15.77 -0.21 0.99
N LEU A 54 -14.98 -1.27 1.16
CA LEU A 54 -14.09 -1.71 0.11
C LEU A 54 -14.20 -3.23 -0.04
N SER A 55 -14.14 -3.68 -1.29
CA SER A 55 -14.23 -5.10 -1.58
C SER A 55 -13.46 -5.90 -0.53
N CYS A 56 -12.14 -5.80 -0.60
CA CYS A 56 -11.28 -6.51 0.32
C CYS A 56 -9.89 -5.86 0.28
N LEU A 57 -9.16 -6.02 1.37
CA LEU A 57 -7.83 -5.46 1.48
C LEU A 57 -6.96 -6.02 0.35
N GLN A 58 -7.22 -7.26 0.00
CA GLN A 58 -6.47 -7.93 -1.05
C GLN A 58 -6.90 -7.38 -2.41
N ASP A 59 -8.02 -6.69 -2.43
CA ASP A 59 -8.54 -6.11 -3.65
C ASP A 59 -7.53 -5.12 -4.21
N ALA A 60 -6.58 -4.74 -3.37
CA ALA A 60 -5.54 -3.80 -3.77
C ALA A 60 -4.34 -4.58 -4.30
N ILE A 61 -4.13 -5.75 -3.73
CA ILE A 61 -3.02 -6.60 -4.14
C ILE A 61 -3.11 -6.87 -5.64
N ASP A 62 -4.35 -6.92 -6.12
CA ASP A 62 -4.58 -7.17 -7.53
C ASP A 62 -4.79 -5.83 -8.26
N HIS A 63 -5.77 -5.09 -7.78
CA HIS A 63 -6.07 -3.78 -8.37
C HIS A 63 -4.85 -2.87 -8.26
N SER A 64 -4.47 -2.59 -7.02
CA SER A 64 -3.33 -1.73 -6.77
C SER A 64 -2.03 -2.46 -7.13
N ALA A 65 -1.00 -1.68 -7.39
CA ALA A 65 0.30 -2.23 -7.75
C ALA A 65 0.93 -2.88 -6.52
N PHE A 66 1.49 -2.03 -5.67
CA PHE A 66 2.13 -2.51 -4.45
C PHE A 66 1.41 -1.97 -3.21
N ILE A 67 1.09 -2.89 -2.32
CA ILE A 67 0.40 -2.53 -1.09
C ILE A 67 1.35 -1.73 -0.19
N ILE A 68 0.85 -0.59 0.27
CA ILE A 68 1.65 0.27 1.13
C ILE A 68 1.11 0.20 2.56
N LEU A 69 2.01 -0.14 3.48
CA LEU A 69 1.64 -0.26 4.88
C LEU A 69 2.12 0.98 5.64
N LEU A 70 1.17 1.84 5.95
CA LEU A 70 1.48 3.06 6.68
C LEU A 70 1.87 2.72 8.12
N LEU A 71 3.16 2.43 8.29
CA LEU A 71 3.67 2.07 9.59
C LEU A 71 3.56 3.29 10.52
N THR A 72 2.45 3.34 11.24
CA THR A 72 2.22 4.44 12.16
C THR A 72 1.81 3.90 13.54
N SER A 73 2.25 4.62 14.57
CA SER A 73 1.95 4.22 15.93
C SER A 73 0.43 4.13 16.12
N ASN A 74 -0.29 4.76 15.20
CA ASN A 74 -1.75 4.75 15.25
C ASN A 74 -2.27 3.50 14.55
N PHE A 75 -1.46 2.99 13.63
CA PHE A 75 -1.83 1.80 12.87
C PHE A 75 -1.01 0.60 13.32
N ASP A 76 -1.38 -0.57 12.80
CA ASP A 76 -0.70 -1.80 13.14
C ASP A 76 -0.02 -2.36 11.89
N CYS A 77 1.17 -2.90 12.09
CA CYS A 77 1.93 -3.47 10.98
C CYS A 77 1.60 -4.96 10.90
N ARG A 78 1.79 -5.63 12.02
CA ARG A 78 1.52 -7.06 12.08
C ARG A 78 0.27 -7.40 11.28
N LEU A 79 -0.83 -6.76 11.65
CA LEU A 79 -2.10 -6.97 10.98
C LEU A 79 -1.87 -6.98 9.47
N SER A 80 -1.48 -5.83 8.95
CA SER A 80 -1.22 -5.69 7.52
C SER A 80 -0.36 -6.86 7.03
N LEU A 81 0.84 -6.94 7.58
CA LEU A 81 1.77 -7.99 7.20
C LEU A 81 1.06 -9.34 7.33
N HIS A 82 0.03 -9.37 8.16
CA HIS A 82 -0.73 -10.58 8.38
C HIS A 82 -1.83 -10.71 7.31
N GLN A 83 -2.28 -9.56 6.84
CA GLN A 83 -3.32 -9.52 5.83
C GLN A 83 -2.70 -9.71 4.44
N VAL A 84 -1.85 -8.76 4.06
CA VAL A 84 -1.20 -8.81 2.77
C VAL A 84 -0.75 -10.25 2.48
N ASN A 85 -0.18 -10.87 3.51
CA ASN A 85 0.29 -12.23 3.39
C ASN A 85 -0.88 -13.15 3.05
N GLN A 86 -1.77 -13.29 4.02
CA GLN A 86 -2.94 -14.14 3.83
C GLN A 86 -3.48 -13.99 2.41
N ALA A 87 -3.59 -12.75 1.98
CA ALA A 87 -4.10 -12.46 0.64
C ALA A 87 -3.15 -13.08 -0.40
N MET A 88 -1.87 -12.78 -0.24
CA MET A 88 -0.87 -13.30 -1.15
C MET A 88 -0.98 -14.81 -1.29
N MET A 89 -0.65 -15.51 -0.21
CA MET A 89 -0.71 -16.95 -0.20
C MET A 89 -2.11 -17.45 -0.57
N SER A 90 -3.06 -16.53 -0.50
CA SER A 90 -4.44 -16.86 -0.84
C SER A 90 -4.66 -16.73 -2.35
N ASN A 91 -3.86 -15.87 -2.95
CA ASN A 91 -3.96 -15.65 -4.39
C ASN A 91 -2.54 -15.58 -4.98
N LEU A 92 -2.01 -16.74 -5.31
CA LEU A 92 -0.68 -16.82 -5.89
C LEU A 92 -0.78 -17.24 -7.36
N THR A 93 -1.91 -17.86 -7.68
CA THR A 93 -2.15 -18.31 -9.05
C THR A 93 -2.51 -17.13 -9.95
N ARG A 94 -2.53 -15.95 -9.35
CA ARG A 94 -2.87 -14.74 -10.09
C ARG A 94 -1.60 -13.94 -10.39
N GLN A 95 -1.09 -13.29 -9.36
CA GLN A 95 0.12 -12.49 -9.51
C GLN A 95 1.25 -13.07 -8.65
N GLY A 96 0.87 -13.59 -7.50
CA GLY A 96 1.83 -14.17 -6.58
C GLY A 96 3.09 -13.31 -6.50
N SER A 97 2.88 -12.04 -6.17
CA SER A 97 3.98 -11.10 -6.05
C SER A 97 4.13 -10.66 -4.59
N PRO A 98 5.04 -11.37 -3.86
CA PRO A 98 5.28 -11.06 -2.46
C PRO A 98 6.11 -9.78 -2.33
N ASP A 99 6.44 -9.19 -3.47
CA ASP A 99 7.23 -7.97 -3.49
C ASP A 99 6.30 -6.77 -3.70
N CYS A 100 5.06 -6.95 -3.28
CA CYS A 100 4.07 -5.89 -3.42
C CYS A 100 3.80 -5.30 -2.02
N VAL A 101 4.79 -5.45 -1.15
CA VAL A 101 4.67 -4.95 0.20
C VAL A 101 5.64 -3.77 0.38
N ILE A 102 5.07 -2.65 0.81
CA ILE A 102 5.87 -1.45 1.03
C ILE A 102 5.43 -0.78 2.33
N PRO A 103 6.16 -1.11 3.42
CA PRO A 103 5.85 -0.55 4.73
C PRO A 103 6.32 0.90 4.83
N PHE A 104 5.36 1.80 4.67
CA PHE A 104 5.67 3.23 4.73
C PHE A 104 5.82 3.69 6.18
N LEU A 105 6.33 4.91 6.33
CA LEU A 105 6.53 5.47 7.65
C LEU A 105 6.42 6.99 7.57
N PRO A 106 5.23 7.51 7.98
CA PRO A 106 4.97 8.93 7.96
C PRO A 106 5.71 9.64 9.10
N LEU A 107 6.12 10.87 8.83
CA LEU A 107 6.82 11.65 9.83
C LEU A 107 6.00 11.70 11.12
N GLU A 108 4.70 11.82 10.95
CA GLU A 108 3.79 11.88 12.08
C GLU A 108 4.04 10.68 13.01
N SER A 109 4.50 9.59 12.42
CA SER A 109 4.78 8.39 13.18
C SER A 109 6.28 8.08 13.15
N SER A 110 6.65 7.02 13.84
CA SER A 110 8.04 6.62 13.91
C SER A 110 8.13 5.09 14.02
N PRO A 111 9.33 4.56 13.66
CA PRO A 111 9.56 3.13 13.71
C PRO A 111 9.77 2.67 15.16
N ALA A 112 10.23 3.59 15.98
CA ALA A 112 10.47 3.30 17.38
C ALA A 112 9.14 3.06 18.09
N GLN A 113 8.09 3.60 17.50
CA GLN A 113 6.76 3.45 18.05
C GLN A 113 6.20 2.05 17.75
N LEU A 114 6.92 1.35 16.89
CA LEU A 114 6.51 0.00 16.52
C LEU A 114 7.29 -1.01 17.37
N SER A 115 6.74 -2.22 17.43
CA SER A 115 7.37 -3.28 18.20
C SER A 115 8.74 -3.61 17.62
N SER A 116 9.57 -4.21 18.45
CA SER A 116 10.92 -4.59 18.03
C SER A 116 10.85 -5.70 16.98
N ASP A 117 9.65 -6.24 16.82
CA ASP A 117 9.43 -7.31 15.86
C ASP A 117 9.28 -6.71 14.46
N THR A 118 8.63 -5.56 14.41
CA THR A 118 8.41 -4.87 13.15
C THR A 118 9.67 -4.92 12.29
N ALA A 119 10.77 -4.50 12.88
CA ALA A 119 12.05 -4.49 12.18
C ALA A 119 12.24 -5.85 11.48
N SER A 120 11.86 -6.90 12.18
CA SER A 120 11.98 -8.24 11.65
C SER A 120 10.85 -8.53 10.66
N LEU A 121 9.73 -7.84 10.88
CA LEU A 121 8.57 -8.00 10.03
C LEU A 121 8.90 -7.48 8.63
N LEU A 122 9.84 -6.54 8.59
CA LEU A 122 10.25 -5.96 7.32
C LEU A 122 11.76 -6.11 7.16
N SER A 123 12.30 -7.11 7.85
CA SER A 123 13.73 -7.38 7.79
C SER A 123 14.18 -7.49 6.33
N GLY A 124 13.28 -7.99 5.50
CA GLY A 124 13.58 -8.15 4.08
C GLY A 124 12.88 -7.07 3.25
N LEU A 125 11.75 -6.61 3.76
CA LEU A 125 10.98 -5.58 3.08
C LEU A 125 11.81 -4.31 2.97
N VAL A 126 11.21 -3.29 2.39
CA VAL A 126 11.88 -2.01 2.22
C VAL A 126 11.10 -0.92 2.96
N ARG A 127 11.49 -0.70 4.21
CA ARG A 127 10.85 0.30 5.03
C ARG A 127 10.84 1.65 4.31
N LEU A 128 9.68 2.01 3.80
CA LEU A 128 9.52 3.28 3.09
C LEU A 128 9.29 4.41 4.10
N ASP A 129 10.07 5.46 3.94
CA ASP A 129 9.95 6.61 4.83
C ASP A 129 9.62 7.86 4.00
N GLU A 130 9.24 8.91 4.71
CA GLU A 130 8.89 10.17 4.07
C GLU A 130 9.89 11.25 4.46
N HIS A 131 10.68 10.96 5.47
CA HIS A 131 11.68 11.90 5.95
C HIS A 131 13.04 11.56 5.34
N SER A 132 13.15 10.33 4.86
CA SER A 132 14.39 9.87 4.26
C SER A 132 14.58 10.54 2.89
N GLN A 133 15.80 11.01 2.67
CA GLN A 133 16.13 11.68 1.42
C GLN A 133 16.42 10.63 0.33
N ILE A 134 16.24 9.38 0.70
CA ILE A 134 16.48 8.29 -0.23
C ILE A 134 15.14 7.68 -0.65
N PHE A 135 14.15 7.84 0.23
CA PHE A 135 12.83 7.31 -0.04
C PHE A 135 12.44 7.51 -1.51
N ALA A 136 12.88 8.62 -2.07
CA ALA A 136 12.59 8.94 -3.46
C ALA A 136 13.05 7.78 -4.34
N ARG A 137 14.27 7.33 -4.09
CA ARG A 137 14.84 6.24 -4.86
C ARG A 137 14.20 4.91 -4.43
N LYS A 138 13.60 4.92 -3.25
CA LYS A 138 12.95 3.74 -2.72
C LYS A 138 11.63 3.52 -3.46
N VAL A 139 10.89 4.59 -3.63
CA VAL A 139 9.62 4.53 -4.32
C VAL A 139 9.85 4.33 -5.82
N ALA A 140 10.85 5.02 -6.32
CA ALA A 140 11.19 4.92 -7.73
C ALA A 140 11.90 3.60 -8.00
N ASN A 141 12.12 2.86 -6.92
CA ASN A 141 12.77 1.56 -7.01
C ASN A 141 11.72 0.46 -7.04
N THR A 142 10.64 0.70 -6.31
CA THR A 142 9.55 -0.26 -6.24
C THR A 142 8.41 0.15 -7.16
N PHE A 143 7.95 1.37 -6.96
CA PHE A 143 6.86 1.90 -7.77
C PHE A 143 7.38 2.51 -9.06
N LYS A 144 8.09 1.68 -9.83
CA LYS A 144 8.65 2.12 -11.09
C LYS A 144 7.52 2.29 -12.11
N PRO A 145 7.78 3.17 -13.12
CA PRO A 145 6.79 3.43 -14.16
C PRO A 145 6.73 2.26 -15.15
N HIS A 146 7.69 1.36 -15.02
CA HIS A 146 7.77 0.20 -15.90
C HIS A 146 7.15 -1.01 -15.18
N ARG A 147 6.94 -0.84 -13.89
CA ARG A 147 6.36 -1.92 -13.09
C ARG A 147 4.86 -1.70 -12.92
N LEU A 148 4.49 -0.46 -12.68
CA LEU A 148 3.08 -0.11 -12.50
C LEU A 148 2.27 -0.73 -13.62
N GLN A 149 2.85 -0.74 -14.81
CA GLN A 149 2.19 -1.30 -15.97
C GLN A 149 2.41 -2.82 -16.02
N ALA A 150 3.65 -3.21 -15.82
CA ALA A 150 4.01 -4.62 -15.85
C ALA A 150 3.24 -5.35 -14.74
N ARG A 151 2.69 -4.58 -13.82
CA ARG A 151 1.94 -5.13 -12.72
C ARG A 151 0.71 -5.89 -13.24
N LYS A 152 0.05 -5.28 -14.20
CA LYS A 152 -1.13 -5.88 -14.80
C LYS A 152 -0.74 -6.60 -16.09
N ALA A 153 0.52 -6.43 -16.47
CA ALA A 153 1.03 -7.06 -17.67
C ALA A 153 1.49 -8.49 -17.35
N MET A 154 1.82 -8.70 -16.08
CA MET A 154 2.27 -10.01 -15.63
C MET A 154 1.09 -10.95 -15.43
N TRP A 155 -0.05 -10.35 -15.10
CA TRP A 155 -1.27 -11.13 -14.87
C TRP A 155 -1.63 -11.83 -16.18
N ARG A 156 -1.17 -11.23 -17.28
CA ARG A 156 -1.44 -11.79 -18.59
C ARG A 156 -0.63 -13.07 -18.81
N LYS A 157 0.32 -13.28 -17.92
CA LYS A 157 1.17 -14.45 -18.00
C LYS A 157 0.32 -15.71 -17.80
N GLU A 158 -0.46 -15.68 -16.73
CA GLU A 158 -1.32 -16.81 -16.42
C GLU A 158 -2.19 -17.17 -17.62
N GLN A 159 -2.80 -16.14 -18.20
CA GLN A 159 -3.66 -16.33 -19.36
C GLN A 159 -2.83 -16.75 -20.57
N ASP A 160 -1.62 -16.20 -20.63
CA ASP A 160 -0.71 -16.51 -21.74
C ASP A 160 -0.13 -17.90 -21.54
N MET A 1 -16.03 5.55 -27.19
CA MET A 1 -14.81 5.32 -26.44
C MET A 1 -13.66 6.16 -26.98
N GLU A 2 -13.28 7.16 -26.20
CA GLU A 2 -12.20 8.05 -26.60
C GLU A 2 -10.85 7.46 -26.15
N SER A 3 -9.78 8.02 -26.73
CA SER A 3 -8.45 7.56 -26.41
C SER A 3 -7.87 8.41 -25.26
N SER A 4 -8.76 9.12 -24.60
CA SER A 4 -8.36 9.97 -23.48
C SER A 4 -9.25 9.70 -22.28
N SER A 5 -9.92 8.57 -22.31
CA SER A 5 -10.81 8.18 -21.22
C SER A 5 -10.02 7.50 -20.11
N GLU A 6 -9.87 8.22 -19.01
CA GLU A 6 -9.14 7.70 -17.87
C GLU A 6 -10.04 6.77 -17.03
N GLN A 7 -9.46 6.22 -15.98
CA GLN A 7 -10.19 5.32 -15.11
C GLN A 7 -9.61 5.38 -13.69
N LYS A 8 -10.48 5.10 -12.72
CA LYS A 8 -10.08 5.12 -11.33
C LYS A 8 -9.45 3.77 -10.96
N PHE A 9 -8.22 3.84 -10.49
CA PHE A 9 -7.50 2.65 -10.10
C PHE A 9 -6.51 2.93 -8.97
N TYR A 10 -5.98 1.86 -8.39
CA TYR A 10 -5.03 1.99 -7.30
C TYR A 10 -3.73 1.26 -7.63
N ASN A 11 -2.64 1.81 -7.12
CA ASN A 11 -1.32 1.21 -7.35
C ASN A 11 -0.77 0.69 -6.02
N PHE A 12 -1.42 1.10 -4.94
CA PHE A 12 -1.00 0.68 -3.61
C PHE A 12 -2.02 1.12 -2.55
N VAL A 13 -2.45 0.16 -1.75
CA VAL A 13 -3.41 0.44 -0.70
C VAL A 13 -2.66 0.84 0.58
N ILE A 14 -2.75 2.13 0.89
CA ILE A 14 -2.09 2.65 2.07
C ILE A 14 -2.87 2.22 3.32
N LEU A 15 -2.39 1.15 3.95
CA LEU A 15 -3.03 0.64 5.14
C LEU A 15 -2.59 1.46 6.35
N HIS A 16 -3.49 2.33 6.80
CA HIS A 16 -3.21 3.18 7.94
C HIS A 16 -4.43 3.21 8.86
N ALA A 17 -4.24 3.83 10.02
CA ALA A 17 -5.30 3.94 11.00
C ALA A 17 -6.41 4.85 10.44
N ARG A 18 -7.24 5.33 11.35
CA ARG A 18 -8.35 6.20 10.97
C ARG A 18 -7.98 7.66 11.22
N ALA A 19 -7.09 7.86 12.19
CA ALA A 19 -6.65 9.20 12.54
C ALA A 19 -5.34 9.50 11.81
N ASP A 20 -5.06 8.70 10.79
CA ASP A 20 -3.86 8.88 10.01
C ASP A 20 -4.23 9.13 8.54
N GLU A 21 -5.43 9.68 8.35
CA GLU A 21 -5.92 9.97 7.01
C GLU A 21 -5.04 11.04 6.35
N HIS A 22 -5.24 12.27 6.78
CA HIS A 22 -4.48 13.39 6.23
C HIS A 22 -3.04 12.95 5.99
N ILE A 23 -2.54 12.10 6.88
CA ILE A 23 -1.19 11.61 6.76
C ILE A 23 -1.01 10.89 5.42
N ALA A 24 -1.82 9.86 5.22
CA ALA A 24 -1.77 9.10 3.98
C ALA A 24 -2.10 10.01 2.81
N LEU A 25 -3.22 10.71 2.94
CA LEU A 25 -3.67 11.62 1.90
C LEU A 25 -2.51 12.54 1.51
N ARG A 26 -1.62 12.77 2.47
CA ARG A 26 -0.47 13.62 2.25
C ARG A 26 0.61 12.87 1.46
N VAL A 27 0.66 11.57 1.69
CA VAL A 27 1.63 10.73 1.01
C VAL A 27 1.18 10.50 -0.43
N ARG A 28 -0.04 9.99 -0.56
CA ARG A 28 -0.59 9.72 -1.88
C ARG A 28 -0.11 10.77 -2.89
N GLU A 29 -0.24 12.02 -2.50
CA GLU A 29 0.18 13.12 -3.36
C GLU A 29 1.70 13.14 -3.49
N LYS A 30 2.37 13.24 -2.35
CA LYS A 30 3.81 13.27 -2.33
C LYS A 30 4.36 12.27 -3.34
N LEU A 31 3.95 11.02 -3.17
CA LEU A 31 4.37 9.96 -4.05
C LEU A 31 4.41 10.48 -5.50
N GLU A 32 3.27 10.99 -5.93
CA GLU A 32 3.17 11.53 -7.28
C GLU A 32 4.46 12.23 -7.67
N ALA A 33 4.93 13.10 -6.79
CA ALA A 33 6.15 13.84 -7.03
C ALA A 33 7.23 12.88 -7.52
N LEU A 34 7.37 11.78 -6.79
CA LEU A 34 8.36 10.78 -7.13
C LEU A 34 7.92 10.04 -8.40
N GLY A 35 6.66 9.66 -8.42
CA GLY A 35 6.10 8.96 -9.55
C GLY A 35 4.74 8.34 -9.21
N VAL A 36 4.78 7.29 -8.41
CA VAL A 36 3.57 6.62 -7.99
C VAL A 36 2.47 7.65 -7.73
N PRO A 37 1.24 7.33 -8.22
CA PRO A 37 0.11 8.22 -8.04
C PRO A 37 -0.41 8.16 -6.61
N ASP A 38 -1.57 8.77 -6.41
CA ASP A 38 -2.18 8.80 -5.10
C ASP A 38 -2.30 7.37 -4.56
N GLY A 39 -2.78 6.49 -5.42
CA GLY A 39 -2.95 5.09 -5.05
C GLY A 39 -4.27 4.87 -4.32
N ALA A 40 -4.19 4.91 -2.99
CA ALA A 40 -5.37 4.72 -2.17
C ALA A 40 -4.94 4.37 -0.74
N THR A 41 -5.93 4.13 0.10
CA THR A 41 -5.67 3.79 1.49
C THR A 41 -6.73 2.81 2.01
N PHE A 42 -6.45 2.25 3.17
CA PHE A 42 -7.37 1.30 3.78
C PHE A 42 -7.20 1.28 5.31
N CYS A 43 -8.32 1.18 5.99
CA CYS A 43 -8.31 1.14 7.44
C CYS A 43 -8.65 -0.28 7.89
N GLU A 44 -8.28 -0.58 9.13
CA GLU A 44 -8.55 -1.89 9.69
C GLU A 44 -9.98 -2.33 9.38
N ASP A 45 -10.25 -3.59 9.65
CA ASP A 45 -11.58 -4.14 9.41
C ASP A 45 -12.26 -4.44 10.74
N PHE A 46 -11.76 -3.78 11.77
CA PHE A 46 -12.31 -3.96 13.11
C PHE A 46 -12.78 -2.63 13.70
N GLN A 47 -12.96 -1.66 12.82
CA GLN A 47 -13.40 -0.34 13.23
C GLN A 47 -14.62 0.09 12.41
N VAL A 48 -14.52 -0.14 11.11
CA VAL A 48 -15.61 0.21 10.20
C VAL A 48 -16.75 -0.79 10.37
N HIS A 49 -17.91 -0.40 9.83
CA HIS A 49 -19.08 -1.26 9.91
C HIS A 49 -18.85 -2.53 9.11
N GLY A 50 -18.37 -2.34 7.88
CA GLY A 50 -18.10 -3.47 7.00
C GLY A 50 -19.39 -4.02 6.40
N ARG A 51 -20.05 -3.17 5.63
CA ARG A 51 -21.30 -3.57 4.99
C ARG A 51 -21.14 -3.55 3.46
N GLY A 52 -20.00 -4.04 3.01
CA GLY A 52 -19.71 -4.08 1.59
C GLY A 52 -19.17 -2.74 1.09
N GLU A 53 -18.01 -2.37 1.62
CA GLU A 53 -17.38 -1.12 1.25
C GLU A 53 -16.39 -1.35 0.10
N LEU A 54 -15.61 -2.41 0.23
CA LEU A 54 -14.63 -2.75 -0.78
C LEU A 54 -14.72 -4.24 -1.10
N SER A 55 -14.26 -4.60 -2.29
CA SER A 55 -14.28 -5.99 -2.73
C SER A 55 -13.70 -6.88 -1.63
N CYS A 56 -12.40 -6.74 -1.43
CA CYS A 56 -11.71 -7.52 -0.41
C CYS A 56 -10.41 -6.82 -0.06
N LEU A 57 -10.03 -6.95 1.20
CA LEU A 57 -8.81 -6.33 1.70
C LEU A 57 -7.61 -6.86 0.88
N GLN A 58 -7.68 -8.14 0.57
CA GLN A 58 -6.62 -8.78 -0.19
C GLN A 58 -6.79 -8.50 -1.68
N ASP A 59 -7.90 -7.84 -2.00
CA ASP A 59 -8.19 -7.51 -3.38
C ASP A 59 -7.33 -6.31 -3.81
N ALA A 60 -6.70 -5.70 -2.81
CA ALA A 60 -5.85 -4.55 -3.07
C ALA A 60 -4.45 -5.04 -3.48
N ILE A 61 -4.18 -6.29 -3.16
CA ILE A 61 -2.90 -6.89 -3.48
C ILE A 61 -2.86 -7.23 -4.97
N ASP A 62 -4.05 -7.50 -5.51
CA ASP A 62 -4.16 -7.85 -6.92
C ASP A 62 -4.72 -6.65 -7.69
N HIS A 63 -5.55 -5.87 -6.99
CA HIS A 63 -6.15 -4.69 -7.60
C HIS A 63 -5.26 -3.48 -7.34
N SER A 64 -3.99 -3.75 -7.06
CA SER A 64 -3.03 -2.70 -6.80
C SER A 64 -1.61 -3.23 -6.97
N ALA A 65 -0.73 -2.35 -7.43
CA ALA A 65 0.66 -2.72 -7.64
C ALA A 65 1.20 -3.39 -6.37
N PHE A 66 1.59 -2.56 -5.42
CA PHE A 66 2.13 -3.05 -4.17
C PHE A 66 1.40 -2.43 -2.98
N ILE A 67 1.12 -3.27 -1.99
CA ILE A 67 0.42 -2.81 -0.79
C ILE A 67 1.39 -2.00 0.07
N ILE A 68 0.93 -0.83 0.49
CA ILE A 68 1.74 0.04 1.31
C ILE A 68 1.18 0.05 2.74
N LEU A 69 1.94 -0.55 3.64
CA LEU A 69 1.54 -0.63 5.03
C LEU A 69 2.06 0.61 5.78
N LEU A 70 1.15 1.54 6.00
CA LEU A 70 1.50 2.77 6.70
C LEU A 70 1.84 2.44 8.16
N LEU A 71 3.07 2.00 8.35
CA LEU A 71 3.54 1.65 9.69
C LEU A 71 3.55 2.91 10.55
N THR A 72 2.45 3.12 11.25
CA THR A 72 2.32 4.28 12.11
C THR A 72 1.87 3.85 13.51
N SER A 73 2.22 4.67 14.49
CA SER A 73 1.86 4.38 15.87
C SER A 73 0.34 4.37 16.02
N ASN A 74 -0.33 4.90 15.01
CA ASN A 74 -1.78 4.95 15.02
C ASN A 74 -2.34 3.71 14.31
N PHE A 75 -1.46 3.02 13.59
CA PHE A 75 -1.84 1.83 12.88
C PHE A 75 -1.15 0.59 13.47
N ASP A 76 -1.54 -0.56 12.94
CA ASP A 76 -0.96 -1.82 13.40
C ASP A 76 -0.31 -2.53 12.22
N CYS A 77 0.86 -3.10 12.49
CA CYS A 77 1.61 -3.81 11.46
C CYS A 77 1.25 -5.29 11.56
N ARG A 78 1.30 -5.81 12.78
CA ARG A 78 0.98 -7.21 13.02
C ARG A 78 -0.31 -7.59 12.31
N LEU A 79 -1.14 -6.58 12.06
CA LEU A 79 -2.40 -6.79 11.39
C LEU A 79 -2.20 -6.68 9.87
N SER A 80 -1.95 -5.47 9.42
CA SER A 80 -1.73 -5.22 8.01
C SER A 80 -0.72 -6.23 7.45
N LEU A 81 0.46 -6.23 8.04
CA LEU A 81 1.50 -7.14 7.61
C LEU A 81 0.95 -8.56 7.57
N HIS A 82 -0.11 -8.78 8.33
CA HIS A 82 -0.73 -10.09 8.38
C HIS A 82 -1.87 -10.16 7.36
N GLN A 83 -2.40 -8.99 7.04
CA GLN A 83 -3.49 -8.92 6.07
C GLN A 83 -2.93 -8.84 4.65
N VAL A 84 -1.61 -8.65 4.57
CA VAL A 84 -0.94 -8.57 3.28
C VAL A 84 -0.30 -9.91 2.96
N ASN A 85 0.50 -10.40 3.90
CA ASN A 85 1.18 -11.66 3.74
C ASN A 85 0.17 -12.72 3.26
N GLN A 86 -0.99 -12.69 3.88
CA GLN A 86 -2.04 -13.64 3.53
C GLN A 86 -2.62 -13.31 2.15
N ALA A 87 -2.76 -12.02 1.90
CA ALA A 87 -3.29 -11.56 0.63
C ALA A 87 -2.45 -12.15 -0.51
N MET A 88 -1.25 -12.58 -0.16
CA MET A 88 -0.35 -13.16 -1.13
C MET A 88 -0.56 -14.66 -1.26
N MET A 89 -0.24 -15.37 -0.18
CA MET A 89 -0.40 -16.81 -0.16
C MET A 89 -1.87 -17.21 -0.34
N SER A 90 -2.73 -16.21 -0.23
CA SER A 90 -4.16 -16.43 -0.38
C SER A 90 -4.59 -16.12 -1.82
N ASN A 91 -3.70 -15.45 -2.53
CA ASN A 91 -3.97 -15.08 -3.91
C ASN A 91 -2.65 -15.06 -4.70
N LEU A 92 -2.28 -16.23 -5.21
CA LEU A 92 -1.06 -16.35 -5.97
C LEU A 92 -1.41 -16.62 -7.44
N THR A 93 -2.63 -17.10 -7.65
CA THR A 93 -3.09 -17.40 -9.00
C THR A 93 -3.47 -16.11 -9.73
N ARG A 94 -3.30 -15.00 -9.03
CA ARG A 94 -3.62 -13.71 -9.60
C ARG A 94 -2.34 -12.97 -10.03
N GLN A 95 -1.62 -12.48 -9.02
CA GLN A 95 -0.38 -11.76 -9.28
C GLN A 95 0.80 -12.53 -8.69
N GLY A 96 0.53 -13.23 -7.60
CA GLY A 96 1.56 -14.00 -6.92
C GLY A 96 2.81 -13.15 -6.68
N SER A 97 2.60 -12.02 -6.03
CA SER A 97 3.70 -11.11 -5.73
C SER A 97 3.92 -11.05 -4.21
N PRO A 98 4.87 -11.89 -3.74
CA PRO A 98 5.19 -11.94 -2.32
C PRO A 98 6.02 -10.73 -1.91
N ASP A 99 6.28 -9.86 -2.88
CA ASP A 99 7.04 -8.65 -2.62
C ASP A 99 6.19 -7.43 -2.93
N CYS A 100 4.94 -7.49 -2.49
CA CYS A 100 4.01 -6.40 -2.70
C CYS A 100 3.72 -5.73 -1.35
N VAL A 101 4.76 -5.68 -0.53
CA VAL A 101 4.64 -5.07 0.79
C VAL A 101 5.60 -3.88 0.89
N ILE A 102 5.03 -2.72 1.17
CA ILE A 102 5.82 -1.51 1.30
C ILE A 102 5.41 -0.77 2.58
N PRO A 103 6.11 -1.13 3.69
CA PRO A 103 5.84 -0.51 4.98
C PRO A 103 6.39 0.91 5.03
N PHE A 104 5.49 1.87 4.85
CA PHE A 104 5.88 3.28 4.88
C PHE A 104 6.07 3.76 6.31
N LEU A 105 6.64 4.96 6.42
CA LEU A 105 6.88 5.54 7.73
C LEU A 105 6.78 7.06 7.62
N PRO A 106 5.59 7.59 8.02
CA PRO A 106 5.36 9.03 7.97
C PRO A 106 6.09 9.74 9.11
N LEU A 107 6.12 11.06 9.01
CA LEU A 107 6.78 11.87 10.02
C LEU A 107 5.91 11.93 11.28
N GLU A 108 4.62 11.76 11.06
CA GLU A 108 3.66 11.79 12.16
C GLU A 108 3.93 10.64 13.13
N SER A 109 4.43 9.53 12.57
CA SER A 109 4.74 8.36 13.36
C SER A 109 6.21 8.00 13.21
N SER A 110 6.61 6.95 13.92
CA SER A 110 7.98 6.48 13.87
C SER A 110 8.02 4.96 14.05
N PRO A 111 9.20 4.37 13.68
CA PRO A 111 9.38 2.94 13.78
C PRO A 111 9.60 2.53 15.24
N ALA A 112 10.22 3.43 16.00
CA ALA A 112 10.48 3.17 17.40
C ALA A 112 9.17 2.99 18.14
N GLN A 113 8.13 3.63 17.62
CA GLN A 113 6.81 3.54 18.22
C GLN A 113 6.20 2.16 17.96
N LEU A 114 6.88 1.40 17.12
CA LEU A 114 6.41 0.06 16.77
C LEU A 114 7.15 -0.96 17.64
N SER A 115 6.58 -2.17 17.68
CA SER A 115 7.17 -3.24 18.45
C SER A 115 8.53 -3.62 17.88
N SER A 116 9.34 -4.26 18.72
CA SER A 116 10.67 -4.68 18.30
C SER A 116 10.56 -5.81 17.28
N ASP A 117 9.35 -6.35 17.17
CA ASP A 117 9.10 -7.44 16.23
C ASP A 117 8.76 -6.85 14.85
N THR A 118 8.05 -5.74 14.89
CA THR A 118 7.65 -5.06 13.66
C THR A 118 8.81 -5.02 12.68
N ALA A 119 10.02 -5.05 13.22
CA ALA A 119 11.22 -5.02 12.41
C ALA A 119 11.33 -6.32 11.63
N SER A 120 11.17 -7.42 12.35
CA SER A 120 11.26 -8.73 11.74
C SER A 120 9.99 -9.03 10.94
N LEU A 121 8.94 -8.28 11.26
CA LEU A 121 7.67 -8.45 10.59
C LEU A 121 7.74 -7.80 9.20
N LEU A 122 8.59 -6.79 9.09
CA LEU A 122 8.77 -6.08 7.83
C LEU A 122 10.18 -6.34 7.31
N SER A 123 10.81 -7.36 7.87
CA SER A 123 12.16 -7.72 7.48
C SER A 123 12.12 -8.39 6.10
N GLY A 124 12.41 -7.59 5.08
CA GLY A 124 12.42 -8.09 3.71
C GLY A 124 11.63 -7.16 2.78
N LEU A 125 10.88 -6.26 3.40
CA LEU A 125 10.08 -5.31 2.65
C LEU A 125 10.91 -4.05 2.36
N VAL A 126 10.35 -3.19 1.54
CA VAL A 126 11.03 -1.95 1.18
C VAL A 126 10.32 -0.77 1.86
N ARG A 127 10.72 -0.53 3.10
CA ARG A 127 10.13 0.56 3.87
C ARG A 127 10.60 1.90 3.33
N LEU A 128 9.63 2.78 3.08
CA LEU A 128 9.94 4.10 2.56
C LEU A 128 9.88 5.12 3.70
N ASP A 129 10.34 6.32 3.39
CA ASP A 129 10.35 7.39 4.38
C ASP A 129 9.97 8.71 3.71
N GLU A 130 9.14 9.47 4.40
CA GLU A 130 8.68 10.75 3.88
C GLU A 130 9.58 11.87 4.38
N HIS A 131 10.64 11.48 5.07
CA HIS A 131 11.58 12.44 5.62
C HIS A 131 13.00 12.06 5.19
N SER A 132 13.08 11.19 4.20
CA SER A 132 14.36 10.74 3.69
C SER A 132 14.66 11.41 2.34
N GLN A 133 15.94 11.55 2.06
CA GLN A 133 16.37 12.17 0.82
C GLN A 133 16.66 11.10 -0.24
N ILE A 134 16.51 9.85 0.18
CA ILE A 134 16.78 8.73 -0.71
C ILE A 134 15.44 8.05 -1.05
N PHE A 135 14.50 8.17 -0.12
CA PHE A 135 13.18 7.57 -0.32
C PHE A 135 12.71 7.74 -1.76
N ALA A 136 13.09 8.87 -2.35
CA ALA A 136 12.70 9.17 -3.71
C ALA A 136 13.21 8.06 -4.64
N ARG A 137 14.48 7.71 -4.44
CA ARG A 137 15.09 6.67 -5.25
C ARG A 137 14.55 5.29 -4.84
N LYS A 138 14.05 5.22 -3.61
CA LYS A 138 13.50 3.98 -3.09
C LYS A 138 12.18 3.68 -3.79
N VAL A 139 11.30 4.68 -3.76
CA VAL A 139 9.99 4.53 -4.38
C VAL A 139 10.16 4.36 -5.90
N ALA A 140 11.13 5.10 -6.43
CA ALA A 140 11.41 5.04 -7.86
C ALA A 140 12.16 3.75 -8.17
N ASN A 141 12.44 2.99 -7.12
CA ASN A 141 13.14 1.73 -7.27
C ASN A 141 12.14 0.58 -7.17
N THR A 142 11.16 0.77 -6.31
CA THR A 142 10.13 -0.24 -6.10
C THR A 142 8.91 0.06 -6.96
N PHE A 143 8.41 1.28 -6.83
CA PHE A 143 7.24 1.70 -7.60
C PHE A 143 7.66 2.30 -8.94
N LYS A 144 8.64 1.65 -9.57
CA LYS A 144 9.14 2.11 -10.86
C LYS A 144 7.95 2.55 -11.72
N PRO A 145 8.27 3.37 -12.76
CA PRO A 145 7.26 3.87 -13.67
C PRO A 145 6.80 2.77 -14.63
N HIS A 146 7.76 2.30 -15.42
CA HIS A 146 7.47 1.25 -16.39
C HIS A 146 6.79 0.08 -15.69
N ARG A 147 6.98 0.02 -14.38
CA ARG A 147 6.39 -1.05 -13.59
C ARG A 147 4.98 -0.66 -13.14
N LEU A 148 4.81 0.63 -12.86
CA LEU A 148 3.52 1.14 -12.43
C LEU A 148 2.53 1.07 -13.60
N GLN A 149 2.96 1.65 -14.72
CA GLN A 149 2.13 1.67 -15.90
C GLN A 149 1.88 0.25 -16.41
N ALA A 150 2.97 -0.49 -16.56
CA ALA A 150 2.90 -1.86 -17.04
C ALA A 150 1.96 -2.66 -16.13
N ARG A 151 1.75 -2.12 -14.94
CA ARG A 151 0.87 -2.77 -13.97
C ARG A 151 -0.58 -2.70 -14.45
N LYS A 152 -0.91 -1.61 -15.11
CA LYS A 152 -2.26 -1.42 -15.62
C LYS A 152 -2.30 -1.81 -17.10
N ALA A 153 -1.13 -1.76 -17.72
CA ALA A 153 -1.02 -2.11 -19.13
C ALA A 153 -1.58 -3.51 -19.34
N MET A 154 -1.66 -4.27 -18.26
CA MET A 154 -2.18 -5.62 -18.32
C MET A 154 -3.65 -5.62 -18.77
N TRP A 155 -4.35 -4.57 -18.39
CA TRP A 155 -5.76 -4.44 -18.74
C TRP A 155 -5.87 -4.58 -20.26
N ARG A 156 -4.77 -4.31 -20.94
CA ARG A 156 -4.73 -4.40 -22.38
C ARG A 156 -4.94 -5.85 -22.83
N LYS A 157 -4.39 -6.77 -22.04
CA LYS A 157 -4.52 -8.18 -22.34
C LYS A 157 -6.01 -8.55 -22.44
N GLU A 158 -6.77 -8.07 -21.48
CA GLU A 158 -8.20 -8.33 -21.45
C GLU A 158 -8.89 -7.71 -22.67
N GLN A 159 -8.35 -6.58 -23.09
CA GLN A 159 -8.90 -5.87 -24.25
C GLN A 159 -8.64 -6.67 -25.53
N ASP A 160 -7.62 -7.53 -25.46
CA ASP A 160 -7.26 -8.35 -26.60
C ASP A 160 -7.84 -9.76 -26.41
N MET A 1 -7.49 20.75 -19.54
CA MET A 1 -7.18 19.33 -19.62
C MET A 1 -6.25 18.91 -18.48
N GLU A 2 -6.40 17.68 -18.05
CA GLU A 2 -5.57 17.14 -16.98
C GLU A 2 -4.62 16.08 -17.52
N SER A 3 -3.47 16.54 -17.99
CA SER A 3 -2.47 15.65 -18.54
C SER A 3 -1.59 15.09 -17.41
N SER A 4 -2.02 15.35 -16.19
CA SER A 4 -1.28 14.90 -15.02
C SER A 4 -2.22 14.13 -14.08
N SER A 5 -3.33 13.69 -14.63
CA SER A 5 -4.31 12.95 -13.87
C SER A 5 -5.15 12.05 -14.79
N GLU A 6 -4.84 10.77 -14.77
CA GLU A 6 -5.54 9.82 -15.60
C GLU A 6 -6.75 9.24 -14.84
N GLN A 7 -7.39 8.27 -15.48
CA GLN A 7 -8.55 7.64 -14.87
C GLN A 7 -8.30 7.37 -13.39
N LYS A 8 -9.39 7.09 -12.68
CA LYS A 8 -9.30 6.81 -11.26
C LYS A 8 -8.98 5.33 -11.04
N PHE A 9 -7.90 5.09 -10.32
CA PHE A 9 -7.48 3.72 -10.04
C PHE A 9 -6.56 3.68 -8.83
N TYR A 10 -6.30 2.45 -8.36
CA TYR A 10 -5.45 2.25 -7.21
C TYR A 10 -4.15 1.54 -7.61
N ASN A 11 -3.04 2.08 -7.13
CA ASN A 11 -1.74 1.51 -7.42
C ASN A 11 -1.12 0.97 -6.13
N PHE A 12 -1.75 1.33 -5.03
CA PHE A 12 -1.27 0.89 -3.72
C PHE A 12 -2.25 1.29 -2.62
N VAL A 13 -2.56 0.32 -1.76
CA VAL A 13 -3.47 0.56 -0.66
C VAL A 13 -2.68 0.90 0.60
N ILE A 14 -2.83 2.15 1.03
CA ILE A 14 -2.13 2.60 2.22
C ILE A 14 -2.95 2.24 3.47
N LEU A 15 -2.49 1.20 4.15
CA LEU A 15 -3.17 0.74 5.36
C LEU A 15 -2.79 1.65 6.52
N HIS A 16 -3.81 2.12 7.22
CA HIS A 16 -3.59 3.00 8.36
C HIS A 16 -4.89 3.11 9.17
N ALA A 17 -4.83 3.92 10.22
CA ALA A 17 -5.98 4.13 11.08
C ALA A 17 -6.72 5.39 10.65
N ARG A 18 -7.99 5.43 10.97
CA ARG A 18 -8.82 6.58 10.64
C ARG A 18 -8.24 7.86 11.24
N ALA A 19 -7.33 7.66 12.18
CA ALA A 19 -6.69 8.79 12.85
C ALA A 19 -5.32 9.05 12.19
N ASP A 20 -5.17 8.50 11.00
CA ASP A 20 -3.93 8.67 10.26
C ASP A 20 -4.25 8.91 8.79
N GLU A 21 -5.47 9.37 8.54
CA GLU A 21 -5.92 9.65 7.19
C GLU A 21 -5.10 10.80 6.59
N HIS A 22 -5.36 12.00 7.09
CA HIS A 22 -4.67 13.18 6.62
C HIS A 22 -3.21 12.83 6.31
N ILE A 23 -2.66 11.95 7.14
CA ILE A 23 -1.28 11.52 6.96
C ILE A 23 -1.12 10.88 5.59
N ALA A 24 -1.87 9.80 5.38
CA ALA A 24 -1.82 9.08 4.13
C ALA A 24 -2.19 10.03 2.99
N LEU A 25 -3.32 10.70 3.15
CA LEU A 25 -3.79 11.64 2.16
C LEU A 25 -2.65 12.57 1.76
N ARG A 26 -1.74 12.77 2.69
CA ARG A 26 -0.59 13.63 2.45
C ARG A 26 0.45 12.91 1.60
N VAL A 27 0.53 11.60 1.80
CA VAL A 27 1.48 10.78 1.06
C VAL A 27 0.96 10.59 -0.37
N ARG A 28 -0.26 10.11 -0.46
CA ARG A 28 -0.89 9.88 -1.75
C ARG A 28 -0.43 10.94 -2.75
N GLU A 29 -0.52 12.19 -2.33
CA GLU A 29 -0.13 13.30 -3.17
C GLU A 29 1.39 13.30 -3.39
N LYS A 30 2.11 13.40 -2.27
CA LYS A 30 3.56 13.42 -2.32
C LYS A 30 4.04 12.42 -3.39
N LEU A 31 3.59 11.18 -3.24
CA LEU A 31 3.96 10.14 -4.18
C LEU A 31 3.93 10.70 -5.60
N GLU A 32 2.78 11.24 -5.98
CA GLU A 32 2.61 11.81 -7.30
C GLU A 32 3.91 12.50 -7.75
N ALA A 33 4.50 13.22 -6.82
CA ALA A 33 5.74 13.93 -7.11
C ALA A 33 6.76 12.96 -7.70
N LEU A 34 6.99 11.87 -6.97
CA LEU A 34 7.94 10.86 -7.41
C LEU A 34 7.40 10.19 -8.67
N GLY A 35 6.12 9.85 -8.63
CA GLY A 35 5.47 9.20 -9.77
C GLY A 35 4.13 8.60 -9.36
N VAL A 36 4.21 7.54 -8.57
CA VAL A 36 3.01 6.87 -8.10
C VAL A 36 1.94 7.90 -7.77
N PRO A 37 0.68 7.59 -8.19
CA PRO A 37 -0.44 8.48 -7.95
C PRO A 37 -0.89 8.43 -6.49
N ASP A 38 -2.07 8.96 -6.25
CA ASP A 38 -2.61 8.99 -4.89
C ASP A 38 -2.72 7.55 -4.37
N GLY A 39 -3.22 6.68 -5.24
CA GLY A 39 -3.39 5.28 -4.87
C GLY A 39 -4.68 5.07 -4.07
N ALA A 40 -4.54 5.09 -2.76
CA ALA A 40 -5.67 4.90 -1.88
C ALA A 40 -5.18 4.54 -0.48
N THR A 41 -6.13 4.29 0.40
CA THR A 41 -5.81 3.92 1.77
C THR A 41 -6.88 3.00 2.36
N PHE A 42 -6.44 2.10 3.21
CA PHE A 42 -7.35 1.16 3.84
C PHE A 42 -7.40 1.36 5.35
N CYS A 43 -8.35 2.18 5.77
CA CYS A 43 -8.51 2.47 7.19
C CYS A 43 -9.96 2.18 7.57
N GLU A 44 -10.20 2.14 8.88
CA GLU A 44 -11.53 1.87 9.39
C GLU A 44 -12.47 3.04 9.08
N ASP A 45 -13.76 2.77 9.16
CA ASP A 45 -14.76 3.78 8.89
C ASP A 45 -14.32 5.10 9.54
N PHE A 46 -14.09 6.09 8.69
CA PHE A 46 -13.66 7.40 9.16
C PHE A 46 -14.78 8.43 8.98
N GLN A 47 -15.79 8.32 9.82
CA GLN A 47 -16.93 9.23 9.75
C GLN A 47 -17.68 9.07 8.43
N VAL A 48 -17.40 7.95 7.78
CA VAL A 48 -18.04 7.66 6.50
C VAL A 48 -19.33 6.88 6.75
N HIS A 49 -20.00 6.53 5.66
CA HIS A 49 -21.25 5.79 5.74
C HIS A 49 -21.01 4.49 6.51
N GLY A 50 -19.96 3.78 6.12
CA GLY A 50 -19.62 2.53 6.77
C GLY A 50 -18.16 2.16 6.51
N ARG A 51 -17.66 1.22 7.30
CA ARG A 51 -16.29 0.76 7.17
C ARG A 51 -16.16 -0.15 5.94
N GLY A 52 -17.28 -0.37 5.27
CA GLY A 52 -17.30 -1.21 4.09
C GLY A 52 -17.31 -0.37 2.81
N GLU A 53 -16.20 0.31 2.59
CA GLU A 53 -16.07 1.16 1.41
C GLU A 53 -15.28 0.43 0.32
N LEU A 54 -13.97 0.35 0.53
CA LEU A 54 -13.10 -0.32 -0.42
C LEU A 54 -13.64 -1.73 -0.69
N SER A 55 -12.84 -2.49 -1.43
CA SER A 55 -13.22 -3.86 -1.77
C SER A 55 -12.69 -4.82 -0.70
N CYS A 56 -11.37 -4.98 -0.70
CA CYS A 56 -10.72 -5.86 0.25
C CYS A 56 -9.24 -5.48 0.34
N LEU A 57 -8.50 -6.28 1.08
CA LEU A 57 -7.07 -6.03 1.24
C LEU A 57 -6.31 -6.69 0.09
N GLN A 58 -6.73 -7.90 -0.24
CA GLN A 58 -6.10 -8.64 -1.32
C GLN A 58 -6.45 -8.03 -2.67
N ASP A 59 -7.58 -7.34 -2.69
CA ASP A 59 -8.05 -6.70 -3.91
C ASP A 59 -7.03 -5.66 -4.36
N ALA A 60 -6.20 -5.25 -3.42
CA ALA A 60 -5.17 -4.26 -3.70
C ALA A 60 -3.93 -4.97 -4.26
N ILE A 61 -3.69 -6.16 -3.74
CA ILE A 61 -2.54 -6.94 -4.17
C ILE A 61 -2.69 -7.29 -5.66
N ASP A 62 -3.94 -7.28 -6.11
CA ASP A 62 -4.24 -7.58 -7.49
C ASP A 62 -4.52 -6.28 -8.25
N HIS A 63 -5.51 -5.55 -7.76
CA HIS A 63 -5.89 -4.29 -8.38
C HIS A 63 -4.74 -3.29 -8.24
N SER A 64 -4.31 -3.09 -7.01
CA SER A 64 -3.22 -2.17 -6.73
C SER A 64 -1.88 -2.85 -7.03
N ALA A 65 -0.89 -2.01 -7.34
CA ALA A 65 0.44 -2.50 -7.65
C ALA A 65 1.05 -3.14 -6.39
N PHE A 66 1.47 -2.29 -5.47
CA PHE A 66 2.06 -2.75 -4.23
C PHE A 66 1.32 -2.17 -3.03
N ILE A 67 1.09 -3.04 -2.05
CA ILE A 67 0.40 -2.64 -0.83
C ILE A 67 1.36 -1.84 0.05
N ILE A 68 0.89 -0.69 0.51
CA ILE A 68 1.69 0.17 1.36
C ILE A 68 1.16 0.09 2.80
N LEU A 69 2.04 -0.30 3.70
CA LEU A 69 1.68 -0.41 5.11
C LEU A 69 2.17 0.82 5.86
N LEU A 70 1.24 1.74 6.08
CA LEU A 70 1.55 2.97 6.80
C LEU A 70 1.97 2.64 8.23
N LEU A 71 3.22 2.26 8.39
CA LEU A 71 3.75 1.91 9.69
C LEU A 71 3.67 3.13 10.61
N THR A 72 2.55 3.25 11.30
CA THR A 72 2.34 4.36 12.22
C THR A 72 2.01 3.84 13.62
N SER A 73 2.36 4.65 14.60
CA SER A 73 2.11 4.30 16.00
C SER A 73 0.60 4.14 16.23
N ASN A 74 -0.17 4.61 15.27
CA ASN A 74 -1.62 4.54 15.36
C ASN A 74 -2.09 3.26 14.66
N PHE A 75 -1.26 2.78 13.75
CA PHE A 75 -1.59 1.58 13.01
C PHE A 75 -0.82 0.37 13.54
N ASP A 76 -1.24 -0.81 13.10
CA ASP A 76 -0.61 -2.04 13.54
C ASP A 76 0.11 -2.69 12.35
N CYS A 77 1.35 -3.10 12.60
CA CYS A 77 2.15 -3.72 11.56
C CYS A 77 1.70 -5.18 11.42
N ARG A 78 1.84 -5.92 12.50
CA ARG A 78 1.45 -7.32 12.52
C ARG A 78 0.15 -7.51 11.74
N LEU A 79 -0.68 -6.49 11.76
CA LEU A 79 -1.95 -6.54 11.06
C LEU A 79 -1.69 -6.60 9.56
N SER A 80 -1.23 -5.49 9.02
CA SER A 80 -0.94 -5.40 7.60
C SER A 80 -0.30 -6.71 7.11
N LEU A 81 0.85 -7.01 7.68
CA LEU A 81 1.57 -8.22 7.32
C LEU A 81 0.63 -9.42 7.43
N HIS A 82 -0.19 -9.39 8.47
CA HIS A 82 -1.15 -10.47 8.70
C HIS A 82 -2.24 -10.41 7.62
N GLN A 83 -2.42 -9.23 7.07
CA GLN A 83 -3.43 -9.03 6.03
C GLN A 83 -2.85 -9.39 4.66
N VAL A 84 -1.96 -8.53 4.19
CA VAL A 84 -1.33 -8.74 2.90
C VAL A 84 -1.02 -10.23 2.72
N ASN A 85 -0.57 -10.83 3.82
CA ASN A 85 -0.23 -12.25 3.80
C ASN A 85 -1.40 -13.04 3.21
N GLN A 86 -2.50 -13.04 3.95
CA GLN A 86 -3.68 -13.75 3.52
C GLN A 86 -3.92 -13.55 2.02
N ALA A 87 -3.80 -12.29 1.60
CA ALA A 87 -4.00 -11.95 0.20
C ALA A 87 -3.00 -12.73 -0.65
N MET A 88 -1.76 -12.76 -0.17
CA MET A 88 -0.70 -13.47 -0.88
C MET A 88 -0.99 -14.97 -0.93
N MET A 89 -1.08 -15.56 0.25
CA MET A 89 -1.35 -16.98 0.36
C MET A 89 -2.74 -17.32 -0.16
N SER A 90 -3.51 -16.28 -0.44
CA SER A 90 -4.86 -16.45 -0.94
C SER A 90 -4.83 -16.78 -2.43
N ASN A 91 -4.12 -15.95 -3.18
CA ASN A 91 -3.99 -16.14 -4.61
C ASN A 91 -2.55 -15.88 -5.03
N LEU A 92 -1.77 -16.95 -5.05
CA LEU A 92 -0.37 -16.85 -5.43
C LEU A 92 -0.25 -17.01 -6.95
N THR A 93 -1.03 -17.93 -7.48
CA THR A 93 -1.02 -18.20 -8.90
C THR A 93 -1.44 -16.95 -9.68
N ARG A 94 -2.00 -16.00 -8.95
CA ARG A 94 -2.45 -14.76 -9.55
C ARG A 94 -1.26 -13.84 -9.83
N GLN A 95 -0.78 -13.19 -8.76
CA GLN A 95 0.34 -12.29 -8.88
C GLN A 95 1.55 -12.84 -8.12
N GLY A 96 1.25 -13.57 -7.05
CA GLY A 96 2.29 -14.16 -6.23
C GLY A 96 3.49 -13.21 -6.11
N SER A 97 3.19 -11.98 -5.73
CA SER A 97 4.24 -10.98 -5.58
C SER A 97 4.36 -10.58 -4.11
N PRO A 98 5.33 -11.25 -3.42
CA PRO A 98 5.56 -10.98 -2.01
C PRO A 98 6.31 -9.66 -1.82
N ASP A 99 6.59 -9.01 -2.95
CA ASP A 99 7.30 -7.74 -2.93
C ASP A 99 6.29 -6.60 -3.03
N CYS A 100 5.03 -6.94 -2.79
CA CYS A 100 3.96 -5.96 -2.86
C CYS A 100 3.72 -5.41 -1.45
N VAL A 101 4.77 -5.45 -0.65
CA VAL A 101 4.69 -4.96 0.71
C VAL A 101 5.67 -3.81 0.91
N ILE A 102 5.11 -2.61 1.10
CA ILE A 102 5.91 -1.43 1.29
C ILE A 102 5.48 -0.72 2.58
N PRO A 103 6.21 -1.02 3.68
CA PRO A 103 5.90 -0.43 4.96
C PRO A 103 6.37 1.04 5.02
N PHE A 104 5.40 1.93 4.87
CA PHE A 104 5.69 3.35 4.89
C PHE A 104 5.88 3.85 6.33
N LEU A 105 6.55 5.00 6.44
CA LEU A 105 6.81 5.58 7.74
C LEU A 105 6.61 7.09 7.66
N PRO A 106 5.40 7.54 8.08
CA PRO A 106 5.07 8.95 8.06
C PRO A 106 5.78 9.70 9.20
N LEU A 107 6.15 10.94 8.91
CA LEU A 107 6.83 11.76 9.89
C LEU A 107 5.95 11.90 11.14
N GLU A 108 4.67 11.59 10.95
CA GLU A 108 3.72 11.68 12.05
C GLU A 108 3.97 10.56 13.06
N SER A 109 4.51 9.46 12.56
CA SER A 109 4.81 8.31 13.41
C SER A 109 6.30 7.98 13.33
N SER A 110 6.67 6.90 14.01
CA SER A 110 8.05 6.46 14.03
C SER A 110 8.11 4.93 14.11
N PRO A 111 9.31 4.39 13.78
CA PRO A 111 9.52 2.96 13.81
C PRO A 111 9.66 2.45 15.26
N ALA A 112 10.18 3.33 16.10
CA ALA A 112 10.37 2.99 17.50
C ALA A 112 9.00 2.76 18.15
N GLN A 113 7.99 3.43 17.60
CA GLN A 113 6.64 3.31 18.12
C GLN A 113 6.08 1.92 17.82
N LEU A 114 6.81 1.19 17.00
CA LEU A 114 6.41 -0.16 16.62
C LEU A 114 7.19 -1.18 17.44
N SER A 115 6.73 -2.42 17.38
CA SER A 115 7.38 -3.49 18.12
C SER A 115 8.75 -3.78 17.50
N SER A 116 9.60 -4.41 18.30
CA SER A 116 10.95 -4.75 17.85
C SER A 116 10.87 -5.86 16.80
N ASP A 117 9.69 -6.46 16.69
CA ASP A 117 9.48 -7.53 15.74
C ASP A 117 9.18 -6.94 14.37
N THR A 118 8.48 -5.82 14.38
CA THR A 118 8.13 -5.14 13.14
C THR A 118 9.33 -5.10 12.20
N ALA A 119 10.51 -5.14 12.80
CA ALA A 119 11.75 -5.10 12.02
C ALA A 119 11.91 -6.43 11.27
N SER A 120 11.70 -7.51 12.00
CA SER A 120 11.83 -8.84 11.42
C SER A 120 10.60 -9.14 10.54
N LEU A 121 9.52 -8.44 10.84
CA LEU A 121 8.29 -8.61 10.09
C LEU A 121 8.47 -8.06 8.67
N LEU A 122 9.22 -6.99 8.59
CA LEU A 122 9.49 -6.36 7.30
C LEU A 122 10.95 -6.57 6.92
N SER A 123 11.56 -7.57 7.55
CA SER A 123 12.95 -7.90 7.29
C SER A 123 13.13 -8.25 5.81
N GLY A 124 13.69 -7.30 5.07
CA GLY A 124 13.92 -7.50 3.65
C GLY A 124 13.08 -6.52 2.82
N LEU A 125 12.00 -6.06 3.41
CA LEU A 125 11.11 -5.13 2.74
C LEU A 125 11.82 -3.78 2.59
N VAL A 126 11.08 -2.81 2.08
CA VAL A 126 11.62 -1.47 1.88
C VAL A 126 10.75 -0.46 2.63
N ARG A 127 11.30 0.04 3.72
CA ARG A 127 10.58 1.01 4.54
C ARG A 127 10.66 2.40 3.89
N LEU A 128 9.52 3.05 3.81
CA LEU A 128 9.44 4.38 3.22
C LEU A 128 9.38 5.42 4.33
N ASP A 129 9.98 6.57 4.06
CA ASP A 129 9.99 7.65 5.03
C ASP A 129 9.93 8.99 4.29
N GLU A 130 9.02 9.84 4.76
CA GLU A 130 8.84 11.14 4.15
C GLU A 130 10.00 12.07 4.52
N HIS A 131 10.89 11.54 5.36
CA HIS A 131 12.05 12.30 5.80
C HIS A 131 13.33 11.56 5.41
N SER A 132 13.35 11.09 4.17
CA SER A 132 14.50 10.37 3.66
C SER A 132 14.83 10.84 2.25
N GLN A 133 16.08 11.24 2.06
CA GLN A 133 16.53 11.72 0.77
C GLN A 133 16.71 10.54 -0.20
N ILE A 134 16.47 9.35 0.32
CA ILE A 134 16.61 8.15 -0.47
C ILE A 134 15.23 7.56 -0.74
N PHE A 135 14.32 7.82 0.19
CA PHE A 135 12.96 7.32 0.07
C PHE A 135 12.46 7.41 -1.38
N ALA A 136 12.88 8.47 -2.04
CA ALA A 136 12.49 8.68 -3.43
C ALA A 136 12.89 7.45 -4.26
N ARG A 137 14.13 7.02 -4.06
CA ARG A 137 14.64 5.86 -4.78
C ARG A 137 14.00 4.59 -4.24
N LYS A 138 13.53 4.66 -3.02
CA LYS A 138 12.89 3.52 -2.37
C LYS A 138 11.54 3.26 -3.04
N VAL A 139 10.80 4.35 -3.25
CA VAL A 139 9.49 4.25 -3.87
C VAL A 139 9.66 4.03 -5.38
N ALA A 140 10.59 4.78 -5.94
CA ALA A 140 10.86 4.68 -7.38
C ALA A 140 11.48 3.30 -7.67
N ASN A 141 11.83 2.61 -6.60
CA ASN A 141 12.43 1.29 -6.74
C ASN A 141 11.32 0.24 -6.88
N THR A 142 10.41 0.25 -5.91
CA THR A 142 9.30 -0.68 -5.92
C THR A 142 8.22 -0.22 -6.89
N PHE A 143 7.79 1.01 -6.72
CA PHE A 143 6.76 1.57 -7.58
C PHE A 143 7.38 2.20 -8.83
N LYS A 144 8.07 1.37 -9.58
CA LYS A 144 8.71 1.82 -10.81
C LYS A 144 7.64 2.13 -11.85
N PRO A 145 8.01 3.05 -12.78
CA PRO A 145 7.08 3.45 -13.84
C PRO A 145 6.97 2.35 -14.91
N HIS A 146 8.04 1.59 -15.04
CA HIS A 146 8.08 0.51 -16.01
C HIS A 146 7.16 -0.62 -15.55
N ARG A 147 6.73 -0.52 -14.30
CA ARG A 147 5.86 -1.53 -13.73
C ARG A 147 4.41 -1.03 -13.71
N LEU A 148 4.23 0.15 -13.14
CA LEU A 148 2.91 0.75 -13.06
C LEU A 148 2.17 0.54 -14.38
N GLN A 149 2.94 0.59 -15.47
CA GLN A 149 2.37 0.41 -16.79
C GLN A 149 2.28 -1.08 -17.13
N ALA A 150 3.30 -1.82 -16.72
CA ALA A 150 3.34 -3.24 -16.97
C ALA A 150 2.32 -3.94 -16.07
N ARG A 151 1.72 -3.17 -15.18
CA ARG A 151 0.73 -3.70 -14.26
C ARG A 151 -0.51 -4.13 -15.02
N LYS A 152 -0.85 -3.36 -16.04
CA LYS A 152 -2.02 -3.65 -16.86
C LYS A 152 -1.58 -4.40 -18.12
N ALA A 153 -0.29 -4.29 -18.42
CA ALA A 153 0.27 -4.95 -19.58
C ALA A 153 -0.35 -6.35 -19.72
N MET A 154 -0.62 -6.95 -18.57
CA MET A 154 -1.21 -8.28 -18.55
C MET A 154 -2.67 -8.24 -19.03
N TRP A 155 -3.42 -7.32 -18.45
CA TRP A 155 -4.82 -7.17 -18.80
C TRP A 155 -4.94 -7.24 -20.33
N ARG A 156 -4.05 -6.49 -20.98
CA ARG A 156 -4.05 -6.45 -22.44
C ARG A 156 -4.33 -7.85 -23.01
N LYS A 157 -3.67 -8.83 -22.43
CA LYS A 157 -3.85 -10.21 -22.87
C LYS A 157 -5.12 -10.79 -22.23
N GLU A 158 -5.26 -10.52 -20.94
CA GLU A 158 -6.42 -11.01 -20.21
C GLU A 158 -7.70 -10.60 -20.93
N GLN A 159 -7.59 -9.58 -21.77
CA GLN A 159 -8.73 -9.08 -22.51
C GLN A 159 -8.88 -9.86 -23.83
N ASP A 160 -7.74 -10.16 -24.43
CA ASP A 160 -7.73 -10.89 -25.69
C ASP A 160 -8.26 -12.31 -25.45
N MET A 1 -30.76 1.13 -6.01
CA MET A 1 -30.97 2.55 -6.22
C MET A 1 -29.74 3.36 -5.82
N GLU A 2 -28.62 3.03 -6.45
CA GLU A 2 -27.37 3.71 -6.17
C GLU A 2 -27.48 5.19 -6.54
N SER A 3 -26.57 5.97 -5.98
CA SER A 3 -26.56 7.41 -6.25
C SER A 3 -25.45 7.73 -7.27
N SER A 4 -25.41 6.92 -8.32
CA SER A 4 -24.42 7.12 -9.36
C SER A 4 -23.03 6.76 -8.84
N SER A 5 -22.93 5.56 -8.27
CA SER A 5 -21.68 5.09 -7.71
C SER A 5 -20.62 5.03 -8.82
N GLU A 6 -19.64 5.91 -8.70
CA GLU A 6 -18.56 5.98 -9.67
C GLU A 6 -17.44 5.01 -9.28
N GLN A 7 -16.33 5.12 -10.01
CA GLN A 7 -15.18 4.27 -9.74
C GLN A 7 -13.88 5.06 -9.95
N LYS A 8 -12.84 4.58 -9.29
CA LYS A 8 -11.54 5.22 -9.39
C LYS A 8 -10.44 4.17 -9.25
N PHE A 9 -9.39 4.34 -10.06
CA PHE A 9 -8.27 3.42 -10.03
C PHE A 9 -7.17 3.91 -9.08
N TYR A 10 -6.41 2.95 -8.57
CA TYR A 10 -5.33 3.27 -7.65
C TYR A 10 -4.05 2.54 -8.05
N ASN A 11 -2.96 2.91 -7.38
CA ASN A 11 -1.67 2.30 -7.64
C ASN A 11 -1.13 1.69 -6.36
N PHE A 12 -1.90 1.83 -5.29
CA PHE A 12 -1.51 1.30 -4.00
C PHE A 12 -2.58 1.57 -2.94
N VAL A 13 -2.44 0.90 -1.81
CA VAL A 13 -3.39 1.06 -0.72
C VAL A 13 -2.61 1.32 0.57
N ILE A 14 -2.57 2.58 0.96
CA ILE A 14 -1.88 2.98 2.17
C ILE A 14 -2.74 2.61 3.38
N LEU A 15 -2.44 1.47 3.97
CA LEU A 15 -3.17 0.99 5.12
C LEU A 15 -2.71 1.77 6.36
N HIS A 16 -3.66 2.51 6.93
CA HIS A 16 -3.36 3.31 8.12
C HIS A 16 -4.60 3.37 9.00
N ALA A 17 -4.43 3.98 10.16
CA ALA A 17 -5.52 4.12 11.12
C ALA A 17 -6.52 5.14 10.58
N ARG A 18 -7.37 5.61 11.48
CA ARG A 18 -8.38 6.59 11.12
C ARG A 18 -7.92 8.00 11.49
N ALA A 19 -6.86 8.05 12.29
CA ALA A 19 -6.32 9.33 12.72
C ALA A 19 -4.99 9.58 12.00
N ASP A 20 -4.79 8.82 10.93
CA ASP A 20 -3.57 8.95 10.15
C ASP A 20 -3.94 9.26 8.69
N GLU A 21 -5.06 9.94 8.53
CA GLU A 21 -5.53 10.32 7.20
C GLU A 21 -4.57 11.32 6.57
N HIS A 22 -4.68 12.57 7.01
CA HIS A 22 -3.83 13.63 6.50
C HIS A 22 -2.44 13.08 6.22
N ILE A 23 -1.96 12.27 7.15
CA ILE A 23 -0.63 11.67 7.03
C ILE A 23 -0.55 10.93 5.69
N ALA A 24 -1.44 9.97 5.52
CA ALA A 24 -1.47 9.17 4.31
C ALA A 24 -1.63 10.10 3.10
N LEU A 25 -2.61 10.99 3.20
CA LEU A 25 -2.88 11.94 2.13
C LEU A 25 -1.65 12.81 1.91
N ARG A 26 -0.75 12.77 2.88
CA ARG A 26 0.48 13.56 2.81
C ARG A 26 1.48 12.87 1.89
N VAL A 27 1.32 11.55 1.76
CA VAL A 27 2.21 10.77 0.92
C VAL A 27 1.65 10.71 -0.50
N ARG A 28 0.40 10.29 -0.59
CA ARG A 28 -0.27 10.19 -1.88
C ARG A 28 0.19 11.32 -2.80
N GLU A 29 0.32 12.51 -2.22
CA GLU A 29 0.75 13.68 -2.96
C GLU A 29 2.24 13.57 -3.30
N LYS A 30 3.03 13.35 -2.26
CA LYS A 30 4.47 13.24 -2.43
C LYS A 30 4.77 12.17 -3.49
N LEU A 31 3.82 11.26 -3.64
CA LEU A 31 3.97 10.19 -4.61
C LEU A 31 3.88 10.76 -6.02
N GLU A 32 3.06 11.78 -6.16
CA GLU A 32 2.88 12.43 -7.45
C GLU A 32 4.09 13.29 -7.79
N ALA A 33 4.98 13.41 -6.81
CA ALA A 33 6.19 14.20 -7.00
C ALA A 33 7.35 13.26 -7.39
N LEU A 34 7.04 11.98 -7.41
CA LEU A 34 8.03 10.98 -7.76
C LEU A 34 7.58 10.23 -9.01
N GLY A 35 6.29 9.91 -9.04
CA GLY A 35 5.72 9.19 -10.17
C GLY A 35 4.33 8.67 -9.84
N VAL A 36 4.29 7.73 -8.89
CA VAL A 36 3.03 7.14 -8.47
C VAL A 36 2.05 8.25 -8.11
N PRO A 37 0.76 8.01 -8.46
CA PRO A 37 -0.30 8.97 -8.18
C PRO A 37 -0.65 8.97 -6.70
N ASP A 38 -1.82 9.54 -6.40
CA ASP A 38 -2.29 9.62 -5.03
C ASP A 38 -2.70 8.21 -4.57
N GLY A 39 -2.89 7.33 -5.52
CA GLY A 39 -3.28 5.97 -5.23
C GLY A 39 -4.54 5.93 -4.37
N ALA A 40 -4.33 5.84 -3.06
CA ALA A 40 -5.43 5.80 -2.12
C ALA A 40 -4.93 5.24 -0.78
N THR A 41 -5.89 4.97 0.10
CA THR A 41 -5.56 4.44 1.41
C THR A 41 -6.71 3.58 1.94
N PHE A 42 -6.35 2.54 2.67
CA PHE A 42 -7.34 1.64 3.23
C PHE A 42 -7.27 1.64 4.76
N CYS A 43 -8.36 1.20 5.37
CA CYS A 43 -8.43 1.15 6.82
C CYS A 43 -8.63 -0.31 7.24
N GLU A 44 -8.23 -0.59 8.47
CA GLU A 44 -8.36 -1.94 9.01
C GLU A 44 -9.74 -2.14 9.62
N ASP A 45 -10.61 -2.80 8.86
CA ASP A 45 -11.97 -3.06 9.31
C ASP A 45 -12.47 -1.86 10.12
N PHE A 46 -12.82 -0.81 9.39
CA PHE A 46 -13.31 0.41 10.02
C PHE A 46 -14.79 0.63 9.69
N GLN A 47 -15.57 -0.43 9.88
CA GLN A 47 -16.99 -0.35 9.62
C GLN A 47 -17.23 0.06 8.17
N VAL A 48 -16.20 -0.09 7.36
CA VAL A 48 -16.29 0.27 5.95
C VAL A 48 -17.52 -0.39 5.34
N HIS A 49 -17.72 -0.14 4.05
CA HIS A 49 -18.85 -0.70 3.34
C HIS A 49 -18.40 -1.92 2.53
N GLY A 50 -17.49 -1.67 1.61
CA GLY A 50 -16.97 -2.74 0.77
C GLY A 50 -17.37 -2.52 -0.70
N ARG A 51 -18.33 -1.63 -0.89
CA ARG A 51 -18.81 -1.33 -2.22
C ARG A 51 -18.66 0.17 -2.52
N GLY A 52 -17.41 0.59 -2.59
CA GLY A 52 -17.12 1.99 -2.86
C GLY A 52 -15.66 2.17 -3.28
N GLU A 53 -14.78 1.54 -2.52
CA GLU A 53 -13.35 1.63 -2.79
C GLU A 53 -12.82 0.27 -3.24
N LEU A 54 -12.44 -0.54 -2.26
CA LEU A 54 -11.91 -1.85 -2.53
C LEU A 54 -13.01 -2.90 -2.29
N SER A 55 -12.96 -3.95 -3.10
CA SER A 55 -13.95 -5.02 -2.99
C SER A 55 -13.49 -6.04 -1.95
N CYS A 56 -12.26 -5.85 -1.49
CA CYS A 56 -11.69 -6.75 -0.50
C CYS A 56 -10.29 -6.26 -0.15
N LEU A 57 -9.83 -6.64 1.03
CA LEU A 57 -8.52 -6.26 1.49
C LEU A 57 -7.46 -6.79 0.51
N GLN A 58 -7.76 -7.95 -0.05
CA GLN A 58 -6.86 -8.58 -1.00
C GLN A 58 -7.06 -7.99 -2.39
N ASP A 59 -8.10 -7.19 -2.51
CA ASP A 59 -8.43 -6.56 -3.79
C ASP A 59 -7.33 -5.56 -4.15
N ALA A 60 -6.71 -5.02 -3.12
CA ALA A 60 -5.64 -4.05 -3.31
C ALA A 60 -4.39 -4.77 -3.83
N ILE A 61 -4.49 -6.08 -3.87
CA ILE A 61 -3.37 -6.90 -4.34
C ILE A 61 -3.67 -7.40 -5.75
N ASP A 62 -4.95 -7.42 -6.08
CA ASP A 62 -5.39 -7.86 -7.40
C ASP A 62 -5.76 -6.65 -8.25
N HIS A 63 -5.86 -5.51 -7.58
CA HIS A 63 -6.20 -4.27 -8.27
C HIS A 63 -5.04 -3.30 -8.17
N SER A 64 -4.67 -2.97 -6.94
CA SER A 64 -3.57 -2.05 -6.70
C SER A 64 -2.25 -2.71 -7.06
N ALA A 65 -1.22 -1.88 -7.23
CA ALA A 65 0.09 -2.37 -7.57
C ALA A 65 0.74 -3.00 -6.33
N PHE A 66 1.21 -2.14 -5.44
CA PHE A 66 1.84 -2.60 -4.22
C PHE A 66 1.14 -2.02 -2.99
N ILE A 67 0.94 -2.88 -2.00
CA ILE A 67 0.28 -2.47 -0.77
C ILE A 67 1.27 -1.69 0.09
N ILE A 68 0.78 -0.62 0.70
CA ILE A 68 1.61 0.20 1.56
C ILE A 68 1.14 0.06 3.00
N LEU A 69 2.00 -0.52 3.82
CA LEU A 69 1.68 -0.72 5.22
C LEU A 69 2.22 0.47 6.04
N LEU A 70 1.34 1.45 6.23
CA LEU A 70 1.70 2.63 6.98
C LEU A 70 2.03 2.24 8.43
N LEU A 71 3.25 1.74 8.61
CA LEU A 71 3.69 1.33 9.92
C LEU A 71 3.71 2.54 10.86
N THR A 72 2.55 2.82 11.42
CA THR A 72 2.41 3.95 12.33
C THR A 72 1.85 3.48 13.68
N SER A 73 2.24 4.21 14.71
CA SER A 73 1.78 3.89 16.07
C SER A 73 0.26 3.99 16.13
N ASN A 74 -0.31 4.64 15.14
CA ASN A 74 -1.75 4.82 15.07
C ASN A 74 -2.38 3.64 14.33
N PHE A 75 -1.53 2.93 13.60
CA PHE A 75 -1.98 1.78 12.84
C PHE A 75 -1.34 0.49 13.35
N ASP A 76 -1.86 -0.63 12.87
CA ASP A 76 -1.35 -1.92 13.27
C ASP A 76 -0.58 -2.54 12.11
N CYS A 77 0.64 -3.00 12.41
CA CYS A 77 1.48 -3.61 11.40
C CYS A 77 1.25 -5.12 11.44
N ARG A 78 1.39 -5.69 12.63
CA ARG A 78 1.20 -7.11 12.81
C ARG A 78 0.03 -7.60 11.95
N LEU A 79 -1.06 -6.85 12.01
CA LEU A 79 -2.24 -7.20 11.25
C LEU A 79 -2.00 -6.92 9.76
N SER A 80 -1.68 -5.65 9.49
CA SER A 80 -1.42 -5.24 8.11
C SER A 80 -0.64 -6.34 7.37
N LEU A 81 0.55 -6.61 7.86
CA LEU A 81 1.40 -7.62 7.26
C LEU A 81 0.61 -8.93 7.13
N HIS A 82 -0.18 -9.21 8.17
CA HIS A 82 -0.99 -10.41 8.18
C HIS A 82 -1.93 -10.42 6.98
N GLN A 83 -2.56 -9.28 6.74
CA GLN A 83 -3.48 -9.15 5.63
C GLN A 83 -2.75 -9.40 4.30
N VAL A 84 -1.89 -8.46 3.96
CA VAL A 84 -1.12 -8.57 2.72
C VAL A 84 -0.57 -10.00 2.60
N ASN A 85 -0.12 -10.52 3.73
CA ASN A 85 0.44 -11.86 3.76
C ASN A 85 -0.62 -12.86 3.28
N GLN A 86 -1.58 -13.11 4.17
CA GLN A 86 -2.65 -14.03 3.86
C GLN A 86 -3.08 -13.90 2.39
N ALA A 87 -3.27 -12.65 1.99
CA ALA A 87 -3.68 -12.35 0.63
C ALA A 87 -2.66 -12.96 -0.35
N MET A 88 -1.40 -12.64 -0.10
CA MET A 88 -0.32 -13.14 -0.94
C MET A 88 -0.36 -14.67 -1.02
N MET A 89 0.07 -15.29 0.07
CA MET A 89 0.09 -16.75 0.13
C MET A 89 -1.22 -17.35 -0.36
N SER A 90 -2.27 -16.52 -0.28
CA SER A 90 -3.58 -16.96 -0.72
C SER A 90 -3.68 -16.91 -2.24
N ASN A 91 -3.05 -15.89 -2.81
CA ASN A 91 -3.05 -15.72 -4.26
C ASN A 91 -1.65 -15.33 -4.72
N LEU A 92 -0.87 -16.34 -5.08
CA LEU A 92 0.49 -16.12 -5.54
C LEU A 92 0.55 -16.33 -7.06
N THR A 93 -0.37 -17.15 -7.54
CA THR A 93 -0.43 -17.45 -8.96
C THR A 93 -0.69 -16.18 -9.77
N ARG A 94 -1.06 -15.13 -9.05
CA ARG A 94 -1.35 -13.85 -9.68
C ARG A 94 -0.14 -12.91 -9.54
N GLN A 95 0.08 -12.48 -8.32
CA GLN A 95 1.19 -11.59 -8.03
C GLN A 95 2.44 -12.39 -7.66
N GLY A 96 2.26 -13.29 -6.71
CA GLY A 96 3.36 -14.13 -6.26
C GLY A 96 4.58 -13.28 -5.88
N SER A 97 4.30 -12.03 -5.56
CA SER A 97 5.36 -11.10 -5.17
C SER A 97 5.11 -10.57 -3.76
N PRO A 98 5.87 -11.14 -2.79
CA PRO A 98 5.74 -10.73 -1.40
C PRO A 98 6.40 -9.38 -1.16
N ASP A 99 6.95 -8.83 -2.23
CA ASP A 99 7.61 -7.54 -2.15
C ASP A 99 6.58 -6.43 -2.35
N CYS A 100 5.36 -6.84 -2.64
CA CYS A 100 4.28 -5.90 -2.85
C CYS A 100 4.06 -5.11 -1.56
N VAL A 101 4.55 -5.68 -0.47
CA VAL A 101 4.42 -5.05 0.83
C VAL A 101 5.41 -3.87 0.92
N ILE A 102 4.86 -2.70 1.21
CA ILE A 102 5.66 -1.50 1.31
C ILE A 102 5.37 -0.82 2.65
N PRO A 103 6.21 -1.16 3.66
CA PRO A 103 6.05 -0.59 5.00
C PRO A 103 6.55 0.86 5.04
N PHE A 104 5.59 1.77 4.95
CA PHE A 104 5.91 3.19 4.98
C PHE A 104 6.06 3.70 6.41
N LEU A 105 6.77 4.80 6.54
CA LEU A 105 6.99 5.41 7.86
C LEU A 105 6.90 6.93 7.74
N PRO A 106 5.76 7.48 8.23
CA PRO A 106 5.54 8.91 8.19
C PRO A 106 6.39 9.63 9.24
N LEU A 107 6.38 10.95 9.17
CA LEU A 107 7.14 11.76 10.11
C LEU A 107 6.41 11.78 11.46
N GLU A 108 5.09 11.72 11.38
CA GLU A 108 4.28 11.73 12.58
C GLU A 108 4.50 10.45 13.39
N SER A 109 4.64 9.36 12.66
CA SER A 109 4.85 8.06 13.29
C SER A 109 6.33 7.65 13.15
N SER A 110 6.70 6.64 13.92
CA SER A 110 8.07 6.14 13.90
C SER A 110 8.07 4.63 14.14
N PRO A 111 9.26 4.01 13.87
CA PRO A 111 9.40 2.58 14.05
C PRO A 111 9.52 2.22 15.53
N ALA A 112 10.16 3.12 16.27
CA ALA A 112 10.34 2.92 17.70
C ALA A 112 8.98 2.84 18.38
N GLN A 113 8.01 3.51 17.77
CA GLN A 113 6.66 3.52 18.31
C GLN A 113 5.98 2.17 18.09
N LEU A 114 6.60 1.37 17.23
CA LEU A 114 6.08 0.04 16.92
C LEU A 114 6.71 -0.99 17.85
N SER A 115 6.16 -2.19 17.81
CA SER A 115 6.66 -3.27 18.65
C SER A 115 8.11 -3.61 18.26
N SER A 116 8.64 -4.63 18.90
CA SER A 116 10.00 -5.06 18.63
C SER A 116 10.02 -6.01 17.43
N ASP A 117 8.93 -6.74 17.27
CA ASP A 117 8.81 -7.68 16.16
C ASP A 117 8.52 -6.92 14.87
N THR A 118 7.79 -5.82 15.02
CA THR A 118 7.44 -4.99 13.88
C THR A 118 8.67 -4.77 12.99
N ALA A 119 9.84 -4.86 13.61
CA ALA A 119 11.08 -4.67 12.89
C ALA A 119 11.37 -5.91 12.04
N SER A 120 11.18 -7.06 12.67
CA SER A 120 11.41 -8.33 11.99
C SER A 120 10.25 -8.65 11.06
N LEU A 121 9.14 -7.94 11.29
CA LEU A 121 7.94 -8.15 10.48
C LEU A 121 8.18 -7.58 9.08
N LEU A 122 9.04 -6.57 9.02
CA LEU A 122 9.35 -5.94 7.75
C LEU A 122 10.79 -6.30 7.35
N SER A 123 11.36 -7.25 8.08
CA SER A 123 12.72 -7.69 7.81
C SER A 123 12.79 -8.31 6.42
N GLY A 124 13.38 -7.56 5.50
CA GLY A 124 13.52 -8.03 4.13
C GLY A 124 12.73 -7.15 3.17
N LEU A 125 11.73 -6.47 3.72
CA LEU A 125 10.89 -5.60 2.92
C LEU A 125 11.63 -4.28 2.66
N VAL A 126 10.91 -3.35 2.04
CA VAL A 126 11.49 -2.06 1.72
C VAL A 126 10.82 -0.99 2.59
N ARG A 127 11.44 -0.72 3.73
CA ARG A 127 10.91 0.28 4.65
C ARG A 127 10.84 1.64 3.96
N LEU A 128 9.62 2.01 3.57
CA LEU A 128 9.40 3.28 2.91
C LEU A 128 9.31 4.39 3.95
N ASP A 129 9.79 5.56 3.58
CA ASP A 129 9.77 6.71 4.48
C ASP A 129 9.43 7.97 3.68
N GLU A 130 9.13 9.02 4.41
CA GLU A 130 8.78 10.30 3.78
C GLU A 130 9.88 11.32 4.03
N HIS A 131 10.53 11.17 5.17
CA HIS A 131 11.61 12.08 5.55
C HIS A 131 12.95 11.51 5.11
N SER A 132 12.88 10.61 4.12
CA SER A 132 14.08 9.98 3.60
C SER A 132 14.41 10.55 2.23
N GLN A 133 15.69 10.85 2.03
CA GLN A 133 16.15 11.40 0.77
C GLN A 133 16.37 10.29 -0.25
N ILE A 134 16.11 9.07 0.19
CA ILE A 134 16.27 7.91 -0.68
C ILE A 134 14.89 7.35 -1.02
N PHE A 135 13.94 7.62 -0.14
CA PHE A 135 12.57 7.15 -0.34
C PHE A 135 12.16 7.28 -1.80
N ALA A 136 12.66 8.35 -2.43
CA ALA A 136 12.34 8.61 -3.82
C ALA A 136 12.72 7.39 -4.67
N ARG A 137 13.93 6.90 -4.42
CA ARG A 137 14.43 5.74 -5.14
C ARG A 137 13.74 4.47 -4.64
N LYS A 138 13.16 4.57 -3.45
CA LYS A 138 12.48 3.44 -2.85
C LYS A 138 11.13 3.24 -3.55
N VAL A 139 10.43 4.36 -3.75
CA VAL A 139 9.14 4.33 -4.40
C VAL A 139 9.33 4.08 -5.90
N ALA A 140 10.34 4.74 -6.45
CA ALA A 140 10.64 4.60 -7.86
C ALA A 140 11.27 3.22 -8.12
N ASN A 141 11.50 2.50 -7.03
CA ASN A 141 12.08 1.18 -7.12
C ASN A 141 10.98 0.13 -7.14
N THR A 142 9.97 0.35 -6.30
CA THR A 142 8.85 -0.56 -6.21
C THR A 142 7.70 -0.09 -7.11
N PHE A 143 7.32 1.16 -6.92
CA PHE A 143 6.24 1.75 -7.70
C PHE A 143 6.78 2.38 -8.98
N LYS A 144 7.50 1.57 -9.74
CA LYS A 144 8.07 2.03 -11.00
C LYS A 144 6.95 2.38 -11.98
N PRO A 145 7.27 3.31 -12.91
CA PRO A 145 6.30 3.74 -13.90
C PRO A 145 6.10 2.67 -14.98
N HIS A 146 7.13 1.87 -15.16
CA HIS A 146 7.08 0.80 -16.15
C HIS A 146 6.42 -0.44 -15.54
N ARG A 147 6.27 -0.41 -14.22
CA ARG A 147 5.65 -1.51 -13.51
C ARG A 147 4.16 -1.25 -13.32
N LEU A 148 3.79 0.02 -13.45
CA LEU A 148 2.39 0.41 -13.30
C LEU A 148 1.65 0.17 -14.61
N GLN A 149 2.21 0.72 -15.67
CA GLN A 149 1.61 0.58 -16.99
C GLN A 149 1.71 -0.88 -17.46
N ALA A 150 2.84 -1.50 -17.14
CA ALA A 150 3.07 -2.88 -17.53
C ALA A 150 2.21 -3.79 -16.64
N ARG A 151 1.70 -3.21 -15.57
CA ARG A 151 0.87 -3.96 -14.64
C ARG A 151 -0.34 -4.54 -15.37
N LYS A 152 -0.76 -3.85 -16.41
CA LYS A 152 -1.90 -4.29 -17.20
C LYS A 152 -1.41 -5.17 -18.36
N ALA A 153 -0.12 -5.07 -18.62
CA ALA A 153 0.48 -5.86 -19.69
C ALA A 153 0.09 -7.32 -19.53
N MET A 154 -0.02 -7.74 -18.28
CA MET A 154 -0.40 -9.11 -17.98
C MET A 154 -1.79 -9.43 -18.52
N TRP A 155 -2.65 -8.41 -18.51
CA TRP A 155 -4.00 -8.57 -18.99
C TRP A 155 -4.01 -8.31 -20.51
N ARG A 156 -3.01 -7.57 -20.94
CA ARG A 156 -2.88 -7.24 -22.36
C ARG A 156 -2.57 -8.50 -23.17
N LYS A 157 -1.94 -9.45 -22.51
CA LYS A 157 -1.58 -10.71 -23.15
C LYS A 157 -2.83 -11.31 -23.80
N GLU A 158 -3.98 -10.89 -23.30
CA GLU A 158 -5.25 -11.37 -23.83
C GLU A 158 -5.38 -11.02 -25.31
N GLN A 159 -4.91 -9.82 -25.65
CA GLN A 159 -4.96 -9.35 -27.03
C GLN A 159 -3.78 -9.91 -27.82
N ASP A 160 -2.63 -9.95 -27.17
CA ASP A 160 -1.43 -10.46 -27.80
C ASP A 160 -1.66 -11.89 -28.27
N MET A 1 -16.70 23.56 -14.56
CA MET A 1 -16.21 22.48 -15.40
C MET A 1 -14.85 21.98 -14.92
N GLU A 2 -14.64 20.68 -15.08
CA GLU A 2 -13.39 20.07 -14.69
C GLU A 2 -12.62 19.57 -15.92
N SER A 3 -11.49 20.21 -16.16
CA SER A 3 -10.66 19.85 -17.29
C SER A 3 -9.41 19.10 -16.81
N SER A 4 -9.49 18.62 -15.58
CA SER A 4 -8.39 17.89 -14.99
C SER A 4 -8.89 16.58 -14.38
N SER A 5 -10.07 16.17 -14.82
CA SER A 5 -10.67 14.95 -14.33
C SER A 5 -10.15 13.75 -15.13
N GLU A 6 -9.15 13.09 -14.56
CA GLU A 6 -8.56 11.93 -15.22
C GLU A 6 -9.27 10.65 -14.78
N GLN A 7 -8.79 9.54 -15.30
CA GLN A 7 -9.37 8.25 -14.97
C GLN A 7 -9.18 7.95 -13.48
N LYS A 8 -9.58 6.74 -13.10
CA LYS A 8 -9.46 6.32 -11.72
C LYS A 8 -8.74 4.96 -11.66
N PHE A 9 -7.63 4.95 -10.93
CA PHE A 9 -6.84 3.74 -10.78
C PHE A 9 -5.95 3.81 -9.54
N TYR A 10 -5.85 2.68 -8.87
CA TYR A 10 -5.04 2.60 -7.66
C TYR A 10 -3.66 1.98 -7.97
N ASN A 11 -2.63 2.63 -7.46
CA ASN A 11 -1.27 2.16 -7.66
C ASN A 11 -0.74 1.57 -6.36
N PHE A 12 -1.54 1.70 -5.32
CA PHE A 12 -1.16 1.19 -4.01
C PHE A 12 -2.26 1.42 -2.99
N VAL A 13 -2.24 0.60 -1.94
CA VAL A 13 -3.24 0.72 -0.89
C VAL A 13 -2.54 1.04 0.44
N ILE A 14 -2.80 2.25 0.92
CA ILE A 14 -2.21 2.69 2.18
C ILE A 14 -3.11 2.28 3.34
N LEU A 15 -2.71 1.21 4.00
CA LEU A 15 -3.47 0.71 5.13
C LEU A 15 -3.00 1.40 6.41
N HIS A 16 -3.74 2.43 6.81
CA HIS A 16 -3.41 3.18 8.00
C HIS A 16 -4.65 3.28 8.90
N ALA A 17 -4.41 3.67 10.14
CA ALA A 17 -5.48 3.81 11.11
C ALA A 17 -6.49 4.84 10.60
N ARG A 18 -7.36 5.26 11.49
CA ARG A 18 -8.38 6.24 11.15
C ARG A 18 -7.97 7.63 11.64
N ALA A 19 -6.90 7.66 12.43
CA ALA A 19 -6.40 8.90 12.96
C ALA A 19 -5.08 9.26 12.26
N ASP A 20 -4.86 8.61 11.12
CA ASP A 20 -3.66 8.86 10.35
C ASP A 20 -4.05 9.17 8.90
N GLU A 21 -5.16 9.88 8.76
CA GLU A 21 -5.64 10.26 7.44
C GLU A 21 -4.71 11.29 6.80
N HIS A 22 -4.84 12.51 7.28
CA HIS A 22 -4.02 13.61 6.77
C HIS A 22 -2.60 13.09 6.49
N ILE A 23 -2.16 12.19 7.36
CA ILE A 23 -0.83 11.62 7.23
C ILE A 23 -0.70 10.95 5.85
N ALA A 24 -1.62 10.04 5.59
CA ALA A 24 -1.62 9.32 4.31
C ALA A 24 -1.89 10.31 3.17
N LEU A 25 -2.92 11.12 3.38
CA LEU A 25 -3.29 12.11 2.38
C LEU A 25 -2.07 12.96 2.03
N ARG A 26 -1.11 12.98 2.94
CA ARG A 26 0.10 13.74 2.74
C ARG A 26 1.10 12.94 1.89
N VAL A 27 1.00 11.62 2.01
CA VAL A 27 1.89 10.73 1.26
C VAL A 27 1.38 10.62 -0.17
N ARG A 28 0.11 10.29 -0.31
CA ARG A 28 -0.50 10.15 -1.62
C ARG A 28 0.04 11.22 -2.57
N GLU A 29 0.00 12.46 -2.10
CA GLU A 29 0.49 13.57 -2.90
C GLU A 29 2.00 13.47 -3.09
N LYS A 30 2.70 13.34 -1.98
CA LYS A 30 4.14 13.23 -2.01
C LYS A 30 4.55 12.19 -3.05
N LEU A 31 3.67 11.21 -3.25
CA LEU A 31 3.93 10.16 -4.21
C LEU A 31 3.81 10.73 -5.64
N GLU A 32 2.85 11.63 -5.80
CA GLU A 32 2.63 12.25 -7.09
C GLU A 32 3.75 13.24 -7.40
N ALA A 33 4.59 13.47 -6.40
CA ALA A 33 5.71 14.38 -6.56
C ALA A 33 6.93 13.61 -7.08
N LEU A 34 6.78 12.30 -7.13
CA LEU A 34 7.85 11.43 -7.59
C LEU A 34 7.39 10.68 -8.84
N GLY A 35 6.18 10.16 -8.76
CA GLY A 35 5.61 9.42 -9.87
C GLY A 35 4.23 8.85 -9.52
N VAL A 36 4.24 7.84 -8.67
CA VAL A 36 3.01 7.21 -8.24
C VAL A 36 1.98 8.29 -7.88
N PRO A 37 0.71 8.02 -8.24
CA PRO A 37 -0.37 8.95 -7.97
C PRO A 37 -0.75 8.93 -6.49
N ASP A 38 -1.93 9.48 -6.21
CA ASP A 38 -2.41 9.52 -4.83
C ASP A 38 -2.68 8.10 -4.34
N GLY A 39 -2.81 7.19 -5.30
CA GLY A 39 -3.06 5.80 -4.98
C GLY A 39 -4.38 5.64 -4.21
N ALA A 40 -4.26 5.59 -2.89
CA ALA A 40 -5.42 5.46 -2.04
C ALA A 40 -4.98 5.02 -0.64
N THR A 41 -5.97 4.77 0.21
CA THR A 41 -5.68 4.33 1.57
C THR A 41 -6.83 3.49 2.11
N PHE A 42 -6.48 2.38 2.73
CA PHE A 42 -7.46 1.48 3.29
C PHE A 42 -7.44 1.51 4.82
N CYS A 43 -8.53 1.06 5.41
CA CYS A 43 -8.64 1.03 6.86
C CYS A 43 -8.74 -0.42 7.31
N GLU A 44 -8.15 -0.71 8.46
CA GLU A 44 -8.16 -2.04 9.00
C GLU A 44 -9.53 -2.69 8.79
N ASP A 45 -10.41 -2.49 9.76
CA ASP A 45 -11.75 -3.05 9.68
C ASP A 45 -12.70 -2.16 10.48
N PHE A 46 -13.99 -2.47 10.37
CA PHE A 46 -15.01 -1.71 11.07
C PHE A 46 -14.73 -0.21 10.98
N GLN A 47 -14.11 0.19 9.88
CA GLN A 47 -13.78 1.58 9.67
C GLN A 47 -14.33 2.05 8.32
N VAL A 48 -15.01 1.15 7.65
CA VAL A 48 -15.58 1.45 6.35
C VAL A 48 -17.11 1.44 6.46
N HIS A 49 -17.76 1.63 5.32
CA HIS A 49 -19.22 1.65 5.28
C HIS A 49 -19.72 0.30 4.78
N GLY A 50 -18.97 -0.27 3.84
CA GLY A 50 -19.34 -1.56 3.27
C GLY A 50 -18.37 -1.96 2.15
N ARG A 51 -18.89 -1.96 0.94
CA ARG A 51 -18.09 -2.31 -0.22
C ARG A 51 -18.07 -1.16 -1.23
N GLY A 52 -18.49 0.00 -0.76
CA GLY A 52 -18.53 1.18 -1.61
C GLY A 52 -17.14 1.49 -2.18
N GLU A 53 -16.13 1.05 -1.45
CA GLU A 53 -14.75 1.27 -1.87
C GLU A 53 -14.08 -0.07 -2.19
N LEU A 54 -13.58 -0.71 -1.15
CA LEU A 54 -12.92 -1.99 -1.30
C LEU A 54 -13.54 -3.01 -0.34
N SER A 55 -13.80 -4.19 -0.87
CA SER A 55 -14.40 -5.26 -0.07
C SER A 55 -13.34 -5.87 0.85
N CYS A 56 -12.12 -5.95 0.32
CA CYS A 56 -11.02 -6.52 1.08
C CYS A 56 -9.71 -6.02 0.47
N LEU A 57 -8.69 -5.96 1.31
CA LEU A 57 -7.38 -5.50 0.86
C LEU A 57 -6.94 -6.33 -0.34
N GLN A 58 -7.33 -7.60 -0.32
CA GLN A 58 -6.98 -8.50 -1.40
C GLN A 58 -7.25 -7.85 -2.75
N ASP A 59 -8.21 -6.94 -2.75
CA ASP A 59 -8.57 -6.22 -3.97
C ASP A 59 -7.44 -5.26 -4.34
N ALA A 60 -6.90 -4.60 -3.33
CA ALA A 60 -5.83 -3.65 -3.54
C ALA A 60 -4.54 -4.41 -3.83
N ILE A 61 -4.63 -5.73 -3.76
CA ILE A 61 -3.49 -6.58 -4.02
C ILE A 61 -3.41 -6.90 -5.51
N ASP A 62 -4.58 -7.13 -6.10
CA ASP A 62 -4.67 -7.43 -7.52
C ASP A 62 -5.17 -6.21 -8.27
N HIS A 63 -5.60 -5.22 -7.51
CA HIS A 63 -6.11 -3.99 -8.10
C HIS A 63 -5.19 -2.83 -7.72
N SER A 64 -3.92 -3.15 -7.52
CA SER A 64 -2.93 -2.15 -7.16
C SER A 64 -1.52 -2.68 -7.44
N ALA A 65 -0.59 -1.74 -7.54
CA ALA A 65 0.79 -2.09 -7.81
C ALA A 65 1.36 -2.85 -6.60
N PHE A 66 1.60 -2.09 -5.54
CA PHE A 66 2.13 -2.66 -4.32
C PHE A 66 1.37 -2.16 -3.09
N ILE A 67 1.08 -3.10 -2.20
CA ILE A 67 0.35 -2.77 -0.98
C ILE A 67 1.24 -1.93 -0.07
N ILE A 68 0.70 -0.80 0.36
CA ILE A 68 1.43 0.10 1.24
C ILE A 68 0.86 0.01 2.66
N LEU A 69 1.74 -0.33 3.60
CA LEU A 69 1.33 -0.45 4.98
C LEU A 69 1.93 0.70 5.79
N LEU A 70 1.07 1.66 6.11
CA LEU A 70 1.50 2.82 6.88
C LEU A 70 1.85 2.39 8.30
N LEU A 71 3.04 1.83 8.45
CA LEU A 71 3.50 1.38 9.74
C LEU A 71 3.65 2.58 10.68
N THR A 72 2.57 2.87 11.39
CA THR A 72 2.56 3.99 12.32
C THR A 72 2.11 3.52 13.71
N SER A 73 2.52 4.28 14.72
CA SER A 73 2.17 3.96 16.08
C SER A 73 0.65 4.06 16.27
N ASN A 74 -0.01 4.64 15.28
CA ASN A 74 -1.45 4.80 15.31
C ASN A 74 -2.10 3.66 14.53
N PHE A 75 -1.28 2.98 13.74
CA PHE A 75 -1.77 1.87 12.94
C PHE A 75 -1.13 0.55 13.39
N ASP A 76 -1.64 -0.53 12.80
CA ASP A 76 -1.14 -1.86 13.13
C ASP A 76 -0.46 -2.46 11.90
N CYS A 77 0.73 -2.99 12.11
CA CYS A 77 1.49 -3.60 11.03
C CYS A 77 1.18 -5.10 11.02
N ARG A 78 1.16 -5.67 12.22
CA ARG A 78 0.89 -7.09 12.36
C ARG A 78 -0.36 -7.48 11.58
N LEU A 79 -1.32 -6.56 11.57
CA LEU A 79 -2.57 -6.78 10.87
C LEU A 79 -2.34 -6.61 9.37
N SER A 80 -2.21 -5.36 8.96
CA SER A 80 -1.99 -5.05 7.56
C SER A 80 -1.07 -6.09 6.93
N LEU A 81 -0.19 -6.63 7.74
CA LEU A 81 0.74 -7.64 7.28
C LEU A 81 0.03 -8.99 7.18
N HIS A 82 -0.59 -9.38 8.28
CA HIS A 82 -1.31 -10.64 8.32
C HIS A 82 -2.29 -10.71 7.15
N GLN A 83 -3.07 -9.64 7.01
CA GLN A 83 -4.04 -9.56 5.93
C GLN A 83 -3.36 -9.73 4.58
N VAL A 84 -2.66 -8.68 4.17
CA VAL A 84 -1.95 -8.69 2.90
C VAL A 84 -1.31 -10.06 2.69
N ASN A 85 -0.83 -10.63 3.79
CA ASN A 85 -0.19 -11.93 3.75
C ASN A 85 -1.21 -12.98 3.30
N GLN A 86 -2.10 -13.32 4.22
CA GLN A 86 -3.13 -14.32 3.93
C GLN A 86 -3.67 -14.12 2.51
N ALA A 87 -3.80 -12.87 2.12
CA ALA A 87 -4.30 -12.54 0.80
C ALA A 87 -3.29 -13.02 -0.26
N MET A 88 -2.04 -12.64 -0.04
CA MET A 88 -0.98 -13.02 -0.95
C MET A 88 -0.87 -14.54 -1.06
N MET A 89 -0.74 -15.18 0.10
CA MET A 89 -0.62 -16.63 0.15
C MET A 89 -1.96 -17.29 -0.18
N SER A 90 -2.98 -16.46 -0.38
CA SER A 90 -4.30 -16.95 -0.70
C SER A 90 -4.46 -17.08 -2.22
N ASN A 91 -3.83 -16.15 -2.92
CA ASN A 91 -3.89 -16.15 -4.37
C ASN A 91 -2.46 -16.18 -4.95
N LEU A 92 -1.79 -17.28 -4.69
CA LEU A 92 -0.42 -17.45 -5.17
C LEU A 92 -0.44 -17.66 -6.69
N THR A 93 -1.50 -18.29 -7.15
CA THR A 93 -1.66 -18.56 -8.57
C THR A 93 -2.02 -17.29 -9.32
N ARG A 94 -2.19 -16.22 -8.56
CA ARG A 94 -2.53 -14.93 -9.13
C ARG A 94 -1.28 -14.09 -9.36
N GLN A 95 -0.70 -13.63 -8.26
CA GLN A 95 0.50 -12.82 -8.31
C GLN A 95 1.64 -13.50 -7.56
N GLY A 96 1.28 -14.18 -6.48
CA GLY A 96 2.25 -14.88 -5.67
C GLY A 96 3.53 -14.03 -5.49
N SER A 97 3.32 -12.73 -5.43
CA SER A 97 4.43 -11.81 -5.25
C SER A 97 4.39 -11.18 -3.86
N PRO A 98 5.22 -11.75 -2.96
CA PRO A 98 5.29 -11.25 -1.59
C PRO A 98 6.05 -9.92 -1.51
N ASP A 99 6.48 -9.47 -2.68
CA ASP A 99 7.22 -8.22 -2.77
C ASP A 99 6.25 -7.08 -3.10
N CYS A 100 4.97 -7.39 -2.97
CA CYS A 100 3.94 -6.41 -3.25
C CYS A 100 3.57 -5.69 -1.94
N VAL A 101 4.59 -5.47 -1.12
CA VAL A 101 4.39 -4.82 0.16
C VAL A 101 5.39 -3.67 0.30
N ILE A 102 4.92 -2.58 0.89
CA ILE A 102 5.76 -1.41 1.09
C ILE A 102 5.41 -0.77 2.43
N PRO A 103 6.23 -1.12 3.46
CA PRO A 103 6.03 -0.58 4.79
C PRO A 103 6.48 0.88 4.88
N PHE A 104 5.52 1.78 4.73
CA PHE A 104 5.80 3.20 4.79
C PHE A 104 5.98 3.67 6.23
N LEU A 105 6.53 4.87 6.36
CA LEU A 105 6.76 5.44 7.68
C LEU A 105 6.66 6.96 7.60
N PRO A 106 5.50 7.50 8.07
CA PRO A 106 5.27 8.93 8.05
C PRO A 106 6.07 9.63 9.14
N LEU A 107 6.09 10.95 9.08
CA LEU A 107 6.82 11.75 10.05
C LEU A 107 6.03 11.79 11.36
N GLU A 108 4.72 11.60 11.23
CA GLU A 108 3.84 11.61 12.39
C GLU A 108 4.19 10.45 13.32
N SER A 109 4.57 9.34 12.73
CA SER A 109 4.93 8.16 13.50
C SER A 109 6.36 7.74 13.16
N SER A 110 6.83 6.73 13.89
CA SER A 110 8.17 6.22 13.68
C SER A 110 8.20 4.70 13.87
N PRO A 111 9.33 4.09 13.41
CA PRO A 111 9.49 2.65 13.52
C PRO A 111 9.79 2.23 14.96
N ALA A 112 10.53 3.10 15.65
CA ALA A 112 10.91 2.84 17.02
C ALA A 112 9.64 2.74 17.87
N GLN A 113 8.60 3.43 17.43
CA GLN A 113 7.33 3.41 18.13
C GLN A 113 6.64 2.06 17.97
N LEU A 114 7.21 1.24 17.09
CA LEU A 114 6.66 -0.08 16.84
C LEU A 114 7.38 -1.10 17.72
N SER A 115 6.75 -2.25 17.87
CA SER A 115 7.31 -3.32 18.68
C SER A 115 8.64 -3.79 18.09
N SER A 116 9.41 -4.49 18.91
CA SER A 116 10.70 -4.99 18.47
C SER A 116 10.51 -6.08 17.42
N ASP A 117 9.26 -6.48 17.25
CA ASP A 117 8.92 -7.51 16.28
C ASP A 117 8.76 -6.87 14.90
N THR A 118 8.26 -5.64 14.90
CA THR A 118 8.06 -4.91 13.66
C THR A 118 9.29 -5.05 12.76
N ALA A 119 10.45 -5.17 13.39
CA ALA A 119 11.70 -5.31 12.66
C ALA A 119 11.69 -6.63 11.89
N SER A 120 11.21 -7.67 12.55
CA SER A 120 11.13 -8.98 11.94
C SER A 120 9.89 -9.08 11.05
N LEU A 121 8.99 -8.12 11.24
CA LEU A 121 7.76 -8.09 10.45
C LEU A 121 8.07 -7.54 9.06
N LEU A 122 8.98 -6.58 9.03
CA LEU A 122 9.37 -5.95 7.78
C LEU A 122 10.80 -6.35 7.44
N SER A 123 11.27 -7.40 8.11
CA SER A 123 12.63 -7.87 7.90
C SER A 123 12.79 -8.39 6.47
N GLY A 124 13.48 -7.60 5.67
CA GLY A 124 13.70 -7.95 4.27
C GLY A 124 12.95 -7.01 3.34
N LEU A 125 11.96 -6.34 3.89
CA LEU A 125 11.15 -5.41 3.12
C LEU A 125 11.97 -4.15 2.83
N VAL A 126 11.31 -3.18 2.21
CA VAL A 126 11.96 -1.93 1.87
C VAL A 126 11.31 -0.79 2.64
N ARG A 127 11.90 -0.47 3.78
CA ARG A 127 11.38 0.59 4.62
C ARG A 127 11.24 1.88 3.82
N LEU A 128 10.01 2.39 3.79
CA LEU A 128 9.73 3.62 3.06
C LEU A 128 9.43 4.74 4.05
N ASP A 129 10.14 5.85 3.87
CA ASP A 129 9.97 7.00 4.74
C ASP A 129 9.50 8.19 3.91
N GLU A 130 9.06 9.22 4.61
CA GLU A 130 8.57 10.43 3.96
C GLU A 130 9.43 11.63 4.35
N HIS A 131 10.50 11.34 5.09
CA HIS A 131 11.40 12.38 5.53
C HIS A 131 12.81 12.09 5.02
N SER A 132 12.92 11.01 4.26
CA SER A 132 14.20 10.61 3.71
C SER A 132 14.37 11.21 2.31
N GLN A 133 15.56 11.72 2.05
CA GLN A 133 15.86 12.32 0.76
C GLN A 133 16.14 11.23 -0.28
N ILE A 134 16.00 9.99 0.16
CA ILE A 134 16.23 8.85 -0.72
C ILE A 134 14.89 8.18 -1.03
N PHE A 135 13.97 8.32 -0.09
CA PHE A 135 12.64 7.72 -0.25
C PHE A 135 12.16 7.87 -1.69
N ALA A 136 12.51 9.00 -2.29
CA ALA A 136 12.11 9.26 -3.66
C ALA A 136 12.59 8.12 -4.57
N ARG A 137 13.85 7.76 -4.39
CA ARG A 137 14.44 6.69 -5.18
C ARG A 137 13.91 5.33 -4.71
N LYS A 138 13.39 5.32 -3.49
CA LYS A 138 12.84 4.10 -2.92
C LYS A 138 11.49 3.80 -3.59
N VAL A 139 10.68 4.83 -3.70
CA VAL A 139 9.37 4.69 -4.32
C VAL A 139 9.52 4.57 -5.83
N ALA A 140 10.44 5.36 -6.36
CA ALA A 140 10.70 5.35 -7.79
C ALA A 140 11.44 4.07 -8.17
N ASN A 141 11.78 3.30 -7.14
CA ASN A 141 12.48 2.05 -7.35
C ASN A 141 11.48 0.90 -7.40
N THR A 142 10.48 0.99 -6.52
CA THR A 142 9.45 -0.03 -6.46
C THR A 142 8.25 0.36 -7.31
N PHE A 143 7.73 1.55 -7.03
CA PHE A 143 6.59 2.06 -7.77
C PHE A 143 7.03 2.76 -9.05
N LYS A 144 7.78 2.03 -9.86
CA LYS A 144 8.28 2.56 -11.12
C LYS A 144 7.10 2.77 -12.07
N PRO A 145 7.29 3.72 -13.02
CA PRO A 145 6.25 4.02 -14.00
C PRO A 145 6.17 2.93 -15.06
N HIS A 146 7.33 2.40 -15.41
CA HIS A 146 7.39 1.35 -16.41
C HIS A 146 6.81 0.05 -15.84
N ARG A 147 6.58 0.07 -14.54
CA ARG A 147 6.03 -1.09 -13.86
C ARG A 147 4.51 -0.94 -13.74
N LEU A 148 4.08 0.26 -13.37
CA LEU A 148 2.67 0.54 -13.20
C LEU A 148 1.93 0.15 -14.49
N GLN A 149 2.66 0.18 -15.59
CA GLN A 149 2.09 -0.16 -16.87
C GLN A 149 2.46 -1.60 -17.25
N ALA A 150 3.73 -1.91 -17.10
CA ALA A 150 4.23 -3.25 -17.41
C ALA A 150 3.55 -4.27 -16.49
N ARG A 151 2.92 -3.75 -15.45
CA ARG A 151 2.24 -4.60 -14.49
C ARG A 151 1.23 -5.49 -15.20
N LYS A 152 0.68 -4.96 -16.28
CA LYS A 152 -0.31 -5.70 -17.05
C LYS A 152 0.39 -6.37 -18.26
N ALA A 153 1.58 -5.87 -18.55
CA ALA A 153 2.35 -6.40 -19.66
C ALA A 153 2.66 -7.88 -19.40
N MET A 154 2.53 -8.27 -18.14
CA MET A 154 2.80 -9.65 -17.76
C MET A 154 1.49 -10.43 -17.63
N TRP A 155 0.46 -9.74 -17.18
CA TRP A 155 -0.84 -10.36 -17.01
C TRP A 155 -1.22 -11.05 -18.31
N ARG A 156 -0.64 -10.55 -19.39
CA ARG A 156 -0.90 -11.11 -20.71
C ARG A 156 -0.43 -12.56 -20.77
N LYS A 157 0.72 -12.81 -20.15
CA LYS A 157 1.28 -14.14 -20.13
C LYS A 157 0.23 -15.13 -19.62
N GLU A 158 -0.44 -14.74 -18.56
CA GLU A 158 -1.47 -15.57 -17.96
C GLU A 158 -2.39 -16.14 -19.05
N GLN A 159 -2.47 -15.41 -20.14
CA GLN A 159 -3.30 -15.81 -21.27
C GLN A 159 -2.56 -16.84 -22.13
N ASP A 160 -1.26 -16.59 -22.29
CA ASP A 160 -0.43 -17.48 -23.09
C ASP A 160 -0.36 -18.85 -22.42
N MET A 1 -14.35 -14.21 0.21
CA MET A 1 -15.75 -14.59 0.20
C MET A 1 -16.65 -13.36 0.09
N GLU A 2 -16.44 -12.60 -0.96
CA GLU A 2 -17.23 -11.40 -1.19
C GLU A 2 -18.58 -11.75 -1.82
N SER A 3 -19.32 -10.72 -2.17
CA SER A 3 -20.63 -10.91 -2.77
C SER A 3 -20.64 -10.33 -4.19
N SER A 4 -19.64 -10.71 -4.96
CA SER A 4 -19.52 -10.24 -6.33
C SER A 4 -19.23 -8.73 -6.33
N SER A 5 -18.31 -8.34 -5.46
CA SER A 5 -17.93 -6.94 -5.35
C SER A 5 -17.38 -6.45 -6.69
N GLU A 6 -17.26 -5.13 -6.79
CA GLU A 6 -16.74 -4.52 -8.02
C GLU A 6 -15.22 -4.39 -7.92
N GLN A 7 -14.64 -3.90 -9.02
CA GLN A 7 -13.20 -3.73 -9.09
C GLN A 7 -12.85 -2.24 -9.18
N LYS A 8 -11.71 -1.90 -8.60
CA LYS A 8 -11.26 -0.51 -8.61
C LYS A 8 -9.82 -0.46 -9.14
N PHE A 9 -9.47 0.69 -9.67
CA PHE A 9 -8.13 0.90 -10.22
C PHE A 9 -7.23 1.60 -9.20
N TYR A 10 -6.30 0.83 -8.65
CA TYR A 10 -5.36 1.35 -7.68
C TYR A 10 -3.95 0.82 -7.92
N ASN A 11 -2.98 1.51 -7.35
CA ASN A 11 -1.59 1.13 -7.49
C ASN A 11 -1.05 0.65 -6.12
N PHE A 12 -1.59 1.25 -5.08
CA PHE A 12 -1.18 0.91 -3.73
C PHE A 12 -2.24 1.35 -2.71
N VAL A 13 -2.40 0.51 -1.69
CA VAL A 13 -3.37 0.79 -0.64
C VAL A 13 -2.63 1.13 0.66
N ILE A 14 -2.57 2.42 0.96
CA ILE A 14 -1.90 2.88 2.16
C ILE A 14 -2.72 2.47 3.38
N LEU A 15 -2.32 1.35 3.97
CA LEU A 15 -3.01 0.85 5.15
C LEU A 15 -2.56 1.65 6.38
N HIS A 16 -3.48 2.45 6.88
CA HIS A 16 -3.20 3.28 8.05
C HIS A 16 -4.38 3.21 9.02
N ALA A 17 -4.29 4.03 10.06
CA ALA A 17 -5.35 4.08 11.06
C ALA A 17 -6.49 4.96 10.55
N ARG A 18 -7.29 5.45 11.49
CA ARG A 18 -8.41 6.30 11.15
C ARG A 18 -8.05 7.77 11.37
N ALA A 19 -7.01 7.98 12.17
CA ALA A 19 -6.55 9.33 12.45
C ALA A 19 -5.25 9.60 11.68
N ASP A 20 -5.00 8.74 10.70
CA ASP A 20 -3.81 8.88 9.88
C ASP A 20 -4.20 9.07 8.42
N GLU A 21 -5.37 9.68 8.23
CA GLU A 21 -5.87 9.94 6.90
C GLU A 21 -5.06 11.06 6.23
N HIS A 22 -5.34 12.28 6.64
CA HIS A 22 -4.66 13.44 6.09
C HIS A 22 -3.17 13.10 5.87
N ILE A 23 -2.65 12.30 6.78
CA ILE A 23 -1.25 11.89 6.70
C ILE A 23 -1.01 11.18 5.38
N ALA A 24 -1.83 10.16 5.12
CA ALA A 24 -1.71 9.40 3.90
C ALA A 24 -2.05 10.29 2.70
N LEU A 25 -3.06 11.13 2.91
CA LEU A 25 -3.49 12.04 1.86
C LEU A 25 -2.33 12.95 1.46
N ARG A 26 -1.43 13.16 2.42
CA ARG A 26 -0.27 14.01 2.19
C ARG A 26 0.82 13.21 1.47
N VAL A 27 0.65 11.90 1.47
CA VAL A 27 1.62 11.02 0.83
C VAL A 27 1.21 10.80 -0.63
N ARG A 28 -0.05 10.39 -0.79
CA ARG A 28 -0.57 10.14 -2.12
C ARG A 28 -0.04 11.18 -3.11
N GLU A 29 -0.24 12.44 -2.76
CA GLU A 29 0.20 13.53 -3.61
C GLU A 29 1.71 13.48 -3.78
N LYS A 30 2.41 13.55 -2.66
CA LYS A 30 3.87 13.51 -2.68
C LYS A 30 4.33 12.49 -3.73
N LEU A 31 3.73 11.31 -3.66
CA LEU A 31 4.07 10.25 -4.60
C LEU A 31 4.09 10.80 -6.02
N GLU A 32 2.94 11.30 -6.44
CA GLU A 32 2.81 11.87 -7.78
C GLU A 32 4.07 12.65 -8.14
N ALA A 33 4.71 13.19 -7.12
CA ALA A 33 5.93 13.96 -7.32
C ALA A 33 7.03 13.05 -7.86
N LEU A 34 7.27 11.97 -7.13
CA LEU A 34 8.28 11.00 -7.53
C LEU A 34 7.83 10.29 -8.81
N GLY A 35 6.57 9.88 -8.80
CA GLY A 35 6.00 9.18 -9.95
C GLY A 35 4.65 8.58 -9.60
N VAL A 36 4.68 7.54 -8.76
CA VAL A 36 3.47 6.87 -8.35
C VAL A 36 2.37 7.90 -8.11
N PRO A 37 1.12 7.51 -8.50
CA PRO A 37 -0.02 8.40 -8.33
C PRO A 37 -0.46 8.47 -6.87
N ASP A 38 -1.68 8.95 -6.66
CA ASP A 38 -2.22 9.07 -5.33
C ASP A 38 -2.46 7.68 -4.75
N GLY A 39 -2.60 6.71 -5.65
CA GLY A 39 -2.84 5.33 -5.26
C GLY A 39 -4.15 5.22 -4.46
N ALA A 40 -4.01 5.27 -3.13
CA ALA A 40 -5.16 5.16 -2.26
C ALA A 40 -4.69 4.83 -0.85
N THR A 41 -5.66 4.67 0.04
CA THR A 41 -5.36 4.37 1.43
C THR A 41 -6.52 3.60 2.07
N PHE A 42 -6.17 2.67 2.94
CA PHE A 42 -7.17 1.87 3.62
C PHE A 42 -7.11 2.09 5.14
N CYS A 43 -8.16 2.70 5.66
CA CYS A 43 -8.24 2.98 7.07
C CYS A 43 -8.79 1.73 7.78
N GLU A 44 -7.97 1.18 8.66
CA GLU A 44 -8.35 0.00 9.41
C GLU A 44 -9.69 0.22 10.11
N ASP A 45 -10.53 -0.80 10.06
CA ASP A 45 -11.84 -0.73 10.68
C ASP A 45 -11.96 -1.83 11.74
N PHE A 46 -12.93 -1.65 12.62
CA PHE A 46 -13.16 -2.61 13.69
C PHE A 46 -14.24 -3.62 13.30
N GLN A 47 -14.03 -4.24 12.14
CA GLN A 47 -14.97 -5.22 11.64
C GLN A 47 -16.33 -4.58 11.38
N VAL A 48 -16.28 -3.32 10.98
CA VAL A 48 -17.50 -2.58 10.70
C VAL A 48 -18.32 -3.34 9.66
N HIS A 49 -19.38 -2.68 9.19
CA HIS A 49 -20.25 -3.28 8.20
C HIS A 49 -19.41 -3.98 7.14
N GLY A 50 -18.44 -3.25 6.60
CA GLY A 50 -17.56 -3.78 5.59
C GLY A 50 -18.06 -3.43 4.18
N ARG A 51 -19.31 -2.98 4.14
CA ARG A 51 -19.92 -2.60 2.87
C ARG A 51 -20.20 -1.10 2.85
N GLY A 52 -19.13 -0.33 2.95
CA GLY A 52 -19.25 1.12 2.93
C GLY A 52 -17.88 1.78 2.75
N GLU A 53 -16.89 1.24 3.46
CA GLU A 53 -15.54 1.76 3.38
C GLU A 53 -14.81 1.17 2.18
N LEU A 54 -14.46 -0.11 2.30
CA LEU A 54 -13.75 -0.80 1.24
C LEU A 54 -14.23 -2.26 1.19
N SER A 55 -13.57 -3.03 0.34
CA SER A 55 -13.91 -4.44 0.18
C SER A 55 -13.07 -5.28 1.14
N CYS A 56 -11.77 -5.28 0.90
CA CYS A 56 -10.85 -6.04 1.73
C CYS A 56 -9.42 -5.58 1.40
N LEU A 57 -8.57 -5.66 2.42
CA LEU A 57 -7.18 -5.27 2.25
C LEU A 57 -6.57 -6.02 1.07
N GLN A 58 -6.72 -7.34 1.10
CA GLN A 58 -6.20 -8.18 0.04
C GLN A 58 -6.91 -7.87 -1.28
N ASP A 59 -7.98 -7.10 -1.18
CA ASP A 59 -8.75 -6.71 -2.35
C ASP A 59 -7.99 -5.64 -3.13
N ALA A 60 -6.86 -5.24 -2.56
CA ALA A 60 -6.03 -4.22 -3.19
C ALA A 60 -4.84 -4.89 -3.87
N ILE A 61 -4.22 -5.82 -3.15
CA ILE A 61 -3.08 -6.54 -3.69
C ILE A 61 -3.46 -7.20 -5.01
N ASP A 62 -4.76 -7.33 -5.22
CA ASP A 62 -5.26 -7.95 -6.44
C ASP A 62 -5.31 -6.89 -7.54
N HIS A 63 -5.73 -5.70 -7.17
CA HIS A 63 -5.82 -4.60 -8.12
C HIS A 63 -4.98 -3.41 -7.62
N SER A 64 -3.75 -3.71 -7.24
CA SER A 64 -2.85 -2.69 -6.75
C SER A 64 -1.40 -3.16 -6.89
N ALA A 65 -0.62 -2.35 -7.61
CA ALA A 65 0.78 -2.67 -7.83
C ALA A 65 1.38 -3.23 -6.54
N PHE A 66 1.70 -2.34 -5.63
CA PHE A 66 2.28 -2.73 -4.36
C PHE A 66 1.50 -2.14 -3.19
N ILE A 67 1.08 -3.02 -2.29
CA ILE A 67 0.33 -2.59 -1.12
C ILE A 67 1.26 -1.86 -0.16
N ILE A 68 0.83 -0.68 0.27
CA ILE A 68 1.61 0.11 1.19
C ILE A 68 1.04 -0.05 2.61
N LEU A 69 1.96 -0.14 3.57
CA LEU A 69 1.56 -0.29 4.95
C LEU A 69 2.05 0.92 5.75
N LEU A 70 1.11 1.80 6.07
CA LEU A 70 1.43 2.99 6.83
C LEU A 70 1.79 2.60 8.27
N LEU A 71 3.08 2.37 8.49
CA LEU A 71 3.55 1.98 9.81
C LEU A 71 3.52 3.21 10.73
N THR A 72 2.42 3.31 11.47
CA THR A 72 2.26 4.43 12.39
C THR A 72 1.75 3.92 13.74
N SER A 73 2.08 4.67 14.78
CA SER A 73 1.68 4.32 16.13
C SER A 73 0.15 4.30 16.22
N ASN A 74 -0.48 4.88 15.21
CA ASN A 74 -1.94 4.94 15.17
C ASN A 74 -2.47 3.71 14.44
N PHE A 75 -1.58 3.08 13.68
CA PHE A 75 -1.95 1.90 12.93
C PHE A 75 -1.21 0.66 13.45
N ASP A 76 -1.58 -0.49 12.91
CA ASP A 76 -0.97 -1.74 13.32
C ASP A 76 -0.46 -2.47 12.07
N CYS A 77 0.79 -2.91 12.15
CA CYS A 77 1.41 -3.61 11.04
C CYS A 77 1.22 -5.12 11.27
N ARG A 78 1.47 -5.53 12.50
CA ARG A 78 1.33 -6.93 12.87
C ARG A 78 0.13 -7.54 12.17
N LEU A 79 -0.87 -6.70 11.92
CA LEU A 79 -2.09 -7.15 11.27
C LEU A 79 -1.89 -7.08 9.74
N SER A 80 -1.82 -5.86 9.24
CA SER A 80 -1.62 -5.64 7.81
C SER A 80 -0.62 -6.65 7.27
N LEU A 81 0.60 -6.59 7.79
CA LEU A 81 1.65 -7.48 7.36
C LEU A 81 1.13 -8.92 7.37
N HIS A 82 0.32 -9.21 8.39
CA HIS A 82 -0.25 -10.54 8.52
C HIS A 82 -1.33 -10.75 7.45
N GLN A 83 -1.93 -9.65 7.05
CA GLN A 83 -2.98 -9.71 6.04
C GLN A 83 -2.35 -9.78 4.64
N VAL A 84 -1.74 -8.68 4.24
CA VAL A 84 -1.11 -8.60 2.94
C VAL A 84 -0.38 -9.92 2.64
N ASN A 85 0.43 -10.33 3.61
CA ASN A 85 1.17 -11.57 3.47
C ASN A 85 0.26 -12.65 2.87
N GLN A 86 -0.86 -12.86 3.53
CA GLN A 86 -1.82 -13.86 3.08
C GLN A 86 -2.44 -13.43 1.75
N ALA A 87 -2.55 -12.11 1.59
CA ALA A 87 -3.13 -11.57 0.37
C ALA A 87 -2.25 -11.95 -0.82
N MET A 88 -1.03 -12.35 -0.51
CA MET A 88 -0.09 -12.75 -1.54
C MET A 88 -0.19 -14.24 -1.84
N MET A 89 -0.10 -15.03 -0.77
CA MET A 89 -0.19 -16.47 -0.90
C MET A 89 -1.59 -16.90 -1.34
N SER A 90 -2.50 -15.94 -1.36
CA SER A 90 -3.87 -16.20 -1.76
C SER A 90 -4.13 -15.63 -3.15
N ASN A 91 -3.30 -14.67 -3.53
CA ASN A 91 -3.43 -14.03 -4.83
C ASN A 91 -2.22 -14.40 -5.69
N LEU A 92 -2.01 -15.70 -5.84
CA LEU A 92 -0.91 -16.19 -6.64
C LEU A 92 -1.39 -16.48 -8.06
N THR A 93 -2.71 -16.60 -8.20
CA THR A 93 -3.31 -16.88 -9.48
C THR A 93 -3.47 -15.59 -10.28
N ARG A 94 -2.99 -14.51 -9.70
CA ARG A 94 -3.07 -13.20 -10.34
C ARG A 94 -1.67 -12.71 -10.73
N GLN A 95 -0.91 -12.31 -9.71
CA GLN A 95 0.43 -11.82 -9.92
C GLN A 95 1.44 -12.71 -9.18
N GLY A 96 1.03 -13.16 -8.00
CA GLY A 96 1.88 -14.01 -7.19
C GLY A 96 3.23 -13.33 -6.90
N SER A 97 3.13 -12.09 -6.46
CA SER A 97 4.32 -11.31 -6.15
C SER A 97 4.36 -10.97 -4.65
N PRO A 98 5.20 -11.72 -3.90
CA PRO A 98 5.32 -11.51 -2.47
C PRO A 98 6.13 -10.23 -2.18
N ASP A 99 6.54 -9.57 -3.25
CA ASP A 99 7.32 -8.35 -3.13
C ASP A 99 6.46 -7.15 -3.53
N CYS A 100 5.21 -7.19 -3.09
CA CYS A 100 4.28 -6.12 -3.40
C CYS A 100 3.85 -5.44 -2.09
N VAL A 101 4.80 -5.35 -1.18
CA VAL A 101 4.53 -4.74 0.12
C VAL A 101 5.53 -3.60 0.36
N ILE A 102 5.00 -2.49 0.83
CA ILE A 102 5.83 -1.33 1.11
C ILE A 102 5.36 -0.66 2.40
N PRO A 103 6.05 -1.02 3.52
CA PRO A 103 5.71 -0.47 4.81
C PRO A 103 6.19 0.98 4.94
N PHE A 104 5.24 1.89 4.79
CA PHE A 104 5.55 3.32 4.89
C PHE A 104 5.71 3.75 6.35
N LEU A 105 6.20 4.97 6.52
CA LEU A 105 6.41 5.51 7.85
C LEU A 105 6.43 7.04 7.78
N PRO A 106 5.30 7.64 8.23
CA PRO A 106 5.16 9.08 8.22
C PRO A 106 5.98 9.71 9.34
N LEU A 107 6.07 11.04 9.30
CA LEU A 107 6.82 11.77 10.30
C LEU A 107 5.99 11.87 11.59
N GLU A 108 4.69 11.72 11.43
CA GLU A 108 3.78 11.78 12.57
C GLU A 108 4.07 10.63 13.54
N SER A 109 4.34 9.47 12.97
CA SER A 109 4.65 8.29 13.78
C SER A 109 6.13 7.93 13.65
N SER A 110 6.50 6.86 14.31
CA SER A 110 7.88 6.40 14.28
C SER A 110 7.92 4.86 14.34
N PRO A 111 9.12 4.31 14.01
CA PRO A 111 9.29 2.86 14.03
C PRO A 111 9.42 2.34 15.46
N ALA A 112 9.97 3.19 16.32
CA ALA A 112 10.16 2.83 17.72
C ALA A 112 8.78 2.67 18.38
N GLN A 113 7.80 3.35 17.80
CA GLN A 113 6.44 3.28 18.32
C GLN A 113 5.81 1.93 18.01
N LEU A 114 6.52 1.17 17.18
CA LEU A 114 6.03 -0.15 16.79
C LEU A 114 6.72 -1.22 17.67
N SER A 115 6.14 -2.41 17.64
CA SER A 115 6.67 -3.51 18.43
C SER A 115 8.05 -3.91 17.89
N SER A 116 8.81 -4.58 18.74
CA SER A 116 10.14 -5.02 18.37
C SER A 116 10.04 -6.11 17.29
N ASP A 117 8.82 -6.57 17.07
CA ASP A 117 8.58 -7.60 16.08
C ASP A 117 8.52 -6.97 14.68
N THR A 118 7.94 -5.77 14.63
CA THR A 118 7.82 -5.06 13.37
C THR A 118 9.11 -5.18 12.56
N ALA A 119 10.22 -4.86 13.21
CA ALA A 119 11.52 -4.94 12.56
C ALA A 119 11.63 -6.27 11.83
N SER A 120 11.15 -7.32 12.48
CA SER A 120 11.20 -8.66 11.90
C SER A 120 10.08 -8.81 10.87
N LEU A 121 9.02 -8.05 11.08
CA LEU A 121 7.88 -8.10 10.18
C LEU A 121 8.29 -7.54 8.80
N LEU A 122 9.24 -6.62 8.84
CA LEU A 122 9.74 -6.00 7.63
C LEU A 122 11.25 -6.19 7.54
N SER A 123 11.72 -7.27 8.16
CA SER A 123 13.13 -7.57 8.17
C SER A 123 13.55 -8.14 6.79
N GLY A 124 13.37 -7.32 5.77
CA GLY A 124 13.72 -7.73 4.42
C GLY A 124 13.05 -6.82 3.39
N LEU A 125 11.88 -6.30 3.76
CA LEU A 125 11.13 -5.43 2.88
C LEU A 125 11.82 -4.06 2.82
N VAL A 126 11.16 -3.12 2.16
CA VAL A 126 11.69 -1.78 2.02
C VAL A 126 10.75 -0.79 2.69
N ARG A 127 11.11 -0.41 3.92
CA ARG A 127 10.30 0.53 4.67
C ARG A 127 10.35 1.92 4.01
N LEU A 128 9.17 2.40 3.65
CA LEU A 128 9.06 3.70 3.02
C LEU A 128 8.99 4.78 4.10
N ASP A 129 9.82 5.80 3.93
CA ASP A 129 9.85 6.90 4.88
C ASP A 129 9.73 8.23 4.12
N GLU A 130 8.95 9.14 4.69
CA GLU A 130 8.76 10.45 4.08
C GLU A 130 9.88 11.40 4.49
N HIS A 131 10.52 11.06 5.60
CA HIS A 131 11.61 11.87 6.10
C HIS A 131 12.95 11.28 5.65
N SER A 132 12.86 10.35 4.71
CA SER A 132 14.05 9.70 4.18
C SER A 132 14.48 10.37 2.87
N GLN A 133 15.79 10.54 2.73
CA GLN A 133 16.33 11.16 1.54
C GLN A 133 16.57 10.11 0.46
N ILE A 134 16.35 8.86 0.83
CA ILE A 134 16.54 7.75 -0.09
C ILE A 134 15.17 7.18 -0.47
N PHE A 135 14.22 7.35 0.42
CA PHE A 135 12.87 6.86 0.20
C PHE A 135 12.45 7.07 -1.27
N ALA A 136 12.90 8.18 -1.82
CA ALA A 136 12.58 8.50 -3.21
C ALA A 136 13.00 7.34 -4.11
N ARG A 137 14.21 6.87 -3.88
CA ARG A 137 14.74 5.76 -4.67
C ARG A 137 14.08 4.44 -4.24
N LYS A 138 13.51 4.47 -3.04
CA LYS A 138 12.84 3.30 -2.51
C LYS A 138 11.49 3.12 -3.19
N VAL A 139 10.80 4.25 -3.38
CA VAL A 139 9.50 4.23 -4.01
C VAL A 139 9.68 4.08 -5.53
N ALA A 140 10.69 4.75 -6.05
CA ALA A 140 10.98 4.70 -7.46
C ALA A 140 11.63 3.36 -7.81
N ASN A 141 11.85 2.57 -6.76
CA ASN A 141 12.46 1.26 -6.93
C ASN A 141 11.36 0.20 -6.97
N THR A 142 10.35 0.40 -6.15
CA THR A 142 9.23 -0.52 -6.08
C THR A 142 8.10 -0.08 -7.01
N PHE A 143 7.69 1.16 -6.83
CA PHE A 143 6.63 1.72 -7.65
C PHE A 143 7.18 2.35 -8.93
N LYS A 144 7.99 1.56 -9.63
CA LYS A 144 8.59 2.02 -10.86
C LYS A 144 7.50 2.29 -11.89
N PRO A 145 7.82 3.19 -12.85
CA PRO A 145 6.88 3.55 -13.90
C PRO A 145 6.74 2.43 -14.93
N HIS A 146 7.86 1.74 -15.14
CA HIS A 146 7.89 0.65 -16.10
C HIS A 146 7.14 -0.56 -15.52
N ARG A 147 6.76 -0.43 -14.26
CA ARG A 147 6.03 -1.49 -13.59
C ARG A 147 4.53 -1.19 -13.56
N LEU A 148 4.23 0.07 -13.29
CA LEU A 148 2.84 0.50 -13.22
C LEU A 148 2.22 0.42 -14.62
N GLN A 149 2.87 1.10 -15.56
CA GLN A 149 2.39 1.13 -16.93
C GLN A 149 2.26 -0.30 -17.46
N ALA A 150 3.23 -1.12 -17.10
CA ALA A 150 3.24 -2.52 -17.54
C ALA A 150 2.18 -3.30 -16.74
N ARG A 151 1.89 -2.79 -15.55
CA ARG A 151 0.91 -3.42 -14.68
C ARG A 151 -0.50 -3.22 -15.24
N LYS A 152 -0.73 -2.00 -15.72
CA LYS A 152 -2.03 -1.66 -16.28
C LYS A 152 -1.97 -1.78 -17.80
N ALA A 153 -0.77 -2.05 -18.31
CA ALA A 153 -0.57 -2.19 -19.73
C ALA A 153 -1.67 -3.08 -20.31
N MET A 154 -2.20 -3.94 -19.46
CA MET A 154 -3.26 -4.85 -19.87
C MET A 154 -4.52 -4.08 -20.25
N TRP A 155 -4.85 -3.09 -19.44
CA TRP A 155 -6.03 -2.27 -19.67
C TRP A 155 -5.66 -1.22 -20.71
N ARG A 156 -4.37 -0.98 -20.85
CA ARG A 156 -3.88 -0.01 -21.81
C ARG A 156 -4.06 -0.53 -23.24
N LYS A 157 -3.98 -1.84 -23.37
CA LYS A 157 -4.14 -2.48 -24.67
C LYS A 157 -5.24 -1.78 -25.45
N GLU A 158 -6.21 -1.25 -24.70
CA GLU A 158 -7.33 -0.55 -25.31
C GLU A 158 -6.82 0.59 -26.19
N GLN A 159 -5.94 1.39 -25.62
CA GLN A 159 -5.38 2.52 -26.35
C GLN A 159 -4.21 2.06 -27.22
N ASP A 160 -3.47 1.09 -26.70
CA ASP A 160 -2.33 0.56 -27.42
C ASP A 160 -2.80 -0.05 -28.75
N MET A 1 -14.68 3.31 -31.97
CA MET A 1 -14.95 4.08 -30.77
C MET A 1 -15.32 3.17 -29.61
N GLU A 2 -14.68 3.42 -28.48
CA GLU A 2 -14.92 2.62 -27.28
C GLU A 2 -16.41 2.66 -26.92
N SER A 3 -16.96 1.48 -26.67
CA SER A 3 -18.37 1.36 -26.32
C SER A 3 -18.50 1.10 -24.82
N SER A 4 -17.38 1.22 -24.13
CA SER A 4 -17.36 1.00 -22.69
C SER A 4 -15.93 1.08 -22.17
N SER A 5 -15.48 2.31 -21.91
CA SER A 5 -14.14 2.53 -21.41
C SER A 5 -13.86 1.59 -20.24
N GLU A 6 -12.63 1.64 -19.76
CA GLU A 6 -12.21 0.80 -18.65
C GLU A 6 -12.49 1.51 -17.32
N GLN A 7 -12.16 0.84 -16.24
CA GLN A 7 -12.38 1.38 -14.91
C GLN A 7 -11.04 1.76 -14.28
N LYS A 8 -11.07 2.80 -13.45
CA LYS A 8 -9.88 3.27 -12.78
C LYS A 8 -9.27 2.12 -11.96
N PHE A 9 -7.96 2.16 -11.83
CA PHE A 9 -7.24 1.14 -11.08
C PHE A 9 -6.38 1.76 -9.99
N TYR A 10 -6.02 0.94 -9.02
CA TYR A 10 -5.19 1.39 -7.91
C TYR A 10 -3.72 1.04 -8.16
N ASN A 11 -2.85 1.79 -7.48
CA ASN A 11 -1.42 1.57 -7.61
C ASN A 11 -0.86 1.04 -6.30
N PHE A 12 -1.54 1.40 -5.21
CA PHE A 12 -1.13 0.96 -3.90
C PHE A 12 -2.16 1.37 -2.84
N VAL A 13 -2.43 0.44 -1.93
CA VAL A 13 -3.39 0.69 -0.87
C VAL A 13 -2.63 0.96 0.44
N ILE A 14 -2.85 2.16 0.97
CA ILE A 14 -2.20 2.55 2.21
C ILE A 14 -2.95 1.93 3.40
N LEU A 15 -2.19 1.42 4.34
CA LEU A 15 -2.76 0.80 5.52
C LEU A 15 -2.46 1.67 6.75
N HIS A 16 -3.46 2.44 7.13
CA HIS A 16 -3.32 3.32 8.29
C HIS A 16 -4.63 3.35 9.08
N ALA A 17 -4.54 3.92 10.28
CA ALA A 17 -5.71 4.01 11.13
C ALA A 17 -6.68 5.06 10.57
N ARG A 18 -7.55 5.54 11.44
CA ARG A 18 -8.52 6.54 11.04
C ARG A 18 -8.06 7.93 11.44
N ALA A 19 -7.01 7.96 12.25
CA ALA A 19 -6.44 9.22 12.72
C ALA A 19 -5.12 9.47 12.00
N ASP A 20 -4.92 8.75 10.91
CA ASP A 20 -3.70 8.89 10.13
C ASP A 20 -4.06 9.22 8.68
N GLU A 21 -5.24 9.82 8.52
CA GLU A 21 -5.71 10.20 7.20
C GLU A 21 -4.79 11.26 6.59
N HIS A 22 -4.97 12.48 7.07
CA HIS A 22 -4.17 13.60 6.57
C HIS A 22 -2.73 13.13 6.33
N ILE A 23 -2.31 12.17 7.15
CA ILE A 23 -0.97 11.63 7.02
C ILE A 23 -0.82 10.95 5.67
N ALA A 24 -1.69 9.98 5.42
CA ALA A 24 -1.67 9.25 4.17
C ALA A 24 -1.94 10.20 3.02
N LEU A 25 -3.02 10.96 3.17
CA LEU A 25 -3.41 11.93 2.15
C LEU A 25 -2.19 12.77 1.75
N ARG A 26 -1.29 12.94 2.71
CA ARG A 26 -0.08 13.72 2.47
C ARG A 26 0.92 12.89 1.67
N VAL A 27 0.88 11.59 1.89
CA VAL A 27 1.78 10.68 1.20
C VAL A 27 1.34 10.53 -0.25
N ARG A 28 0.07 10.18 -0.41
CA ARG A 28 -0.50 10.01 -1.74
C ARG A 28 0.06 11.06 -2.70
N GLU A 29 -0.05 12.31 -2.29
CA GLU A 29 0.44 13.41 -3.10
C GLU A 29 1.97 13.36 -3.21
N LYS A 30 2.61 13.25 -2.05
CA LYS A 30 4.06 13.18 -2.01
C LYS A 30 4.56 12.15 -3.04
N LEU A 31 3.73 11.13 -3.24
CA LEU A 31 4.06 10.07 -4.18
C LEU A 31 3.90 10.61 -5.61
N GLU A 32 2.89 11.44 -5.80
CA GLU A 32 2.62 12.02 -7.11
C GLU A 32 3.76 12.96 -7.50
N ALA A 33 4.65 13.21 -6.55
CA ALA A 33 5.77 14.09 -6.78
C ALA A 33 6.99 13.25 -7.17
N LEU A 34 6.80 11.94 -7.15
CA LEU A 34 7.87 11.02 -7.50
C LEU A 34 7.48 10.21 -8.73
N GLY A 35 6.23 9.75 -8.71
CA GLY A 35 5.72 8.96 -9.82
C GLY A 35 4.30 8.44 -9.52
N VAL A 36 4.24 7.44 -8.65
CA VAL A 36 2.97 6.86 -8.28
C VAL A 36 1.98 7.98 -7.95
N PRO A 37 0.71 7.77 -8.38
CA PRO A 37 -0.34 8.75 -8.14
C PRO A 37 -0.80 8.71 -6.68
N ASP A 38 -1.95 9.31 -6.44
CA ASP A 38 -2.51 9.35 -5.09
C ASP A 38 -2.62 7.93 -4.55
N GLY A 39 -3.13 7.04 -5.39
CA GLY A 39 -3.29 5.65 -5.01
C GLY A 39 -4.58 5.45 -4.21
N ALA A 40 -4.43 5.46 -2.89
CA ALA A 40 -5.58 5.27 -2.01
C ALA A 40 -5.08 4.90 -0.62
N THR A 41 -6.03 4.71 0.29
CA THR A 41 -5.71 4.36 1.66
C THR A 41 -6.84 3.53 2.28
N PHE A 42 -6.56 2.26 2.49
CA PHE A 42 -7.55 1.36 3.07
C PHE A 42 -7.29 1.15 4.57
N CYS A 43 -8.34 1.32 5.35
CA CYS A 43 -8.24 1.16 6.78
C CYS A 43 -8.96 -0.13 7.18
N GLU A 44 -8.33 -0.88 8.07
CA GLU A 44 -8.90 -2.12 8.54
C GLU A 44 -10.35 -1.92 8.99
N ASP A 45 -11.14 -2.96 8.84
CA ASP A 45 -12.54 -2.91 9.21
C ASP A 45 -12.65 -3.03 10.74
N PHE A 46 -12.33 -1.92 11.41
CA PHE A 46 -12.38 -1.89 12.86
C PHE A 46 -13.49 -0.94 13.34
N GLN A 47 -13.81 0.03 12.49
CA GLN A 47 -14.83 1.00 12.82
C GLN A 47 -16.12 0.67 12.07
N VAL A 48 -15.96 0.22 10.84
CA VAL A 48 -17.10 -0.13 10.02
C VAL A 48 -17.08 -1.64 9.73
N HIS A 49 -18.03 -2.07 8.92
CA HIS A 49 -18.14 -3.48 8.56
C HIS A 49 -17.54 -3.69 7.18
N GLY A 50 -17.72 -2.70 6.31
CA GLY A 50 -17.20 -2.77 4.96
C GLY A 50 -18.16 -3.53 4.05
N ARG A 51 -19.27 -2.88 3.72
CA ARG A 51 -20.26 -3.49 2.85
C ARG A 51 -20.64 -2.53 1.72
N GLY A 52 -19.62 -2.14 0.96
CA GLY A 52 -19.82 -1.24 -0.16
C GLY A 52 -18.72 -0.18 -0.21
N GLU A 53 -17.96 -0.11 0.87
CA GLU A 53 -16.87 0.85 0.95
C GLU A 53 -15.75 0.48 -0.03
N LEU A 54 -15.19 -0.69 0.18
CA LEU A 54 -14.12 -1.18 -0.68
C LEU A 54 -14.41 -2.62 -1.08
N SER A 55 -13.53 -3.15 -1.92
CA SER A 55 -13.68 -4.52 -2.40
C SER A 55 -13.23 -5.50 -1.31
N CYS A 56 -11.93 -5.57 -1.12
CA CYS A 56 -11.36 -6.46 -0.12
C CYS A 56 -9.93 -6.00 0.16
N LEU A 57 -9.38 -6.52 1.25
CA LEU A 57 -8.03 -6.18 1.65
C LEU A 57 -7.04 -6.73 0.62
N GLN A 58 -7.37 -7.90 0.09
CA GLN A 58 -6.53 -8.54 -0.90
C GLN A 58 -6.89 -8.04 -2.30
N ASP A 59 -7.94 -7.24 -2.37
CA ASP A 59 -8.39 -6.69 -3.62
C ASP A 59 -7.42 -5.59 -4.07
N ALA A 60 -6.47 -5.30 -3.21
CA ALA A 60 -5.48 -4.27 -3.49
C ALA A 60 -4.16 -4.95 -3.90
N ILE A 61 -3.93 -6.11 -3.32
CA ILE A 61 -2.72 -6.86 -3.60
C ILE A 61 -2.80 -7.44 -5.02
N ASP A 62 -4.03 -7.51 -5.52
CA ASP A 62 -4.26 -8.03 -6.85
C ASP A 62 -4.52 -6.88 -7.82
N HIS A 63 -5.41 -5.99 -7.41
CA HIS A 63 -5.76 -4.84 -8.21
C HIS A 63 -4.63 -3.81 -8.14
N SER A 64 -4.30 -3.41 -6.92
CA SER A 64 -3.26 -2.43 -6.70
C SER A 64 -1.89 -3.06 -6.97
N ALA A 65 -0.96 -2.22 -7.40
CA ALA A 65 0.39 -2.68 -7.71
C ALA A 65 1.00 -3.30 -6.45
N PHE A 66 1.40 -2.42 -5.53
CA PHE A 66 2.01 -2.86 -4.29
C PHE A 66 1.30 -2.25 -3.08
N ILE A 67 0.98 -3.10 -2.12
CA ILE A 67 0.30 -2.65 -0.92
C ILE A 67 1.29 -1.90 -0.03
N ILE A 68 0.86 -0.74 0.43
CA ILE A 68 1.70 0.09 1.28
C ILE A 68 1.20 -0.02 2.73
N LEU A 69 2.10 -0.49 3.59
CA LEU A 69 1.76 -0.65 4.99
C LEU A 69 2.24 0.58 5.78
N LEU A 70 1.34 1.54 5.91
CA LEU A 70 1.66 2.77 6.63
C LEU A 70 1.98 2.43 8.09
N LEU A 71 3.20 1.96 8.31
CA LEU A 71 3.63 1.60 9.65
C LEU A 71 3.66 2.86 10.52
N THR A 72 2.57 3.06 11.25
CA THR A 72 2.47 4.22 12.12
C THR A 72 1.99 3.79 13.52
N SER A 73 2.45 4.53 14.52
CA SER A 73 2.07 4.24 15.90
C SER A 73 0.55 4.23 16.04
N ASN A 74 -0.11 4.85 15.07
CA ASN A 74 -1.56 4.93 15.07
C ASN A 74 -2.13 3.69 14.37
N PHE A 75 -1.32 3.12 13.48
CA PHE A 75 -1.73 1.94 12.74
C PHE A 75 -1.08 0.68 13.32
N ASP A 76 -1.60 -0.46 12.90
CA ASP A 76 -1.09 -1.74 13.36
C ASP A 76 -0.41 -2.46 12.20
N CYS A 77 0.77 -3.00 12.49
CA CYS A 77 1.54 -3.72 11.47
C CYS A 77 1.20 -5.21 11.59
N ARG A 78 1.30 -5.72 12.81
CA ARG A 78 1.00 -7.12 13.05
C ARG A 78 -0.18 -7.58 12.19
N LEU A 79 -1.07 -6.63 11.93
CA LEU A 79 -2.25 -6.92 11.14
C LEU A 79 -1.96 -6.59 9.67
N SER A 80 -1.48 -5.37 9.44
CA SER A 80 -1.15 -4.94 8.10
C SER A 80 -0.49 -6.07 7.32
N LEU A 81 0.54 -6.63 7.93
CA LEU A 81 1.28 -7.73 7.31
C LEU A 81 0.40 -8.98 7.31
N HIS A 82 -0.05 -9.35 8.50
CA HIS A 82 -0.89 -10.53 8.65
C HIS A 82 -1.97 -10.53 7.56
N GLN A 83 -2.29 -9.34 7.09
CA GLN A 83 -3.30 -9.20 6.05
C GLN A 83 -2.70 -9.52 4.68
N VAL A 84 -1.89 -8.58 4.20
CA VAL A 84 -1.25 -8.74 2.90
C VAL A 84 -0.79 -10.20 2.74
N ASN A 85 -0.07 -10.67 3.75
CA ASN A 85 0.43 -12.03 3.75
C ASN A 85 -0.64 -12.97 3.20
N GLN A 86 -1.70 -13.11 3.97
CA GLN A 86 -2.80 -13.97 3.57
C GLN A 86 -3.20 -13.68 2.12
N ALA A 87 -3.35 -12.40 1.83
CA ALA A 87 -3.73 -11.97 0.49
C ALA A 87 -2.82 -12.65 -0.54
N MET A 88 -1.53 -12.61 -0.25
CA MET A 88 -0.54 -13.21 -1.13
C MET A 88 -0.83 -14.71 -1.32
N MET A 89 -0.56 -15.47 -0.27
CA MET A 89 -0.79 -16.90 -0.30
C MET A 89 -2.23 -17.22 -0.70
N SER A 90 -3.08 -16.21 -0.58
CA SER A 90 -4.49 -16.38 -0.91
C SER A 90 -4.69 -16.23 -2.42
N ASN A 91 -3.80 -15.45 -3.04
CA ASN A 91 -3.87 -15.23 -4.47
C ASN A 91 -2.45 -15.18 -5.04
N LEU A 92 -1.98 -16.35 -5.47
CA LEU A 92 -0.65 -16.46 -6.05
C LEU A 92 -0.76 -16.83 -7.52
N THR A 93 -1.94 -17.31 -7.89
CA THR A 93 -2.19 -17.71 -9.27
C THR A 93 -2.35 -16.47 -10.16
N ARG A 94 -2.31 -15.31 -9.52
CA ARG A 94 -2.46 -14.06 -10.23
C ARG A 94 -1.12 -13.34 -10.31
N GLN A 95 -0.69 -12.81 -9.17
CA GLN A 95 0.57 -12.09 -9.10
C GLN A 95 1.55 -12.83 -8.18
N GLY A 96 0.99 -13.41 -7.13
CA GLY A 96 1.80 -14.14 -6.17
C GLY A 96 3.10 -13.40 -5.87
N SER A 97 2.97 -12.13 -5.54
CA SER A 97 4.12 -11.30 -5.23
C SER A 97 4.15 -10.97 -3.74
N PRO A 98 4.98 -11.73 -2.98
CA PRO A 98 5.09 -11.52 -1.55
C PRO A 98 5.93 -10.27 -1.25
N ASP A 99 6.37 -9.61 -2.32
CA ASP A 99 7.16 -8.41 -2.18
C ASP A 99 6.29 -7.19 -2.49
N CYS A 100 4.98 -7.38 -2.35
CA CYS A 100 4.04 -6.31 -2.62
C CYS A 100 3.72 -5.62 -1.28
N VAL A 101 4.72 -5.59 -0.41
CA VAL A 101 4.55 -4.97 0.89
C VAL A 101 5.56 -3.82 1.03
N ILE A 102 5.02 -2.61 1.09
CA ILE A 102 5.84 -1.43 1.22
C ILE A 102 5.48 -0.70 2.52
N PRO A 103 6.23 -1.02 3.60
CA PRO A 103 5.98 -0.41 4.90
C PRO A 103 6.52 1.03 4.92
N PHE A 104 5.59 1.97 4.89
CA PHE A 104 5.95 3.37 4.91
C PHE A 104 6.17 3.86 6.35
N LEU A 105 6.80 5.02 6.44
CA LEU A 105 7.08 5.61 7.75
C LEU A 105 6.98 7.13 7.65
N PRO A 106 5.78 7.65 8.06
CA PRO A 106 5.54 9.08 8.02
C PRO A 106 6.26 9.79 9.16
N LEU A 107 6.46 11.09 8.99
CA LEU A 107 7.13 11.89 9.99
C LEU A 107 6.25 12.02 11.22
N GLU A 108 5.01 11.58 11.07
CA GLU A 108 4.05 11.64 12.17
C GLU A 108 4.26 10.47 13.13
N SER A 109 4.81 9.39 12.58
CA SER A 109 5.08 8.20 13.36
C SER A 109 6.56 7.82 13.26
N SER A 110 6.91 6.76 13.97
CA SER A 110 8.28 6.28 13.96
C SER A 110 8.31 4.75 14.11
N PRO A 111 9.49 4.17 13.80
CA PRO A 111 9.66 2.73 13.89
C PRO A 111 9.77 2.28 15.36
N ALA A 112 10.34 3.17 16.17
CA ALA A 112 10.51 2.87 17.58
C ALA A 112 9.13 2.75 18.24
N GLN A 113 8.15 3.39 17.62
CA GLN A 113 6.80 3.36 18.13
C GLN A 113 6.15 2.01 17.86
N LEU A 114 6.84 1.21 17.06
CA LEU A 114 6.35 -0.11 16.71
C LEU A 114 7.03 -1.15 17.60
N SER A 115 6.43 -2.34 17.63
CA SER A 115 6.97 -3.43 18.43
C SER A 115 8.34 -3.84 17.90
N SER A 116 9.16 -4.37 18.80
CA SER A 116 10.49 -4.81 18.43
C SER A 116 10.41 -5.95 17.42
N ASP A 117 9.21 -6.49 17.29
CA ASP A 117 8.96 -7.59 16.36
C ASP A 117 8.70 -7.02 14.97
N THR A 118 8.03 -5.88 14.94
CA THR A 118 7.70 -5.22 13.68
C THR A 118 8.91 -5.25 12.74
N ALA A 119 10.06 -4.87 13.28
CA ALA A 119 11.28 -4.85 12.50
C ALA A 119 11.47 -6.21 11.82
N SER A 120 11.13 -7.26 12.56
CA SER A 120 11.26 -8.61 12.04
C SER A 120 10.06 -8.95 11.16
N LEU A 121 8.97 -8.23 11.39
CA LEU A 121 7.76 -8.44 10.62
C LEU A 121 7.98 -7.97 9.19
N LEU A 122 8.66 -6.85 9.06
CA LEU A 122 8.95 -6.28 7.75
C LEU A 122 10.47 -6.16 7.57
N SER A 123 11.19 -7.03 8.29
CA SER A 123 12.63 -7.03 8.22
C SER A 123 13.09 -7.23 6.78
N GLY A 124 13.55 -6.15 6.17
CA GLY A 124 14.03 -6.21 4.80
C GLY A 124 13.16 -5.32 3.89
N LEU A 125 11.86 -5.45 4.07
CA LEU A 125 10.92 -4.67 3.28
C LEU A 125 11.45 -3.24 3.12
N VAL A 126 11.43 -2.76 1.88
CA VAL A 126 11.90 -1.42 1.59
C VAL A 126 11.05 -0.41 2.35
N ARG A 127 11.50 -0.09 3.56
CA ARG A 127 10.79 0.86 4.39
C ARG A 127 10.85 2.25 3.77
N LEU A 128 9.66 2.84 3.60
CA LEU A 128 9.56 4.16 3.03
C LEU A 128 9.56 5.21 4.14
N ASP A 129 10.25 6.31 3.88
CA ASP A 129 10.33 7.39 4.86
C ASP A 129 10.31 8.74 4.13
N GLU A 130 9.74 9.72 4.80
CA GLU A 130 9.65 11.06 4.23
C GLU A 130 10.94 11.83 4.48
N HIS A 131 11.58 11.52 5.60
CA HIS A 131 12.81 12.17 5.97
C HIS A 131 14.00 11.45 5.31
N SER A 132 13.66 10.49 4.45
CA SER A 132 14.68 9.73 3.75
C SER A 132 14.92 10.34 2.37
N GLN A 133 16.16 10.78 2.17
CA GLN A 133 16.54 11.39 0.90
C GLN A 133 16.69 10.32 -0.17
N ILE A 134 16.49 9.07 0.24
CA ILE A 134 16.60 7.95 -0.68
C ILE A 134 15.20 7.37 -0.93
N PHE A 135 14.34 7.54 0.06
CA PHE A 135 12.99 7.03 -0.03
C PHE A 135 12.41 7.25 -1.43
N ALA A 136 12.81 8.36 -2.04
CA ALA A 136 12.35 8.69 -3.37
C ALA A 136 12.71 7.55 -4.32
N ARG A 137 13.95 7.10 -4.22
CA ARG A 137 14.42 6.02 -5.07
C ARG A 137 13.82 4.69 -4.62
N LYS A 138 13.43 4.65 -3.36
CA LYS A 138 12.84 3.45 -2.78
C LYS A 138 11.44 3.25 -3.38
N VAL A 139 10.69 4.34 -3.42
CA VAL A 139 9.34 4.29 -3.95
C VAL A 139 9.40 4.22 -5.47
N ALA A 140 10.29 5.03 -6.04
CA ALA A 140 10.45 5.07 -7.48
C ALA A 140 11.07 3.75 -7.96
N ASN A 141 11.50 2.96 -6.99
CA ASN A 141 12.10 1.66 -7.29
C ASN A 141 11.02 0.61 -7.41
N THR A 142 10.19 0.53 -6.39
CA THR A 142 9.10 -0.43 -6.37
C THR A 142 7.95 0.05 -7.26
N PHE A 143 7.51 1.27 -6.99
CA PHE A 143 6.41 1.85 -7.75
C PHE A 143 6.94 2.58 -9.00
N LYS A 144 7.69 1.83 -9.79
CA LYS A 144 8.26 2.39 -11.01
C LYS A 144 7.13 2.79 -11.95
N PRO A 145 7.47 3.71 -12.90
CA PRO A 145 6.48 4.18 -13.87
C PRO A 145 6.23 3.12 -14.94
N HIS A 146 7.29 2.41 -15.30
CA HIS A 146 7.18 1.37 -16.31
C HIS A 146 6.58 0.11 -15.69
N ARG A 147 6.31 0.20 -14.39
CA ARG A 147 5.74 -0.92 -13.67
C ARG A 147 4.22 -0.75 -13.55
N LEU A 148 3.82 0.47 -13.24
CA LEU A 148 2.40 0.78 -13.10
C LEU A 148 1.69 0.55 -14.43
N GLN A 149 2.18 1.25 -15.45
CA GLN A 149 1.60 1.15 -16.78
C GLN A 149 1.63 -0.31 -17.25
N ALA A 150 2.74 -0.98 -16.94
CA ALA A 150 2.91 -2.36 -17.33
C ALA A 150 2.12 -3.25 -16.38
N ARG A 151 1.72 -2.66 -15.25
CA ARG A 151 0.96 -3.38 -14.26
C ARG A 151 -0.54 -3.29 -14.57
N LYS A 152 -0.90 -2.26 -15.33
CA LYS A 152 -2.28 -2.04 -15.70
C LYS A 152 -2.57 -2.76 -17.02
N ALA A 153 -1.49 -3.13 -17.70
CA ALA A 153 -1.62 -3.82 -18.98
C ALA A 153 -2.34 -5.15 -18.76
N MET A 154 -2.31 -5.60 -17.51
CA MET A 154 -2.96 -6.86 -17.17
C MET A 154 -4.33 -6.60 -16.51
N TRP A 155 -4.50 -5.38 -16.04
CA TRP A 155 -5.74 -5.00 -15.39
C TRP A 155 -6.80 -4.78 -16.49
N ARG A 156 -6.30 -4.49 -17.68
CA ARG A 156 -7.19 -4.26 -18.82
C ARG A 156 -7.81 -5.58 -19.28
N LYS A 157 -7.09 -6.66 -19.00
CA LYS A 157 -7.56 -7.98 -19.39
C LYS A 157 -8.92 -8.25 -18.74
N GLU A 158 -8.95 -8.10 -17.42
CA GLU A 158 -10.17 -8.32 -16.67
C GLU A 158 -11.30 -7.47 -17.23
N GLN A 159 -10.91 -6.40 -17.92
CA GLN A 159 -11.88 -5.49 -18.52
C GLN A 159 -12.41 -6.08 -19.83
N ASP A 160 -11.52 -6.71 -20.58
CA ASP A 160 -11.87 -7.31 -21.85
C ASP A 160 -12.85 -8.46 -21.60
N MET A 1 -23.95 3.16 -11.58
CA MET A 1 -23.05 2.24 -12.25
C MET A 1 -23.55 1.93 -13.66
N GLU A 2 -22.60 1.65 -14.54
CA GLU A 2 -22.93 1.34 -15.92
C GLU A 2 -21.85 0.42 -16.52
N SER A 3 -21.99 0.16 -17.82
CA SER A 3 -21.06 -0.70 -18.52
C SER A 3 -19.80 0.10 -18.90
N SER A 4 -19.79 1.35 -18.48
CA SER A 4 -18.67 2.23 -18.78
C SER A 4 -18.24 2.97 -17.51
N SER A 5 -18.65 2.43 -16.37
CA SER A 5 -18.32 3.02 -15.09
C SER A 5 -17.15 2.27 -14.45
N GLU A 6 -15.95 2.73 -14.75
CA GLU A 6 -14.76 2.11 -14.21
C GLU A 6 -14.46 2.64 -12.81
N GLN A 7 -13.37 2.15 -12.24
CA GLN A 7 -12.97 2.58 -10.90
C GLN A 7 -11.58 3.23 -10.95
N LYS A 8 -11.40 4.23 -10.10
CA LYS A 8 -10.14 4.93 -10.04
C LYS A 8 -8.99 3.93 -10.16
N PHE A 9 -7.86 4.43 -10.63
CA PHE A 9 -6.68 3.60 -10.80
C PHE A 9 -5.82 3.61 -9.55
N TYR A 10 -5.84 2.49 -8.83
CA TYR A 10 -5.07 2.37 -7.61
C TYR A 10 -3.72 1.68 -7.88
N ASN A 11 -2.67 2.24 -7.30
CA ASN A 11 -1.34 1.70 -7.48
C ASN A 11 -0.83 1.16 -6.14
N PHE A 12 -1.57 1.50 -5.08
CA PHE A 12 -1.21 1.06 -3.75
C PHE A 12 -2.28 1.46 -2.73
N VAL A 13 -2.44 0.62 -1.72
CA VAL A 13 -3.42 0.88 -0.68
C VAL A 13 -2.70 1.15 0.64
N ILE A 14 -2.74 2.40 1.05
CA ILE A 14 -2.10 2.80 2.29
C ILE A 14 -2.92 2.28 3.49
N LEU A 15 -2.55 1.09 3.93
CA LEU A 15 -3.24 0.47 5.05
C LEU A 15 -2.80 1.15 6.35
N HIS A 16 -3.63 2.06 6.82
CA HIS A 16 -3.34 2.78 8.05
C HIS A 16 -4.56 2.78 8.95
N ALA A 17 -4.50 3.62 9.98
CA ALA A 17 -5.61 3.71 10.93
C ALA A 17 -6.65 4.69 10.40
N ARG A 18 -7.55 5.08 11.28
CA ARG A 18 -8.61 6.02 10.90
C ARG A 18 -8.26 7.43 11.35
N ALA A 19 -7.19 7.51 12.15
CA ALA A 19 -6.74 8.80 12.66
C ALA A 19 -5.44 9.19 11.95
N ASP A 20 -5.19 8.52 10.83
CA ASP A 20 -3.99 8.79 10.05
C ASP A 20 -4.38 9.07 8.60
N GLU A 21 -5.59 9.61 8.44
CA GLU A 21 -6.09 9.93 7.11
C GLU A 21 -5.20 10.99 6.45
N HIS A 22 -5.40 12.23 6.87
CA HIS A 22 -4.63 13.34 6.33
C HIS A 22 -3.20 12.87 6.04
N ILE A 23 -2.64 12.16 7.01
CA ILE A 23 -1.28 11.65 6.88
C ILE A 23 -1.16 10.88 5.57
N ALA A 24 -1.98 9.84 5.45
CA ALA A 24 -1.97 9.02 4.26
C ALA A 24 -2.19 9.90 3.03
N LEU A 25 -3.23 10.72 3.11
CA LEU A 25 -3.56 11.62 2.02
C LEU A 25 -2.39 12.58 1.78
N ARG A 26 -1.50 12.62 2.75
CA ARG A 26 -0.33 13.50 2.67
C ARG A 26 0.75 12.84 1.81
N VAL A 27 0.63 11.53 1.66
CA VAL A 27 1.59 10.77 0.87
C VAL A 27 1.07 10.62 -0.56
N ARG A 28 -0.15 10.12 -0.66
CA ARG A 28 -0.77 9.91 -1.95
C ARG A 28 -0.37 11.02 -2.92
N GLU A 29 -0.29 12.23 -2.38
CA GLU A 29 0.09 13.39 -3.18
C GLU A 29 1.59 13.38 -3.45
N LYS A 30 2.36 13.50 -2.37
CA LYS A 30 3.81 13.51 -2.48
C LYS A 30 4.24 12.48 -3.52
N LEU A 31 3.78 11.25 -3.34
CA LEU A 31 4.12 10.18 -4.25
C LEU A 31 4.08 10.71 -5.69
N GLU A 32 2.95 11.31 -6.04
CA GLU A 32 2.77 11.86 -7.37
C GLU A 32 4.09 12.48 -7.86
N ALA A 33 4.71 13.24 -6.98
CA ALA A 33 5.96 13.89 -7.31
C ALA A 33 6.94 12.85 -7.87
N LEU A 34 7.11 11.78 -7.11
CA LEU A 34 8.02 10.71 -7.51
C LEU A 34 7.47 10.04 -8.78
N GLY A 35 6.17 9.76 -8.75
CA GLY A 35 5.53 9.13 -9.88
C GLY A 35 4.16 8.55 -9.48
N VAL A 36 4.21 7.51 -8.66
CA VAL A 36 3.00 6.86 -8.19
C VAL A 36 1.93 7.92 -7.91
N PRO A 37 0.69 7.62 -8.34
CA PRO A 37 -0.43 8.53 -8.14
C PRO A 37 -0.89 8.52 -6.68
N ASP A 38 -2.09 9.02 -6.48
CA ASP A 38 -2.67 9.08 -5.14
C ASP A 38 -2.76 7.66 -4.57
N GLY A 39 -3.22 6.75 -5.42
CA GLY A 39 -3.37 5.35 -5.02
C GLY A 39 -4.65 5.15 -4.21
N ALA A 40 -4.50 5.14 -2.90
CA ALA A 40 -5.64 4.95 -2.02
C ALA A 40 -5.13 4.59 -0.62
N THR A 41 -6.08 4.31 0.26
CA THR A 41 -5.75 3.95 1.63
C THR A 41 -6.83 3.03 2.21
N PHE A 42 -6.39 2.16 3.11
CA PHE A 42 -7.30 1.23 3.75
C PHE A 42 -7.28 1.40 5.27
N CYS A 43 -8.41 1.09 5.88
CA CYS A 43 -8.54 1.19 7.33
C CYS A 43 -9.09 -0.12 7.87
N GLU A 44 -8.72 -0.43 9.10
CA GLU A 44 -9.16 -1.66 9.74
C GLU A 44 -10.53 -1.44 10.39
N ASP A 45 -11.08 -0.26 10.16
CA ASP A 45 -12.38 0.08 10.71
C ASP A 45 -13.30 -1.14 10.60
N PHE A 46 -13.42 -1.87 11.70
CA PHE A 46 -14.27 -3.04 11.73
C PHE A 46 -15.55 -2.79 12.52
N GLN A 47 -15.50 -1.72 13.32
CA GLN A 47 -16.65 -1.35 14.14
C GLN A 47 -17.92 -1.31 13.29
N VAL A 48 -17.72 -1.09 12.00
CA VAL A 48 -18.84 -1.02 11.07
C VAL A 48 -19.23 -2.44 10.64
N HIS A 49 -20.30 -2.53 9.88
CA HIS A 49 -20.79 -3.81 9.40
C HIS A 49 -19.61 -4.65 8.91
N GLY A 50 -18.70 -3.99 8.21
CA GLY A 50 -17.53 -4.66 7.68
C GLY A 50 -17.75 -5.08 6.23
N ARG A 51 -19.01 -5.33 5.90
CA ARG A 51 -19.37 -5.73 4.55
C ARG A 51 -20.04 -4.58 3.81
N GLY A 52 -19.35 -3.45 3.80
CA GLY A 52 -19.87 -2.27 3.13
C GLY A 52 -18.86 -1.12 3.17
N GLU A 53 -17.59 -1.49 3.06
CA GLU A 53 -16.52 -0.51 3.09
C GLU A 53 -15.85 -0.43 1.71
N LEU A 54 -15.12 -1.47 1.37
CA LEU A 54 -14.43 -1.53 0.10
C LEU A 54 -14.73 -2.86 -0.58
N SER A 55 -13.92 -3.17 -1.59
CA SER A 55 -14.10 -4.41 -2.33
C SER A 55 -13.58 -5.58 -1.52
N CYS A 56 -12.26 -5.65 -1.41
CA CYS A 56 -11.62 -6.72 -0.66
C CYS A 56 -10.20 -6.27 -0.29
N LEU A 57 -9.43 -7.22 0.21
CA LEU A 57 -8.06 -6.94 0.61
C LEU A 57 -7.13 -7.17 -0.57
N GLN A 58 -7.13 -8.41 -1.04
CA GLN A 58 -6.29 -8.79 -2.17
C GLN A 58 -6.53 -7.85 -3.35
N ASP A 59 -7.68 -7.18 -3.31
CA ASP A 59 -8.04 -6.26 -4.37
C ASP A 59 -6.91 -5.26 -4.58
N ALA A 60 -6.24 -4.93 -3.49
CA ALA A 60 -5.13 -3.99 -3.54
C ALA A 60 -3.87 -4.72 -3.98
N ILE A 61 -3.81 -6.01 -3.63
CA ILE A 61 -2.67 -6.83 -3.98
C ILE A 61 -2.76 -7.23 -5.45
N ASP A 62 -3.97 -7.13 -5.98
CA ASP A 62 -4.20 -7.47 -7.38
C ASP A 62 -4.35 -6.18 -8.20
N HIS A 63 -5.40 -5.44 -7.88
CA HIS A 63 -5.65 -4.19 -8.58
C HIS A 63 -4.44 -3.27 -8.47
N SER A 64 -4.11 -2.93 -7.23
CA SER A 64 -2.97 -2.06 -6.97
C SER A 64 -1.67 -2.81 -7.25
N ALA A 65 -0.61 -2.04 -7.41
CA ALA A 65 0.70 -2.61 -7.68
C ALA A 65 1.28 -3.19 -6.39
N PHE A 66 1.70 -2.29 -5.51
CA PHE A 66 2.26 -2.70 -4.24
C PHE A 66 1.48 -2.10 -3.07
N ILE A 67 1.23 -2.94 -2.07
CA ILE A 67 0.49 -2.50 -0.90
C ILE A 67 1.42 -1.70 0.01
N ILE A 68 0.90 -0.58 0.52
CA ILE A 68 1.68 0.28 1.39
C ILE A 68 1.08 0.22 2.81
N LEU A 69 1.93 -0.17 3.74
CA LEU A 69 1.51 -0.27 5.13
C LEU A 69 2.07 0.92 5.92
N LEU A 70 1.16 1.80 6.32
CA LEU A 70 1.54 2.98 7.09
C LEU A 70 1.89 2.56 8.52
N LEU A 71 3.11 2.09 8.68
CA LEU A 71 3.58 1.66 9.99
C LEU A 71 3.73 2.88 10.90
N THR A 72 2.64 3.21 11.57
CA THR A 72 2.64 4.35 12.46
C THR A 72 2.14 3.93 13.86
N SER A 73 2.50 4.74 14.84
CA SER A 73 2.12 4.46 16.22
C SER A 73 0.60 4.48 16.34
N ASN A 74 -0.05 5.01 15.31
CA ASN A 74 -1.49 5.09 15.28
C ASN A 74 -2.06 3.92 14.50
N PHE A 75 -1.20 2.94 14.25
CA PHE A 75 -1.60 1.76 13.51
C PHE A 75 -0.79 0.54 13.94
N ASP A 76 -1.29 -0.63 13.56
CA ASP A 76 -0.61 -1.87 13.90
C ASP A 76 -0.12 -2.55 12.62
N CYS A 77 1.17 -2.90 12.64
CA CYS A 77 1.77 -3.55 11.49
C CYS A 77 1.45 -5.04 11.56
N ARG A 78 1.54 -5.59 12.77
CA ARG A 78 1.26 -6.99 12.98
C ARG A 78 0.08 -7.43 12.13
N LEU A 79 -0.82 -6.49 11.89
CA LEU A 79 -2.00 -6.77 11.08
C LEU A 79 -1.68 -6.56 9.61
N SER A 80 -1.23 -5.35 9.30
CA SER A 80 -0.88 -5.01 7.92
C SER A 80 -0.19 -6.19 7.25
N LEU A 81 0.59 -6.91 8.04
CA LEU A 81 1.31 -8.08 7.54
C LEU A 81 0.34 -9.25 7.39
N HIS A 82 -0.25 -9.62 8.51
CA HIS A 82 -1.20 -10.73 8.53
C HIS A 82 -2.18 -10.58 7.36
N GLN A 83 -2.39 -9.33 6.95
CA GLN A 83 -3.28 -9.05 5.85
C GLN A 83 -2.61 -9.37 4.52
N VAL A 84 -1.70 -8.49 4.12
CA VAL A 84 -0.98 -8.67 2.87
C VAL A 84 -0.62 -10.15 2.71
N ASN A 85 -0.43 -10.80 3.84
CA ASN A 85 -0.08 -12.21 3.83
C ASN A 85 -1.32 -13.05 3.48
N GLN A 86 -2.26 -13.07 4.41
CA GLN A 86 -3.50 -13.82 4.20
C GLN A 86 -4.04 -13.56 2.80
N ALA A 87 -3.69 -12.41 2.26
CA ALA A 87 -4.14 -12.02 0.93
C ALA A 87 -3.15 -12.57 -0.10
N MET A 88 -1.88 -12.46 0.22
CA MET A 88 -0.83 -12.93 -0.66
C MET A 88 -0.95 -14.44 -0.90
N MET A 89 -0.84 -15.19 0.19
CA MET A 89 -0.94 -16.64 0.12
C MET A 89 -2.30 -17.07 -0.42
N SER A 90 -3.22 -16.11 -0.46
CA SER A 90 -4.57 -16.38 -0.94
C SER A 90 -4.61 -16.24 -2.47
N ASN A 91 -3.69 -15.42 -2.98
CA ASN A 91 -3.62 -15.18 -4.41
C ASN A 91 -2.15 -15.07 -4.82
N LEU A 92 -1.56 -16.21 -5.14
CA LEU A 92 -0.17 -16.25 -5.56
C LEU A 92 -0.10 -16.60 -7.05
N THR A 93 -1.17 -17.22 -7.53
CA THR A 93 -1.23 -17.62 -8.92
C THR A 93 -1.45 -16.40 -9.81
N ARG A 94 -1.59 -15.25 -9.17
CA ARG A 94 -1.81 -14.00 -9.88
C ARG A 94 -0.53 -13.17 -9.90
N GLN A 95 -0.14 -12.72 -8.73
CA GLN A 95 1.06 -11.90 -8.59
C GLN A 95 2.14 -12.67 -7.83
N GLY A 96 1.69 -13.48 -6.89
CA GLY A 96 2.61 -14.28 -6.08
C GLY A 96 3.86 -13.49 -5.74
N SER A 97 3.67 -12.20 -5.51
CA SER A 97 4.79 -11.33 -5.16
C SER A 97 4.66 -10.86 -3.71
N PRO A 98 5.40 -11.59 -2.82
CA PRO A 98 5.38 -11.26 -1.40
C PRO A 98 6.20 -10.00 -1.12
N ASP A 99 6.76 -9.44 -2.19
CA ASP A 99 7.57 -8.24 -2.07
C ASP A 99 6.72 -7.02 -2.46
N CYS A 100 5.42 -7.21 -2.39
CA CYS A 100 4.49 -6.14 -2.74
C CYS A 100 4.11 -5.41 -1.45
N VAL A 101 4.97 -5.55 -0.45
CA VAL A 101 4.74 -4.91 0.83
C VAL A 101 5.65 -3.69 0.96
N ILE A 102 5.03 -2.55 1.19
CA ILE A 102 5.78 -1.30 1.33
C ILE A 102 5.42 -0.65 2.67
N PRO A 103 6.24 -0.94 3.71
CA PRO A 103 6.02 -0.38 5.02
C PRO A 103 6.41 1.10 5.08
N PHE A 104 5.43 1.95 4.85
CA PHE A 104 5.66 3.38 4.86
C PHE A 104 5.75 3.91 6.29
N LEU A 105 6.50 4.99 6.45
CA LEU A 105 6.67 5.60 7.76
C LEU A 105 6.61 7.12 7.62
N PRO A 106 5.48 7.71 8.09
CA PRO A 106 5.29 9.14 8.02
C PRO A 106 6.13 9.85 9.08
N LEU A 107 6.18 11.17 8.97
CA LEU A 107 6.94 11.98 9.90
C LEU A 107 6.16 12.11 11.21
N GLU A 108 4.85 11.91 11.11
CA GLU A 108 3.99 11.99 12.28
C GLU A 108 4.31 10.85 13.25
N SER A 109 4.64 9.70 12.68
CA SER A 109 4.97 8.54 13.48
C SER A 109 6.37 8.05 13.15
N SER A 110 6.82 7.05 13.90
CA SER A 110 8.14 6.49 13.70
C SER A 110 8.10 4.97 13.86
N PRO A 111 9.19 4.31 13.38
CA PRO A 111 9.28 2.87 13.46
C PRO A 111 9.59 2.42 14.90
N ALA A 112 10.37 3.24 15.59
CA ALA A 112 10.74 2.93 16.95
C ALA A 112 9.47 2.86 17.82
N GLN A 113 8.46 3.59 17.39
CA GLN A 113 7.20 3.61 18.11
C GLN A 113 6.49 2.27 17.99
N LEU A 114 6.98 1.45 17.07
CA LEU A 114 6.41 0.14 16.84
C LEU A 114 7.10 -0.88 17.75
N SER A 115 6.50 -2.06 17.85
CA SER A 115 7.05 -3.11 18.68
C SER A 115 8.41 -3.57 18.12
N SER A 116 9.16 -4.25 18.96
CA SER A 116 10.47 -4.74 18.57
C SER A 116 10.31 -5.86 17.55
N ASP A 117 9.07 -6.29 17.35
CA ASP A 117 8.78 -7.35 16.40
C ASP A 117 8.64 -6.75 15.00
N THR A 118 8.06 -5.57 14.96
CA THR A 118 7.86 -4.88 13.69
C THR A 118 9.10 -5.02 12.81
N ALA A 119 10.26 -4.84 13.43
CA ALA A 119 11.51 -4.95 12.71
C ALA A 119 11.58 -6.31 12.01
N SER A 120 11.21 -7.34 12.76
CA SER A 120 11.22 -8.69 12.23
C SER A 120 10.03 -8.89 11.27
N LEU A 121 9.06 -8.01 11.40
CA LEU A 121 7.88 -8.07 10.56
C LEU A 121 8.20 -7.52 9.17
N LEU A 122 9.03 -6.49 9.15
CA LEU A 122 9.44 -5.86 7.91
C LEU A 122 10.91 -6.17 7.63
N SER A 123 11.41 -7.17 8.36
CA SER A 123 12.80 -7.57 8.20
C SER A 123 13.03 -8.12 6.79
N GLY A 124 13.68 -7.31 5.98
CA GLY A 124 13.98 -7.71 4.60
C GLY A 124 13.23 -6.82 3.61
N LEU A 125 12.06 -6.35 4.05
CA LEU A 125 11.24 -5.49 3.20
C LEU A 125 12.00 -4.19 2.91
N VAL A 126 11.29 -3.27 2.27
CA VAL A 126 11.88 -1.99 1.93
C VAL A 126 11.17 -0.88 2.70
N ARG A 127 11.65 -0.63 3.91
CA ARG A 127 11.07 0.39 4.76
C ARG A 127 10.98 1.72 4.00
N LEU A 128 9.74 2.09 3.68
CA LEU A 128 9.51 3.33 2.96
C LEU A 128 9.33 4.48 3.96
N ASP A 129 10.03 5.57 3.70
CA ASP A 129 9.98 6.74 4.56
C ASP A 129 9.48 7.93 3.75
N GLU A 130 9.14 9.00 4.47
CA GLU A 130 8.65 10.21 3.84
C GLU A 130 9.56 11.39 4.20
N HIS A 131 10.64 11.08 4.89
CA HIS A 131 11.59 12.10 5.29
C HIS A 131 13.01 11.64 4.97
N SER A 132 13.10 10.56 4.21
CA SER A 132 14.38 10.01 3.82
C SER A 132 14.86 10.66 2.53
N GLN A 133 16.15 10.53 2.27
CA GLN A 133 16.74 11.10 1.07
C GLN A 133 16.92 10.02 0.00
N ILE A 134 16.68 8.79 0.41
CA ILE A 134 16.80 7.65 -0.50
C ILE A 134 15.42 7.12 -0.84
N PHE A 135 14.49 7.33 0.08
CA PHE A 135 13.13 6.88 -0.11
C PHE A 135 12.68 7.08 -1.56
N ALA A 136 13.15 8.17 -2.14
CA ALA A 136 12.80 8.49 -3.51
C ALA A 136 13.18 7.32 -4.42
N ARG A 137 14.39 6.82 -4.23
CA ARG A 137 14.87 5.71 -5.01
C ARG A 137 14.20 4.41 -4.58
N LYS A 138 13.65 4.45 -3.36
CA LYS A 138 12.97 3.29 -2.81
C LYS A 138 11.60 3.14 -3.49
N VAL A 139 10.93 4.27 -3.64
CA VAL A 139 9.62 4.27 -4.26
C VAL A 139 9.76 4.11 -5.77
N ALA A 140 10.80 4.76 -6.31
CA ALA A 140 11.07 4.70 -7.73
C ALA A 140 11.67 3.34 -8.07
N ASN A 141 11.89 2.54 -7.03
CA ASN A 141 12.45 1.21 -7.21
C ASN A 141 11.33 0.17 -7.18
N THR A 142 10.42 0.37 -6.24
CA THR A 142 9.29 -0.54 -6.10
C THR A 142 8.14 -0.11 -7.02
N PHE A 143 7.78 1.16 -6.90
CA PHE A 143 6.70 1.70 -7.71
C PHE A 143 7.24 2.32 -9.00
N LYS A 144 7.81 1.47 -9.83
CA LYS A 144 8.36 1.91 -11.10
C LYS A 144 7.22 2.28 -12.05
N PRO A 145 7.56 3.15 -13.04
CA PRO A 145 6.57 3.60 -14.01
C PRO A 145 6.27 2.49 -15.03
N HIS A 146 7.34 1.83 -15.47
CA HIS A 146 7.20 0.76 -16.44
C HIS A 146 6.35 -0.36 -15.84
N ARG A 147 6.15 -0.28 -14.54
CA ARG A 147 5.36 -1.28 -13.83
C ARG A 147 3.95 -0.74 -13.56
N LEU A 148 3.86 0.58 -13.49
CA LEU A 148 2.58 1.23 -13.22
C LEU A 148 1.73 1.17 -14.48
N GLN A 149 2.30 1.61 -15.58
CA GLN A 149 1.60 1.61 -16.86
C GLN A 149 1.39 0.18 -17.35
N ALA A 150 2.28 -0.71 -16.89
CA ALA A 150 2.20 -2.10 -17.28
C ALA A 150 0.98 -2.75 -16.61
N ARG A 151 0.37 -1.99 -15.71
CA ARG A 151 -0.80 -2.48 -15.01
C ARG A 151 -1.90 -2.88 -16.00
N LYS A 152 -2.10 -2.02 -16.99
CA LYS A 152 -3.12 -2.27 -18.00
C LYS A 152 -2.64 -3.41 -18.91
N ALA A 153 -1.38 -3.76 -18.74
CA ALA A 153 -0.79 -4.84 -19.54
C ALA A 153 -1.38 -6.18 -19.09
N MET A 154 -1.37 -6.38 -17.78
CA MET A 154 -1.90 -7.61 -17.21
C MET A 154 -3.41 -7.53 -17.03
N TRP A 155 -3.86 -6.38 -16.52
CA TRP A 155 -5.28 -6.16 -16.30
C TRP A 155 -6.02 -6.48 -17.59
N ARG A 156 -5.54 -5.88 -18.67
CA ARG A 156 -6.15 -6.08 -19.98
C ARG A 156 -6.50 -7.56 -20.16
N LYS A 157 -5.73 -8.41 -19.51
CA LYS A 157 -5.95 -9.85 -19.59
C LYS A 157 -7.26 -10.20 -18.89
N GLU A 158 -7.40 -9.70 -17.67
CA GLU A 158 -8.59 -9.96 -16.88
C GLU A 158 -9.83 -9.37 -17.59
N GLN A 159 -9.57 -8.42 -18.47
CA GLN A 159 -10.64 -7.79 -19.20
C GLN A 159 -11.27 -8.77 -20.19
N ASP A 160 -10.47 -9.73 -20.62
CA ASP A 160 -10.94 -10.74 -21.54
C ASP A 160 -11.81 -11.76 -20.79
N MET A 1 1.15 20.04 -11.71
CA MET A 1 1.30 19.33 -10.45
C MET A 1 0.76 17.91 -10.56
N GLU A 2 -0.08 17.70 -11.57
CA GLU A 2 -0.68 16.40 -11.80
C GLU A 2 0.16 15.60 -12.78
N SER A 3 -0.13 14.31 -12.84
CA SER A 3 0.59 13.42 -13.75
C SER A 3 -0.40 12.60 -14.57
N SER A 4 -0.87 13.21 -15.65
CA SER A 4 -1.82 12.55 -16.53
C SER A 4 -2.89 11.82 -15.70
N SER A 5 -3.53 12.58 -14.82
CA SER A 5 -4.56 12.03 -13.97
C SER A 5 -5.66 11.39 -14.82
N GLU A 6 -5.51 10.10 -15.05
CA GLU A 6 -6.47 9.35 -15.84
C GLU A 6 -7.57 8.79 -14.94
N GLN A 7 -8.43 7.98 -15.55
CA GLN A 7 -9.53 7.37 -14.83
C GLN A 7 -9.08 6.95 -13.43
N LYS A 8 -9.77 7.48 -12.43
CA LYS A 8 -9.44 7.17 -11.05
C LYS A 8 -9.15 5.68 -10.93
N PHE A 9 -8.08 5.39 -10.19
CA PHE A 9 -7.68 3.99 -9.98
C PHE A 9 -6.78 3.87 -8.75
N TYR A 10 -6.48 2.63 -8.41
CA TYR A 10 -5.63 2.35 -7.26
C TYR A 10 -4.33 1.67 -7.69
N ASN A 11 -3.22 2.23 -7.21
CA ASN A 11 -1.92 1.68 -7.54
C ASN A 11 -1.27 1.13 -6.27
N PHE A 12 -1.91 1.42 -5.14
CA PHE A 12 -1.42 0.96 -3.85
C PHE A 12 -2.35 1.39 -2.72
N VAL A 13 -2.73 0.41 -1.91
CA VAL A 13 -3.62 0.68 -0.79
C VAL A 13 -2.78 1.06 0.44
N ILE A 14 -2.95 2.30 0.86
CA ILE A 14 -2.22 2.79 2.02
C ILE A 14 -2.98 2.42 3.30
N LEU A 15 -2.63 1.25 3.82
CA LEU A 15 -3.27 0.75 5.04
C LEU A 15 -2.95 1.71 6.19
N HIS A 16 -3.89 2.59 6.46
CA HIS A 16 -3.73 3.56 7.53
C HIS A 16 -4.97 3.55 8.43
N ALA A 17 -4.94 4.43 9.42
CA ALA A 17 -6.05 4.53 10.36
C ALA A 17 -6.86 5.78 10.04
N ARG A 18 -8.12 5.75 10.44
CA ARG A 18 -9.00 6.89 10.21
C ARG A 18 -8.47 8.14 10.90
N ALA A 19 -7.48 7.94 11.75
CA ALA A 19 -6.87 9.03 12.48
C ALA A 19 -5.48 9.30 11.90
N ASP A 20 -5.26 8.81 10.69
CA ASP A 20 -4.00 9.00 10.03
C ASP A 20 -4.23 9.42 8.57
N GLU A 21 -5.40 10.03 8.35
CA GLU A 21 -5.76 10.48 7.02
C GLU A 21 -4.77 11.54 6.54
N HIS A 22 -4.92 12.74 7.09
CA HIS A 22 -4.05 13.84 6.72
C HIS A 22 -2.64 13.32 6.47
N ILE A 23 -2.27 12.30 7.23
CA ILE A 23 -0.95 11.69 7.10
C ILE A 23 -0.83 11.05 5.71
N ALA A 24 -1.70 10.08 5.47
CA ALA A 24 -1.71 9.37 4.20
C ALA A 24 -1.89 10.38 3.06
N LEU A 25 -2.93 11.18 3.20
CA LEU A 25 -3.22 12.20 2.19
C LEU A 25 -1.94 12.96 1.85
N ARG A 26 -1.03 12.96 2.79
CA ARG A 26 0.24 13.65 2.60
C ARG A 26 1.18 12.80 1.75
N VAL A 27 1.11 11.49 1.97
CA VAL A 27 1.94 10.57 1.22
C VAL A 27 1.47 10.50 -0.22
N ARG A 28 0.18 10.23 -0.38
CA ARG A 28 -0.41 10.14 -1.70
C ARG A 28 0.22 11.17 -2.63
N GLU A 29 0.25 12.41 -2.15
CA GLU A 29 0.81 13.50 -2.93
C GLU A 29 2.33 13.34 -3.07
N LYS A 30 2.97 13.15 -1.91
CA LYS A 30 4.41 12.97 -1.89
C LYS A 30 4.81 11.91 -2.91
N LEU A 31 3.87 11.02 -3.20
CA LEU A 31 4.11 9.95 -4.14
C LEU A 31 4.04 10.51 -5.56
N GLU A 32 3.13 11.46 -5.74
CA GLU A 32 2.95 12.09 -7.04
C GLU A 32 4.11 13.05 -7.34
N ALA A 33 4.94 13.26 -6.32
CA ALA A 33 6.08 14.13 -6.46
C ALA A 33 7.29 13.33 -6.96
N LEU A 34 7.11 12.01 -6.98
CA LEU A 34 8.17 11.12 -7.42
C LEU A 34 7.71 10.37 -8.67
N GLY A 35 6.48 9.89 -8.62
CA GLY A 35 5.91 9.16 -9.73
C GLY A 35 4.53 8.61 -9.39
N VAL A 36 4.53 7.60 -8.53
CA VAL A 36 3.29 6.97 -8.11
C VAL A 36 2.26 8.06 -7.80
N PRO A 37 1.00 7.79 -8.24
CA PRO A 37 -0.09 8.73 -8.02
C PRO A 37 -0.55 8.70 -6.55
N ASP A 38 -1.72 9.28 -6.33
CA ASP A 38 -2.28 9.32 -4.99
C ASP A 38 -2.48 7.90 -4.47
N GLY A 39 -3.02 7.06 -5.35
CA GLY A 39 -3.26 5.67 -5.01
C GLY A 39 -4.53 5.54 -4.16
N ALA A 40 -4.35 5.55 -2.86
CA ALA A 40 -5.47 5.44 -1.93
C ALA A 40 -4.96 5.05 -0.55
N THR A 41 -5.88 4.94 0.38
CA THR A 41 -5.54 4.58 1.75
C THR A 41 -6.72 3.88 2.43
N PHE A 42 -6.39 2.86 3.20
CA PHE A 42 -7.41 2.10 3.92
C PHE A 42 -7.74 2.75 5.26
N CYS A 43 -9.03 2.87 5.52
CA CYS A 43 -9.49 3.48 6.77
C CYS A 43 -10.49 2.52 7.42
N GLU A 44 -9.98 1.68 8.31
CA GLU A 44 -10.81 0.73 9.01
C GLU A 44 -11.44 1.37 10.25
N ASP A 45 -12.55 0.79 10.68
CA ASP A 45 -13.24 1.30 11.85
C ASP A 45 -14.37 0.33 12.21
N PHE A 46 -14.76 0.37 13.48
CA PHE A 46 -15.83 -0.48 13.97
C PHE A 46 -17.20 0.06 13.58
N GLN A 47 -17.23 1.36 13.31
CA GLN A 47 -18.47 2.02 12.91
C GLN A 47 -19.12 1.26 11.76
N VAL A 48 -18.28 0.71 10.90
CA VAL A 48 -18.77 -0.04 9.75
C VAL A 48 -19.07 -1.48 10.17
N HIS A 49 -19.39 -2.30 9.19
CA HIS A 49 -19.69 -3.70 9.45
C HIS A 49 -18.46 -4.56 9.16
N GLY A 50 -17.74 -4.16 8.13
CA GLY A 50 -16.53 -4.88 7.74
C GLY A 50 -16.17 -4.62 6.28
N ARG A 51 -17.21 -4.57 5.44
CA ARG A 51 -17.01 -4.32 4.03
C ARG A 51 -17.87 -3.13 3.58
N GLY A 52 -18.21 -2.28 4.53
CA GLY A 52 -19.02 -1.11 4.26
C GLY A 52 -18.14 0.09 3.89
N GLU A 53 -16.90 -0.21 3.58
CA GLU A 53 -15.95 0.83 3.21
C GLU A 53 -15.33 0.52 1.83
N LEU A 54 -14.42 -0.44 1.84
CA LEU A 54 -13.76 -0.83 0.61
C LEU A 54 -13.90 -2.35 0.41
N SER A 55 -13.87 -2.76 -0.84
CA SER A 55 -14.00 -4.17 -1.18
C SER A 55 -13.23 -5.02 -0.17
N CYS A 56 -11.91 -4.94 -0.27
CA CYS A 56 -11.05 -5.70 0.62
C CYS A 56 -9.60 -5.40 0.26
N LEU A 57 -8.74 -5.45 1.27
CA LEU A 57 -7.32 -5.18 1.08
C LEU A 57 -6.79 -6.08 -0.03
N GLN A 58 -7.13 -7.35 0.06
CA GLN A 58 -6.70 -8.32 -0.93
C GLN A 58 -7.10 -7.88 -2.33
N ASP A 59 -8.07 -6.98 -2.37
CA ASP A 59 -8.56 -6.46 -3.63
C ASP A 59 -7.49 -5.57 -4.27
N ALA A 60 -6.85 -4.78 -3.43
CA ALA A 60 -5.79 -3.89 -3.90
C ALA A 60 -4.57 -4.71 -4.28
N ILE A 61 -4.45 -5.87 -3.64
CA ILE A 61 -3.32 -6.76 -3.91
C ILE A 61 -3.29 -7.11 -5.39
N ASP A 62 -4.48 -7.07 -6.00
CA ASP A 62 -4.59 -7.38 -7.41
C ASP A 62 -4.77 -6.09 -8.21
N HIS A 63 -5.79 -5.34 -7.84
CA HIS A 63 -6.08 -4.08 -8.52
C HIS A 63 -4.88 -3.14 -8.36
N SER A 64 -4.51 -2.89 -7.11
CA SER A 64 -3.39 -2.01 -6.83
C SER A 64 -2.08 -2.73 -7.15
N ALA A 65 -1.05 -1.92 -7.40
CA ALA A 65 0.26 -2.46 -7.72
C ALA A 65 0.87 -3.09 -6.47
N PHE A 66 1.38 -2.23 -5.60
CA PHE A 66 2.00 -2.69 -4.36
C PHE A 66 1.25 -2.14 -3.14
N ILE A 67 0.89 -3.05 -2.26
CA ILE A 67 0.17 -2.66 -1.05
C ILE A 67 1.11 -1.88 -0.13
N ILE A 68 0.65 -0.71 0.28
CA ILE A 68 1.43 0.14 1.15
C ILE A 68 0.87 0.06 2.58
N LEU A 69 1.66 -0.51 3.46
CA LEU A 69 1.26 -0.67 4.86
C LEU A 69 1.76 0.54 5.65
N LEU A 70 0.87 1.49 5.85
CA LEU A 70 1.20 2.70 6.59
C LEU A 70 1.50 2.32 8.05
N LEU A 71 2.70 1.83 8.27
CA LEU A 71 3.11 1.44 9.61
C LEU A 71 3.24 2.68 10.50
N THR A 72 2.20 2.92 11.27
CA THR A 72 2.18 4.08 12.16
C THR A 72 1.72 3.66 13.56
N SER A 73 2.06 4.49 14.53
CA SER A 73 1.69 4.23 15.91
C SER A 73 0.17 4.13 16.04
N ASN A 74 -0.51 4.61 15.00
CA ASN A 74 -1.96 4.60 14.98
C ASN A 74 -2.44 3.43 14.12
N PHE A 75 -1.55 2.47 13.93
CA PHE A 75 -1.86 1.30 13.12
C PHE A 75 -0.99 0.11 13.53
N ASP A 76 -1.41 -1.07 13.07
CA ASP A 76 -0.68 -2.29 13.38
C ASP A 76 0.02 -2.80 12.12
N CYS A 77 1.22 -3.32 12.31
CA CYS A 77 1.99 -3.84 11.21
C CYS A 77 1.73 -5.35 11.09
N ARG A 78 2.03 -6.05 12.17
CA ARG A 78 1.83 -7.49 12.21
C ARG A 78 0.54 -7.87 11.48
N LEU A 79 -0.42 -6.95 11.54
CA LEU A 79 -1.70 -7.16 10.89
C LEU A 79 -1.59 -6.81 9.41
N SER A 80 -1.29 -5.53 9.16
CA SER A 80 -1.16 -5.05 7.80
C SER A 80 -0.46 -6.10 6.94
N LEU A 81 0.58 -6.70 7.52
CA LEU A 81 1.33 -7.72 6.81
C LEU A 81 0.47 -8.98 6.67
N HIS A 82 0.03 -9.49 7.80
CA HIS A 82 -0.79 -10.69 7.80
C HIS A 82 -1.84 -10.59 6.70
N GLN A 83 -2.66 -9.55 6.78
CA GLN A 83 -3.70 -9.33 5.80
C GLN A 83 -3.14 -9.52 4.38
N VAL A 84 -1.89 -9.14 4.23
CA VAL A 84 -1.23 -9.26 2.93
C VAL A 84 -0.82 -10.71 2.71
N ASN A 85 0.13 -11.15 3.51
CA ASN A 85 0.62 -12.52 3.42
C ASN A 85 -0.56 -13.47 3.24
N GLN A 86 -1.36 -13.58 4.28
CA GLN A 86 -2.52 -14.44 4.26
C GLN A 86 -3.19 -14.40 2.88
N ALA A 87 -3.07 -13.23 2.24
CA ALA A 87 -3.65 -13.04 0.93
C ALA A 87 -2.74 -13.69 -0.12
N MET A 88 -1.48 -13.30 -0.08
CA MET A 88 -0.50 -13.83 -1.03
C MET A 88 -0.60 -15.35 -1.12
N MET A 89 -0.41 -15.99 0.03
CA MET A 89 -0.47 -17.45 0.09
C MET A 89 -1.83 -17.95 -0.39
N SER A 90 -2.78 -17.04 -0.47
CA SER A 90 -4.13 -17.38 -0.91
C SER A 90 -4.24 -17.19 -2.42
N ASN A 91 -3.33 -16.39 -2.96
CA ASN A 91 -3.32 -16.13 -4.39
C ASN A 91 -1.87 -16.05 -4.88
N LEU A 92 -1.34 -17.22 -5.22
CA LEU A 92 0.03 -17.31 -5.70
C LEU A 92 0.02 -17.67 -7.18
N THR A 93 -1.09 -18.24 -7.61
CA THR A 93 -1.24 -18.64 -9.00
C THR A 93 -1.51 -17.42 -9.89
N ARG A 94 -1.55 -16.26 -9.23
CA ARG A 94 -1.79 -15.02 -9.95
C ARG A 94 -0.49 -14.24 -10.12
N GLN A 95 -0.04 -13.66 -9.01
CA GLN A 95 1.19 -12.88 -9.02
C GLN A 95 2.24 -13.52 -8.11
N GLY A 96 1.74 -14.07 -7.00
CA GLY A 96 2.62 -14.72 -6.04
C GLY A 96 3.87 -13.87 -5.77
N SER A 97 3.64 -12.57 -5.67
CA SER A 97 4.73 -11.64 -5.42
C SER A 97 4.60 -11.04 -4.02
N PRO A 98 5.37 -11.64 -3.06
CA PRO A 98 5.34 -11.18 -1.69
C PRO A 98 6.11 -9.87 -1.53
N ASP A 99 6.64 -9.39 -2.65
CA ASP A 99 7.40 -8.15 -2.65
C ASP A 99 6.47 -6.99 -3.02
N CYS A 100 5.18 -7.26 -2.91
CA CYS A 100 4.19 -6.25 -3.23
C CYS A 100 3.84 -5.50 -1.94
N VAL A 101 4.71 -5.64 -0.95
CA VAL A 101 4.51 -4.98 0.33
C VAL A 101 5.45 -3.78 0.44
N ILE A 102 4.86 -2.65 0.82
CA ILE A 102 5.63 -1.43 0.96
C ILE A 102 5.26 -0.75 2.28
N PRO A 103 6.03 -1.09 3.34
CA PRO A 103 5.79 -0.54 4.66
C PRO A 103 6.29 0.92 4.73
N PHE A 104 5.33 1.83 4.85
CA PHE A 104 5.65 3.24 4.93
C PHE A 104 5.83 3.68 6.39
N LEU A 105 6.35 4.89 6.54
CA LEU A 105 6.58 5.43 7.87
C LEU A 105 6.52 6.96 7.81
N PRO A 106 5.33 7.51 8.19
CA PRO A 106 5.13 8.94 8.19
C PRO A 106 5.85 9.61 9.35
N LEU A 107 5.97 10.93 9.27
CA LEU A 107 6.63 11.69 10.30
C LEU A 107 5.77 11.68 11.58
N GLU A 108 4.46 11.68 11.36
CA GLU A 108 3.52 11.67 12.48
C GLU A 108 3.81 10.48 13.40
N SER A 109 4.23 9.39 12.79
CA SER A 109 4.55 8.18 13.54
C SER A 109 6.01 7.80 13.33
N SER A 110 6.41 6.72 13.99
CA SER A 110 7.78 6.24 13.88
C SER A 110 7.81 4.72 13.98
N PRO A 111 8.98 4.14 13.61
CA PRO A 111 9.16 2.70 13.64
C PRO A 111 9.34 2.21 15.08
N ALA A 112 10.01 3.03 15.87
CA ALA A 112 10.26 2.70 17.27
C ALA A 112 8.93 2.49 17.98
N GLN A 113 7.94 3.27 17.57
CA GLN A 113 6.61 3.18 18.16
C GLN A 113 6.04 1.77 17.96
N LEU A 114 6.66 1.03 17.06
CA LEU A 114 6.23 -0.32 16.76
C LEU A 114 7.14 -1.31 17.48
N SER A 115 6.73 -2.58 17.45
CA SER A 115 7.50 -3.63 18.09
C SER A 115 8.86 -3.77 17.39
N SER A 116 9.81 -4.28 18.16
CA SER A 116 11.16 -4.47 17.64
C SER A 116 11.15 -5.58 16.58
N ASP A 117 10.02 -6.25 16.47
CA ASP A 117 9.86 -7.32 15.50
C ASP A 117 9.54 -6.73 14.14
N THR A 118 8.79 -5.65 14.16
CA THR A 118 8.40 -4.97 12.93
C THR A 118 9.59 -4.88 11.98
N ALA A 119 10.70 -4.39 12.52
CA ALA A 119 11.91 -4.25 11.73
C ALA A 119 12.22 -5.56 11.02
N SER A 120 11.96 -6.65 11.73
CA SER A 120 12.20 -7.98 11.17
C SER A 120 11.03 -8.39 10.29
N LEU A 121 9.88 -7.78 10.55
CA LEU A 121 8.69 -8.08 9.77
C LEU A 121 8.87 -7.58 8.35
N LEU A 122 9.49 -6.41 8.24
CA LEU A 122 9.74 -5.81 6.93
C LEU A 122 11.25 -5.60 6.75
N SER A 123 12.01 -6.41 7.45
CA SER A 123 13.46 -6.32 7.38
C SER A 123 13.92 -6.59 5.95
N GLY A 124 13.17 -7.44 5.27
CA GLY A 124 13.50 -7.79 3.90
C GLY A 124 12.81 -6.84 2.91
N LEU A 125 11.75 -6.21 3.39
CA LEU A 125 10.99 -5.27 2.56
C LEU A 125 11.71 -3.92 2.55
N VAL A 126 11.03 -2.94 1.97
CA VAL A 126 11.60 -1.61 1.88
C VAL A 126 10.72 -0.63 2.68
N ARG A 127 11.22 -0.26 3.85
CA ARG A 127 10.50 0.65 4.72
C ARG A 127 10.53 2.06 4.14
N LEU A 128 9.42 2.42 3.50
CA LEU A 128 9.31 3.74 2.90
C LEU A 128 9.16 4.80 4.00
N ASP A 129 9.88 5.90 3.82
CA ASP A 129 9.84 6.98 4.78
C ASP A 129 9.41 8.27 4.08
N GLU A 130 9.09 9.27 4.89
CA GLU A 130 8.66 10.55 4.37
C GLU A 130 9.55 11.67 4.89
N HIS A 131 10.61 11.27 5.60
CA HIS A 131 11.54 12.23 6.15
C HIS A 131 12.95 11.92 5.65
N SER A 132 13.03 10.87 4.83
CA SER A 132 14.31 10.46 4.27
C SER A 132 14.53 11.14 2.92
N GLN A 133 15.79 11.12 2.49
CA GLN A 133 16.15 11.74 1.22
C GLN A 133 16.41 10.67 0.17
N ILE A 134 16.28 9.42 0.60
CA ILE A 134 16.50 8.29 -0.29
C ILE A 134 15.16 7.62 -0.62
N PHE A 135 14.22 7.78 0.31
CA PHE A 135 12.89 7.21 0.14
C PHE A 135 12.41 7.34 -1.31
N ALA A 136 12.79 8.46 -1.91
CA ALA A 136 12.41 8.72 -3.29
C ALA A 136 12.86 7.55 -4.17
N ARG A 137 14.11 7.16 -3.98
CA ARG A 137 14.67 6.06 -4.74
C ARG A 137 14.10 4.73 -4.27
N LYS A 138 13.59 4.74 -3.05
CA LYS A 138 13.01 3.55 -2.46
C LYS A 138 11.65 3.28 -3.09
N VAL A 139 10.91 4.36 -3.30
CA VAL A 139 9.59 4.25 -3.90
C VAL A 139 9.73 4.10 -5.41
N ALA A 140 10.59 4.93 -5.98
CA ALA A 140 10.83 4.90 -7.41
C ALA A 140 11.48 3.57 -7.79
N ASN A 141 11.89 2.83 -6.77
CA ASN A 141 12.52 1.55 -6.98
C ASN A 141 11.45 0.47 -7.07
N THR A 142 10.59 0.43 -6.06
CA THR A 142 9.52 -0.54 -6.03
C THR A 142 8.39 -0.12 -6.96
N PHE A 143 7.89 1.08 -6.74
CA PHE A 143 6.81 1.62 -7.55
C PHE A 143 7.35 2.21 -8.85
N LYS A 144 8.07 1.39 -9.60
CA LYS A 144 8.64 1.82 -10.86
C LYS A 144 7.51 2.14 -11.84
N PRO A 145 7.87 2.93 -12.89
CA PRO A 145 6.91 3.32 -13.89
C PRO A 145 6.59 2.16 -14.83
N HIS A 146 7.50 1.20 -14.86
CA HIS A 146 7.33 0.02 -15.70
C HIS A 146 6.59 -1.06 -14.93
N ARG A 147 6.48 -0.85 -13.63
CA ARG A 147 5.80 -1.80 -12.77
C ARG A 147 4.39 -1.31 -12.44
N LEU A 148 4.11 -0.08 -12.85
CA LEU A 148 2.81 0.52 -12.60
C LEU A 148 1.86 0.18 -13.75
N GLN A 149 2.44 0.13 -14.96
CA GLN A 149 1.66 -0.20 -16.13
C GLN A 149 1.49 -1.72 -16.26
N ALA A 150 2.58 -2.43 -16.00
CA ALA A 150 2.57 -3.88 -16.07
C ALA A 150 1.39 -4.42 -15.25
N ARG A 151 0.94 -3.59 -14.31
CA ARG A 151 -0.17 -3.98 -13.46
C ARG A 151 -1.44 -4.19 -14.29
N LYS A 152 -1.65 -3.27 -15.22
CA LYS A 152 -2.82 -3.33 -16.08
C LYS A 152 -2.73 -4.60 -16.94
N ALA A 153 -1.51 -4.99 -17.24
CA ALA A 153 -1.27 -6.17 -18.05
C ALA A 153 -1.84 -7.39 -17.34
N MET A 154 -2.14 -7.21 -16.05
CA MET A 154 -2.69 -8.29 -15.26
C MET A 154 -4.22 -8.20 -15.19
N TRP A 155 -4.73 -7.00 -15.46
CA TRP A 155 -6.15 -6.77 -15.44
C TRP A 155 -6.74 -7.34 -16.74
N ARG A 156 -5.92 -7.37 -17.76
CA ARG A 156 -6.33 -7.89 -19.05
C ARG A 156 -6.37 -9.42 -19.02
N LYS A 157 -5.60 -9.99 -18.11
CA LYS A 157 -5.54 -11.43 -17.97
C LYS A 157 -6.87 -11.94 -17.40
N GLU A 158 -7.40 -11.18 -16.45
CA GLU A 158 -8.66 -11.54 -15.81
C GLU A 158 -9.68 -11.93 -16.87
N GLN A 159 -9.54 -11.34 -18.06
CA GLN A 159 -10.44 -11.63 -19.16
C GLN A 159 -10.07 -12.96 -19.82
N ASP A 160 -8.79 -13.08 -20.15
CA ASP A 160 -8.30 -14.29 -20.79
C ASP A 160 -8.81 -15.51 -20.02
N MET A 1 0.96 19.90 -7.40
CA MET A 1 1.22 20.71 -8.58
C MET A 1 1.30 19.84 -9.84
N GLU A 2 0.18 19.25 -10.19
CA GLU A 2 0.11 18.40 -11.37
C GLU A 2 -0.78 19.02 -12.44
N SER A 3 -0.42 18.77 -13.69
CA SER A 3 -1.17 19.30 -14.80
C SER A 3 -1.41 18.21 -15.85
N SER A 4 -1.10 16.98 -15.46
CA SER A 4 -1.27 15.85 -16.35
C SER A 4 -2.16 14.79 -15.68
N SER A 5 -2.89 15.23 -14.67
CA SER A 5 -3.78 14.34 -13.95
C SER A 5 -4.53 13.45 -14.94
N GLU A 6 -4.01 12.24 -15.10
CA GLU A 6 -4.63 11.28 -16.01
C GLU A 6 -5.67 10.45 -15.27
N GLN A 7 -6.16 9.42 -15.96
CA GLN A 7 -7.16 8.55 -15.38
C GLN A 7 -6.84 8.26 -13.92
N LYS A 8 -7.86 7.82 -13.19
CA LYS A 8 -7.70 7.50 -11.78
C LYS A 8 -7.57 5.99 -11.60
N PHE A 9 -6.58 5.59 -10.83
CA PHE A 9 -6.34 4.18 -10.57
C PHE A 9 -5.51 3.99 -9.31
N TYR A 10 -5.63 2.80 -8.73
CA TYR A 10 -4.90 2.47 -7.53
C TYR A 10 -3.69 1.58 -7.83
N ASN A 11 -2.56 1.97 -7.26
CA ASN A 11 -1.33 1.22 -7.47
C ASN A 11 -0.86 0.63 -6.14
N PHE A 12 -1.62 0.93 -5.10
CA PHE A 12 -1.30 0.45 -3.77
C PHE A 12 -2.34 0.90 -2.75
N VAL A 13 -2.37 0.20 -1.62
CA VAL A 13 -3.31 0.51 -0.57
C VAL A 13 -2.55 0.80 0.73
N ILE A 14 -2.48 2.08 1.06
CA ILE A 14 -1.78 2.50 2.27
C ILE A 14 -2.60 2.08 3.50
N LEU A 15 -2.29 0.89 3.99
CA LEU A 15 -3.00 0.37 5.16
C LEU A 15 -2.58 1.17 6.39
N HIS A 16 -3.48 2.05 6.81
CA HIS A 16 -3.23 2.88 7.98
C HIS A 16 -4.48 2.96 8.84
N ALA A 17 -4.45 3.87 9.80
CA ALA A 17 -5.58 4.06 10.69
C ALA A 17 -6.43 5.22 10.19
N ARG A 18 -7.74 5.05 10.32
CA ARG A 18 -8.67 6.08 9.88
C ARG A 18 -8.34 7.42 10.54
N ALA A 19 -7.54 7.34 11.59
CA ALA A 19 -7.13 8.54 12.31
C ALA A 19 -5.79 9.04 11.76
N ASP A 20 -5.46 8.55 10.57
CA ASP A 20 -4.22 8.93 9.92
C ASP A 20 -4.47 9.15 8.42
N GLU A 21 -5.64 9.69 8.13
CA GLU A 21 -6.02 9.95 6.75
C GLU A 21 -5.09 11.01 6.14
N HIS A 22 -5.28 12.24 6.59
CA HIS A 22 -4.47 13.35 6.09
C HIS A 22 -3.03 12.87 5.86
N ILE A 23 -2.57 12.04 6.78
CA ILE A 23 -1.22 11.50 6.68
C ILE A 23 -1.06 10.76 5.36
N ALA A 24 -1.88 9.73 5.19
CA ALA A 24 -1.84 8.92 3.98
C ALA A 24 -2.00 9.84 2.77
N LEU A 25 -3.02 10.69 2.84
CA LEU A 25 -3.29 11.62 1.76
C LEU A 25 -2.08 12.54 1.56
N ARG A 26 -1.20 12.53 2.55
CA ARG A 26 -0.01 13.36 2.51
C ARG A 26 1.07 12.68 1.65
N VAL A 27 0.93 11.36 1.53
CA VAL A 27 1.88 10.59 0.74
C VAL A 27 1.33 10.39 -0.67
N ARG A 28 0.10 9.91 -0.72
CA ARG A 28 -0.55 9.67 -2.00
C ARG A 28 -0.05 10.66 -3.05
N GLU A 29 -0.25 11.94 -2.75
CA GLU A 29 0.17 13.00 -3.64
C GLU A 29 1.69 13.03 -3.75
N LYS A 30 2.34 13.09 -2.59
CA LYS A 30 3.80 13.12 -2.54
C LYS A 30 4.36 12.14 -3.57
N LEU A 31 3.64 11.04 -3.75
CA LEU A 31 4.05 10.02 -4.70
C LEU A 31 3.90 10.56 -6.12
N GLU A 32 2.72 11.09 -6.41
CA GLU A 32 2.45 11.65 -7.72
C GLU A 32 3.66 12.40 -8.25
N ALA A 33 4.44 12.93 -7.32
CA ALA A 33 5.63 13.67 -7.66
C ALA A 33 6.73 12.70 -8.13
N LEU A 34 6.96 11.69 -7.30
CA LEU A 34 7.97 10.69 -7.61
C LEU A 34 7.59 9.98 -8.91
N GLY A 35 6.33 9.60 -9.00
CA GLY A 35 5.83 8.91 -10.17
C GLY A 35 4.44 8.33 -9.92
N VAL A 36 4.40 7.35 -9.02
CA VAL A 36 3.15 6.70 -8.69
C VAL A 36 2.13 7.76 -8.25
N PRO A 37 0.85 7.51 -8.62
CA PRO A 37 -0.22 8.43 -8.28
C PRO A 37 -0.60 8.31 -6.80
N ASP A 38 -1.75 8.87 -6.46
CA ASP A 38 -2.23 8.84 -5.09
C ASP A 38 -2.33 7.38 -4.63
N GLY A 39 -2.84 6.54 -5.53
CA GLY A 39 -3.00 5.13 -5.22
C GLY A 39 -4.30 4.88 -4.45
N ALA A 40 -4.18 4.92 -3.13
CA ALA A 40 -5.33 4.70 -2.26
C ALA A 40 -4.85 4.34 -0.86
N THR A 41 -5.81 4.13 0.03
CA THR A 41 -5.50 3.78 1.41
C THR A 41 -6.63 2.95 2.01
N PHE A 42 -6.29 2.26 3.09
CA PHE A 42 -7.27 1.42 3.77
C PHE A 42 -7.34 1.78 5.26
N CYS A 43 -8.56 1.73 5.78
CA CYS A 43 -8.78 2.04 7.18
C CYS A 43 -9.39 0.80 7.86
N GLU A 44 -9.09 0.67 9.15
CA GLU A 44 -9.58 -0.46 9.91
C GLU A 44 -11.04 -0.74 9.55
N ASP A 45 -11.39 -2.02 9.61
CA ASP A 45 -12.74 -2.45 9.30
C ASP A 45 -13.37 -3.10 10.53
N PHE A 46 -12.79 -2.80 11.68
CA PHE A 46 -13.28 -3.35 12.93
C PHE A 46 -14.05 -2.29 13.73
N GLN A 47 -14.33 -1.19 13.05
CA GLN A 47 -15.07 -0.09 13.68
C GLN A 47 -16.29 0.27 12.84
N VAL A 48 -16.08 0.34 11.54
CA VAL A 48 -17.15 0.68 10.62
C VAL A 48 -18.19 -0.44 10.62
N HIS A 49 -19.26 -0.23 9.86
CA HIS A 49 -20.32 -1.20 9.76
C HIS A 49 -19.72 -2.61 9.65
N GLY A 50 -18.78 -2.74 8.73
CA GLY A 50 -18.12 -4.02 8.50
C GLY A 50 -17.10 -3.91 7.37
N ARG A 51 -17.41 -4.62 6.28
CA ARG A 51 -16.53 -4.62 5.13
C ARG A 51 -17.35 -4.40 3.84
N GLY A 52 -17.92 -3.22 3.75
CA GLY A 52 -18.74 -2.88 2.58
C GLY A 52 -18.21 -1.61 1.92
N GLU A 53 -17.02 -1.20 2.32
CA GLU A 53 -16.40 0.00 1.78
C GLU A 53 -15.72 -0.32 0.44
N LEU A 54 -14.82 -1.28 0.49
CA LEU A 54 -14.10 -1.68 -0.71
C LEU A 54 -14.40 -3.14 -1.01
N SER A 55 -13.87 -3.61 -2.13
CA SER A 55 -14.08 -4.98 -2.55
C SER A 55 -13.73 -5.93 -1.41
N CYS A 56 -12.44 -6.04 -1.14
CA CYS A 56 -11.97 -6.91 -0.07
C CYS A 56 -10.54 -6.49 0.29
N LEU A 57 -10.13 -6.89 1.49
CA LEU A 57 -8.79 -6.56 1.97
C LEU A 57 -7.76 -7.16 1.02
N GLN A 58 -7.99 -8.40 0.64
CA GLN A 58 -7.09 -9.10 -0.26
C GLN A 58 -7.27 -8.59 -1.69
N ASP A 59 -8.47 -8.11 -1.97
CA ASP A 59 -8.79 -7.58 -3.29
C ASP A 59 -8.00 -6.28 -3.51
N ALA A 60 -7.39 -5.81 -2.44
CA ALA A 60 -6.61 -4.59 -2.51
C ALA A 60 -5.22 -4.89 -3.10
N ILE A 61 -4.94 -6.18 -3.21
CA ILE A 61 -3.66 -6.62 -3.74
C ILE A 61 -3.79 -6.83 -5.25
N ASP A 62 -5.04 -6.91 -5.71
CA ASP A 62 -5.30 -7.10 -7.12
C ASP A 62 -5.76 -5.78 -7.74
N HIS A 63 -6.48 -5.01 -6.93
CA HIS A 63 -6.98 -3.72 -7.38
C HIS A 63 -5.85 -2.68 -7.35
N SER A 64 -4.68 -3.15 -6.94
CA SER A 64 -3.52 -2.28 -6.86
C SER A 64 -2.25 -3.08 -7.15
N ALA A 65 -1.19 -2.35 -7.50
CA ALA A 65 0.09 -2.98 -7.80
C ALA A 65 0.63 -3.64 -6.54
N PHE A 66 1.21 -2.81 -5.68
CA PHE A 66 1.78 -3.29 -4.43
C PHE A 66 1.09 -2.65 -3.22
N ILE A 67 1.00 -3.43 -2.15
CA ILE A 67 0.36 -2.95 -0.93
C ILE A 67 1.39 -2.19 -0.09
N ILE A 68 0.93 -1.10 0.50
CA ILE A 68 1.80 -0.28 1.32
C ILE A 68 1.37 -0.41 2.80
N LEU A 69 2.34 -0.72 3.64
CA LEU A 69 2.08 -0.88 5.05
C LEU A 69 2.52 0.38 5.80
N LEU A 70 1.54 1.24 6.09
CA LEU A 70 1.81 2.48 6.78
C LEU A 70 2.04 2.18 8.27
N LEU A 71 3.31 1.93 8.61
CA LEU A 71 3.66 1.64 9.98
C LEU A 71 3.54 2.91 10.83
N THR A 72 2.43 3.02 11.54
CA THR A 72 2.19 4.17 12.38
C THR A 72 1.73 3.73 13.77
N SER A 73 2.07 4.54 14.75
CA SER A 73 1.71 4.24 16.14
C SER A 73 0.18 4.14 16.26
N ASN A 74 -0.50 4.64 15.24
CA ASN A 74 -1.95 4.60 15.23
C ASN A 74 -2.41 3.31 14.55
N PHE A 75 -1.54 2.78 13.70
CA PHE A 75 -1.86 1.56 12.97
C PHE A 75 -1.00 0.40 13.49
N ASP A 76 -1.36 -0.80 13.03
CA ASP A 76 -0.64 -1.99 13.43
C ASP A 76 0.01 -2.63 12.21
N CYS A 77 1.22 -3.15 12.41
CA CYS A 77 1.96 -3.78 11.33
C CYS A 77 1.55 -5.26 11.28
N ARG A 78 1.74 -5.93 12.41
CA ARG A 78 1.41 -7.34 12.51
C ARG A 78 0.11 -7.63 11.75
N LEU A 79 -0.78 -6.64 11.76
CA LEU A 79 -2.06 -6.78 11.09
C LEU A 79 -1.84 -6.77 9.58
N SER A 80 -1.36 -5.63 9.09
CA SER A 80 -1.11 -5.47 7.66
C SER A 80 -0.27 -6.65 7.15
N LEU A 81 0.91 -6.78 7.75
CA LEU A 81 1.82 -7.86 7.36
C LEU A 81 1.07 -9.20 7.41
N HIS A 82 0.01 -9.21 8.20
CA HIS A 82 -0.80 -10.41 8.34
C HIS A 82 -1.92 -10.40 7.28
N GLN A 83 -2.29 -9.20 6.88
CA GLN A 83 -3.34 -9.05 5.88
C GLN A 83 -2.78 -9.26 4.48
N VAL A 84 -1.84 -8.42 4.12
CA VAL A 84 -1.21 -8.51 2.81
C VAL A 84 -0.76 -9.95 2.56
N ASN A 85 0.02 -10.46 3.49
CA ASN A 85 0.52 -11.82 3.40
C ASN A 85 -0.63 -12.75 3.02
N GLN A 86 -1.51 -12.99 3.99
CA GLN A 86 -2.65 -13.86 3.77
C GLN A 86 -3.23 -13.63 2.37
N ALA A 87 -3.38 -12.36 2.02
CA ALA A 87 -3.93 -12.02 0.72
C ALA A 87 -3.08 -12.67 -0.38
N MET A 88 -1.76 -12.50 -0.24
CA MET A 88 -0.84 -13.06 -1.20
C MET A 88 -0.97 -14.59 -1.27
N MET A 89 -0.51 -15.24 -0.21
CA MET A 89 -0.58 -16.70 -0.15
C MET A 89 -2.00 -17.19 -0.47
N SER A 90 -2.96 -16.30 -0.31
CA SER A 90 -4.35 -16.63 -0.58
C SER A 90 -4.58 -16.72 -2.09
N ASN A 91 -4.09 -15.71 -2.80
CA ASN A 91 -4.25 -15.67 -4.24
C ASN A 91 -2.86 -15.57 -4.89
N LEU A 92 -2.13 -16.67 -4.80
CA LEU A 92 -0.79 -16.72 -5.37
C LEU A 92 -0.89 -16.78 -6.89
N THR A 93 -1.94 -17.44 -7.36
CA THR A 93 -2.16 -17.58 -8.78
C THR A 93 -2.55 -16.23 -9.40
N ARG A 94 -2.73 -15.25 -8.52
CA ARG A 94 -3.10 -13.92 -8.97
C ARG A 94 -1.85 -13.08 -9.22
N GLN A 95 -1.25 -12.62 -8.13
CA GLN A 95 -0.04 -11.81 -8.22
C GLN A 95 1.14 -12.55 -7.59
N GLY A 96 0.82 -13.33 -6.57
CA GLY A 96 1.85 -14.09 -5.87
C GLY A 96 3.15 -13.28 -5.74
N SER A 97 2.98 -12.02 -5.37
CA SER A 97 4.12 -11.13 -5.21
C SER A 97 4.24 -10.70 -3.75
N PRO A 98 4.98 -11.54 -2.97
CA PRO A 98 5.19 -11.25 -1.55
C PRO A 98 6.21 -10.13 -1.36
N ASP A 99 6.69 -9.63 -2.48
CA ASP A 99 7.66 -8.54 -2.45
C ASP A 99 6.99 -7.23 -2.86
N CYS A 100 5.72 -7.13 -2.51
CA CYS A 100 4.94 -5.95 -2.83
C CYS A 100 4.59 -5.22 -1.54
N VAL A 101 5.19 -5.71 -0.45
CA VAL A 101 4.94 -5.13 0.86
C VAL A 101 5.92 -3.97 1.08
N ILE A 102 5.37 -2.77 1.08
CA ILE A 102 6.16 -1.57 1.29
C ILE A 102 5.75 -0.90 2.59
N PRO A 103 6.54 -1.20 3.67
CA PRO A 103 6.26 -0.63 4.97
C PRO A 103 6.67 0.84 5.03
N PHE A 104 5.67 1.71 4.97
CA PHE A 104 5.92 3.14 5.02
C PHE A 104 6.03 3.63 6.45
N LEU A 105 6.53 4.85 6.60
CA LEU A 105 6.69 5.45 7.91
C LEU A 105 6.53 6.96 7.80
N PRO A 106 5.34 7.45 8.20
CA PRO A 106 5.05 8.87 8.16
C PRO A 106 5.77 9.62 9.29
N LEU A 107 5.95 10.92 9.08
CA LEU A 107 6.61 11.74 10.07
C LEU A 107 5.75 11.84 11.31
N GLU A 108 4.46 11.58 11.13
CA GLU A 108 3.52 11.64 12.23
C GLU A 108 3.79 10.51 13.23
N SER A 109 4.23 9.38 12.69
CA SER A 109 4.53 8.23 13.51
C SER A 109 6.02 7.88 13.40
N SER A 110 6.41 6.84 14.12
CA SER A 110 7.80 6.39 14.11
C SER A 110 7.86 4.87 14.28
N PRO A 111 9.05 4.31 13.98
CA PRO A 111 9.25 2.88 14.10
C PRO A 111 9.39 2.46 15.57
N ALA A 112 9.99 3.36 16.35
CA ALA A 112 10.19 3.10 17.76
C ALA A 112 8.83 2.90 18.45
N GLN A 113 7.84 3.59 17.91
CA GLN A 113 6.49 3.51 18.45
C GLN A 113 5.92 2.10 18.23
N LEU A 114 6.64 1.32 17.43
CA LEU A 114 6.22 -0.03 17.12
C LEU A 114 7.08 -1.02 17.93
N SER A 115 6.66 -2.27 17.90
CA SER A 115 7.37 -3.32 18.63
C SER A 115 8.75 -3.51 18.01
N SER A 116 9.53 -4.38 18.66
CA SER A 116 10.88 -4.67 18.19
C SER A 116 10.84 -5.69 17.06
N ASP A 117 9.68 -6.31 16.91
CA ASP A 117 9.49 -7.30 15.87
C ASP A 117 9.26 -6.60 14.53
N THR A 118 8.50 -5.51 14.59
CA THR A 118 8.20 -4.74 13.40
C THR A 118 9.44 -4.60 12.52
N ALA A 119 10.59 -4.64 13.18
CA ALA A 119 11.86 -4.51 12.47
C ALA A 119 12.08 -5.75 11.61
N SER A 120 11.90 -6.91 12.23
CA SER A 120 12.09 -8.17 11.53
C SER A 120 10.92 -8.39 10.56
N LEU A 121 9.81 -7.73 10.85
CA LEU A 121 8.62 -7.85 10.02
C LEU A 121 8.88 -7.16 8.68
N LEU A 122 9.68 -6.11 8.73
CA LEU A 122 10.00 -5.35 7.54
C LEU A 122 11.48 -5.57 7.19
N SER A 123 12.05 -6.60 7.80
CA SER A 123 13.44 -6.93 7.56
C SER A 123 13.60 -7.59 6.18
N GLY A 124 14.16 -6.82 5.26
CA GLY A 124 14.36 -7.30 3.91
C GLY A 124 13.52 -6.52 2.90
N LEU A 125 12.45 -5.93 3.41
CA LEU A 125 11.56 -5.14 2.57
C LEU A 125 12.15 -3.74 2.38
N VAL A 126 11.35 -2.88 1.77
CA VAL A 126 11.78 -1.51 1.51
C VAL A 126 10.93 -0.55 2.34
N ARG A 127 11.50 -0.13 3.47
CA ARG A 127 10.81 0.79 4.36
C ARG A 127 10.75 2.18 3.74
N LEU A 128 9.55 2.74 3.70
CA LEU A 128 9.35 4.07 3.14
C LEU A 128 9.33 5.10 4.29
N ASP A 129 9.98 6.23 4.03
CA ASP A 129 10.04 7.28 5.02
C ASP A 129 9.97 8.64 4.31
N GLU A 130 9.29 9.57 4.97
CA GLU A 130 9.14 10.91 4.41
C GLU A 130 10.40 11.72 4.64
N HIS A 131 11.03 11.48 5.78
CA HIS A 131 12.25 12.19 6.12
C HIS A 131 13.46 11.43 5.56
N SER A 132 13.17 10.51 4.66
CA SER A 132 14.22 9.71 4.04
C SER A 132 14.59 10.30 2.68
N GLN A 133 15.85 10.71 2.57
CA GLN A 133 16.34 11.29 1.34
C GLN A 133 16.55 10.20 0.28
N ILE A 134 16.29 8.97 0.69
CA ILE A 134 16.45 7.84 -0.20
C ILE A 134 15.07 7.27 -0.55
N PHE A 135 14.14 7.46 0.37
CA PHE A 135 12.78 6.98 0.17
C PHE A 135 12.33 7.19 -1.28
N ALA A 136 12.78 8.31 -1.84
CA ALA A 136 12.44 8.63 -3.21
C ALA A 136 12.85 7.49 -4.13
N ARG A 137 14.08 7.04 -3.94
CA ARG A 137 14.62 5.95 -4.74
C ARG A 137 13.97 4.62 -4.33
N LYS A 138 13.41 4.61 -3.13
CA LYS A 138 12.77 3.43 -2.62
C LYS A 138 11.42 3.24 -3.31
N VAL A 139 10.67 4.33 -3.39
CA VAL A 139 9.37 4.30 -4.03
C VAL A 139 9.55 4.20 -5.54
N ALA A 140 10.62 4.80 -6.02
CA ALA A 140 10.92 4.79 -7.44
C ALA A 140 11.60 3.47 -7.80
N ASN A 141 11.87 2.67 -6.77
CA ASN A 141 12.51 1.38 -6.96
C ASN A 141 11.45 0.29 -6.96
N THR A 142 10.37 0.55 -6.24
CA THR A 142 9.27 -0.41 -6.15
C THR A 142 8.12 0.01 -7.07
N PHE A 143 7.71 1.27 -6.93
CA PHE A 143 6.63 1.79 -7.74
C PHE A 143 7.17 2.55 -8.95
N LYS A 144 7.87 1.82 -9.80
CA LYS A 144 8.45 2.40 -11.00
C LYS A 144 7.33 2.75 -11.97
N PRO A 145 7.63 3.74 -12.86
CA PRO A 145 6.66 4.18 -13.86
C PRO A 145 6.53 3.15 -14.99
N HIS A 146 7.66 2.56 -15.35
CA HIS A 146 7.69 1.57 -16.40
C HIS A 146 7.05 0.27 -15.91
N ARG A 147 6.72 0.27 -14.62
CA ARG A 147 6.10 -0.90 -14.01
C ARG A 147 4.59 -0.69 -13.88
N LEU A 148 4.23 0.46 -13.32
CA LEU A 148 2.83 0.78 -13.13
C LEU A 148 2.09 0.67 -14.46
N GLN A 149 2.55 1.47 -15.42
CA GLN A 149 1.95 1.47 -16.75
C GLN A 149 1.89 0.04 -17.30
N ALA A 150 2.98 -0.69 -17.06
CA ALA A 150 3.07 -2.07 -17.53
C ALA A 150 2.15 -2.95 -16.69
N ARG A 151 1.83 -2.46 -15.49
CA ARG A 151 0.96 -3.20 -14.58
C ARG A 151 -0.51 -2.94 -14.93
N LYS A 152 -0.72 -1.95 -15.79
CA LYS A 152 -2.06 -1.61 -16.20
C LYS A 152 -2.50 -2.53 -17.35
N ALA A 153 -1.53 -3.28 -17.86
CA ALA A 153 -1.78 -4.20 -18.94
C ALA A 153 -2.63 -5.37 -18.43
N MET A 154 -2.19 -5.93 -17.31
CA MET A 154 -2.89 -7.05 -16.71
C MET A 154 -4.28 -6.63 -16.24
N TRP A 155 -4.45 -5.34 -16.06
CA TRP A 155 -5.73 -4.79 -15.62
C TRP A 155 -6.77 -5.09 -16.70
N ARG A 156 -6.28 -5.28 -17.92
CA ARG A 156 -7.15 -5.56 -19.04
C ARG A 156 -7.59 -7.03 -19.02
N LYS A 157 -6.80 -7.83 -18.30
CA LYS A 157 -7.11 -9.25 -18.18
C LYS A 157 -8.33 -9.44 -17.28
N GLU A 158 -8.67 -8.38 -16.57
CA GLU A 158 -9.80 -8.42 -15.67
C GLU A 158 -11.10 -8.16 -16.45
N GLN A 159 -10.94 -7.56 -17.61
CA GLN A 159 -12.08 -7.25 -18.47
C GLN A 159 -12.55 -8.52 -19.19
N ASP A 160 -11.58 -9.34 -19.57
CA ASP A 160 -11.88 -10.57 -20.27
C ASP A 160 -12.75 -11.46 -19.39
N MET A 1 -20.56 -13.25 -11.26
CA MET A 1 -19.47 -12.29 -11.22
C MET A 1 -19.91 -10.93 -11.75
N GLU A 2 -19.17 -9.90 -11.33
CA GLU A 2 -19.49 -8.55 -11.75
C GLU A 2 -18.27 -7.91 -12.45
N SER A 3 -18.37 -7.81 -13.76
CA SER A 3 -17.30 -7.23 -14.56
C SER A 3 -17.52 -5.73 -14.71
N SER A 4 -18.50 -5.22 -13.97
CA SER A 4 -18.82 -3.80 -14.02
C SER A 4 -18.66 -3.18 -12.63
N SER A 5 -17.93 -3.88 -11.79
CA SER A 5 -17.69 -3.42 -10.43
C SER A 5 -16.21 -3.10 -10.23
N GLU A 6 -15.63 -2.48 -11.24
CA GLU A 6 -14.22 -2.12 -11.19
C GLU A 6 -13.97 -1.13 -10.06
N GLN A 7 -12.73 -0.66 -9.99
CA GLN A 7 -12.35 0.29 -8.96
C GLN A 7 -11.48 1.40 -9.56
N LYS A 8 -11.30 2.46 -8.78
CA LYS A 8 -10.50 3.59 -9.22
C LYS A 8 -9.06 3.11 -9.51
N PHE A 9 -8.39 3.85 -10.37
CA PHE A 9 -7.03 3.52 -10.73
C PHE A 9 -6.12 3.52 -9.51
N TYR A 10 -5.99 2.34 -8.90
CA TYR A 10 -5.15 2.20 -7.72
C TYR A 10 -3.86 1.47 -8.06
N ASN A 11 -2.77 1.94 -7.48
CA ASN A 11 -1.47 1.35 -7.70
C ASN A 11 -0.90 0.86 -6.37
N PHE A 12 -1.65 1.11 -5.30
CA PHE A 12 -1.23 0.70 -3.98
C PHE A 12 -2.29 1.07 -2.93
N VAL A 13 -2.34 0.25 -1.89
CA VAL A 13 -3.29 0.48 -0.82
C VAL A 13 -2.54 0.84 0.46
N ILE A 14 -2.66 2.10 0.86
CA ILE A 14 -2.00 2.59 2.05
C ILE A 14 -2.86 2.25 3.28
N LEU A 15 -2.54 1.14 3.91
CA LEU A 15 -3.27 0.71 5.09
C LEU A 15 -2.87 1.57 6.28
N HIS A 16 -3.88 2.03 7.01
CA HIS A 16 -3.64 2.86 8.18
C HIS A 16 -4.89 2.88 9.06
N ALA A 17 -4.84 3.71 10.09
CA ALA A 17 -5.96 3.83 11.01
C ALA A 17 -6.97 4.84 10.45
N ARG A 18 -7.78 5.37 11.34
CA ARG A 18 -8.79 6.34 10.95
C ARG A 18 -8.31 7.76 11.24
N ALA A 19 -7.32 7.84 12.12
CA ALA A 19 -6.76 9.13 12.49
C ALA A 19 -5.42 9.32 11.77
N ASP A 20 -5.20 8.51 10.74
CA ASP A 20 -3.97 8.59 9.97
C ASP A 20 -4.31 8.83 8.50
N GLU A 21 -5.46 9.44 8.29
CA GLU A 21 -5.91 9.74 6.93
C GLU A 21 -4.97 10.75 6.27
N HIS A 22 -5.08 12.00 6.71
CA HIS A 22 -4.25 13.05 6.16
C HIS A 22 -2.83 12.52 5.94
N ILE A 23 -2.34 11.79 6.93
CA ILE A 23 -1.01 11.22 6.85
C ILE A 23 -0.86 10.45 5.54
N ALA A 24 -1.82 9.60 5.28
CA ALA A 24 -1.81 8.79 4.07
C ALA A 24 -1.99 9.71 2.86
N LEU A 25 -3.00 10.57 2.95
CA LEU A 25 -3.28 11.49 1.87
C LEU A 25 -2.10 12.43 1.68
N ARG A 26 -1.20 12.42 2.67
CA ARG A 26 -0.02 13.26 2.63
C ARG A 26 1.09 12.57 1.84
N VAL A 27 0.92 11.26 1.66
CA VAL A 27 1.91 10.47 0.93
C VAL A 27 1.46 10.33 -0.53
N ARG A 28 0.21 9.91 -0.70
CA ARG A 28 -0.34 9.72 -2.02
C ARG A 28 0.17 10.81 -2.97
N GLU A 29 0.24 12.02 -2.44
CA GLU A 29 0.71 13.16 -3.22
C GLU A 29 2.21 13.06 -3.45
N LYS A 30 2.94 12.92 -2.35
CA LYS A 30 4.39 12.81 -2.42
C LYS A 30 4.77 11.70 -3.40
N LEU A 31 3.83 10.79 -3.60
CA LEU A 31 4.05 9.68 -4.52
C LEU A 31 3.98 10.19 -5.96
N GLU A 32 3.09 11.15 -6.17
CA GLU A 32 2.91 11.72 -7.48
C GLU A 32 4.06 12.67 -7.81
N ALA A 33 4.89 12.92 -6.81
CA ALA A 33 6.03 13.81 -6.98
C ALA A 33 7.27 12.98 -7.31
N LEU A 34 7.09 11.66 -7.29
CA LEU A 34 8.18 10.75 -7.58
C LEU A 34 7.82 9.93 -8.83
N GLY A 35 6.58 9.45 -8.84
CA GLY A 35 6.11 8.65 -9.96
C GLY A 35 4.73 8.07 -9.66
N VAL A 36 4.70 7.15 -8.72
CA VAL A 36 3.45 6.51 -8.34
C VAL A 36 2.39 7.58 -8.09
N PRO A 37 1.12 7.23 -8.47
CA PRO A 37 0.02 8.15 -8.30
C PRO A 37 -0.41 8.23 -6.83
N ASP A 38 -1.61 8.74 -6.62
CA ASP A 38 -2.15 8.88 -5.27
C ASP A 38 -2.46 7.50 -4.71
N GLY A 39 -2.56 6.53 -5.62
CA GLY A 39 -2.86 5.16 -5.22
C GLY A 39 -4.19 5.08 -4.47
N ALA A 40 -4.10 5.08 -3.16
CA ALA A 40 -5.28 5.00 -2.32
C ALA A 40 -4.87 4.62 -0.90
N THR A 41 -5.88 4.39 -0.07
CA THR A 41 -5.65 4.02 1.32
C THR A 41 -6.81 3.18 1.86
N PHE A 42 -6.50 2.35 2.84
CA PHE A 42 -7.50 1.50 3.44
C PHE A 42 -7.67 1.82 4.93
N CYS A 43 -8.61 2.71 5.20
CA CYS A 43 -8.89 3.12 6.57
C CYS A 43 -9.37 1.89 7.34
N GLU A 44 -8.40 1.12 7.83
CA GLU A 44 -8.70 -0.07 8.59
C GLU A 44 -9.49 0.29 9.85
N ASP A 45 -10.67 -0.32 9.97
CA ASP A 45 -11.52 -0.08 11.11
C ASP A 45 -12.24 -1.38 11.50
N PHE A 46 -12.12 -1.73 12.77
CA PHE A 46 -12.74 -2.95 13.27
C PHE A 46 -14.10 -2.63 13.91
N GLN A 47 -14.54 -1.39 13.73
CA GLN A 47 -15.80 -0.96 14.30
C GLN A 47 -16.96 -1.43 13.41
N VAL A 48 -16.70 -1.47 12.12
CA VAL A 48 -17.71 -1.90 11.16
C VAL A 48 -17.24 -3.18 10.48
N HIS A 49 -18.20 -3.92 9.94
CA HIS A 49 -17.91 -5.16 9.26
C HIS A 49 -16.64 -4.99 8.42
N GLY A 50 -16.60 -3.89 7.69
CA GLY A 50 -15.44 -3.60 6.84
C GLY A 50 -15.76 -3.90 5.38
N ARG A 51 -16.79 -4.71 5.18
CA ARG A 51 -17.21 -5.08 3.83
C ARG A 51 -18.02 -3.95 3.21
N GLY A 52 -18.16 -2.86 3.95
CA GLY A 52 -18.91 -1.72 3.49
C GLY A 52 -18.04 -0.46 3.48
N GLU A 53 -16.80 -0.63 3.92
CA GLU A 53 -15.86 0.48 3.96
C GLU A 53 -15.01 0.50 2.69
N LEU A 54 -14.44 -0.65 2.38
CA LEU A 54 -13.60 -0.77 1.19
C LEU A 54 -14.05 -1.96 0.37
N SER A 55 -13.19 -2.39 -0.55
CA SER A 55 -13.49 -3.52 -1.40
C SER A 55 -13.07 -4.82 -0.72
N CYS A 56 -11.76 -4.99 -0.63
CA CYS A 56 -11.21 -6.19 0.00
C CYS A 56 -9.70 -6.01 0.12
N LEU A 57 -9.10 -6.82 0.98
CA LEU A 57 -7.66 -6.77 1.20
C LEU A 57 -6.95 -7.13 -0.10
N GLN A 58 -7.30 -8.29 -0.63
CA GLN A 58 -6.71 -8.76 -1.87
C GLN A 58 -7.15 -7.90 -3.05
N ASP A 59 -8.09 -7.00 -2.76
CA ASP A 59 -8.62 -6.11 -3.78
C ASP A 59 -7.52 -5.12 -4.19
N ALA A 60 -6.47 -5.07 -3.39
CA ALA A 60 -5.36 -4.18 -3.66
C ALA A 60 -4.19 -4.99 -4.21
N ILE A 61 -4.07 -6.21 -3.70
CA ILE A 61 -3.00 -7.09 -4.13
C ILE A 61 -3.25 -7.52 -5.57
N ASP A 62 -4.49 -7.39 -6.00
CA ASP A 62 -4.87 -7.76 -7.34
C ASP A 62 -5.04 -6.49 -8.19
N HIS A 63 -5.94 -5.63 -7.73
CA HIS A 63 -6.20 -4.38 -8.43
C HIS A 63 -4.98 -3.46 -8.33
N SER A 64 -4.66 -3.09 -7.10
CA SER A 64 -3.52 -2.23 -6.86
C SER A 64 -2.22 -2.99 -7.12
N ALA A 65 -1.17 -2.22 -7.38
CA ALA A 65 0.13 -2.80 -7.65
C ALA A 65 0.65 -3.51 -6.40
N PHE A 66 1.15 -2.70 -5.47
CA PHE A 66 1.68 -3.23 -4.22
C PHE A 66 0.98 -2.57 -3.03
N ILE A 67 0.84 -3.36 -1.96
CA ILE A 67 0.20 -2.88 -0.75
C ILE A 67 1.21 -2.05 0.04
N ILE A 68 0.71 -0.94 0.59
CA ILE A 68 1.54 -0.05 1.37
C ILE A 68 1.08 -0.07 2.84
N LEU A 69 1.93 -0.61 3.69
CA LEU A 69 1.61 -0.69 5.11
C LEU A 69 2.09 0.59 5.81
N LEU A 70 1.13 1.42 6.16
CA LEU A 70 1.43 2.67 6.84
C LEU A 70 1.80 2.39 8.30
N LEU A 71 3.04 1.96 8.49
CA LEU A 71 3.53 1.65 9.82
C LEU A 71 3.49 2.92 10.68
N THR A 72 2.38 3.09 11.37
CA THR A 72 2.20 4.24 12.24
C THR A 72 1.70 3.81 13.62
N SER A 73 2.08 4.59 14.62
CA SER A 73 1.68 4.29 15.99
C SER A 73 0.16 4.30 16.10
N ASN A 74 -0.48 4.86 15.08
CA ASN A 74 -1.93 4.93 15.04
C ASN A 74 -2.48 3.68 14.36
N PHE A 75 -1.63 3.05 13.56
CA PHE A 75 -2.02 1.85 12.84
C PHE A 75 -1.25 0.63 13.37
N ASP A 76 -1.66 -0.54 12.88
CA ASP A 76 -1.03 -1.78 13.30
C ASP A 76 -0.28 -2.38 12.11
N CYS A 77 0.94 -2.84 12.38
CA CYS A 77 1.76 -3.43 11.35
C CYS A 77 1.55 -4.95 11.39
N ARG A 78 1.67 -5.50 12.58
CA ARG A 78 1.49 -6.94 12.76
C ARG A 78 0.36 -7.45 11.87
N LEU A 79 -0.71 -6.66 11.81
CA LEU A 79 -1.86 -7.02 11.01
C LEU A 79 -1.57 -6.72 9.54
N SER A 80 -0.99 -5.56 9.32
CA SER A 80 -0.65 -5.14 7.96
C SER A 80 0.10 -6.26 7.25
N LEU A 81 0.78 -7.07 8.03
CA LEU A 81 1.56 -8.19 7.49
C LEU A 81 0.65 -9.42 7.39
N HIS A 82 0.12 -9.82 8.54
CA HIS A 82 -0.76 -10.97 8.60
C HIS A 82 -1.77 -10.91 7.46
N GLN A 83 -2.08 -9.68 7.06
CA GLN A 83 -3.04 -9.47 5.98
C GLN A 83 -2.39 -9.78 4.63
N VAL A 84 -1.55 -8.85 4.18
CA VAL A 84 -0.86 -9.01 2.91
C VAL A 84 -0.42 -10.46 2.76
N ASN A 85 -0.15 -11.09 3.89
CA ASN A 85 0.29 -12.48 3.90
C ASN A 85 -0.92 -13.38 3.62
N GLN A 86 -1.79 -13.49 4.61
CA GLN A 86 -2.97 -14.31 4.48
C GLN A 86 -3.59 -14.13 3.09
N ALA A 87 -3.36 -12.97 2.53
CA ALA A 87 -3.89 -12.66 1.21
C ALA A 87 -2.96 -13.24 0.14
N MET A 88 -1.69 -12.90 0.26
CA MET A 88 -0.69 -13.38 -0.68
C MET A 88 -0.80 -14.91 -0.86
N MET A 89 -0.74 -15.60 0.26
CA MET A 89 -0.82 -17.05 0.25
C MET A 89 -2.20 -17.52 -0.20
N SER A 90 -3.10 -16.55 -0.32
CA SER A 90 -4.46 -16.85 -0.73
C SER A 90 -4.50 -17.11 -2.24
N ASN A 91 -3.91 -16.19 -2.99
CA ASN A 91 -3.87 -16.30 -4.44
C ASN A 91 -2.48 -15.90 -4.94
N LEU A 92 -1.63 -16.91 -5.07
CA LEU A 92 -0.27 -16.67 -5.53
C LEU A 92 -0.22 -16.81 -7.06
N THR A 93 -0.99 -17.77 -7.55
CA THR A 93 -1.05 -18.02 -8.99
C THR A 93 -1.66 -16.82 -9.70
N ARG A 94 -2.22 -15.91 -8.92
CA ARG A 94 -2.84 -14.72 -9.46
C ARG A 94 -1.77 -13.70 -9.86
N GLN A 95 -1.21 -13.07 -8.84
CA GLN A 95 -0.17 -12.06 -9.08
C GLN A 95 1.18 -12.59 -8.59
N GLY A 96 1.12 -13.48 -7.61
CA GLY A 96 2.33 -14.05 -7.05
C GLY A 96 3.43 -12.99 -6.91
N SER A 97 3.19 -12.06 -5.99
CA SER A 97 4.14 -10.99 -5.74
C SER A 97 4.46 -10.91 -4.25
N PRO A 98 5.52 -11.65 -3.84
CA PRO A 98 5.93 -11.66 -2.45
C PRO A 98 6.64 -10.37 -2.08
N ASP A 99 6.74 -9.47 -3.05
CA ASP A 99 7.39 -8.19 -2.84
C ASP A 99 6.41 -7.07 -3.15
N CYS A 100 5.19 -7.25 -2.68
CA CYS A 100 4.15 -6.26 -2.91
C CYS A 100 3.80 -5.61 -1.56
N VAL A 101 4.80 -5.55 -0.70
CA VAL A 101 4.62 -4.96 0.61
C VAL A 101 5.63 -3.82 0.80
N ILE A 102 5.09 -2.65 1.08
CA ILE A 102 5.93 -1.47 1.29
C ILE A 102 5.49 -0.75 2.57
N PRO A 103 6.20 -1.05 3.68
CA PRO A 103 5.89 -0.43 4.97
C PRO A 103 6.37 1.02 5.00
N PHE A 104 5.41 1.92 4.84
CA PHE A 104 5.72 3.35 4.85
C PHE A 104 5.92 3.85 6.29
N LEU A 105 6.56 5.00 6.39
CA LEU A 105 6.82 5.60 7.69
C LEU A 105 6.64 7.12 7.60
N PRO A 106 5.43 7.59 8.01
CA PRO A 106 5.13 9.01 7.98
C PRO A 106 5.85 9.75 9.10
N LEU A 107 6.15 11.01 8.84
CA LEU A 107 6.84 11.84 9.82
C LEU A 107 5.93 12.02 11.05
N GLU A 108 4.65 11.72 10.85
CA GLU A 108 3.69 11.85 11.92
C GLU A 108 3.87 10.72 12.94
N SER A 109 4.45 9.63 12.46
CA SER A 109 4.70 8.47 13.31
C SER A 109 6.18 8.11 13.29
N SER A 110 6.51 7.04 14.01
CA SER A 110 7.88 6.58 14.08
C SER A 110 7.91 5.06 14.22
N PRO A 111 9.09 4.48 13.86
CA PRO A 111 9.26 3.03 13.94
C PRO A 111 9.44 2.58 15.39
N ALA A 112 9.97 3.50 16.19
CA ALA A 112 10.21 3.21 17.60
C ALA A 112 8.87 2.97 18.30
N GLN A 113 7.85 3.66 17.79
CA GLN A 113 6.51 3.54 18.36
C GLN A 113 5.94 2.15 18.09
N LEU A 114 6.63 1.42 17.22
CA LEU A 114 6.21 0.09 16.85
C LEU A 114 7.00 -0.94 17.67
N SER A 115 6.51 -2.17 17.67
CA SER A 115 7.17 -3.24 18.40
C SER A 115 8.54 -3.51 17.80
N SER A 116 9.39 -4.14 18.60
CA SER A 116 10.73 -4.47 18.17
C SER A 116 10.68 -5.56 17.10
N ASP A 117 9.50 -6.16 16.97
CA ASP A 117 9.31 -7.22 15.99
C ASP A 117 9.04 -6.60 14.62
N THR A 118 8.37 -5.46 14.63
CA THR A 118 8.05 -4.76 13.40
C THR A 118 9.27 -4.71 12.49
N ALA A 119 10.44 -4.78 13.11
CA ALA A 119 11.69 -4.75 12.35
C ALA A 119 11.86 -6.07 11.59
N SER A 120 11.58 -7.15 12.29
CA SER A 120 11.69 -8.47 11.69
C SER A 120 10.47 -8.77 10.83
N LEU A 121 9.46 -7.94 11.00
CA LEU A 121 8.23 -8.10 10.24
C LEU A 121 8.41 -7.52 8.85
N LEU A 122 9.23 -6.47 8.78
CA LEU A 122 9.50 -5.82 7.52
C LEU A 122 10.94 -6.12 7.09
N SER A 123 11.53 -7.09 7.75
CA SER A 123 12.90 -7.48 7.45
C SER A 123 13.03 -7.86 5.98
N GLY A 124 13.56 -6.93 5.20
CA GLY A 124 13.74 -7.14 3.78
C GLY A 124 12.79 -6.26 2.97
N LEU A 125 11.68 -5.91 3.60
CA LEU A 125 10.69 -5.07 2.95
C LEU A 125 11.34 -3.75 2.51
N VAL A 126 10.50 -2.86 2.01
CA VAL A 126 10.97 -1.56 1.55
C VAL A 126 10.36 -0.46 2.42
N ARG A 127 11.07 -0.11 3.47
CA ARG A 127 10.61 0.92 4.38
C ARG A 127 10.69 2.30 3.72
N LEU A 128 9.58 3.02 3.78
CA LEU A 128 9.51 4.34 3.18
C LEU A 128 9.42 5.39 4.30
N ASP A 129 10.03 6.53 4.03
CA ASP A 129 10.03 7.62 5.00
C ASP A 129 9.98 8.96 4.26
N GLU A 130 9.10 9.82 4.72
CA GLU A 130 8.95 11.13 4.11
C GLU A 130 10.10 12.05 4.53
N HIS A 131 10.98 11.51 5.36
CA HIS A 131 12.12 12.26 5.84
C HIS A 131 13.41 11.54 5.44
N SER A 132 13.44 11.08 4.20
CA SER A 132 14.60 10.37 3.69
C SER A 132 14.91 10.82 2.25
N GLN A 133 16.14 11.24 2.04
CA GLN A 133 16.57 11.69 0.73
C GLN A 133 16.73 10.50 -0.22
N ILE A 134 16.52 9.31 0.34
CA ILE A 134 16.64 8.10 -0.45
C ILE A 134 15.26 7.49 -0.67
N PHE A 135 14.38 7.76 0.28
CA PHE A 135 13.02 7.25 0.21
C PHE A 135 12.48 7.33 -1.22
N ALA A 136 12.90 8.38 -1.91
CA ALA A 136 12.46 8.60 -3.29
C ALA A 136 12.86 7.39 -4.13
N ARG A 137 14.10 6.96 -3.96
CA ARG A 137 14.62 5.81 -4.69
C ARG A 137 14.01 4.52 -4.15
N LYS A 138 13.57 4.58 -2.91
CA LYS A 138 12.96 3.43 -2.26
C LYS A 138 11.61 3.15 -2.90
N VAL A 139 10.85 4.22 -3.11
CA VAL A 139 9.53 4.10 -3.71
C VAL A 139 9.67 3.93 -5.22
N ALA A 140 10.60 4.71 -5.79
CA ALA A 140 10.84 4.65 -7.22
C ALA A 140 11.49 3.32 -7.57
N ASN A 141 11.89 2.60 -6.54
CA ASN A 141 12.53 1.30 -6.72
C ASN A 141 11.45 0.22 -6.84
N THR A 142 10.53 0.23 -5.89
CA THR A 142 9.45 -0.74 -5.89
C THR A 142 8.35 -0.31 -6.86
N PHE A 143 7.88 0.91 -6.67
CA PHE A 143 6.83 1.45 -7.53
C PHE A 143 7.42 2.09 -8.78
N LYS A 144 8.15 1.28 -9.54
CA LYS A 144 8.77 1.77 -10.77
C LYS A 144 7.68 2.28 -11.72
N PRO A 145 8.11 3.16 -12.65
CA PRO A 145 7.19 3.74 -13.63
C PRO A 145 6.84 2.72 -14.70
N HIS A 146 7.83 1.91 -15.06
CA HIS A 146 7.64 0.89 -16.08
C HIS A 146 6.57 -0.11 -15.61
N ARG A 147 6.31 -0.08 -14.32
CA ARG A 147 5.32 -0.97 -13.72
C ARG A 147 3.99 -0.23 -13.54
N LEU A 148 4.06 0.88 -12.81
CA LEU A 148 2.88 1.68 -12.55
C LEU A 148 2.02 1.74 -13.81
N GLN A 149 2.70 1.85 -14.95
CA GLN A 149 2.01 1.92 -16.23
C GLN A 149 1.52 0.52 -16.64
N ALA A 150 2.41 -0.44 -16.49
CA ALA A 150 2.08 -1.82 -16.85
C ALA A 150 1.00 -2.33 -15.91
N ARG A 151 0.77 -1.58 -14.84
CA ARG A 151 -0.23 -1.95 -13.86
C ARG A 151 -1.58 -1.33 -14.23
N LYS A 152 -1.52 -0.12 -14.76
CA LYS A 152 -2.73 0.59 -15.16
C LYS A 152 -3.05 0.26 -16.61
N ALA A 153 -2.08 -0.34 -17.29
CA ALA A 153 -2.24 -0.71 -18.69
C ALA A 153 -3.26 -1.84 -18.79
N MET A 154 -3.53 -2.45 -17.64
CA MET A 154 -4.47 -3.56 -17.59
C MET A 154 -5.89 -3.06 -17.27
N TRP A 155 -5.95 -2.15 -16.31
CA TRP A 155 -7.22 -1.58 -15.89
C TRP A 155 -7.75 -0.71 -17.03
N ARG A 156 -6.89 0.21 -17.47
CA ARG A 156 -7.25 1.11 -18.56
C ARG A 156 -8.07 0.36 -19.62
N LYS A 157 -7.64 -0.86 -19.90
CA LYS A 157 -8.30 -1.69 -20.89
C LYS A 157 -9.82 -1.55 -20.71
N GLU A 158 -10.28 -1.99 -19.55
CA GLU A 158 -11.71 -1.92 -19.24
C GLU A 158 -12.19 -0.48 -19.27
N GLN A 159 -11.29 0.43 -18.92
CA GLN A 159 -11.62 1.85 -18.90
C GLN A 159 -11.83 2.36 -20.33
N ASP A 160 -11.19 1.67 -21.27
CA ASP A 160 -11.30 2.04 -22.67
C ASP A 160 -12.44 1.25 -23.32
N MET A 1 -6.10 15.97 -24.09
CA MET A 1 -5.05 16.45 -24.99
C MET A 1 -3.79 15.58 -24.85
N GLU A 2 -3.53 15.15 -23.63
CA GLU A 2 -2.37 14.32 -23.37
C GLU A 2 -2.63 12.87 -23.80
N SER A 3 -1.63 12.28 -24.43
CA SER A 3 -1.74 10.92 -24.89
C SER A 3 -1.26 9.95 -23.80
N SER A 4 -1.24 10.46 -22.57
CA SER A 4 -0.80 9.66 -21.44
C SER A 4 -1.76 9.86 -20.26
N SER A 5 -2.94 10.34 -20.59
CA SER A 5 -3.96 10.58 -19.57
C SER A 5 -4.72 9.28 -19.29
N GLU A 6 -4.34 8.64 -18.19
CA GLU A 6 -4.98 7.40 -17.79
C GLU A 6 -6.25 7.69 -16.98
N GLN A 7 -6.92 6.61 -16.59
CA GLN A 7 -8.14 6.74 -15.81
C GLN A 7 -7.83 6.70 -14.32
N LYS A 8 -8.88 6.64 -13.52
CA LYS A 8 -8.74 6.60 -12.08
C LYS A 8 -8.61 5.15 -11.62
N PHE A 9 -7.52 4.87 -10.93
CA PHE A 9 -7.27 3.53 -10.44
C PHE A 9 -6.28 3.55 -9.27
N TYR A 10 -6.26 2.46 -8.52
CA TYR A 10 -5.37 2.34 -7.39
C TYR A 10 -4.15 1.48 -7.73
N ASN A 11 -2.99 1.94 -7.26
CA ASN A 11 -1.76 1.22 -7.51
C ASN A 11 -1.18 0.73 -6.18
N PHE A 12 -1.78 1.20 -5.10
CA PHE A 12 -1.35 0.82 -3.76
C PHE A 12 -2.35 1.27 -2.71
N VAL A 13 -2.48 0.45 -1.67
CA VAL A 13 -3.40 0.77 -0.59
C VAL A 13 -2.60 1.07 0.68
N ILE A 14 -2.61 2.33 1.05
CA ILE A 14 -1.89 2.77 2.24
C ILE A 14 -2.64 2.29 3.49
N LEU A 15 -2.25 1.11 3.96
CA LEU A 15 -2.87 0.53 5.14
C LEU A 15 -2.43 1.32 6.38
N HIS A 16 -3.31 2.20 6.83
CA HIS A 16 -3.04 3.02 7.99
C HIS A 16 -4.30 3.14 8.85
N ALA A 17 -4.12 3.74 10.02
CA ALA A 17 -5.23 3.93 10.93
C ALA A 17 -6.26 4.89 10.31
N ARG A 18 -7.23 5.27 11.11
CA ARG A 18 -8.27 6.17 10.65
C ARG A 18 -8.00 7.59 11.14
N ALA A 19 -6.96 7.72 11.95
CA ALA A 19 -6.58 9.01 12.49
C ALA A 19 -5.30 9.48 11.83
N ASP A 20 -4.99 8.86 10.70
CA ASP A 20 -3.80 9.21 9.95
C ASP A 20 -4.15 9.35 8.47
N GLU A 21 -5.33 9.90 8.23
CA GLU A 21 -5.80 10.09 6.87
C GLU A 21 -4.87 11.06 6.12
N HIS A 22 -4.96 12.33 6.49
CA HIS A 22 -4.15 13.36 5.87
C HIS A 22 -2.72 12.84 5.71
N ILE A 23 -2.29 12.06 6.69
CA ILE A 23 -0.95 11.49 6.67
C ILE A 23 -0.78 10.65 5.40
N ALA A 24 -1.76 9.82 5.15
CA ALA A 24 -1.73 8.94 3.98
C ALA A 24 -2.00 9.79 2.73
N LEU A 25 -3.12 10.48 2.74
CA LEU A 25 -3.50 11.32 1.62
C LEU A 25 -2.35 12.28 1.31
N ARG A 26 -1.50 12.48 2.29
CA ARG A 26 -0.36 13.38 2.14
C ARG A 26 0.74 12.69 1.32
N VAL A 27 0.82 11.38 1.47
CA VAL A 27 1.81 10.61 0.75
C VAL A 27 1.33 10.36 -0.68
N ARG A 28 0.09 9.89 -0.78
CA ARG A 28 -0.50 9.61 -2.08
C ARG A 28 -0.04 10.65 -3.10
N GLU A 29 -0.06 11.91 -2.68
CA GLU A 29 0.34 13.00 -3.55
C GLU A 29 1.87 12.99 -3.74
N LYS A 30 2.57 13.06 -2.63
CA LYS A 30 4.02 13.05 -2.65
C LYS A 30 4.51 11.96 -3.60
N LEU A 31 3.69 10.92 -3.71
CA LEU A 31 4.03 9.80 -4.57
C LEU A 31 3.92 10.24 -6.03
N GLU A 32 2.85 10.96 -6.33
CA GLU A 32 2.63 11.44 -7.68
C GLU A 32 3.72 12.43 -8.08
N ALA A 33 4.50 12.82 -7.08
CA ALA A 33 5.59 13.76 -7.32
C ALA A 33 6.83 13.00 -7.78
N LEU A 34 6.73 11.68 -7.74
CA LEU A 34 7.82 10.83 -8.14
C LEU A 34 7.37 9.93 -9.29
N GLY A 35 6.18 9.37 -9.14
CA GLY A 35 5.63 8.50 -10.17
C GLY A 35 4.27 7.95 -9.74
N VAL A 36 4.32 6.97 -8.83
CA VAL A 36 3.10 6.36 -8.34
C VAL A 36 2.05 7.44 -8.11
N PRO A 37 0.79 7.11 -8.52
CA PRO A 37 -0.31 8.04 -8.36
C PRO A 37 -0.77 8.11 -6.90
N ASP A 38 -1.95 8.67 -6.71
CA ASP A 38 -2.53 8.80 -5.38
C ASP A 38 -2.70 7.40 -4.77
N GLY A 39 -3.21 6.50 -5.58
CA GLY A 39 -3.43 5.13 -5.14
C GLY A 39 -4.69 5.04 -4.28
N ALA A 40 -4.49 5.07 -2.97
CA ALA A 40 -5.60 5.00 -2.03
C ALA A 40 -5.07 4.61 -0.65
N THR A 41 -6.00 4.35 0.25
CA THR A 41 -5.64 3.98 1.61
C THR A 41 -6.73 3.11 2.23
N PHE A 42 -6.32 2.27 3.17
CA PHE A 42 -7.25 1.37 3.84
C PHE A 42 -7.03 1.40 5.35
N CYS A 43 -8.13 1.62 6.07
CA CYS A 43 -8.06 1.66 7.53
C CYS A 43 -9.26 0.88 8.08
N GLU A 44 -8.96 -0.07 8.94
CA GLU A 44 -9.99 -0.89 9.56
C GLU A 44 -10.94 -0.01 10.38
N ASP A 45 -12.22 -0.12 10.05
CA ASP A 45 -13.24 0.66 10.75
C ASP A 45 -14.59 -0.02 10.58
N PHE A 46 -15.27 -0.23 11.69
CA PHE A 46 -16.58 -0.86 11.68
C PHE A 46 -17.66 0.11 12.15
N GLN A 47 -17.29 1.38 12.22
CA GLN A 47 -18.22 2.42 12.65
C GLN A 47 -18.40 3.46 11.55
N VAL A 48 -17.64 3.28 10.48
CA VAL A 48 -17.71 4.21 9.35
C VAL A 48 -19.18 4.45 8.99
N HIS A 49 -19.38 5.40 8.09
CA HIS A 49 -20.71 5.75 7.65
C HIS A 49 -21.47 4.48 7.29
N GLY A 50 -20.79 3.60 6.56
CA GLY A 50 -21.39 2.35 6.14
C GLY A 50 -21.95 2.45 4.73
N ARG A 51 -21.15 3.03 3.85
CA ARG A 51 -21.56 3.21 2.47
C ARG A 51 -20.74 2.30 1.55
N GLY A 52 -19.92 1.47 2.18
CA GLY A 52 -19.07 0.55 1.44
C GLY A 52 -17.87 1.28 0.83
N GLU A 53 -16.76 1.22 1.53
CA GLU A 53 -15.54 1.86 1.08
C GLU A 53 -14.80 0.96 0.09
N LEU A 54 -14.16 -0.06 0.64
CA LEU A 54 -13.41 -1.00 -0.19
C LEU A 54 -13.75 -2.43 0.26
N SER A 55 -13.29 -3.38 -0.55
CA SER A 55 -13.54 -4.78 -0.26
C SER A 55 -12.67 -5.23 0.90
N CYS A 56 -11.37 -5.32 0.64
CA CYS A 56 -10.42 -5.74 1.66
C CYS A 56 -9.01 -5.60 1.07
N LEU A 57 -8.04 -5.75 1.96
CA LEU A 57 -6.64 -5.64 1.55
C LEU A 57 -6.38 -6.57 0.36
N GLN A 58 -7.09 -7.68 0.37
CA GLN A 58 -6.95 -8.66 -0.70
C GLN A 58 -7.33 -8.04 -2.04
N ASP A 59 -8.29 -7.13 -1.97
CA ASP A 59 -8.76 -6.46 -3.18
C ASP A 59 -7.78 -5.35 -3.55
N ALA A 60 -6.77 -5.18 -2.71
CA ALA A 60 -5.75 -4.16 -2.94
C ALA A 60 -4.50 -4.82 -3.50
N ILE A 61 -4.28 -6.06 -3.09
CA ILE A 61 -3.12 -6.81 -3.55
C ILE A 61 -3.39 -7.35 -4.95
N ASP A 62 -4.66 -7.32 -5.33
CA ASP A 62 -5.06 -7.81 -6.65
C ASP A 62 -5.32 -6.60 -7.56
N HIS A 63 -6.01 -5.62 -7.01
CA HIS A 63 -6.32 -4.42 -7.76
C HIS A 63 -5.09 -3.51 -7.84
N SER A 64 -4.67 -3.03 -6.67
CA SER A 64 -3.52 -2.16 -6.59
C SER A 64 -2.24 -2.96 -6.85
N ALA A 65 -1.23 -2.25 -7.34
CA ALA A 65 0.04 -2.87 -7.63
C ALA A 65 0.64 -3.46 -6.36
N PHE A 66 1.24 -2.58 -5.56
CA PHE A 66 1.85 -3.01 -4.31
C PHE A 66 1.18 -2.33 -3.12
N ILE A 67 0.96 -3.11 -2.07
CA ILE A 67 0.33 -2.61 -0.87
C ILE A 67 1.38 -1.90 0.00
N ILE A 68 0.98 -0.76 0.54
CA ILE A 68 1.87 0.02 1.38
C ILE A 68 1.38 -0.03 2.82
N LEU A 69 2.24 -0.51 3.70
CA LEU A 69 1.91 -0.61 5.11
C LEU A 69 2.40 0.64 5.85
N LEU A 70 1.45 1.47 6.23
CA LEU A 70 1.78 2.70 6.94
C LEU A 70 2.19 2.37 8.37
N LEU A 71 3.49 2.27 8.58
CA LEU A 71 4.03 1.96 9.88
C LEU A 71 3.91 3.19 10.79
N THR A 72 2.85 3.20 11.59
CA THR A 72 2.61 4.30 12.51
C THR A 72 2.02 3.78 13.82
N SER A 73 2.38 4.47 14.90
CA SER A 73 1.89 4.10 16.22
C SER A 73 0.36 4.14 16.24
N ASN A 74 -0.20 4.80 15.24
CA ASN A 74 -1.64 4.92 15.14
C ASN A 74 -2.21 3.68 14.43
N PHE A 75 -1.35 3.04 13.64
CA PHE A 75 -1.75 1.86 12.91
C PHE A 75 -1.11 0.60 13.51
N ASP A 76 -1.52 -0.54 12.99
CA ASP A 76 -1.00 -1.81 13.46
C ASP A 76 -0.63 -2.69 12.26
N CYS A 77 0.68 -2.78 12.03
CA CYS A 77 1.18 -3.58 10.92
C CYS A 77 0.79 -5.04 11.17
N ARG A 78 0.88 -5.44 12.43
CA ARG A 78 0.55 -6.80 12.81
C ARG A 78 -0.66 -7.29 12.01
N LEU A 79 -1.54 -6.35 11.68
CA LEU A 79 -2.73 -6.68 10.92
C LEU A 79 -2.39 -6.72 9.43
N SER A 80 -2.05 -5.57 8.89
CA SER A 80 -1.70 -5.46 7.49
C SER A 80 -0.88 -6.68 7.06
N LEU A 81 0.29 -6.81 7.68
CA LEU A 81 1.18 -7.92 7.38
C LEU A 81 0.38 -9.23 7.41
N HIS A 82 -0.51 -9.32 8.39
CA HIS A 82 -1.33 -10.50 8.54
C HIS A 82 -2.32 -10.59 7.37
N GLN A 83 -2.69 -9.42 6.86
CA GLN A 83 -3.62 -9.36 5.75
C GLN A 83 -2.92 -9.76 4.45
N VAL A 84 -2.02 -8.90 3.99
CA VAL A 84 -1.29 -9.15 2.76
C VAL A 84 -0.79 -10.60 2.77
N ASN A 85 -0.15 -10.98 3.86
CA ASN A 85 0.38 -12.32 3.99
C ASN A 85 -0.64 -13.32 3.44
N GLN A 86 -1.87 -13.18 3.90
CA GLN A 86 -2.94 -14.06 3.45
C GLN A 86 -3.31 -13.75 2.00
N ALA A 87 -3.35 -12.46 1.69
CA ALA A 87 -3.69 -12.02 0.34
C ALA A 87 -2.66 -12.59 -0.64
N MET A 88 -1.51 -12.97 -0.10
CA MET A 88 -0.45 -13.53 -0.92
C MET A 88 -0.66 -15.03 -1.14
N MET A 89 -0.82 -15.75 -0.04
CA MET A 89 -1.03 -17.18 -0.11
C MET A 89 -2.42 -17.51 -0.63
N SER A 90 -3.20 -16.46 -0.86
CA SER A 90 -4.55 -16.62 -1.37
C SER A 90 -4.52 -16.82 -2.87
N ASN A 91 -3.86 -15.89 -3.55
CA ASN A 91 -3.76 -15.96 -5.00
C ASN A 91 -2.31 -15.67 -5.41
N LEU A 92 -1.54 -16.74 -5.55
CA LEU A 92 -0.14 -16.61 -5.95
C LEU A 92 -0.04 -16.66 -7.47
N THR A 93 -0.84 -17.53 -8.06
CA THR A 93 -0.86 -17.69 -9.50
C THR A 93 -1.37 -16.41 -10.17
N ARG A 94 -1.89 -15.51 -9.35
CA ARG A 94 -2.41 -14.26 -9.84
C ARG A 94 -1.28 -13.28 -10.13
N GLN A 95 -0.70 -12.75 -9.06
CA GLN A 95 0.39 -11.81 -9.18
C GLN A 95 1.68 -12.43 -8.63
N GLY A 96 1.52 -13.37 -7.72
CA GLY A 96 2.66 -14.04 -7.11
C GLY A 96 3.81 -13.06 -6.89
N SER A 97 3.55 -12.08 -6.05
CA SER A 97 4.55 -11.07 -5.74
C SER A 97 4.64 -10.86 -4.23
N PRO A 98 5.60 -11.58 -3.59
CA PRO A 98 5.79 -11.47 -2.16
C PRO A 98 6.49 -10.16 -1.79
N ASP A 99 6.78 -9.37 -2.82
CA ASP A 99 7.44 -8.10 -2.62
C ASP A 99 6.48 -6.96 -3.01
N CYS A 100 5.24 -7.12 -2.60
CA CYS A 100 4.22 -6.12 -2.90
C CYS A 100 3.82 -5.42 -1.59
N VAL A 101 4.73 -5.47 -0.64
CA VAL A 101 4.50 -4.85 0.66
C VAL A 101 5.55 -3.77 0.91
N ILE A 102 5.06 -2.55 1.06
CA ILE A 102 5.94 -1.42 1.30
C ILE A 102 5.58 -0.77 2.64
N PRO A 103 6.41 -1.09 3.67
CA PRO A 103 6.18 -0.55 5.00
C PRO A 103 6.61 0.92 5.08
N PHE A 104 5.62 1.79 4.94
CA PHE A 104 5.89 3.22 4.99
C PHE A 104 6.06 3.70 6.42
N LEU A 105 6.51 4.94 6.55
CA LEU A 105 6.73 5.52 7.87
C LEU A 105 6.68 7.05 7.75
N PRO A 106 5.53 7.61 8.20
CA PRO A 106 5.34 9.06 8.16
C PRO A 106 6.16 9.75 9.25
N LEU A 107 6.15 11.07 9.21
CA LEU A 107 6.87 11.87 10.19
C LEU A 107 6.06 11.93 11.49
N GLU A 108 4.76 11.78 11.34
CA GLU A 108 3.86 11.83 12.49
C GLU A 108 4.17 10.66 13.44
N SER A 109 4.58 9.55 12.85
CA SER A 109 4.90 8.37 13.64
C SER A 109 6.40 8.10 13.57
N SER A 110 6.81 7.04 14.24
CA SER A 110 8.21 6.66 14.27
C SER A 110 8.34 5.13 14.35
N PRO A 111 9.56 4.64 14.01
CA PRO A 111 9.83 3.21 14.05
C PRO A 111 10.00 2.72 15.49
N ALA A 112 10.39 3.64 16.35
CA ALA A 112 10.60 3.32 17.75
C ALA A 112 9.25 3.10 18.42
N GLN A 113 8.23 3.72 17.83
CA GLN A 113 6.88 3.60 18.37
C GLN A 113 6.31 2.22 18.07
N LEU A 114 7.06 1.46 17.27
CA LEU A 114 6.63 0.12 16.90
C LEU A 114 7.39 -0.89 17.75
N SER A 115 6.88 -2.12 17.77
CA SER A 115 7.49 -3.18 18.54
C SER A 115 8.78 -3.66 17.83
N SER A 116 9.61 -4.33 18.61
CA SER A 116 10.86 -4.85 18.07
C SER A 116 10.58 -5.98 17.08
N ASP A 117 9.33 -6.38 17.03
CA ASP A 117 8.91 -7.44 16.13
C ASP A 117 8.63 -6.85 14.74
N THR A 118 8.12 -5.63 14.75
CA THR A 118 7.81 -4.93 13.50
C THR A 118 8.95 -5.11 12.49
N ALA A 119 10.17 -4.87 12.97
CA ALA A 119 11.34 -5.00 12.13
C ALA A 119 11.37 -6.40 11.52
N SER A 120 10.92 -7.36 12.31
CA SER A 120 10.90 -8.75 11.86
C SER A 120 9.63 -9.02 11.06
N LEU A 121 8.62 -8.17 11.29
CA LEU A 121 7.36 -8.31 10.60
C LEU A 121 7.57 -8.03 9.11
N LEU A 122 8.39 -7.04 8.84
CA LEU A 122 8.69 -6.66 7.46
C LEU A 122 10.19 -6.78 7.21
N SER A 123 10.83 -7.62 8.02
CA SER A 123 12.27 -7.82 7.90
C SER A 123 12.59 -8.35 6.50
N GLY A 124 13.03 -7.43 5.65
CA GLY A 124 13.40 -7.78 4.28
C GLY A 124 12.75 -6.82 3.28
N LEU A 125 11.65 -6.22 3.71
CA LEU A 125 10.93 -5.29 2.86
C LEU A 125 11.70 -3.97 2.79
N VAL A 126 11.15 -3.03 2.04
CA VAL A 126 11.77 -1.73 1.89
C VAL A 126 10.94 -0.67 2.61
N ARG A 127 11.43 -0.29 3.79
CA ARG A 127 10.74 0.70 4.60
C ARG A 127 10.73 2.05 3.88
N LEU A 128 9.53 2.58 3.72
CA LEU A 128 9.36 3.86 3.05
C LEU A 128 9.28 4.97 4.10
N ASP A 129 10.10 6.00 3.89
CA ASP A 129 10.13 7.13 4.82
C ASP A 129 9.94 8.42 4.03
N GLU A 130 9.06 9.27 4.55
CA GLU A 130 8.78 10.54 3.91
C GLU A 130 9.84 11.58 4.29
N HIS A 131 10.49 11.33 5.42
CA HIS A 131 11.53 12.22 5.91
C HIS A 131 12.89 11.76 5.38
N SER A 132 12.85 10.76 4.52
CA SER A 132 14.06 10.22 3.94
C SER A 132 14.39 10.96 2.64
N GLN A 133 15.68 11.04 2.37
CA GLN A 133 16.15 11.72 1.17
C GLN A 133 16.38 10.72 0.04
N ILE A 134 16.30 9.45 0.41
CA ILE A 134 16.51 8.37 -0.55
C ILE A 134 15.17 7.70 -0.85
N PHE A 135 14.26 7.79 0.12
CA PHE A 135 12.95 7.20 -0.02
C PHE A 135 12.41 7.39 -1.44
N ALA A 136 12.73 8.54 -2.02
CA ALA A 136 12.28 8.86 -3.36
C ALA A 136 12.72 7.74 -4.32
N ARG A 137 13.98 7.36 -4.19
CA ARG A 137 14.52 6.31 -5.03
C ARG A 137 14.00 4.94 -4.58
N LYS A 138 13.54 4.90 -3.34
CA LYS A 138 13.00 3.67 -2.77
C LYS A 138 11.61 3.40 -3.35
N VAL A 139 10.85 4.47 -3.49
CA VAL A 139 9.50 4.37 -4.03
C VAL A 139 9.58 4.28 -5.55
N ALA A 140 10.40 5.15 -6.12
CA ALA A 140 10.57 5.20 -7.57
C ALA A 140 11.22 3.89 -8.04
N ASN A 141 11.69 3.12 -7.07
CA ASN A 141 12.33 1.85 -7.36
C ASN A 141 11.27 0.75 -7.39
N THR A 142 10.56 0.62 -6.28
CA THR A 142 9.52 -0.39 -6.16
C THR A 142 8.34 -0.03 -7.06
N PHE A 143 7.83 1.18 -6.86
CA PHE A 143 6.69 1.66 -7.63
C PHE A 143 7.15 2.30 -8.94
N LYS A 144 8.13 1.66 -9.56
CA LYS A 144 8.67 2.17 -10.81
C LYS A 144 7.53 2.69 -11.68
N PRO A 145 7.88 3.63 -12.60
CA PRO A 145 6.89 4.21 -13.49
C PRO A 145 6.52 3.24 -14.60
N HIS A 146 7.54 2.79 -15.33
CA HIS A 146 7.33 1.85 -16.42
C HIS A 146 6.68 0.58 -15.88
N ARG A 147 6.73 0.43 -14.57
CA ARG A 147 6.15 -0.73 -13.92
C ARG A 147 4.70 -0.45 -13.53
N LEU A 148 4.49 0.74 -12.99
CA LEU A 148 3.16 1.16 -12.57
C LEU A 148 2.18 0.99 -13.74
N GLN A 149 2.61 1.48 -14.89
CA GLN A 149 1.79 1.40 -16.09
C GLN A 149 1.77 -0.03 -16.63
N ALA A 150 2.96 -0.64 -16.66
CA ALA A 150 3.10 -2.00 -17.15
C ALA A 150 2.40 -2.95 -16.18
N ARG A 151 2.02 -2.40 -15.04
CA ARG A 151 1.34 -3.19 -14.01
C ARG A 151 0.09 -3.85 -14.59
N LYS A 152 -0.71 -3.03 -15.27
CA LYS A 152 -1.94 -3.51 -15.88
C LYS A 152 -1.70 -3.76 -17.37
N ALA A 153 -0.52 -3.38 -17.82
CA ALA A 153 -0.16 -3.54 -19.22
C ALA A 153 0.74 -4.78 -19.37
N MET A 154 1.01 -5.41 -18.24
CA MET A 154 1.84 -6.60 -18.22
C MET A 154 1.20 -7.73 -19.02
N TRP A 155 -0.12 -7.81 -18.91
CA TRP A 155 -0.87 -8.85 -19.60
C TRP A 155 -1.01 -8.42 -21.07
N ARG A 156 -1.24 -7.13 -21.25
CA ARG A 156 -1.39 -6.59 -22.59
C ARG A 156 -0.41 -7.26 -23.55
N LYS A 157 0.82 -7.40 -23.10
CA LYS A 157 1.86 -8.02 -23.90
C LYS A 157 1.36 -9.36 -24.42
N GLU A 158 1.14 -10.28 -23.48
CA GLU A 158 0.66 -11.61 -23.83
C GLU A 158 -0.65 -11.50 -24.62
N GLN A 159 -1.38 -10.44 -24.35
CA GLN A 159 -2.65 -10.21 -25.03
C GLN A 159 -2.42 -9.84 -26.49
N ASP A 160 -1.29 -9.20 -26.73
CA ASP A 160 -0.93 -8.79 -28.08
C ASP A 160 -0.59 -10.02 -28.92
N MET A 1 -11.68 -10.91 -12.99
CA MET A 1 -12.12 -10.77 -14.36
C MET A 1 -13.47 -10.05 -14.44
N GLU A 2 -13.89 -9.52 -13.30
CA GLU A 2 -15.16 -8.83 -13.22
C GLU A 2 -15.25 -7.76 -14.32
N SER A 3 -16.32 -7.83 -15.09
CA SER A 3 -16.53 -6.88 -16.17
C SER A 3 -17.75 -6.01 -15.87
N SER A 4 -18.10 -5.96 -14.59
CA SER A 4 -19.24 -5.17 -14.15
C SER A 4 -18.87 -4.33 -12.93
N SER A 5 -17.57 -4.14 -12.76
CA SER A 5 -17.07 -3.37 -11.63
C SER A 5 -16.86 -1.91 -12.06
N GLU A 6 -16.57 -1.08 -11.07
CA GLU A 6 -16.34 0.34 -11.33
C GLU A 6 -15.00 0.54 -12.02
N GLN A 7 -14.70 1.80 -12.31
CA GLN A 7 -13.45 2.14 -12.97
C GLN A 7 -12.57 2.97 -12.05
N LYS A 8 -11.60 2.30 -11.44
CA LYS A 8 -10.68 2.96 -10.53
C LYS A 8 -9.32 2.27 -10.61
N PHE A 9 -8.28 3.10 -10.53
CA PHE A 9 -6.92 2.59 -10.59
C PHE A 9 -6.15 2.92 -9.31
N TYR A 10 -5.66 1.88 -8.66
CA TYR A 10 -4.91 2.05 -7.43
C TYR A 10 -3.45 1.62 -7.61
N ASN A 11 -2.57 2.35 -6.94
CA ASN A 11 -1.15 2.06 -7.02
C ASN A 11 -0.71 1.30 -5.77
N PHE A 12 -1.51 1.44 -4.73
CA PHE A 12 -1.22 0.77 -3.47
C PHE A 12 -2.35 0.96 -2.47
N VAL A 13 -2.15 0.42 -1.28
CA VAL A 13 -3.15 0.53 -0.22
C VAL A 13 -2.46 0.89 1.08
N ILE A 14 -2.41 2.19 1.35
CA ILE A 14 -1.79 2.68 2.57
C ILE A 14 -2.64 2.28 3.77
N LEU A 15 -2.24 1.20 4.41
CA LEU A 15 -2.95 0.71 5.57
C LEU A 15 -2.54 1.51 6.81
N HIS A 16 -3.34 2.54 7.10
CA HIS A 16 -3.06 3.39 8.24
C HIS A 16 -4.28 3.40 9.18
N ALA A 17 -4.08 4.02 10.33
CA ALA A 17 -5.15 4.12 11.32
C ALA A 17 -6.23 5.07 10.82
N ARG A 18 -7.03 5.55 11.75
CA ARG A 18 -8.11 6.47 11.42
C ARG A 18 -7.68 7.92 11.70
N ALA A 19 -6.60 8.04 12.46
CA ALA A 19 -6.07 9.35 12.80
C ALA A 19 -4.79 9.60 12.03
N ASP A 20 -4.59 8.80 10.99
CA ASP A 20 -3.41 8.94 10.15
C ASP A 20 -3.84 9.24 8.72
N GLU A 21 -4.99 9.87 8.59
CA GLU A 21 -5.52 10.23 7.28
C GLU A 21 -4.61 11.26 6.61
N HIS A 22 -4.74 12.50 7.06
CA HIS A 22 -3.94 13.58 6.51
C HIS A 22 -2.52 13.09 6.25
N ILE A 23 -2.06 12.20 7.12
CA ILE A 23 -0.73 11.65 6.99
C ILE A 23 -0.60 10.94 5.64
N ALA A 24 -1.52 10.02 5.41
CA ALA A 24 -1.52 9.27 4.16
C ALA A 24 -1.84 10.22 3.00
N LEU A 25 -2.94 10.95 3.15
CA LEU A 25 -3.36 11.88 2.13
C LEU A 25 -2.16 12.74 1.70
N ARG A 26 -1.20 12.85 2.60
CA ARG A 26 0.00 13.63 2.34
C ARG A 26 0.96 12.84 1.44
N VAL A 27 1.03 11.54 1.72
CA VAL A 27 1.90 10.67 0.95
C VAL A 27 1.36 10.54 -0.48
N ARG A 28 0.10 10.14 -0.57
CA ARG A 28 -0.54 9.98 -1.86
C ARG A 28 -0.07 11.06 -2.83
N GLU A 29 -0.08 12.29 -2.34
CA GLU A 29 0.34 13.43 -3.15
C GLU A 29 1.86 13.44 -3.28
N LYS A 30 2.52 13.31 -2.15
CA LYS A 30 3.98 13.31 -2.12
C LYS A 30 4.50 12.31 -3.16
N LEU A 31 3.66 11.33 -3.47
CA LEU A 31 4.01 10.31 -4.43
C LEU A 31 3.92 10.89 -5.84
N GLU A 32 2.94 11.75 -6.02
CA GLU A 32 2.72 12.39 -7.31
C GLU A 32 3.90 13.31 -7.65
N ALA A 33 4.76 13.50 -6.67
CA ALA A 33 5.93 14.35 -6.85
C ALA A 33 7.11 13.50 -7.32
N LEU A 34 6.88 12.19 -7.34
CA LEU A 34 7.92 11.27 -7.77
C LEU A 34 7.45 10.53 -9.02
N GLY A 35 6.20 10.08 -8.97
CA GLY A 35 5.62 9.36 -10.09
C GLY A 35 4.25 8.78 -9.72
N VAL A 36 4.27 7.77 -8.88
CA VAL A 36 3.05 7.13 -8.43
C VAL A 36 2.03 8.20 -8.03
N PRO A 37 0.76 7.98 -8.45
CA PRO A 37 -0.31 8.91 -8.13
C PRO A 37 -0.73 8.79 -6.66
N ASP A 38 -1.88 9.38 -6.36
CA ASP A 38 -2.40 9.34 -5.02
C ASP A 38 -2.41 7.89 -4.51
N GLY A 39 -2.93 7.02 -5.35
CA GLY A 39 -3.00 5.60 -5.01
C GLY A 39 -4.28 5.30 -4.23
N ALA A 40 -4.12 5.17 -2.92
CA ALA A 40 -5.25 4.88 -2.06
C ALA A 40 -4.73 4.52 -0.66
N THR A 41 -5.68 4.35 0.26
CA THR A 41 -5.34 4.02 1.63
C THR A 41 -6.47 3.22 2.28
N PHE A 42 -6.13 2.02 2.71
CA PHE A 42 -7.11 1.15 3.35
C PHE A 42 -7.07 1.30 4.87
N CYS A 43 -7.87 2.23 5.37
CA CYS A 43 -7.93 2.47 6.80
C CYS A 43 -9.32 2.09 7.30
N GLU A 44 -9.46 0.82 7.64
CA GLU A 44 -10.73 0.32 8.13
C GLU A 44 -10.59 -0.16 9.59
N ASP A 45 -11.65 0.07 10.36
CA ASP A 45 -11.65 -0.33 11.75
C ASP A 45 -10.99 -1.70 11.89
N PHE A 46 -9.77 -1.67 12.42
CA PHE A 46 -9.02 -2.90 12.61
C PHE A 46 -9.57 -3.70 13.80
N GLN A 47 -10.57 -3.13 14.45
CA GLN A 47 -11.19 -3.77 15.59
C GLN A 47 -11.65 -5.18 15.22
N VAL A 48 -11.79 -5.40 13.92
CA VAL A 48 -12.23 -6.69 13.43
C VAL A 48 -11.13 -7.74 13.69
N HIS A 49 -11.41 -8.96 13.28
CA HIS A 49 -10.47 -10.05 13.46
C HIS A 49 -9.13 -9.67 12.82
N GLY A 50 -9.17 -9.44 11.52
CA GLY A 50 -7.96 -9.07 10.79
C GLY A 50 -7.68 -10.07 9.67
N ARG A 51 -8.72 -10.37 8.91
CA ARG A 51 -8.58 -11.32 7.81
C ARG A 51 -9.29 -10.77 6.56
N GLY A 52 -9.14 -9.47 6.36
CA GLY A 52 -9.75 -8.82 5.21
C GLY A 52 -11.16 -8.31 5.56
N GLU A 53 -11.31 -7.00 5.53
CA GLU A 53 -12.58 -6.38 5.82
C GLU A 53 -13.39 -6.16 4.54
N LEU A 54 -12.79 -5.40 3.64
CA LEU A 54 -13.43 -5.11 2.36
C LEU A 54 -13.07 -6.20 1.34
N SER A 55 -14.00 -6.45 0.44
CA SER A 55 -13.79 -7.46 -0.59
C SER A 55 -12.64 -7.04 -1.51
N CYS A 56 -12.28 -5.78 -1.40
CA CYS A 56 -11.20 -5.24 -2.21
C CYS A 56 -9.90 -5.33 -1.42
N LEU A 57 -9.81 -6.37 -0.60
CA LEU A 57 -8.63 -6.59 0.21
C LEU A 57 -7.49 -7.10 -0.67
N GLN A 58 -7.67 -8.32 -1.15
CA GLN A 58 -6.67 -8.94 -2.01
C GLN A 58 -6.64 -8.25 -3.38
N ASP A 59 -7.65 -7.43 -3.61
CA ASP A 59 -7.75 -6.71 -4.87
C ASP A 59 -6.68 -5.61 -4.91
N ALA A 60 -6.09 -5.35 -3.76
CA ALA A 60 -5.06 -4.34 -3.64
C ALA A 60 -3.71 -4.97 -3.96
N ILE A 61 -3.69 -6.30 -4.00
CA ILE A 61 -2.47 -7.03 -4.28
C ILE A 61 -2.45 -7.41 -5.77
N ASP A 62 -3.63 -7.43 -6.37
CA ASP A 62 -3.75 -7.77 -7.77
C ASP A 62 -3.98 -6.50 -8.59
N HIS A 63 -4.85 -5.65 -8.06
CA HIS A 63 -5.18 -4.39 -8.73
C HIS A 63 -4.07 -3.37 -8.46
N SER A 64 -3.83 -3.13 -7.18
CA SER A 64 -2.80 -2.19 -6.78
C SER A 64 -1.41 -2.76 -7.08
N ALA A 65 -0.47 -1.86 -7.29
CA ALA A 65 0.90 -2.26 -7.58
C ALA A 65 1.49 -2.97 -6.37
N PHE A 66 1.72 -2.19 -5.32
CA PHE A 66 2.28 -2.74 -4.09
C PHE A 66 1.54 -2.20 -2.87
N ILE A 67 1.22 -3.12 -1.97
CA ILE A 67 0.51 -2.75 -0.75
C ILE A 67 1.44 -1.93 0.15
N ILE A 68 0.90 -0.82 0.63
CA ILE A 68 1.66 0.06 1.49
C ILE A 68 1.16 -0.07 2.93
N LEU A 69 2.09 -0.38 3.83
CA LEU A 69 1.76 -0.55 5.22
C LEU A 69 2.28 0.64 6.02
N LEU A 70 1.42 1.65 6.15
CA LEU A 70 1.79 2.85 6.88
C LEU A 70 2.07 2.49 8.34
N LEU A 71 3.28 2.00 8.57
CA LEU A 71 3.68 1.61 9.91
C LEU A 71 3.68 2.85 10.82
N THR A 72 2.55 3.05 11.47
CA THR A 72 2.40 4.19 12.37
C THR A 72 1.98 3.71 13.76
N SER A 73 2.48 4.42 14.77
CA SER A 73 2.17 4.09 16.15
C SER A 73 0.65 4.05 16.35
N ASN A 74 -0.05 4.68 15.42
CA ASN A 74 -1.51 4.72 15.48
C ASN A 74 -2.08 3.50 14.76
N PHE A 75 -1.31 2.99 13.81
CA PHE A 75 -1.73 1.84 13.05
C PHE A 75 -1.05 0.56 13.55
N ASP A 76 -1.50 -0.57 13.03
CA ASP A 76 -0.94 -1.85 13.41
C ASP A 76 -0.45 -2.58 12.17
N CYS A 77 0.81 -3.00 12.23
CA CYS A 77 1.41 -3.72 11.12
C CYS A 77 0.94 -5.17 11.16
N ARG A 78 1.07 -5.76 12.35
CA ARG A 78 0.65 -7.15 12.52
C ARG A 78 -0.64 -7.42 11.75
N LEU A 79 -1.45 -6.38 11.63
CA LEU A 79 -2.71 -6.51 10.91
C LEU A 79 -2.43 -6.58 9.40
N SER A 80 -2.12 -5.43 8.84
CA SER A 80 -1.83 -5.35 7.42
C SER A 80 -0.97 -6.54 6.99
N LEU A 81 0.20 -6.64 7.61
CA LEU A 81 1.11 -7.73 7.30
C LEU A 81 0.35 -9.05 7.34
N HIS A 82 -0.60 -9.14 8.27
CA HIS A 82 -1.39 -10.34 8.42
C HIS A 82 -2.44 -10.40 7.32
N GLN A 83 -2.82 -9.22 6.84
CA GLN A 83 -3.82 -9.13 5.79
C GLN A 83 -3.19 -9.47 4.44
N VAL A 84 -2.28 -8.61 4.00
CA VAL A 84 -1.60 -8.81 2.74
C VAL A 84 -1.11 -10.26 2.64
N ASN A 85 -0.38 -10.67 3.67
CA ASN A 85 0.14 -12.02 3.71
C ASN A 85 -0.92 -12.99 3.19
N GLN A 86 -1.99 -13.12 3.96
CA GLN A 86 -3.08 -14.01 3.60
C GLN A 86 -3.49 -13.77 2.14
N ALA A 87 -3.64 -12.50 1.80
CA ALA A 87 -4.02 -12.13 0.45
C ALA A 87 -3.08 -12.80 -0.55
N MET A 88 -1.80 -12.82 -0.19
CA MET A 88 -0.79 -13.43 -1.03
C MET A 88 -0.95 -14.95 -1.07
N MET A 89 -0.76 -15.56 0.08
CA MET A 89 -0.87 -17.00 0.19
C MET A 89 -2.27 -17.48 -0.22
N SER A 90 -3.18 -16.52 -0.29
CA SER A 90 -4.55 -16.83 -0.68
C SER A 90 -4.72 -16.69 -2.19
N ASN A 91 -3.79 -15.95 -2.79
CA ASN A 91 -3.82 -15.74 -4.22
C ASN A 91 -2.39 -15.72 -4.77
N LEU A 92 -1.91 -16.91 -5.10
CA LEU A 92 -0.55 -17.03 -5.63
C LEU A 92 -0.64 -17.44 -7.10
N THR A 93 -1.77 -17.99 -7.48
CA THR A 93 -1.99 -18.42 -8.84
C THR A 93 -2.16 -17.21 -9.76
N ARG A 94 -2.17 -16.04 -9.15
CA ARG A 94 -2.34 -14.80 -9.89
C ARG A 94 -0.99 -14.09 -10.05
N GLN A 95 -0.54 -13.50 -8.95
CA GLN A 95 0.73 -12.79 -8.95
C GLN A 95 1.72 -13.47 -8.00
N GLY A 96 1.17 -14.08 -6.96
CA GLY A 96 1.98 -14.77 -5.98
C GLY A 96 3.28 -14.00 -5.72
N SER A 97 3.15 -12.69 -5.58
CA SER A 97 4.31 -11.85 -5.32
C SER A 97 4.25 -11.28 -3.91
N PRO A 98 4.99 -11.96 -2.99
CA PRO A 98 5.02 -11.53 -1.60
C PRO A 98 5.89 -10.27 -1.43
N ASP A 99 6.43 -9.81 -2.55
CA ASP A 99 7.27 -8.63 -2.54
C ASP A 99 6.44 -7.41 -2.91
N CYS A 100 5.12 -7.59 -2.84
CA CYS A 100 4.21 -6.51 -3.17
C CYS A 100 3.84 -5.78 -1.88
N VAL A 101 4.82 -5.66 -1.01
CA VAL A 101 4.63 -4.98 0.27
C VAL A 101 5.59 -3.80 0.37
N ILE A 102 5.09 -2.72 0.95
CA ILE A 102 5.89 -1.52 1.13
C ILE A 102 5.56 -0.87 2.47
N PRO A 103 6.37 -1.22 3.49
CA PRO A 103 6.16 -0.68 4.82
C PRO A 103 6.62 0.78 4.90
N PHE A 104 5.66 1.68 4.80
CA PHE A 104 5.95 3.10 4.86
C PHE A 104 6.18 3.56 6.31
N LEU A 105 6.68 4.78 6.44
CA LEU A 105 6.95 5.35 7.74
C LEU A 105 6.85 6.87 7.67
N PRO A 106 5.70 7.39 8.20
CA PRO A 106 5.47 8.83 8.19
C PRO A 106 6.32 9.52 9.26
N LEU A 107 6.50 10.82 9.07
CA LEU A 107 7.29 11.60 10.01
C LEU A 107 6.53 11.74 11.33
N GLU A 108 5.20 11.67 11.22
CA GLU A 108 4.35 11.78 12.39
C GLU A 108 4.54 10.56 13.30
N SER A 109 4.91 9.45 12.69
CA SER A 109 5.13 8.22 13.42
C SER A 109 6.59 7.78 13.28
N SER A 110 6.92 6.71 13.99
CA SER A 110 8.27 6.18 13.95
C SER A 110 8.24 4.66 14.12
N PRO A 111 9.39 4.02 13.79
CA PRO A 111 9.51 2.57 13.90
C PRO A 111 9.63 2.14 15.37
N ALA A 112 10.24 3.02 16.16
CA ALA A 112 10.42 2.74 17.58
C ALA A 112 9.06 2.67 18.26
N GLN A 113 8.13 3.45 17.73
CA GLN A 113 6.79 3.49 18.28
C GLN A 113 6.05 2.18 17.99
N LEU A 114 6.70 1.35 17.20
CA LEU A 114 6.13 0.06 16.82
C LEU A 114 6.71 -1.03 17.72
N SER A 115 6.03 -2.17 17.72
CA SER A 115 6.47 -3.30 18.52
C SER A 115 7.92 -3.66 18.17
N SER A 116 8.42 -4.68 18.84
CA SER A 116 9.78 -5.14 18.61
C SER A 116 9.82 -6.13 17.44
N ASP A 117 8.67 -6.75 17.19
CA ASP A 117 8.55 -7.71 16.12
C ASP A 117 8.46 -6.97 14.79
N THR A 118 7.83 -5.80 14.83
CA THR A 118 7.67 -4.99 13.64
C THR A 118 8.97 -4.95 12.84
N ALA A 119 10.06 -4.74 13.56
CA ALA A 119 11.37 -4.69 12.93
C ALA A 119 11.63 -5.99 12.18
N SER A 120 11.18 -7.08 12.78
CA SER A 120 11.36 -8.40 12.19
C SER A 120 10.28 -8.64 11.13
N LEU A 121 9.22 -7.87 11.23
CA LEU A 121 8.10 -8.00 10.31
C LEU A 121 8.52 -7.45 8.94
N LEU A 122 9.27 -6.36 8.97
CA LEU A 122 9.75 -5.74 7.74
C LEU A 122 11.27 -5.58 7.82
N SER A 123 11.88 -6.45 8.61
CA SER A 123 13.33 -6.43 8.77
C SER A 123 14.01 -6.51 7.40
N GLY A 124 13.35 -7.21 6.50
CA GLY A 124 13.87 -7.38 5.15
C GLY A 124 13.16 -6.45 4.16
N LEU A 125 11.90 -6.19 4.46
CA LEU A 125 11.09 -5.32 3.61
C LEU A 125 11.77 -3.95 3.49
N VAL A 126 11.55 -3.31 2.36
CA VAL A 126 12.13 -2.01 2.11
C VAL A 126 11.34 -0.95 2.90
N ARG A 127 11.97 -0.45 3.95
CA ARG A 127 11.35 0.55 4.79
C ARG A 127 11.24 1.88 4.04
N LEU A 128 10.00 2.33 3.86
CA LEU A 128 9.74 3.57 3.17
C LEU A 128 9.45 4.67 4.19
N ASP A 129 9.92 5.87 3.88
CA ASP A 129 9.73 7.00 4.76
C ASP A 129 9.54 8.27 3.91
N GLU A 130 9.10 9.32 4.57
CA GLU A 130 8.87 10.59 3.90
C GLU A 130 9.96 11.59 4.29
N HIS A 131 10.81 11.17 5.21
CA HIS A 131 11.89 12.02 5.69
C HIS A 131 13.23 11.46 5.19
N SER A 132 13.18 10.84 4.02
CA SER A 132 14.37 10.27 3.43
C SER A 132 14.62 10.87 2.05
N GLN A 133 15.84 11.31 1.83
CA GLN A 133 16.22 11.92 0.56
C GLN A 133 16.43 10.83 -0.49
N ILE A 134 16.28 9.58 -0.05
CA ILE A 134 16.46 8.45 -0.94
C ILE A 134 15.09 7.81 -1.22
N PHE A 135 14.19 7.98 -0.26
CA PHE A 135 12.86 7.42 -0.38
C PHE A 135 12.33 7.57 -1.82
N ALA A 136 12.70 8.68 -2.43
CA ALA A 136 12.27 8.96 -3.79
C ALA A 136 12.70 7.81 -4.70
N ARG A 137 13.95 7.41 -4.55
CA ARG A 137 14.48 6.32 -5.35
C ARG A 137 13.92 4.98 -4.86
N LYS A 138 13.43 4.99 -3.63
CA LYS A 138 12.86 3.79 -3.05
C LYS A 138 11.50 3.53 -3.67
N VAL A 139 10.72 4.59 -3.78
CA VAL A 139 9.38 4.48 -4.35
C VAL A 139 9.49 4.36 -5.88
N ALA A 140 10.38 5.17 -6.44
CA ALA A 140 10.59 5.16 -7.88
C ALA A 140 11.25 3.85 -8.28
N ASN A 141 11.65 3.09 -7.28
CA ASN A 141 12.30 1.81 -7.51
C ASN A 141 11.24 0.71 -7.58
N THR A 142 10.38 0.71 -6.57
CA THR A 142 9.32 -0.28 -6.51
C THR A 142 8.10 0.18 -7.33
N PHE A 143 7.64 1.38 -7.00
CA PHE A 143 6.50 1.95 -7.69
C PHE A 143 6.93 2.69 -8.95
N LYS A 144 7.63 1.96 -9.82
CA LYS A 144 8.10 2.53 -11.06
C LYS A 144 6.91 2.89 -11.95
N PRO A 145 7.17 3.80 -12.92
CA PRO A 145 6.12 4.26 -13.82
C PRO A 145 5.81 3.17 -14.87
N HIS A 146 6.86 2.51 -15.31
CA HIS A 146 6.71 1.45 -16.31
C HIS A 146 6.15 0.19 -15.64
N ARG A 147 5.98 0.28 -14.33
CA ARG A 147 5.47 -0.83 -13.57
C ARG A 147 3.99 -0.62 -13.24
N LEU A 148 3.62 0.66 -13.13
CA LEU A 148 2.25 1.02 -12.82
C LEU A 148 1.37 0.75 -14.04
N GLN A 149 1.79 1.30 -15.18
CA GLN A 149 1.05 1.13 -16.41
C GLN A 149 1.12 -0.33 -16.88
N ALA A 150 2.27 -0.94 -16.63
CA ALA A 150 2.48 -2.32 -17.02
C ALA A 150 1.65 -3.23 -16.11
N ARG A 151 1.54 -2.82 -14.84
CA ARG A 151 0.78 -3.58 -13.87
C ARG A 151 -0.71 -3.34 -14.06
N LYS A 152 -1.04 -2.12 -14.50
CA LYS A 152 -2.42 -1.76 -14.73
C LYS A 152 -2.82 -2.14 -16.15
N ALA A 153 -1.82 -2.37 -16.98
CA ALA A 153 -2.04 -2.75 -18.36
C ALA A 153 -2.89 -4.02 -18.41
N MET A 154 -2.74 -4.83 -17.37
CA MET A 154 -3.47 -6.08 -17.29
C MET A 154 -4.97 -5.81 -17.08
N TRP A 155 -5.26 -4.62 -16.57
CA TRP A 155 -6.64 -4.24 -16.31
C TRP A 155 -7.13 -3.41 -17.50
N ARG A 156 -6.18 -2.70 -18.11
CA ARG A 156 -6.50 -1.86 -19.26
C ARG A 156 -6.98 -2.72 -20.44
N LYS A 157 -6.37 -3.89 -20.55
CA LYS A 157 -6.72 -4.82 -21.62
C LYS A 157 -8.25 -4.95 -21.68
N GLU A 158 -8.87 -4.91 -20.51
CA GLU A 158 -10.31 -5.03 -20.43
C GLU A 158 -10.97 -3.69 -20.80
N GLN A 159 -10.26 -2.62 -20.52
CA GLN A 159 -10.76 -1.28 -20.82
C GLN A 159 -10.73 -1.03 -22.32
N ASP A 160 -9.73 -1.61 -22.97
CA ASP A 160 -9.58 -1.46 -24.40
C ASP A 160 -10.75 -2.15 -25.12
N MET A 1 -23.66 -9.21 -18.34
CA MET A 1 -22.47 -8.41 -18.11
C MET A 1 -22.69 -6.95 -18.53
N GLU A 2 -21.77 -6.09 -18.10
CA GLU A 2 -21.86 -4.69 -18.43
C GLU A 2 -21.19 -4.41 -19.78
N SER A 3 -21.19 -3.15 -20.15
CA SER A 3 -20.58 -2.74 -21.41
C SER A 3 -19.20 -2.16 -21.17
N SER A 4 -18.32 -3.00 -20.63
CA SER A 4 -16.96 -2.58 -20.34
C SER A 4 -16.97 -1.35 -19.42
N SER A 5 -17.77 -1.45 -18.37
CA SER A 5 -17.88 -0.37 -17.41
C SER A 5 -16.78 -0.48 -16.35
N GLU A 6 -15.61 0.04 -16.70
CA GLU A 6 -14.48 0.01 -15.79
C GLU A 6 -14.60 1.10 -14.74
N GLN A 7 -13.59 1.19 -13.90
CA GLN A 7 -13.57 2.18 -12.83
C GLN A 7 -12.13 2.54 -12.47
N LYS A 8 -11.96 3.76 -11.99
CA LYS A 8 -10.64 4.24 -11.60
C LYS A 8 -10.10 3.34 -10.47
N PHE A 9 -8.93 2.79 -10.71
CA PHE A 9 -8.30 1.91 -9.74
C PHE A 9 -7.13 2.62 -9.06
N TYR A 10 -6.60 1.96 -8.03
CA TYR A 10 -5.49 2.52 -7.28
C TYR A 10 -4.18 1.82 -7.66
N ASN A 11 -3.08 2.41 -7.21
CA ASN A 11 -1.77 1.86 -7.49
C ASN A 11 -1.15 1.33 -6.20
N PHE A 12 -1.75 1.72 -5.09
CA PHE A 12 -1.27 1.30 -3.78
C PHE A 12 -2.25 1.72 -2.68
N VAL A 13 -2.69 0.72 -1.92
CA VAL A 13 -3.62 0.96 -0.83
C VAL A 13 -2.84 1.29 0.45
N ILE A 14 -2.96 2.54 0.88
CA ILE A 14 -2.28 2.99 2.07
C ILE A 14 -3.10 2.60 3.31
N LEU A 15 -2.62 1.58 4.00
CA LEU A 15 -3.31 1.11 5.20
C LEU A 15 -2.83 1.92 6.41
N HIS A 16 -3.79 2.56 7.06
CA HIS A 16 -3.49 3.37 8.23
C HIS A 16 -4.71 3.41 9.15
N ALA A 17 -4.60 4.24 10.19
CA ALA A 17 -5.68 4.38 11.15
C ALA A 17 -6.68 5.42 10.63
N ARG A 18 -7.46 5.94 11.56
CA ARG A 18 -8.46 6.94 11.22
C ARG A 18 -7.94 8.35 11.54
N ALA A 19 -6.87 8.38 12.32
CA ALA A 19 -6.27 9.65 12.71
C ALA A 19 -4.94 9.82 11.96
N ASP A 20 -4.78 9.03 10.90
CA ASP A 20 -3.57 9.09 10.11
C ASP A 20 -3.94 9.36 8.64
N GLU A 21 -5.08 10.02 8.46
CA GLU A 21 -5.55 10.34 7.13
C GLU A 21 -4.58 11.30 6.44
N HIS A 22 -4.59 12.54 6.89
CA HIS A 22 -3.72 13.55 6.32
C HIS A 22 -2.34 12.95 6.07
N ILE A 23 -1.93 12.08 6.97
CA ILE A 23 -0.63 11.42 6.86
C ILE A 23 -0.56 10.66 5.54
N ALA A 24 -1.59 9.87 5.29
CA ALA A 24 -1.67 9.09 4.07
C ALA A 24 -1.90 10.02 2.88
N LEU A 25 -2.99 10.77 2.96
CA LEU A 25 -3.34 11.70 1.91
C LEU A 25 -2.14 12.60 1.61
N ARG A 26 -1.25 12.69 2.60
CA ARG A 26 -0.05 13.52 2.45
C ARG A 26 1.00 12.78 1.61
N VAL A 27 0.99 11.46 1.73
CA VAL A 27 1.93 10.64 0.99
C VAL A 27 1.44 10.48 -0.45
N ARG A 28 0.17 10.14 -0.57
CA ARG A 28 -0.43 9.95 -1.88
C ARG A 28 0.12 10.99 -2.87
N GLU A 29 0.10 12.24 -2.44
CA GLU A 29 0.58 13.32 -3.27
C GLU A 29 2.12 13.29 -3.34
N LYS A 30 2.73 13.25 -2.17
CA LYS A 30 4.18 13.21 -2.09
C LYS A 30 4.72 12.13 -3.02
N LEU A 31 3.86 11.16 -3.31
CA LEU A 31 4.22 10.06 -4.19
C LEU A 31 4.16 10.54 -5.64
N GLU A 32 3.13 11.33 -5.92
CA GLU A 32 2.94 11.86 -7.26
C GLU A 32 4.08 12.81 -7.63
N ALA A 33 4.89 13.12 -6.64
CA ALA A 33 6.02 14.02 -6.84
C ALA A 33 7.23 13.20 -7.29
N LEU A 34 7.07 11.89 -7.27
CA LEU A 34 8.14 10.99 -7.67
C LEU A 34 7.67 10.16 -8.86
N GLY A 35 6.45 9.66 -8.75
CA GLY A 35 5.88 8.83 -9.81
C GLY A 35 4.48 8.35 -9.43
N VAL A 36 4.45 7.32 -8.59
CA VAL A 36 3.18 6.76 -8.15
C VAL A 36 2.19 7.88 -7.89
N PRO A 37 0.93 7.65 -8.33
CA PRO A 37 -0.13 8.64 -8.15
C PRO A 37 -0.60 8.68 -6.70
N ASP A 38 -1.77 9.27 -6.51
CA ASP A 38 -2.35 9.39 -5.19
C ASP A 38 -2.61 7.99 -4.63
N GLY A 39 -3.14 7.13 -5.49
CA GLY A 39 -3.44 5.76 -5.10
C GLY A 39 -4.74 5.70 -4.29
N ALA A 40 -4.58 5.68 -2.98
CA ALA A 40 -5.71 5.62 -2.07
C ALA A 40 -5.24 5.19 -0.68
N THR A 41 -6.20 4.95 0.19
CA THR A 41 -5.90 4.54 1.55
C THR A 41 -7.05 3.70 2.11
N PHE A 42 -6.73 2.45 2.43
CA PHE A 42 -7.72 1.55 2.99
C PHE A 42 -7.47 1.30 4.47
N CYS A 43 -8.13 2.11 5.29
CA CYS A 43 -7.99 1.99 6.74
C CYS A 43 -9.21 1.25 7.28
N GLU A 44 -9.11 0.84 8.53
CA GLU A 44 -10.19 0.13 9.18
C GLU A 44 -11.01 1.07 10.05
N ASP A 45 -12.28 1.21 9.70
CA ASP A 45 -13.17 2.09 10.44
C ASP A 45 -14.31 1.26 11.04
N PHE A 46 -14.73 1.67 12.23
CA PHE A 46 -15.80 0.98 12.91
C PHE A 46 -17.07 1.84 12.97
N GLN A 47 -16.97 3.01 12.36
CA GLN A 47 -18.10 3.94 12.34
C GLN A 47 -19.15 3.47 11.32
N VAL A 48 -18.67 2.73 10.32
CA VAL A 48 -19.55 2.22 9.28
C VAL A 48 -20.44 1.14 9.87
N HIS A 49 -21.37 0.66 9.05
CA HIS A 49 -22.29 -0.37 9.48
C HIS A 49 -21.51 -1.56 10.06
N GLY A 50 -20.38 -1.83 9.44
CA GLY A 50 -19.53 -2.93 9.87
C GLY A 50 -18.37 -3.15 8.90
N ARG A 51 -18.14 -4.42 8.59
CA ARG A 51 -17.07 -4.78 7.67
C ARG A 51 -17.62 -4.97 6.26
N GLY A 52 -18.68 -4.25 5.98
CA GLY A 52 -19.32 -4.32 4.67
C GLY A 52 -18.76 -3.26 3.73
N GLU A 53 -17.57 -2.78 4.07
CA GLU A 53 -16.92 -1.76 3.25
C GLU A 53 -16.34 -2.37 1.98
N LEU A 54 -15.28 -3.14 2.17
CA LEU A 54 -14.61 -3.79 1.05
C LEU A 54 -14.33 -5.25 1.41
N SER A 55 -14.17 -6.06 0.38
CA SER A 55 -13.87 -7.47 0.57
C SER A 55 -12.68 -7.65 1.49
N CYS A 56 -11.49 -7.53 0.90
CA CYS A 56 -10.26 -7.67 1.67
C CYS A 56 -9.16 -6.89 0.95
N LEU A 57 -8.07 -6.67 1.67
CA LEU A 57 -6.95 -5.94 1.11
C LEU A 57 -6.55 -6.57 -0.23
N GLN A 58 -6.83 -7.86 -0.35
CA GLN A 58 -6.51 -8.59 -1.56
C GLN A 58 -6.92 -7.78 -2.80
N ASP A 59 -7.91 -6.92 -2.59
CA ASP A 59 -8.42 -6.09 -3.66
C ASP A 59 -7.30 -5.17 -4.16
N ALA A 60 -6.59 -4.59 -3.21
CA ALA A 60 -5.49 -3.69 -3.54
C ALA A 60 -4.37 -4.48 -4.22
N ILE A 61 -4.30 -5.76 -3.86
CA ILE A 61 -3.29 -6.63 -4.43
C ILE A 61 -3.72 -7.06 -5.83
N ASP A 62 -4.93 -6.70 -6.18
CA ASP A 62 -5.48 -7.04 -7.48
C ASP A 62 -5.47 -5.79 -8.38
N HIS A 63 -5.86 -4.68 -7.79
CA HIS A 63 -5.90 -3.42 -8.51
C HIS A 63 -4.62 -2.64 -8.24
N SER A 64 -4.36 -2.42 -6.96
CA SER A 64 -3.18 -1.68 -6.55
C SER A 64 -1.92 -2.51 -6.81
N ALA A 65 -0.83 -1.81 -7.12
CA ALA A 65 0.43 -2.48 -7.40
C ALA A 65 0.95 -3.13 -6.11
N PHE A 66 1.48 -2.30 -5.23
CA PHE A 66 2.01 -2.78 -3.97
C PHE A 66 1.28 -2.15 -2.78
N ILE A 67 0.88 -2.99 -1.84
CA ILE A 67 0.18 -2.52 -0.66
C ILE A 67 1.14 -1.72 0.21
N ILE A 68 0.70 -0.52 0.55
CA ILE A 68 1.51 0.37 1.38
C ILE A 68 0.96 0.36 2.81
N LEU A 69 1.74 -0.20 3.72
CA LEU A 69 1.34 -0.27 5.12
C LEU A 69 1.92 0.93 5.86
N LEU A 70 1.06 1.90 6.14
CA LEU A 70 1.47 3.09 6.85
C LEU A 70 1.79 2.73 8.31
N LEU A 71 2.98 2.18 8.51
CA LEU A 71 3.42 1.79 9.83
C LEU A 71 3.41 3.01 10.75
N THR A 72 2.29 3.20 11.44
CA THR A 72 2.15 4.32 12.36
C THR A 72 1.73 3.83 13.73
N SER A 73 2.18 4.55 14.75
CA SER A 73 1.84 4.20 16.12
C SER A 73 0.32 4.19 16.31
N ASN A 74 -0.37 4.80 15.35
CA ASN A 74 -1.81 4.87 15.40
C ASN A 74 -2.40 3.66 14.64
N PHE A 75 -1.59 3.12 13.74
CA PHE A 75 -2.00 1.97 12.96
C PHE A 75 -1.24 0.71 13.37
N ASP A 76 -1.74 -0.43 12.91
CA ASP A 76 -1.12 -1.70 13.23
C ASP A 76 -0.36 -2.20 12.00
N CYS A 77 0.84 -2.72 12.25
CA CYS A 77 1.67 -3.24 11.17
C CYS A 77 1.41 -4.75 11.06
N ARG A 78 1.41 -5.41 12.20
CA ARG A 78 1.18 -6.84 12.24
C ARG A 78 -0.01 -7.21 11.34
N LEU A 79 -1.15 -6.65 11.66
CA LEU A 79 -2.36 -6.91 10.89
C LEU A 79 -2.06 -6.71 9.40
N SER A 80 -1.75 -5.47 9.05
CA SER A 80 -1.44 -5.14 7.67
C SER A 80 -0.67 -6.29 7.02
N LEU A 81 0.44 -6.66 7.66
CA LEU A 81 1.27 -7.73 7.16
C LEU A 81 0.41 -8.99 6.97
N HIS A 82 -0.32 -9.32 8.02
CA HIS A 82 -1.17 -10.49 7.99
C HIS A 82 -2.03 -10.48 6.71
N GLN A 83 -2.78 -9.39 6.56
CA GLN A 83 -3.65 -9.24 5.40
C GLN A 83 -2.85 -9.51 4.12
N VAL A 84 -1.87 -8.66 3.87
CA VAL A 84 -1.03 -8.78 2.70
C VAL A 84 -0.67 -10.26 2.50
N ASN A 85 0.16 -10.75 3.41
CA ASN A 85 0.60 -12.13 3.35
C ASN A 85 -0.57 -13.02 2.94
N GLN A 86 -1.53 -13.13 3.85
CA GLN A 86 -2.71 -13.94 3.60
C GLN A 86 -3.14 -13.82 2.14
N ALA A 87 -3.16 -12.57 1.67
CA ALA A 87 -3.56 -12.30 0.30
C ALA A 87 -2.60 -13.05 -0.65
N MET A 88 -1.32 -12.77 -0.49
CA MET A 88 -0.31 -13.40 -1.31
C MET A 88 -0.48 -14.92 -1.33
N MET A 89 -0.12 -15.54 -0.21
CA MET A 89 -0.22 -16.98 -0.08
C MET A 89 -1.59 -17.47 -0.55
N SER A 90 -2.55 -16.56 -0.53
CA SER A 90 -3.90 -16.89 -0.95
C SER A 90 -4.01 -16.82 -2.47
N ASN A 91 -3.26 -15.88 -3.04
CA ASN A 91 -3.26 -15.70 -4.49
C ASN A 91 -1.83 -15.67 -4.99
N LEU A 92 -1.32 -16.84 -5.32
CA LEU A 92 0.04 -16.95 -5.82
C LEU A 92 0.01 -17.37 -7.29
N THR A 93 -1.11 -17.95 -7.69
CA THR A 93 -1.29 -18.40 -9.06
C THR A 93 -1.50 -17.20 -9.99
N ARG A 94 -1.53 -16.02 -9.38
CA ARG A 94 -1.72 -14.80 -10.14
C ARG A 94 -0.39 -14.05 -10.29
N GLN A 95 0.03 -13.43 -9.21
CA GLN A 95 1.28 -12.68 -9.21
C GLN A 95 2.28 -13.33 -8.25
N GLY A 96 1.75 -13.93 -7.20
CA GLY A 96 2.59 -14.58 -6.20
C GLY A 96 3.82 -13.73 -5.88
N SER A 97 3.58 -12.44 -5.71
CA SER A 97 4.67 -11.52 -5.41
C SER A 97 4.54 -11.03 -3.96
N PRO A 98 5.34 -11.66 -3.07
CA PRO A 98 5.33 -11.30 -1.66
C PRO A 98 6.06 -9.97 -1.43
N ASP A 99 6.55 -9.41 -2.53
CA ASP A 99 7.27 -8.15 -2.45
C ASP A 99 6.30 -7.00 -2.74
N CYS A 100 5.02 -7.28 -2.55
CA CYS A 100 3.99 -6.29 -2.80
C CYS A 100 3.68 -5.59 -1.46
N VAL A 101 4.64 -5.68 -0.55
CA VAL A 101 4.49 -5.07 0.75
C VAL A 101 5.48 -3.92 0.90
N ILE A 102 4.95 -2.75 1.25
CA ILE A 102 5.78 -1.57 1.41
C ILE A 102 5.33 -0.82 2.67
N PRO A 103 5.97 -1.19 3.81
CA PRO A 103 5.65 -0.56 5.08
C PRO A 103 6.24 0.85 5.16
N PHE A 104 5.38 1.85 4.99
CA PHE A 104 5.80 3.23 5.04
C PHE A 104 6.00 3.69 6.48
N LEU A 105 6.67 4.82 6.62
CA LEU A 105 6.95 5.38 7.94
C LEU A 105 6.83 6.90 7.88
N PRO A 106 5.64 7.40 8.31
CA PRO A 106 5.39 8.83 8.31
C PRO A 106 6.14 9.53 9.45
N LEU A 107 6.52 10.78 9.20
CA LEU A 107 7.23 11.55 10.18
C LEU A 107 6.36 11.71 11.44
N GLU A 108 5.06 11.56 11.23
CA GLU A 108 4.11 11.68 12.32
C GLU A 108 4.21 10.48 13.26
N SER A 109 4.81 9.42 12.74
CA SER A 109 4.98 8.20 13.52
C SER A 109 6.42 7.72 13.44
N SER A 110 6.70 6.63 14.15
CA SER A 110 8.04 6.07 14.17
C SER A 110 7.96 4.55 14.31
N PRO A 111 9.09 3.87 13.97
CA PRO A 111 9.16 2.42 14.06
C PRO A 111 9.29 1.98 15.52
N ALA A 112 9.94 2.80 16.30
CA ALA A 112 10.14 2.50 17.72
C ALA A 112 8.79 2.37 18.40
N GLN A 113 7.83 3.14 17.89
CA GLN A 113 6.48 3.12 18.44
C GLN A 113 5.82 1.76 18.18
N LEU A 114 6.46 0.99 17.31
CA LEU A 114 5.94 -0.32 16.95
C LEU A 114 6.67 -1.39 17.77
N SER A 115 6.13 -2.59 17.72
CA SER A 115 6.71 -3.71 18.45
C SER A 115 8.11 -4.03 17.88
N SER A 116 8.92 -4.65 18.72
CA SER A 116 10.26 -5.02 18.32
C SER A 116 10.20 -6.08 17.21
N ASP A 117 9.01 -6.61 16.99
CA ASP A 117 8.81 -7.62 15.98
C ASP A 117 8.68 -6.95 14.61
N THR A 118 8.16 -5.72 14.63
CA THR A 118 7.98 -4.97 13.40
C THR A 118 9.26 -5.00 12.57
N ALA A 119 10.37 -4.70 13.21
CA ALA A 119 11.66 -4.69 12.54
C ALA A 119 11.79 -5.96 11.69
N SER A 120 11.17 -7.02 12.17
CA SER A 120 11.21 -8.29 11.46
C SER A 120 10.03 -8.39 10.49
N LEU A 121 8.95 -7.72 10.87
CA LEU A 121 7.75 -7.73 10.04
C LEU A 121 8.09 -7.18 8.66
N LEU A 122 8.96 -6.19 8.64
CA LEU A 122 9.37 -5.58 7.39
C LEU A 122 10.74 -6.13 6.99
N SER A 123 11.09 -7.25 7.61
CA SER A 123 12.36 -7.89 7.33
C SER A 123 12.53 -8.09 5.82
N GLY A 124 13.38 -7.26 5.23
CA GLY A 124 13.63 -7.35 3.80
C GLY A 124 12.65 -6.46 3.02
N LEU A 125 11.46 -6.33 3.57
CA LEU A 125 10.44 -5.51 2.93
C LEU A 125 11.03 -4.17 2.53
N VAL A 126 10.24 -3.39 1.81
CA VAL A 126 10.68 -2.08 1.35
C VAL A 126 9.93 -1.00 2.14
N ARG A 127 10.60 -0.47 3.15
CA ARG A 127 10.03 0.57 3.98
C ARG A 127 10.44 1.95 3.47
N LEU A 128 9.45 2.83 3.38
CA LEU A 128 9.70 4.19 2.90
C LEU A 128 9.66 5.14 4.09
N ASP A 129 10.25 6.32 3.88
CA ASP A 129 10.29 7.33 4.93
C ASP A 129 10.17 8.72 4.29
N GLU A 130 9.32 9.54 4.87
CA GLU A 130 9.10 10.89 4.37
C GLU A 130 10.23 11.81 4.84
N HIS A 131 11.20 11.21 5.53
CA HIS A 131 12.33 11.96 6.04
C HIS A 131 13.63 11.33 5.53
N SER A 132 13.59 10.88 4.28
CA SER A 132 14.76 10.27 3.67
C SER A 132 14.98 10.85 2.27
N GLN A 133 16.20 11.32 2.06
CA GLN A 133 16.55 11.90 0.76
C GLN A 133 16.76 10.80 -0.27
N ILE A 134 16.61 9.56 0.18
CA ILE A 134 16.77 8.41 -0.69
C ILE A 134 15.41 7.77 -0.95
N PHE A 135 14.52 7.95 0.01
CA PHE A 135 13.18 7.39 -0.11
C PHE A 135 12.64 7.53 -1.53
N ALA A 136 13.02 8.64 -2.16
CA ALA A 136 12.58 8.91 -3.52
C ALA A 136 13.00 7.74 -4.42
N ARG A 137 14.26 7.34 -4.27
CA ARG A 137 14.79 6.24 -5.06
C ARG A 137 14.22 4.91 -4.57
N LYS A 138 13.77 4.92 -3.33
CA LYS A 138 13.20 3.72 -2.73
C LYS A 138 11.83 3.45 -3.34
N VAL A 139 11.03 4.51 -3.43
CA VAL A 139 9.70 4.40 -3.99
C VAL A 139 9.80 4.27 -5.51
N ALA A 140 10.63 5.11 -6.09
CA ALA A 140 10.82 5.11 -7.53
C ALA A 140 11.47 3.78 -7.94
N ASN A 141 11.92 3.04 -6.94
CA ASN A 141 12.56 1.76 -7.18
C ASN A 141 11.48 0.67 -7.27
N THR A 142 10.65 0.61 -6.25
CA THR A 142 9.58 -0.36 -6.20
C THR A 142 8.41 0.08 -7.08
N PHE A 143 7.91 1.28 -6.80
CA PHE A 143 6.81 1.82 -7.56
C PHE A 143 7.30 2.45 -8.87
N LYS A 144 7.97 1.64 -9.67
CA LYS A 144 8.49 2.10 -10.94
C LYS A 144 7.32 2.26 -11.93
N PRO A 145 7.58 3.10 -12.98
CA PRO A 145 6.57 3.35 -13.98
C PRO A 145 6.43 2.15 -14.93
N HIS A 146 7.55 1.48 -15.16
CA HIS A 146 7.57 0.33 -16.04
C HIS A 146 6.82 -0.83 -15.37
N ARG A 147 6.54 -0.64 -14.09
CA ARG A 147 5.83 -1.67 -13.33
C ARG A 147 4.37 -1.29 -13.16
N LEU A 148 4.14 0.01 -12.96
CA LEU A 148 2.78 0.51 -12.79
C LEU A 148 2.01 0.33 -14.10
N GLN A 149 2.57 0.88 -15.17
CA GLN A 149 1.94 0.80 -16.48
C GLN A 149 1.75 -0.68 -16.87
N ALA A 150 2.75 -1.48 -16.54
CA ALA A 150 2.71 -2.90 -16.86
C ALA A 150 1.67 -3.58 -15.96
N ARG A 151 1.17 -2.81 -15.01
CA ARG A 151 0.17 -3.33 -14.09
C ARG A 151 -1.18 -3.51 -14.80
N LYS A 152 -1.50 -2.51 -15.62
CA LYS A 152 -2.75 -2.54 -16.37
C LYS A 152 -2.49 -3.06 -17.77
N ALA A 153 -1.21 -3.11 -18.13
CA ALA A 153 -0.82 -3.59 -19.44
C ALA A 153 -1.55 -4.89 -19.75
N MET A 154 -1.93 -5.59 -18.67
CA MET A 154 -2.65 -6.84 -18.83
C MET A 154 -4.06 -6.62 -19.36
N TRP A 155 -4.75 -5.69 -18.73
CA TRP A 155 -6.11 -5.36 -19.14
C TRP A 155 -6.04 -4.59 -20.45
N ARG A 156 -4.89 -3.98 -20.68
CA ARG A 156 -4.68 -3.20 -21.89
C ARG A 156 -4.61 -4.13 -23.10
N LYS A 157 -3.99 -5.27 -22.90
CA LYS A 157 -3.85 -6.25 -23.97
C LYS A 157 -5.14 -6.32 -24.77
N GLU A 158 -6.25 -6.17 -24.05
CA GLU A 158 -7.56 -6.21 -24.68
C GLU A 158 -7.73 -5.02 -25.63
N GLN A 159 -7.42 -3.84 -25.12
CA GLN A 159 -7.53 -2.62 -25.91
C GLN A 159 -6.48 -2.60 -27.01
N ASP A 160 -5.42 -3.38 -26.78
CA ASP A 160 -4.33 -3.47 -27.74
C ASP A 160 -4.56 -4.67 -28.66
N MET A 1 -30.21 -3.47 -2.57
CA MET A 1 -28.82 -3.74 -2.24
C MET A 1 -28.01 -4.08 -3.49
N GLU A 2 -26.76 -3.63 -3.50
CA GLU A 2 -25.88 -3.88 -4.62
C GLU A 2 -24.79 -4.88 -4.22
N SER A 3 -24.94 -6.11 -4.70
CA SER A 3 -23.98 -7.15 -4.41
C SER A 3 -23.06 -7.38 -5.61
N SER A 4 -23.09 -6.42 -6.52
CA SER A 4 -22.27 -6.51 -7.71
C SER A 4 -21.47 -5.22 -7.89
N SER A 5 -21.36 -4.47 -6.79
CA SER A 5 -20.61 -3.22 -6.81
C SER A 5 -19.22 -3.45 -7.39
N GLU A 6 -18.77 -2.48 -8.17
CA GLU A 6 -17.46 -2.56 -8.79
C GLU A 6 -16.40 -2.00 -7.85
N GLN A 7 -15.15 -2.05 -8.31
CA GLN A 7 -14.04 -1.56 -7.52
C GLN A 7 -13.29 -0.46 -8.28
N LYS A 8 -12.29 0.10 -7.62
CA LYS A 8 -11.49 1.16 -8.22
C LYS A 8 -10.06 0.65 -8.44
N PHE A 9 -9.39 1.29 -9.39
CA PHE A 9 -8.02 0.91 -9.71
C PHE A 9 -7.02 1.65 -8.82
N TYR A 10 -6.23 0.88 -8.10
CA TYR A 10 -5.23 1.45 -7.21
C TYR A 10 -3.82 1.01 -7.61
N ASN A 11 -2.85 1.76 -7.13
CA ASN A 11 -1.46 1.45 -7.42
C ASN A 11 -0.73 1.06 -6.14
N PHE A 12 -1.40 1.32 -5.02
CA PHE A 12 -0.84 1.00 -3.72
C PHE A 12 -1.82 1.38 -2.60
N VAL A 13 -2.31 0.35 -1.92
CA VAL A 13 -3.25 0.56 -0.82
C VAL A 13 -2.46 0.94 0.44
N ILE A 14 -2.61 2.20 0.83
CA ILE A 14 -1.93 2.69 2.02
C ILE A 14 -2.68 2.23 3.26
N LEU A 15 -2.21 1.13 3.82
CA LEU A 15 -2.83 0.57 5.01
C LEU A 15 -2.37 1.37 6.23
N HIS A 16 -3.33 2.08 6.82
CA HIS A 16 -3.05 2.90 8.00
C HIS A 16 -4.18 2.74 9.01
N ALA A 17 -4.23 3.68 9.93
CA ALA A 17 -5.26 3.67 10.97
C ALA A 17 -6.45 4.53 10.51
N ARG A 18 -7.24 4.95 11.49
CA ARG A 18 -8.40 5.77 11.21
C ARG A 18 -8.07 7.25 11.47
N ALA A 19 -7.08 7.47 12.31
CA ALA A 19 -6.66 8.82 12.64
C ALA A 19 -5.39 9.16 11.88
N ASP A 20 -5.12 8.37 10.85
CA ASP A 20 -3.94 8.58 10.02
C ASP A 20 -4.37 8.77 8.56
N GLU A 21 -5.58 9.28 8.40
CA GLU A 21 -6.11 9.52 7.07
C GLU A 21 -5.30 10.60 6.35
N HIS A 22 -5.56 11.84 6.74
CA HIS A 22 -4.87 12.97 6.15
C HIS A 22 -3.40 12.60 5.90
N ILE A 23 -2.84 11.84 6.83
CA ILE A 23 -1.46 11.41 6.72
C ILE A 23 -1.26 10.67 5.39
N ALA A 24 -2.09 9.66 5.20
CA ALA A 24 -2.01 8.86 3.98
C ALA A 24 -2.37 9.74 2.78
N LEU A 25 -3.43 10.53 2.95
CA LEU A 25 -3.88 11.41 1.90
C LEU A 25 -2.77 12.41 1.57
N ARG A 26 -1.91 12.64 2.55
CA ARG A 26 -0.80 13.56 2.38
C ARG A 26 0.33 12.90 1.60
N VAL A 27 0.23 11.58 1.48
CA VAL A 27 1.23 10.81 0.77
C VAL A 27 0.78 10.59 -0.68
N ARG A 28 -0.43 10.07 -0.81
CA ARG A 28 -1.00 9.80 -2.12
C ARG A 28 -0.58 10.90 -3.11
N GLU A 29 -0.64 12.13 -2.63
CA GLU A 29 -0.28 13.28 -3.45
C GLU A 29 1.24 13.32 -3.65
N LYS A 30 1.95 13.45 -2.53
CA LYS A 30 3.39 13.52 -2.58
C LYS A 30 3.91 12.54 -3.64
N LEU A 31 3.41 11.32 -3.57
CA LEU A 31 3.80 10.30 -4.52
C LEU A 31 3.75 10.86 -5.94
N GLU A 32 2.56 11.34 -6.30
CA GLU A 32 2.36 11.91 -7.62
C GLU A 32 3.58 12.72 -8.04
N ALA A 33 4.27 13.27 -7.05
CA ALA A 33 5.45 14.07 -7.31
C ALA A 33 6.54 13.18 -7.92
N LEU A 34 6.83 12.09 -7.22
CA LEU A 34 7.84 11.15 -7.68
C LEU A 34 7.34 10.45 -8.95
N GLY A 35 6.09 10.03 -8.90
CA GLY A 35 5.48 9.35 -10.04
C GLY A 35 4.16 8.68 -9.64
N VAL A 36 4.28 7.67 -8.80
CA VAL A 36 3.11 6.94 -8.35
C VAL A 36 1.97 7.93 -8.08
N PRO A 37 0.74 7.52 -8.50
CA PRO A 37 -0.43 8.36 -8.32
C PRO A 37 -0.89 8.34 -6.86
N ASP A 38 -2.13 8.77 -6.66
CA ASP A 38 -2.70 8.81 -5.32
C ASP A 38 -2.80 7.39 -4.77
N GLY A 39 -3.22 6.48 -5.64
CA GLY A 39 -3.37 5.08 -5.26
C GLY A 39 -4.66 4.87 -4.45
N ALA A 40 -4.50 4.90 -3.14
CA ALA A 40 -5.63 4.71 -2.25
C ALA A 40 -5.12 4.37 -0.84
N THR A 41 -6.07 4.04 0.03
CA THR A 41 -5.73 3.68 1.40
C THR A 41 -6.77 2.73 1.98
N PHE A 42 -6.28 1.75 2.73
CA PHE A 42 -7.16 0.78 3.35
C PHE A 42 -7.04 0.81 4.87
N CYS A 43 -8.13 0.44 5.52
CA CYS A 43 -8.16 0.43 6.99
C CYS A 43 -8.32 -1.02 7.44
N GLU A 44 -7.82 -1.28 8.65
CA GLU A 44 -7.91 -2.62 9.21
C GLU A 44 -9.31 -2.86 9.79
N ASP A 45 -9.45 -3.99 10.46
CA ASP A 45 -10.71 -4.36 11.06
C ASP A 45 -10.97 -3.47 12.28
N PHE A 46 -11.82 -2.47 12.08
CA PHE A 46 -12.16 -1.54 13.14
C PHE A 46 -13.01 -2.22 14.21
N GLN A 47 -12.39 -3.15 14.93
CA GLN A 47 -13.09 -3.87 15.97
C GLN A 47 -14.20 -4.72 15.38
N VAL A 48 -14.15 -4.89 14.06
CA VAL A 48 -15.15 -5.67 13.36
C VAL A 48 -14.69 -7.14 13.30
N HIS A 49 -15.63 -8.00 12.96
CA HIS A 49 -15.34 -9.42 12.86
C HIS A 49 -14.07 -9.62 12.04
N GLY A 50 -13.92 -8.80 11.01
CA GLY A 50 -12.76 -8.89 10.14
C GLY A 50 -12.80 -10.17 9.30
N ARG A 51 -13.80 -10.24 8.43
CA ARG A 51 -13.95 -11.40 7.56
C ARG A 51 -14.12 -10.96 6.11
N GLY A 52 -13.33 -9.98 5.73
CA GLY A 52 -13.38 -9.45 4.37
C GLY A 52 -14.70 -8.72 4.11
N GLU A 53 -14.90 -7.63 4.84
CA GLU A 53 -16.11 -6.85 4.70
C GLU A 53 -16.18 -6.20 3.32
N LEU A 54 -15.08 -5.55 2.96
CA LEU A 54 -14.99 -4.89 1.66
C LEU A 54 -14.10 -5.71 0.73
N SER A 55 -13.79 -5.11 -0.41
CA SER A 55 -12.94 -5.77 -1.39
C SER A 55 -11.60 -5.05 -1.50
N CYS A 56 -11.57 -3.83 -0.97
CA CYS A 56 -10.35 -3.04 -1.01
C CYS A 56 -9.17 -3.94 -0.66
N LEU A 57 -9.34 -4.70 0.41
CA LEU A 57 -8.29 -5.62 0.85
C LEU A 57 -7.66 -6.28 -0.36
N GLN A 58 -8.40 -7.22 -0.93
CA GLN A 58 -7.93 -7.95 -2.10
C GLN A 58 -7.71 -6.99 -3.27
N ASP A 59 -8.30 -5.80 -3.15
CA ASP A 59 -8.17 -4.79 -4.19
C ASP A 59 -6.74 -4.23 -4.15
N ALA A 60 -5.99 -4.66 -3.16
CA ALA A 60 -4.62 -4.21 -3.01
C ALA A 60 -3.68 -5.18 -3.72
N ILE A 61 -4.03 -6.45 -3.66
CA ILE A 61 -3.24 -7.48 -4.29
C ILE A 61 -3.91 -7.90 -5.61
N ASP A 62 -5.00 -7.22 -5.92
CA ASP A 62 -5.74 -7.51 -7.13
C ASP A 62 -5.41 -6.45 -8.19
N HIS A 63 -5.50 -5.20 -7.76
CA HIS A 63 -5.21 -4.09 -8.65
C HIS A 63 -4.41 -3.02 -7.90
N SER A 64 -3.18 -3.38 -7.57
CA SER A 64 -2.30 -2.47 -6.85
C SER A 64 -0.85 -2.93 -6.99
N ALA A 65 -0.06 -2.11 -7.65
CA ALA A 65 1.35 -2.43 -7.85
C ALA A 65 1.92 -3.06 -6.58
N PHE A 66 2.20 -2.20 -5.61
CA PHE A 66 2.74 -2.67 -4.34
C PHE A 66 1.91 -2.14 -3.16
N ILE A 67 1.78 -2.98 -2.16
CA ILE A 67 1.02 -2.61 -0.97
C ILE A 67 1.89 -1.74 -0.07
N ILE A 68 1.30 -0.62 0.37
CA ILE A 68 2.01 0.30 1.23
C ILE A 68 1.41 0.23 2.64
N LEU A 69 2.23 -0.25 3.57
CA LEU A 69 1.79 -0.38 4.95
C LEU A 69 2.30 0.83 5.75
N LEU A 70 1.37 1.72 6.07
CA LEU A 70 1.70 2.91 6.82
C LEU A 70 2.12 2.51 8.24
N LEU A 71 3.43 2.38 8.42
CA LEU A 71 3.98 2.00 9.71
C LEU A 71 3.94 3.21 10.65
N THR A 72 2.89 3.28 11.45
CA THR A 72 2.73 4.37 12.39
C THR A 72 2.27 3.84 13.75
N SER A 73 2.56 4.63 14.78
CA SER A 73 2.18 4.25 16.13
C SER A 73 0.65 4.23 16.26
N ASN A 74 -0.01 4.76 15.23
CA ASN A 74 -1.46 4.80 15.22
C ASN A 74 -2.00 3.59 14.45
N PHE A 75 -1.07 2.82 13.89
CA PHE A 75 -1.43 1.65 13.13
C PHE A 75 -0.71 0.41 13.66
N ASP A 76 -1.12 -0.75 13.16
CA ASP A 76 -0.53 -2.00 13.57
C ASP A 76 0.07 -2.71 12.35
N CYS A 77 1.38 -2.90 12.40
CA CYS A 77 2.08 -3.54 11.31
C CYS A 77 1.67 -5.02 11.28
N ARG A 78 1.70 -5.63 12.46
CA ARG A 78 1.34 -7.03 12.58
C ARG A 78 0.14 -7.35 11.68
N LEU A 79 -0.94 -6.63 11.92
CA LEU A 79 -2.16 -6.82 11.14
C LEU A 79 -1.85 -6.58 9.66
N SER A 80 -1.29 -5.40 9.39
CA SER A 80 -0.95 -5.05 8.02
C SER A 80 -0.40 -6.27 7.28
N LEU A 81 0.24 -7.15 8.04
CA LEU A 81 0.81 -8.36 7.48
C LEU A 81 -0.26 -9.43 7.39
N HIS A 82 -0.94 -9.64 8.51
CA HIS A 82 -2.00 -10.64 8.58
C HIS A 82 -2.99 -10.42 7.43
N GLN A 83 -3.09 -9.17 7.02
CA GLN A 83 -3.99 -8.80 5.94
C GLN A 83 -3.36 -9.16 4.58
N VAL A 84 -2.44 -8.32 4.16
CA VAL A 84 -1.75 -8.53 2.89
C VAL A 84 -1.45 -10.02 2.72
N ASN A 85 -1.25 -10.68 3.86
CA ASN A 85 -0.95 -12.11 3.84
C ASN A 85 -2.09 -12.85 3.16
N GLN A 86 -3.19 -12.97 3.87
CA GLN A 86 -4.36 -13.66 3.35
C GLN A 86 -4.57 -13.29 1.88
N ALA A 87 -4.51 -11.99 1.60
CA ALA A 87 -4.69 -11.50 0.25
C ALA A 87 -3.74 -12.25 -0.69
N MET A 88 -2.47 -12.21 -0.34
CA MET A 88 -1.45 -12.88 -1.14
C MET A 88 -1.83 -14.34 -1.40
N MET A 89 -1.77 -15.13 -0.34
CA MET A 89 -2.09 -16.54 -0.44
C MET A 89 -3.49 -16.74 -1.03
N SER A 90 -4.27 -15.67 -1.00
CA SER A 90 -5.62 -15.70 -1.52
C SER A 90 -5.61 -15.49 -3.03
N ASN A 91 -4.60 -14.77 -3.49
CA ASN A 91 -4.45 -14.49 -4.90
C ASN A 91 -2.98 -14.61 -5.30
N LEU A 92 -2.59 -15.83 -5.66
CA LEU A 92 -1.22 -16.09 -6.06
C LEU A 92 -1.18 -16.41 -7.55
N THR A 93 -2.33 -16.80 -8.07
CA THR A 93 -2.44 -17.14 -9.48
C THR A 93 -2.44 -15.87 -10.33
N ARG A 94 -2.37 -14.74 -9.65
CA ARG A 94 -2.36 -13.46 -10.33
C ARG A 94 -0.94 -12.88 -10.36
N GLN A 95 -0.51 -12.41 -9.20
CA GLN A 95 0.83 -11.83 -9.07
C GLN A 95 1.68 -12.68 -8.13
N GLY A 96 1.03 -13.25 -7.14
CA GLY A 96 1.71 -14.10 -6.16
C GLY A 96 3.09 -13.52 -5.84
N SER A 97 3.12 -12.21 -5.62
CA SER A 97 4.36 -11.53 -5.29
C SER A 97 4.34 -11.08 -3.83
N PRO A 98 5.01 -11.88 -2.96
CA PRO A 98 5.07 -11.57 -1.55
C PRO A 98 6.04 -10.41 -1.28
N ASP A 99 6.62 -9.92 -2.35
CA ASP A 99 7.56 -8.81 -2.25
C ASP A 99 6.87 -7.51 -2.63
N CYS A 100 5.55 -7.59 -2.70
CA CYS A 100 4.75 -6.42 -3.05
C CYS A 100 4.33 -5.72 -1.75
N VAL A 101 5.27 -5.63 -0.84
CA VAL A 101 5.01 -4.99 0.45
C VAL A 101 5.99 -3.83 0.64
N ILE A 102 5.43 -2.69 1.02
CA ILE A 102 6.25 -1.50 1.25
C ILE A 102 5.81 -0.82 2.54
N PRO A 103 6.56 -1.11 3.64
CA PRO A 103 6.26 -0.54 4.93
C PRO A 103 6.67 0.94 5.00
N PHE A 104 5.68 1.80 4.79
CA PHE A 104 5.93 3.23 4.82
C PHE A 104 6.06 3.73 6.26
N LEU A 105 6.50 4.98 6.38
CA LEU A 105 6.67 5.59 7.69
C LEU A 105 6.49 7.11 7.56
N PRO A 106 5.29 7.58 7.97
CA PRO A 106 4.98 9.00 7.91
C PRO A 106 5.71 9.76 9.02
N LEU A 107 6.03 11.02 8.73
CA LEU A 107 6.71 11.86 9.69
C LEU A 107 5.89 11.93 10.97
N GLU A 108 4.57 11.87 10.80
CA GLU A 108 3.66 11.94 11.94
C GLU A 108 4.02 10.86 12.96
N SER A 109 4.50 9.74 12.45
CA SER A 109 4.89 8.62 13.31
C SER A 109 6.39 8.36 13.18
N SER A 110 6.84 7.33 13.88
CA SER A 110 8.24 6.97 13.86
C SER A 110 8.40 5.45 14.01
N PRO A 111 9.62 4.96 13.70
CA PRO A 111 9.92 3.54 13.79
C PRO A 111 10.07 3.11 15.25
N ALA A 112 10.56 4.04 16.05
CA ALA A 112 10.77 3.77 17.47
C ALA A 112 9.42 3.56 18.15
N GLN A 113 8.40 4.20 17.59
CA GLN A 113 7.06 4.09 18.14
C GLN A 113 6.48 2.70 17.85
N LEU A 114 7.25 1.93 17.09
CA LEU A 114 6.84 0.58 16.74
C LEU A 114 7.54 -0.43 17.65
N SER A 115 7.01 -1.64 17.67
CA SER A 115 7.57 -2.69 18.49
C SER A 115 8.91 -3.15 17.91
N SER A 116 9.74 -3.69 18.77
CA SER A 116 11.05 -4.16 18.37
C SER A 116 10.90 -5.35 17.41
N ASP A 117 9.69 -5.86 17.34
CA ASP A 117 9.39 -6.99 16.48
C ASP A 117 9.11 -6.49 15.06
N THR A 118 8.45 -5.34 14.99
CA THR A 118 8.12 -4.74 13.72
C THR A 118 9.31 -4.84 12.75
N ALA A 119 10.49 -4.89 13.33
CA ALA A 119 11.71 -4.98 12.54
C ALA A 119 11.81 -6.38 11.94
N SER A 120 11.62 -7.38 12.79
CA SER A 120 11.68 -8.77 12.36
C SER A 120 10.43 -9.13 11.57
N LEU A 121 9.40 -8.30 11.73
CA LEU A 121 8.15 -8.52 11.03
C LEU A 121 8.31 -8.13 9.56
N LEU A 122 9.15 -7.13 9.33
CA LEU A 122 9.40 -6.65 7.98
C LEU A 122 10.84 -7.00 7.59
N SER A 123 11.43 -7.90 8.35
CA SER A 123 12.79 -8.34 8.09
C SER A 123 12.94 -8.72 6.61
N GLY A 124 13.52 -7.80 5.85
CA GLY A 124 13.73 -8.03 4.43
C GLY A 124 13.01 -6.97 3.59
N LEU A 125 11.82 -6.60 4.05
CA LEU A 125 11.02 -5.61 3.36
C LEU A 125 11.88 -4.36 3.10
N VAL A 126 11.27 -3.39 2.46
CA VAL A 126 11.96 -2.15 2.14
C VAL A 126 11.34 -1.01 2.95
N ARG A 127 11.91 -0.76 4.12
CA ARG A 127 11.42 0.30 4.98
C ARG A 127 11.33 1.62 4.22
N LEU A 128 10.11 2.01 3.93
CA LEU A 128 9.87 3.25 3.20
C LEU A 128 9.56 4.37 4.20
N ASP A 129 10.23 5.50 3.99
CA ASP A 129 10.03 6.65 4.87
C ASP A 129 9.69 7.88 4.01
N GLU A 130 9.24 8.92 4.70
CA GLU A 130 8.88 10.15 4.02
C GLU A 130 9.83 11.28 4.43
N HIS A 131 10.63 11.00 5.44
CA HIS A 131 11.59 11.98 5.93
C HIS A 131 12.98 11.66 5.35
N SER A 132 13.09 10.48 4.79
CA SER A 132 14.35 10.04 4.20
C SER A 132 14.55 10.71 2.84
N GLN A 133 15.75 11.23 2.65
CA GLN A 133 16.08 11.90 1.40
C GLN A 133 16.40 10.87 0.32
N ILE A 134 16.26 9.61 0.69
CA ILE A 134 16.52 8.53 -0.24
C ILE A 134 15.20 7.88 -0.65
N PHE A 135 14.22 8.03 0.22
CA PHE A 135 12.90 7.46 -0.03
C PHE A 135 12.50 7.64 -1.50
N ALA A 136 12.92 8.76 -2.07
CA ALA A 136 12.63 9.05 -3.46
C ALA A 136 13.09 7.89 -4.34
N ARG A 137 14.32 7.47 -4.08
CA ARG A 137 14.91 6.38 -4.84
C ARG A 137 14.31 5.04 -4.40
N LYS A 138 13.72 5.06 -3.21
CA LYS A 138 13.10 3.86 -2.66
C LYS A 138 11.78 3.60 -3.39
N VAL A 139 11.02 4.66 -3.57
CA VAL A 139 9.74 4.56 -4.25
C VAL A 139 9.98 4.35 -5.74
N ALA A 140 10.96 5.06 -6.26
CA ALA A 140 11.29 4.96 -7.68
C ALA A 140 12.01 3.64 -7.93
N ASN A 141 12.25 2.92 -6.85
CA ASN A 141 12.93 1.63 -6.94
C ASN A 141 11.89 0.52 -7.00
N THR A 142 10.83 0.70 -6.21
CA THR A 142 9.76 -0.29 -6.17
C THR A 142 8.63 0.11 -7.11
N PHE A 143 8.14 1.33 -6.92
CA PHE A 143 7.06 1.84 -7.75
C PHE A 143 7.60 2.46 -9.03
N LYS A 144 8.45 1.71 -9.71
CA LYS A 144 9.04 2.18 -10.96
C LYS A 144 7.94 2.43 -11.98
N PRO A 145 8.29 3.25 -13.01
CA PRO A 145 7.34 3.58 -14.05
C PRO A 145 7.14 2.41 -15.01
N HIS A 146 8.22 1.66 -15.20
CA HIS A 146 8.18 0.50 -16.08
C HIS A 146 7.32 -0.60 -15.45
N ARG A 147 6.96 -0.37 -14.20
CA ARG A 147 6.14 -1.34 -13.48
C ARG A 147 4.68 -0.88 -13.44
N LEU A 148 4.49 0.35 -12.96
CA LEU A 148 3.16 0.92 -12.86
C LEU A 148 2.41 0.66 -14.17
N GLN A 149 2.96 1.22 -15.25
CA GLN A 149 2.36 1.06 -16.56
C GLN A 149 2.07 -0.42 -16.84
N ALA A 150 3.01 -1.25 -16.44
CA ALA A 150 2.87 -2.69 -16.65
C ALA A 150 1.79 -3.23 -15.70
N ARG A 151 1.58 -2.50 -14.62
CA ARG A 151 0.59 -2.89 -13.63
C ARG A 151 -0.81 -2.44 -14.08
N LYS A 152 -0.84 -1.32 -14.77
CA LYS A 152 -2.10 -0.78 -15.25
C LYS A 152 -2.29 -1.18 -16.72
N ALA A 153 -1.27 -1.81 -17.26
CA ALA A 153 -1.30 -2.25 -18.65
C ALA A 153 -2.52 -3.16 -18.85
N MET A 154 -3.04 -3.66 -17.75
CA MET A 154 -4.20 -4.55 -17.78
C MET A 154 -5.48 -3.77 -17.47
N TRP A 155 -5.30 -2.60 -16.89
CA TRP A 155 -6.42 -1.76 -16.53
C TRP A 155 -6.55 -0.66 -17.59
N ARG A 156 -5.54 -0.59 -18.44
CA ARG A 156 -5.52 0.41 -19.50
C ARG A 156 -6.27 -0.11 -20.73
N LYS A 157 -6.39 -1.43 -20.80
CA LYS A 157 -7.08 -2.06 -21.91
C LYS A 157 -8.48 -1.45 -22.05
N GLU A 158 -8.93 -0.85 -20.96
CA GLU A 158 -10.25 -0.22 -20.95
C GLU A 158 -10.12 1.29 -21.19
N GLN A 159 -8.93 1.80 -20.89
CA GLN A 159 -8.66 3.21 -21.06
C GLN A 159 -8.45 3.54 -22.55
N ASP A 160 -7.65 2.70 -23.20
CA ASP A 160 -7.36 2.88 -24.60
C ASP A 160 -8.66 3.18 -25.36
N MET A 1 -24.76 -10.75 -13.25
CA MET A 1 -23.72 -9.97 -13.90
C MET A 1 -23.98 -8.47 -13.75
N GLU A 2 -22.92 -7.74 -13.46
CA GLU A 2 -23.02 -6.30 -13.29
C GLU A 2 -22.77 -5.58 -14.61
N SER A 3 -23.38 -4.43 -14.75
CA SER A 3 -23.24 -3.63 -15.96
C SER A 3 -22.13 -2.60 -15.79
N SER A 4 -20.91 -3.03 -16.07
CA SER A 4 -19.75 -2.15 -15.94
C SER A 4 -19.82 -1.39 -14.62
N SER A 5 -19.95 -2.16 -13.54
CA SER A 5 -20.02 -1.56 -12.21
C SER A 5 -18.80 -1.99 -11.39
N GLU A 6 -17.64 -1.85 -12.00
CA GLU A 6 -16.39 -2.20 -11.34
C GLU A 6 -15.97 -1.09 -10.38
N GLN A 7 -14.87 -1.34 -9.68
CA GLN A 7 -14.34 -0.38 -8.73
C GLN A 7 -13.04 0.23 -9.25
N LYS A 8 -12.82 1.49 -8.89
CA LYS A 8 -11.62 2.18 -9.32
C LYS A 8 -10.39 1.31 -9.03
N PHE A 9 -9.34 1.54 -9.80
CA PHE A 9 -8.12 0.78 -9.64
C PHE A 9 -7.02 1.64 -8.99
N TYR A 10 -6.39 1.07 -7.98
CA TYR A 10 -5.32 1.77 -7.28
C TYR A 10 -3.95 1.27 -7.71
N ASN A 11 -2.93 1.97 -7.25
CA ASN A 11 -1.55 1.60 -7.59
C ASN A 11 -0.84 1.10 -6.33
N PHE A 12 -1.49 1.32 -5.19
CA PHE A 12 -0.93 0.90 -3.92
C PHE A 12 -1.87 1.24 -2.77
N VAL A 13 -2.40 0.20 -2.15
CA VAL A 13 -3.32 0.37 -1.04
C VAL A 13 -2.53 0.70 0.22
N ILE A 14 -2.76 1.90 0.73
CA ILE A 14 -2.06 2.35 1.93
C ILE A 14 -2.86 1.91 3.16
N LEU A 15 -2.19 1.14 4.01
CA LEU A 15 -2.81 0.64 5.21
C LEU A 15 -2.51 1.60 6.37
N HIS A 16 -3.40 2.55 6.55
CA HIS A 16 -3.23 3.53 7.62
C HIS A 16 -4.38 3.40 8.62
N ALA A 17 -4.30 4.20 9.67
CA ALA A 17 -5.32 4.19 10.70
C ALA A 17 -6.47 5.11 10.30
N ARG A 18 -7.23 5.53 11.30
CA ARG A 18 -8.37 6.41 11.06
C ARG A 18 -7.97 7.86 11.36
N ALA A 19 -6.91 8.01 12.13
CA ALA A 19 -6.43 9.33 12.50
C ALA A 19 -5.12 9.61 11.75
N ASP A 20 -4.89 8.82 10.71
CA ASP A 20 -3.69 8.98 9.91
C ASP A 20 -4.08 9.25 8.46
N GLU A 21 -5.28 9.82 8.31
CA GLU A 21 -5.78 10.13 6.98
C GLU A 21 -4.87 11.13 6.28
N HIS A 22 -4.95 12.38 6.73
CA HIS A 22 -4.12 13.44 6.16
C HIS A 22 -2.70 12.92 5.93
N ILE A 23 -2.27 12.05 6.84
CA ILE A 23 -0.94 11.48 6.75
C ILE A 23 -0.81 10.70 5.44
N ALA A 24 -1.80 9.86 5.19
CA ALA A 24 -1.81 9.05 3.98
C ALA A 24 -2.11 9.95 2.78
N LEU A 25 -3.25 10.61 2.84
CA LEU A 25 -3.67 11.50 1.76
C LEU A 25 -2.52 12.45 1.43
N ARG A 26 -1.63 12.64 2.40
CA ARG A 26 -0.48 13.51 2.23
C ARG A 26 0.58 12.82 1.35
N VAL A 27 0.68 11.51 1.54
CA VAL A 27 1.65 10.73 0.78
C VAL A 27 1.14 10.55 -0.65
N ARG A 28 -0.06 10.03 -0.75
CA ARG A 28 -0.67 9.80 -2.06
C ARG A 28 -0.22 10.88 -3.05
N GLU A 29 -0.26 12.11 -2.59
CA GLU A 29 0.14 13.25 -3.41
C GLU A 29 1.65 13.23 -3.63
N LYS A 30 2.37 13.36 -2.51
CA LYS A 30 3.82 13.37 -2.56
C LYS A 30 4.30 12.36 -3.61
N LEU A 31 3.83 11.13 -3.45
CA LEU A 31 4.20 10.06 -4.36
C LEU A 31 4.22 10.60 -5.79
N GLU A 32 3.08 11.14 -6.19
CA GLU A 32 2.95 11.70 -7.53
C GLU A 32 4.26 12.37 -7.96
N ALA A 33 4.83 13.11 -7.03
CA ALA A 33 6.08 13.81 -7.29
C ALA A 33 7.11 12.81 -7.85
N LEU A 34 7.30 11.73 -7.11
CA LEU A 34 8.24 10.71 -7.53
C LEU A 34 7.73 10.02 -8.79
N GLY A 35 6.44 9.68 -8.76
CA GLY A 35 5.81 9.02 -9.89
C GLY A 35 4.46 8.42 -9.49
N VAL A 36 4.52 7.40 -8.67
CA VAL A 36 3.31 6.73 -8.21
C VAL A 36 2.23 7.78 -7.95
N PRO A 37 0.98 7.44 -8.38
CA PRO A 37 -0.14 8.35 -8.19
C PRO A 37 -0.61 8.34 -6.73
N ASP A 38 -1.83 8.81 -6.54
CA ASP A 38 -2.41 8.88 -5.20
C ASP A 38 -2.60 7.46 -4.67
N GLY A 39 -3.04 6.58 -5.56
CA GLY A 39 -3.28 5.20 -5.19
C GLY A 39 -4.55 5.05 -4.35
N ALA A 40 -4.35 5.03 -3.04
CA ALA A 40 -5.46 4.90 -2.12
C ALA A 40 -4.93 4.57 -0.72
N THR A 41 -5.85 4.40 0.21
CA THR A 41 -5.50 4.07 1.57
C THR A 41 -6.62 3.29 2.25
N PHE A 42 -6.36 2.01 2.46
CA PHE A 42 -7.34 1.14 3.09
C PHE A 42 -7.20 1.18 4.62
N CYS A 43 -8.15 1.86 5.24
CA CYS A 43 -8.15 1.98 6.69
C CYS A 43 -8.52 0.62 7.29
N GLU A 44 -8.30 0.51 8.60
CA GLU A 44 -8.60 -0.73 9.30
C GLU A 44 -9.49 -0.44 10.51
N ASP A 45 -9.75 -1.50 11.27
CA ASP A 45 -10.58 -1.37 12.46
C ASP A 45 -10.14 -2.41 13.49
N PHE A 46 -9.60 -1.91 14.59
CA PHE A 46 -9.14 -2.78 15.66
C PHE A 46 -10.31 -3.44 16.39
N GLN A 47 -11.49 -2.88 16.14
CA GLN A 47 -12.70 -3.41 16.76
C GLN A 47 -13.04 -4.79 16.20
N VAL A 48 -12.59 -5.02 14.97
CA VAL A 48 -12.83 -6.29 14.31
C VAL A 48 -11.62 -7.20 14.50
N HIS A 49 -11.78 -8.44 14.07
CA HIS A 49 -10.71 -9.42 14.20
C HIS A 49 -9.48 -8.94 13.43
N GLY A 50 -9.70 -8.63 12.15
CA GLY A 50 -8.61 -8.16 11.31
C GLY A 50 -8.31 -9.16 10.19
N ARG A 51 -9.35 -9.53 9.46
CA ARG A 51 -9.21 -10.48 8.37
C ARG A 51 -9.90 -9.95 7.11
N GLY A 52 -10.27 -8.67 7.17
CA GLY A 52 -10.93 -8.03 6.04
C GLY A 52 -12.24 -7.37 6.48
N GLU A 53 -12.20 -6.05 6.58
CA GLU A 53 -13.38 -5.30 6.99
C GLU A 53 -14.19 -4.89 5.76
N LEU A 54 -13.51 -4.32 4.79
CA LEU A 54 -14.16 -3.88 3.56
C LEU A 54 -14.24 -5.07 2.59
N SER A 55 -13.90 -6.24 3.10
CA SER A 55 -13.94 -7.45 2.29
C SER A 55 -13.42 -7.15 0.88
N CYS A 56 -12.18 -6.67 0.83
CA CYS A 56 -11.56 -6.34 -0.44
C CYS A 56 -10.14 -5.86 -0.16
N LEU A 57 -9.50 -6.52 0.80
CA LEU A 57 -8.14 -6.17 1.18
C LEU A 57 -7.17 -6.90 0.25
N GLN A 58 -7.46 -8.17 0.02
CA GLN A 58 -6.61 -8.99 -0.85
C GLN A 58 -6.84 -8.62 -2.31
N ASP A 59 -7.85 -7.79 -2.53
CA ASP A 59 -8.18 -7.35 -3.88
C ASP A 59 -7.29 -6.16 -4.25
N ALA A 60 -6.67 -5.57 -3.23
CA ALA A 60 -5.79 -4.43 -3.43
C ALA A 60 -4.41 -4.93 -3.84
N ILE A 61 -4.19 -6.22 -3.63
CA ILE A 61 -2.92 -6.82 -3.96
C ILE A 61 -2.89 -7.17 -5.45
N ASP A 62 -4.07 -7.42 -5.98
CA ASP A 62 -4.20 -7.76 -7.39
C ASP A 62 -4.75 -6.56 -8.15
N HIS A 63 -5.51 -5.74 -7.43
CA HIS A 63 -6.09 -4.55 -8.02
C HIS A 63 -5.20 -3.33 -7.75
N SER A 64 -3.92 -3.61 -7.56
CA SER A 64 -2.95 -2.57 -7.29
C SER A 64 -1.54 -3.07 -7.58
N ALA A 65 -0.62 -2.13 -7.71
CA ALA A 65 0.76 -2.46 -7.99
C ALA A 65 1.37 -3.14 -6.76
N PHE A 66 1.61 -2.33 -5.73
CA PHE A 66 2.19 -2.84 -4.50
C PHE A 66 1.44 -2.30 -3.28
N ILE A 67 1.25 -3.19 -2.32
CA ILE A 67 0.55 -2.82 -1.09
C ILE A 67 1.50 -2.05 -0.18
N ILE A 68 1.02 -0.91 0.30
CA ILE A 68 1.82 -0.07 1.18
C ILE A 68 1.22 -0.14 2.60
N LEU A 69 2.06 -0.56 3.53
CA LEU A 69 1.65 -0.66 4.92
C LEU A 69 2.09 0.58 5.68
N LEU A 70 1.15 1.51 5.84
CA LEU A 70 1.43 2.75 6.54
C LEU A 70 1.63 2.45 8.03
N LEU A 71 2.82 1.97 8.35
CA LEU A 71 3.15 1.64 9.73
C LEU A 71 3.25 2.93 10.55
N THR A 72 2.24 3.13 11.38
CA THR A 72 2.19 4.32 12.22
C THR A 72 1.72 3.95 13.63
N SER A 73 2.13 4.77 14.59
CA SER A 73 1.77 4.54 15.98
C SER A 73 0.25 4.55 16.13
N ASN A 74 -0.41 5.07 15.10
CA ASN A 74 -1.87 5.14 15.10
C ASN A 74 -2.43 3.90 14.41
N PHE A 75 -1.59 3.26 13.62
CA PHE A 75 -1.99 2.07 12.90
C PHE A 75 -1.21 0.84 13.40
N ASP A 76 -1.64 -0.32 12.93
CA ASP A 76 -1.01 -1.56 13.31
C ASP A 76 -0.38 -2.22 12.06
N CYS A 77 0.76 -2.83 12.28
CA CYS A 77 1.47 -3.50 11.19
C CYS A 77 1.05 -4.98 11.19
N ARG A 78 1.22 -5.61 12.34
CA ARG A 78 0.87 -7.02 12.48
C ARG A 78 -0.41 -7.32 11.72
N LEU A 79 -1.27 -6.31 11.63
CA LEU A 79 -2.53 -6.45 10.93
C LEU A 79 -2.28 -6.45 9.41
N SER A 80 -2.02 -5.27 8.90
CA SER A 80 -1.75 -5.11 7.47
C SER A 80 -0.92 -6.28 6.97
N LEU A 81 0.19 -6.52 7.65
CA LEU A 81 1.09 -7.60 7.28
C LEU A 81 0.30 -8.91 7.25
N HIS A 82 -0.50 -9.12 8.27
CA HIS A 82 -1.30 -10.32 8.37
C HIS A 82 -2.20 -10.43 7.15
N GLN A 83 -2.98 -9.38 6.92
CA GLN A 83 -3.89 -9.35 5.80
C GLN A 83 -3.12 -9.53 4.49
N VAL A 84 -2.35 -8.51 4.15
CA VAL A 84 -1.55 -8.55 2.92
C VAL A 84 -0.96 -9.96 2.74
N ASN A 85 -0.36 -10.46 3.80
CA ASN A 85 0.24 -11.77 3.77
C ASN A 85 -0.77 -12.77 3.18
N GLN A 86 -1.75 -13.11 4.00
CA GLN A 86 -2.78 -14.05 3.56
C GLN A 86 -3.16 -13.79 2.10
N ALA A 87 -3.35 -12.52 1.79
CA ALA A 87 -3.72 -12.12 0.44
C ALA A 87 -2.81 -12.85 -0.56
N MET A 88 -1.51 -12.64 -0.38
CA MET A 88 -0.53 -13.27 -1.26
C MET A 88 -0.86 -14.74 -1.48
N MET A 89 -0.55 -15.54 -0.46
CA MET A 89 -0.80 -16.97 -0.53
C MET A 89 -2.26 -17.25 -0.86
N SER A 90 -3.09 -16.24 -0.67
CA SER A 90 -4.52 -16.37 -0.94
C SER A 90 -4.79 -16.15 -2.44
N ASN A 91 -3.91 -15.36 -3.05
CA ASN A 91 -4.04 -15.07 -4.47
C ASN A 91 -2.65 -15.03 -5.11
N LEU A 92 -2.23 -16.20 -5.58
CA LEU A 92 -0.92 -16.31 -6.22
C LEU A 92 -1.11 -16.60 -7.70
N THR A 93 -2.29 -17.11 -8.03
CA THR A 93 -2.61 -17.43 -9.41
C THR A 93 -2.91 -16.16 -10.21
N ARG A 94 -2.83 -15.03 -9.51
CA ARG A 94 -3.09 -13.75 -10.13
C ARG A 94 -1.78 -12.98 -10.33
N GLN A 95 -1.25 -12.49 -9.22
CA GLN A 95 -0.01 -11.73 -9.26
C GLN A 95 1.08 -12.47 -8.47
N GLY A 96 0.66 -13.12 -7.41
CA GLY A 96 1.58 -13.86 -6.56
C GLY A 96 2.91 -13.11 -6.40
N SER A 97 2.79 -11.88 -5.90
CA SER A 97 3.96 -11.05 -5.69
C SER A 97 4.20 -10.86 -4.20
N PRO A 98 5.14 -11.68 -3.66
CA PRO A 98 5.48 -11.61 -2.25
C PRO A 98 6.34 -10.38 -1.94
N ASP A 99 6.60 -9.61 -2.99
CA ASP A 99 7.41 -8.41 -2.86
C ASP A 99 6.53 -7.19 -3.14
N CYS A 100 5.30 -7.26 -2.68
CA CYS A 100 4.36 -6.17 -2.89
C CYS A 100 4.06 -5.54 -1.52
N VAL A 101 4.98 -5.74 -0.59
CA VAL A 101 4.82 -5.21 0.74
C VAL A 101 5.80 -4.04 0.93
N ILE A 102 5.24 -2.85 1.10
CA ILE A 102 6.05 -1.66 1.29
C ILE A 102 5.65 -0.99 2.60
N PRO A 103 6.46 -1.27 3.66
CA PRO A 103 6.20 -0.70 4.97
C PRO A 103 6.60 0.77 5.01
N PHE A 104 5.59 1.63 4.94
CA PHE A 104 5.81 3.06 4.98
C PHE A 104 5.87 3.57 6.42
N LEU A 105 6.64 4.63 6.60
CA LEU A 105 6.79 5.22 7.92
C LEU A 105 6.79 6.76 7.79
N PRO A 106 5.64 7.37 8.15
CA PRO A 106 5.50 8.81 8.08
C PRO A 106 6.26 9.49 9.22
N LEU A 107 6.33 10.81 9.13
CA LEU A 107 7.02 11.60 10.14
C LEU A 107 6.15 11.69 11.40
N GLU A 108 4.84 11.63 11.18
CA GLU A 108 3.90 11.70 12.28
C GLU A 108 4.09 10.51 13.23
N SER A 109 4.55 9.41 12.65
CA SER A 109 4.78 8.20 13.42
C SER A 109 6.22 7.74 13.25
N SER A 110 6.58 6.71 14.01
CA SER A 110 7.92 6.17 13.95
C SER A 110 7.89 4.66 14.20
N PRO A 111 9.01 3.99 13.85
CA PRO A 111 9.13 2.55 14.03
C PRO A 111 9.34 2.20 15.51
N ALA A 112 10.08 3.07 16.18
CA ALA A 112 10.37 2.86 17.59
C ALA A 112 9.06 2.76 18.37
N GLN A 113 8.08 3.55 17.93
CA GLN A 113 6.78 3.54 18.57
C GLN A 113 6.08 2.20 18.36
N LEU A 114 6.53 1.49 17.34
CA LEU A 114 5.96 0.19 17.02
C LEU A 114 6.68 -0.89 17.84
N SER A 115 6.11 -2.09 17.79
CA SER A 115 6.69 -3.21 18.52
C SER A 115 8.09 -3.51 18.00
N SER A 116 8.91 -4.07 18.88
CA SER A 116 10.27 -4.41 18.52
C SER A 116 10.28 -5.43 17.37
N ASP A 117 9.11 -6.02 17.16
CA ASP A 117 8.97 -7.00 16.10
C ASP A 117 8.87 -6.29 14.74
N THR A 118 8.23 -5.13 14.77
CA THR A 118 8.06 -4.35 13.56
C THR A 118 9.36 -4.32 12.76
N ALA A 119 10.42 -3.89 13.42
CA ALA A 119 11.73 -3.81 12.78
C ALA A 119 12.01 -5.12 12.04
N SER A 120 11.53 -6.21 12.64
CA SER A 120 11.73 -7.52 12.05
C SER A 120 10.64 -7.79 11.00
N LEU A 121 9.51 -7.15 11.20
CA LEU A 121 8.38 -7.31 10.29
C LEU A 121 8.80 -6.81 8.89
N LEU A 122 9.51 -5.71 8.88
CA LEU A 122 9.97 -5.12 7.63
C LEU A 122 11.49 -5.11 7.61
N SER A 123 12.07 -6.00 8.40
CA SER A 123 13.52 -6.10 8.48
C SER A 123 14.10 -6.43 7.10
N GLY A 124 13.32 -7.19 6.34
CA GLY A 124 13.74 -7.58 5.00
C GLY A 124 13.04 -6.74 3.94
N LEU A 125 11.86 -6.26 4.29
CA LEU A 125 11.08 -5.43 3.39
C LEU A 125 11.77 -4.08 3.20
N VAL A 126 11.34 -3.36 2.18
CA VAL A 126 11.90 -2.05 1.89
C VAL A 126 11.21 -1.00 2.77
N ARG A 127 11.76 -0.82 3.97
CA ARG A 127 11.21 0.15 4.90
C ARG A 127 11.08 1.52 4.24
N LEU A 128 9.90 1.77 3.71
CA LEU A 128 9.62 3.04 3.05
C LEU A 128 9.50 4.15 4.09
N ASP A 129 10.20 5.24 3.83
CA ASP A 129 10.18 6.37 4.74
C ASP A 129 9.67 7.60 4.00
N GLU A 130 9.36 8.64 4.78
CA GLU A 130 8.85 9.88 4.20
C GLU A 130 9.74 11.05 4.62
N HIS A 131 10.86 10.71 5.24
CA HIS A 131 11.80 11.73 5.69
C HIS A 131 13.22 11.32 5.32
N SER A 132 13.30 10.28 4.49
CA SER A 132 14.60 9.77 4.06
C SER A 132 15.00 10.43 2.73
N GLN A 133 16.29 10.63 2.57
CA GLN A 133 16.81 11.24 1.36
C GLN A 133 17.02 10.19 0.27
N ILE A 134 16.81 8.93 0.66
CA ILE A 134 16.98 7.83 -0.27
C ILE A 134 15.59 7.25 -0.60
N PHE A 135 14.68 7.42 0.34
CA PHE A 135 13.32 6.92 0.15
C PHE A 135 12.83 7.16 -1.28
N ALA A 136 13.27 8.27 -1.84
CA ALA A 136 12.90 8.63 -3.20
C ALA A 136 13.30 7.50 -4.15
N ARG A 137 14.53 7.04 -3.98
CA ARG A 137 15.05 5.96 -4.81
C ARG A 137 14.41 4.63 -4.41
N LYS A 138 13.90 4.60 -3.19
CA LYS A 138 13.27 3.40 -2.67
C LYS A 138 11.90 3.21 -3.34
N VAL A 139 11.15 4.31 -3.37
CA VAL A 139 9.82 4.28 -3.97
C VAL A 139 9.97 4.23 -5.50
N ALA A 140 11.00 4.91 -5.99
CA ALA A 140 11.25 4.96 -7.42
C ALA A 140 11.83 3.61 -7.87
N ASN A 141 12.09 2.75 -6.89
CA ASN A 141 12.63 1.45 -7.17
C ASN A 141 11.51 0.42 -7.25
N THR A 142 10.62 0.49 -6.26
CA THR A 142 9.48 -0.42 -6.21
C THR A 142 8.37 0.06 -7.14
N PHE A 143 8.01 1.33 -6.97
CA PHE A 143 6.97 1.93 -7.79
C PHE A 143 7.56 2.63 -9.01
N LYS A 144 8.16 1.83 -9.88
CA LYS A 144 8.77 2.37 -11.09
C LYS A 144 7.67 2.81 -12.06
N PRO A 145 8.08 3.61 -13.08
CA PRO A 145 7.15 4.11 -14.06
C PRO A 145 6.76 3.00 -15.05
N HIS A 146 7.70 2.12 -15.30
CA HIS A 146 7.48 1.02 -16.22
C HIS A 146 6.64 -0.06 -15.53
N ARG A 147 6.69 -0.04 -14.21
CA ARG A 147 5.95 -1.01 -13.41
C ARG A 147 4.58 -0.44 -13.03
N LEU A 148 4.45 0.87 -13.21
CA LEU A 148 3.21 1.55 -12.90
C LEU A 148 2.33 1.63 -14.15
N GLN A 149 2.93 2.15 -15.20
CA GLN A 149 2.22 2.30 -16.47
C GLN A 149 1.82 0.92 -17.02
N ALA A 150 2.73 -0.02 -16.85
CA ALA A 150 2.49 -1.38 -17.32
C ALA A 150 1.41 -2.03 -16.46
N ARG A 151 1.22 -1.45 -15.28
CA ARG A 151 0.21 -1.97 -14.36
C ARG A 151 -1.18 -1.55 -14.82
N LYS A 152 -1.25 -0.35 -15.38
CA LYS A 152 -2.52 0.18 -15.85
C LYS A 152 -2.63 -0.05 -17.36
N ALA A 153 -1.51 -0.42 -17.95
CA ALA A 153 -1.46 -0.68 -19.38
C ALA A 153 -2.37 -1.87 -19.71
N MET A 154 -2.63 -2.68 -18.69
CA MET A 154 -3.47 -3.85 -18.85
C MET A 154 -4.88 -3.59 -18.32
N TRP A 155 -4.95 -2.67 -17.37
CA TRP A 155 -6.22 -2.33 -16.76
C TRP A 155 -7.10 -1.70 -17.84
N ARG A 156 -6.47 -0.90 -18.69
CA ARG A 156 -7.18 -0.24 -19.77
C ARG A 156 -7.98 -1.25 -20.59
N LYS A 157 -7.43 -2.45 -20.68
CA LYS A 157 -8.08 -3.52 -21.43
C LYS A 157 -9.56 -3.54 -21.07
N GLU A 158 -9.85 -3.16 -19.84
CA GLU A 158 -11.22 -3.14 -19.36
C GLU A 158 -11.81 -1.73 -19.48
N GLN A 159 -10.91 -0.75 -19.43
CA GLN A 159 -11.32 0.64 -19.54
C GLN A 159 -11.85 0.94 -20.94
N ASP A 160 -11.40 0.11 -21.88
CA ASP A 160 -11.82 0.29 -23.27
C ASP A 160 -13.21 -0.33 -23.46
N MET A 1 -21.64 12.35 4.56
CA MET A 1 -21.17 11.21 3.78
C MET A 1 -22.36 10.37 3.30
N GLU A 2 -22.11 9.62 2.22
CA GLU A 2 -23.13 8.78 1.65
C GLU A 2 -22.77 7.30 1.84
N SER A 3 -23.66 6.44 1.37
CA SER A 3 -23.45 5.01 1.49
C SER A 3 -23.43 4.36 0.10
N SER A 4 -23.14 5.19 -0.90
CA SER A 4 -23.10 4.71 -2.27
C SER A 4 -21.87 5.31 -2.97
N SER A 5 -20.93 5.78 -2.18
CA SER A 5 -19.71 6.37 -2.71
C SER A 5 -19.24 5.57 -3.93
N GLU A 6 -18.47 6.23 -4.78
CA GLU A 6 -17.94 5.61 -5.97
C GLU A 6 -16.60 4.95 -5.67
N GLN A 7 -16.01 4.39 -6.72
CA GLN A 7 -14.71 3.73 -6.58
C GLN A 7 -13.82 4.08 -7.77
N LYS A 8 -12.53 4.19 -7.49
CA LYS A 8 -11.56 4.51 -8.52
C LYS A 8 -10.42 3.49 -8.47
N PHE A 9 -9.64 3.47 -9.55
CA PHE A 9 -8.52 2.55 -9.65
C PHE A 9 -7.32 3.06 -8.85
N TYR A 10 -6.61 2.13 -8.24
CA TYR A 10 -5.44 2.46 -7.44
C TYR A 10 -4.24 1.61 -7.84
N ASN A 11 -3.07 2.10 -7.49
CA ASN A 11 -1.83 1.39 -7.79
C ASN A 11 -1.18 0.92 -6.49
N PHE A 12 -1.67 1.47 -5.39
CA PHE A 12 -1.14 1.11 -4.08
C PHE A 12 -2.10 1.55 -2.97
N VAL A 13 -2.39 0.62 -2.09
CA VAL A 13 -3.29 0.89 -0.96
C VAL A 13 -2.46 1.19 0.29
N ILE A 14 -2.58 2.42 0.76
CA ILE A 14 -1.86 2.85 1.94
C ILE A 14 -2.66 2.47 3.19
N LEU A 15 -2.25 1.36 3.80
CA LEU A 15 -2.91 0.88 5.00
C LEU A 15 -2.48 1.73 6.19
N HIS A 16 -3.47 2.32 6.85
CA HIS A 16 -3.20 3.16 8.00
C HIS A 16 -4.39 3.08 8.97
N ALA A 17 -4.30 3.86 10.03
CA ALA A 17 -5.35 3.89 11.03
C ALA A 17 -6.46 4.85 10.57
N ARG A 18 -7.25 5.29 11.53
CA ARG A 18 -8.36 6.19 11.24
C ARG A 18 -7.95 7.64 11.53
N ALA A 19 -6.87 7.77 12.29
CA ALA A 19 -6.37 9.09 12.64
C ALA A 19 -5.09 9.38 11.86
N ASP A 20 -4.89 8.59 10.80
CA ASP A 20 -3.72 8.75 9.97
C ASP A 20 -4.16 9.04 8.53
N GLU A 21 -5.34 9.63 8.42
CA GLU A 21 -5.89 9.97 7.12
C GLU A 21 -4.98 10.97 6.40
N HIS A 22 -5.08 12.22 6.82
CA HIS A 22 -4.28 13.28 6.24
C HIS A 22 -2.85 12.76 5.97
N ILE A 23 -2.37 11.97 6.92
CA ILE A 23 -1.03 11.41 6.80
C ILE A 23 -0.93 10.63 5.48
N ALA A 24 -1.89 9.75 5.28
CA ALA A 24 -1.92 8.94 4.07
C ALA A 24 -2.16 9.85 2.86
N LEU A 25 -3.19 10.68 2.98
CA LEU A 25 -3.54 11.59 1.91
C LEU A 25 -2.38 12.57 1.68
N ARG A 26 -1.46 12.58 2.64
CA ARG A 26 -0.31 13.46 2.55
C ARG A 26 0.79 12.80 1.72
N VAL A 27 0.66 11.50 1.54
CA VAL A 27 1.63 10.74 0.77
C VAL A 27 1.14 10.59 -0.67
N ARG A 28 -0.10 10.13 -0.80
CA ARG A 28 -0.69 9.94 -2.12
C ARG A 28 -0.24 11.06 -3.07
N GLU A 29 -0.19 12.26 -2.53
CA GLU A 29 0.23 13.42 -3.32
C GLU A 29 1.74 13.37 -3.57
N LYS A 30 2.49 13.44 -2.50
CA LYS A 30 3.94 13.41 -2.59
C LYS A 30 4.36 12.41 -3.67
N LEU A 31 3.76 11.23 -3.59
CA LEU A 31 4.06 10.18 -4.56
C LEU A 31 4.02 10.76 -5.97
N GLU A 32 2.85 11.29 -6.32
CA GLU A 32 2.66 11.87 -7.64
C GLU A 32 3.92 12.65 -8.06
N ALA A 33 4.62 13.16 -7.06
CA ALA A 33 5.83 13.92 -7.31
C ALA A 33 6.88 13.00 -7.91
N LEU A 34 7.13 11.89 -7.22
CA LEU A 34 8.11 10.92 -7.69
C LEU A 34 7.59 10.23 -8.95
N GLY A 35 6.33 9.84 -8.89
CA GLY A 35 5.70 9.17 -10.01
C GLY A 35 4.33 8.60 -9.63
N VAL A 36 4.38 7.56 -8.80
CA VAL A 36 3.16 6.92 -8.34
C VAL A 36 2.10 7.98 -8.06
N PRO A 37 0.84 7.69 -8.51
CA PRO A 37 -0.26 8.60 -8.32
C PRO A 37 -0.73 8.59 -6.86
N ASP A 38 -1.94 9.11 -6.67
CA ASP A 38 -2.51 9.18 -5.33
C ASP A 38 -2.70 7.75 -4.80
N GLY A 39 -3.19 6.89 -5.69
CA GLY A 39 -3.42 5.50 -5.31
C GLY A 39 -4.70 5.35 -4.49
N ALA A 40 -4.51 5.31 -3.18
CA ALA A 40 -5.63 5.18 -2.27
C ALA A 40 -5.11 4.75 -0.89
N THR A 41 -6.05 4.51 0.01
CA THR A 41 -5.71 4.09 1.35
C THR A 41 -6.83 3.24 1.96
N PHE A 42 -6.47 2.46 2.96
CA PHE A 42 -7.43 1.60 3.63
C PHE A 42 -7.82 2.17 4.99
N CYS A 43 -8.91 1.62 5.53
CA CYS A 43 -9.40 2.06 6.83
C CYS A 43 -9.81 0.83 7.63
N GLU A 44 -9.53 0.88 8.92
CA GLU A 44 -9.86 -0.23 9.81
C GLU A 44 -11.38 -0.35 9.94
N ASP A 45 -11.88 -1.55 9.65
CA ASP A 45 -13.30 -1.81 9.74
C ASP A 45 -13.83 -1.31 11.08
N PHE A 46 -14.66 -0.28 11.02
CA PHE A 46 -15.24 0.29 12.22
C PHE A 46 -16.73 -0.05 12.33
N GLN A 47 -17.00 -1.15 13.00
CA GLN A 47 -18.39 -1.59 13.18
C GLN A 47 -19.19 -1.33 11.91
N VAL A 48 -18.86 -2.08 10.87
CA VAL A 48 -19.55 -1.94 9.59
C VAL A 48 -19.65 -3.31 8.93
N HIS A 49 -20.11 -3.30 7.69
CA HIS A 49 -20.27 -4.53 6.93
C HIS A 49 -19.10 -4.67 5.95
N GLY A 50 -18.64 -3.53 5.44
CA GLY A 50 -17.54 -3.52 4.50
C GLY A 50 -18.04 -3.74 3.07
N ARG A 51 -19.30 -4.15 2.97
CA ARG A 51 -19.90 -4.40 1.67
C ARG A 51 -20.45 -3.09 1.09
N GLY A 52 -20.20 -2.01 1.80
CA GLY A 52 -20.66 -0.70 1.36
C GLY A 52 -19.50 0.30 1.30
N GLU A 53 -18.31 -0.22 1.57
CA GLU A 53 -17.11 0.62 1.55
C GLU A 53 -16.13 0.12 0.50
N LEU A 54 -15.34 -0.87 0.89
CA LEU A 54 -14.36 -1.45 -0.02
C LEU A 54 -14.71 -2.92 -0.27
N SER A 55 -13.91 -3.54 -1.13
CA SER A 55 -14.12 -4.95 -1.45
C SER A 55 -13.36 -5.83 -0.46
N CYS A 56 -12.05 -5.70 -0.49
CA CYS A 56 -11.20 -6.49 0.40
C CYS A 56 -9.78 -5.91 0.35
N LEU A 57 -9.06 -6.09 1.45
CA LEU A 57 -7.70 -5.60 1.54
C LEU A 57 -6.86 -6.22 0.42
N GLN A 58 -7.13 -7.49 0.16
CA GLN A 58 -6.40 -8.22 -0.87
C GLN A 58 -6.81 -7.71 -2.25
N ASP A 59 -7.81 -6.84 -2.26
CA ASP A 59 -8.31 -6.28 -3.51
C ASP A 59 -7.22 -5.41 -4.13
N ALA A 60 -6.54 -4.66 -3.28
CA ALA A 60 -5.48 -3.78 -3.74
C ALA A 60 -4.23 -4.62 -4.05
N ILE A 61 -4.11 -5.74 -3.35
CA ILE A 61 -2.98 -6.62 -3.53
C ILE A 61 -2.86 -6.99 -5.03
N ASP A 62 -4.02 -7.07 -5.67
CA ASP A 62 -4.07 -7.40 -7.09
C ASP A 62 -4.34 -6.13 -7.90
N HIS A 63 -5.44 -5.49 -7.57
CA HIS A 63 -5.84 -4.26 -8.25
C HIS A 63 -4.70 -3.24 -8.17
N SER A 64 -4.22 -3.05 -6.94
CA SER A 64 -3.14 -2.11 -6.70
C SER A 64 -1.80 -2.78 -6.95
N ALA A 65 -0.92 -2.05 -7.62
CA ALA A 65 0.41 -2.56 -7.92
C ALA A 65 1.04 -3.13 -6.64
N PHE A 66 1.59 -2.21 -5.85
CA PHE A 66 2.22 -2.61 -4.60
C PHE A 66 1.48 -2.02 -3.41
N ILE A 67 1.18 -2.88 -2.45
CA ILE A 67 0.47 -2.46 -1.25
C ILE A 67 1.44 -1.72 -0.33
N ILE A 68 0.99 -0.57 0.14
CA ILE A 68 1.80 0.25 1.03
C ILE A 68 1.26 0.14 2.46
N LEU A 69 2.09 -0.40 3.33
CA LEU A 69 1.72 -0.56 4.72
C LEU A 69 2.24 0.62 5.54
N LEU A 70 1.31 1.46 5.98
CA LEU A 70 1.65 2.62 6.76
C LEU A 70 1.93 2.21 8.21
N LEU A 71 3.12 1.67 8.42
CA LEU A 71 3.52 1.23 9.74
C LEU A 71 3.64 2.44 10.67
N THR A 72 2.56 2.73 11.36
CA THR A 72 2.53 3.85 12.28
C THR A 72 2.02 3.42 13.65
N SER A 73 2.46 4.15 14.67
CA SER A 73 2.05 3.85 16.04
C SER A 73 0.53 3.92 16.15
N ASN A 74 -0.09 4.53 15.16
CA ASN A 74 -1.54 4.68 15.14
C ASN A 74 -2.15 3.53 14.33
N PHE A 75 -1.30 2.92 13.52
CA PHE A 75 -1.75 1.80 12.69
C PHE A 75 -1.12 0.49 13.16
N ASP A 76 -1.74 -0.60 12.74
CA ASP A 76 -1.27 -1.92 13.11
C ASP A 76 -0.62 -2.59 11.89
N CYS A 77 0.58 -3.11 12.11
CA CYS A 77 1.31 -3.77 11.05
C CYS A 77 1.01 -5.26 11.11
N ARG A 78 1.23 -5.83 12.28
CA ARG A 78 0.99 -7.25 12.49
C ARG A 78 -0.27 -7.68 11.75
N LEU A 79 -1.21 -6.75 11.64
CA LEU A 79 -2.47 -7.02 10.95
C LEU A 79 -2.21 -7.10 9.44
N SER A 80 -2.04 -5.93 8.85
CA SER A 80 -1.79 -5.84 7.43
C SER A 80 -0.87 -6.98 6.98
N LEU A 81 -0.01 -7.40 7.90
CA LEU A 81 0.92 -8.48 7.62
C LEU A 81 0.15 -9.81 7.58
N HIS A 82 -0.53 -10.09 8.68
CA HIS A 82 -1.30 -11.32 8.79
C HIS A 82 -2.24 -11.43 7.59
N GLN A 83 -2.83 -10.31 7.22
CA GLN A 83 -3.75 -10.27 6.10
C GLN A 83 -3.00 -10.47 4.79
N VAL A 84 -2.29 -9.43 4.38
CA VAL A 84 -1.52 -9.48 3.14
C VAL A 84 -0.85 -10.85 3.03
N ASN A 85 -0.50 -11.40 4.18
CA ASN A 85 0.15 -12.71 4.22
C ASN A 85 -0.82 -13.77 3.67
N GLN A 86 -1.85 -14.03 4.46
CA GLN A 86 -2.85 -15.01 4.07
C GLN A 86 -3.32 -14.77 2.63
N ALA A 87 -3.71 -13.53 2.38
CA ALA A 87 -4.18 -13.15 1.06
C ALA A 87 -3.15 -13.58 0.02
N MET A 88 -1.93 -13.13 0.21
CA MET A 88 -0.85 -13.47 -0.70
C MET A 88 -0.83 -14.97 -1.00
N MET A 89 -0.42 -15.74 0.00
CA MET A 89 -0.36 -17.19 -0.15
C MET A 89 -1.73 -17.76 -0.54
N SER A 90 -2.75 -16.94 -0.35
CA SER A 90 -4.10 -17.35 -0.67
C SER A 90 -4.39 -17.09 -2.15
N ASN A 91 -3.66 -16.14 -2.70
CA ASN A 91 -3.83 -15.78 -4.10
C ASN A 91 -2.45 -15.59 -4.74
N LEU A 92 -1.82 -16.71 -5.04
CA LEU A 92 -0.50 -16.67 -5.66
C LEU A 92 -0.62 -16.95 -7.15
N THR A 93 -1.74 -17.58 -7.51
CA THR A 93 -2.00 -17.91 -8.90
C THR A 93 -2.35 -16.64 -9.69
N ARG A 94 -2.43 -15.54 -8.97
CA ARG A 94 -2.74 -14.26 -9.58
C ARG A 94 -1.48 -13.43 -9.78
N GLN A 95 -0.97 -12.91 -8.66
CA GLN A 95 0.24 -12.10 -8.70
C GLN A 95 1.36 -12.78 -7.91
N GLY A 96 0.97 -13.45 -6.85
CA GLY A 96 1.92 -14.15 -6.00
C GLY A 96 3.21 -13.33 -5.85
N SER A 97 3.05 -12.12 -5.35
CA SER A 97 4.19 -11.24 -5.15
C SER A 97 4.24 -10.77 -3.69
N PRO A 98 5.04 -11.51 -2.88
CA PRO A 98 5.19 -11.18 -1.47
C PRO A 98 6.08 -9.95 -1.28
N ASP A 99 6.54 -9.42 -2.41
CA ASP A 99 7.39 -8.24 -2.39
C ASP A 99 6.57 -7.00 -2.72
N CYS A 100 5.25 -7.17 -2.66
CA CYS A 100 4.34 -6.08 -2.95
C CYS A 100 3.99 -5.38 -1.63
N VAL A 101 4.85 -5.58 -0.64
CA VAL A 101 4.64 -4.97 0.66
C VAL A 101 5.62 -3.81 0.84
N ILE A 102 5.06 -2.61 0.92
CA ILE A 102 5.87 -1.42 1.10
C ILE A 102 5.55 -0.78 2.45
N PRO A 103 6.37 -1.14 3.47
CA PRO A 103 6.19 -0.61 4.80
C PRO A 103 6.65 0.85 4.89
N PHE A 104 5.69 1.75 4.77
CA PHE A 104 5.98 3.17 4.84
C PHE A 104 6.12 3.64 6.29
N LEU A 105 6.60 4.86 6.43
CA LEU A 105 6.78 5.44 7.75
C LEU A 105 6.69 6.96 7.66
N PRO A 106 5.52 7.50 8.11
CA PRO A 106 5.29 8.93 8.07
C PRO A 106 6.07 9.64 9.19
N LEU A 107 6.04 10.96 9.14
CA LEU A 107 6.74 11.76 10.13
C LEU A 107 5.92 11.79 11.43
N GLU A 108 4.63 11.58 11.27
CA GLU A 108 3.73 11.58 12.42
C GLU A 108 4.07 10.42 13.35
N SER A 109 4.46 9.31 12.75
CA SER A 109 4.81 8.12 13.51
C SER A 109 6.26 7.71 13.22
N SER A 110 6.74 6.77 14.00
CA SER A 110 8.10 6.28 13.83
C SER A 110 8.18 4.79 14.18
N PRO A 111 9.32 4.17 13.80
CA PRO A 111 9.53 2.76 14.07
C PRO A 111 9.86 2.53 15.54
N ALA A 112 10.53 3.51 16.13
CA ALA A 112 10.92 3.43 17.52
C ALA A 112 9.66 3.39 18.40
N GLN A 113 8.58 3.95 17.85
CA GLN A 113 7.32 4.00 18.56
C GLN A 113 6.60 2.65 18.46
N LEU A 114 7.11 1.82 17.55
CA LEU A 114 6.53 0.50 17.34
C LEU A 114 7.23 -0.51 18.26
N SER A 115 6.86 -1.77 18.09
CA SER A 115 7.44 -2.84 18.89
C SER A 115 8.81 -3.23 18.34
N SER A 116 9.49 -4.09 19.08
CA SER A 116 10.81 -4.55 18.67
C SER A 116 10.67 -5.65 17.62
N ASP A 117 9.43 -6.06 17.38
CA ASP A 117 9.15 -7.08 16.40
C ASP A 117 8.74 -6.44 15.08
N THR A 118 7.96 -5.37 15.19
CA THR A 118 7.51 -4.65 14.02
C THR A 118 8.65 -4.45 13.03
N ALA A 119 9.87 -4.43 13.56
CA ALA A 119 11.05 -4.26 12.74
C ALA A 119 11.33 -5.55 11.99
N SER A 120 11.26 -6.65 12.72
CA SER A 120 11.50 -7.97 12.14
C SER A 120 10.29 -8.42 11.33
N LEU A 121 9.20 -7.68 11.51
CA LEU A 121 7.97 -8.00 10.80
C LEU A 121 8.04 -7.49 9.37
N LEU A 122 8.84 -6.43 9.21
CA LEU A 122 9.01 -5.84 7.89
C LEU A 122 10.43 -6.09 7.40
N SER A 123 11.27 -6.51 8.33
CA SER A 123 12.66 -6.79 8.01
C SER A 123 12.74 -7.72 6.80
N GLY A 124 13.12 -7.14 5.67
CA GLY A 124 13.24 -7.90 4.44
C GLY A 124 12.59 -7.15 3.26
N LEU A 125 11.67 -6.27 3.61
CA LEU A 125 10.97 -5.49 2.60
C LEU A 125 11.52 -4.06 2.60
N VAL A 126 11.73 -3.54 1.41
CA VAL A 126 12.25 -2.18 1.27
C VAL A 126 11.36 -1.21 2.06
N ARG A 127 11.92 -0.73 3.16
CA ARG A 127 11.20 0.20 4.01
C ARG A 127 11.04 1.56 3.31
N LEU A 128 9.83 2.09 3.38
CA LEU A 128 9.54 3.37 2.76
C LEU A 128 9.44 4.44 3.85
N ASP A 129 9.81 5.66 3.47
CA ASP A 129 9.76 6.78 4.39
C ASP A 129 9.37 8.05 3.63
N GLU A 130 9.06 9.09 4.40
CA GLU A 130 8.67 10.36 3.81
C GLU A 130 9.74 11.42 4.10
N HIS A 131 10.34 11.30 5.27
CA HIS A 131 11.37 12.24 5.68
C HIS A 131 12.75 11.67 5.35
N SER A 132 12.78 10.86 4.30
CA SER A 132 14.02 10.23 3.86
C SER A 132 14.53 10.92 2.59
N GLN A 133 15.82 10.79 2.37
CA GLN A 133 16.44 11.39 1.19
C GLN A 133 16.71 10.32 0.13
N ILE A 134 16.50 9.07 0.53
CA ILE A 134 16.72 7.95 -0.37
C ILE A 134 15.36 7.35 -0.77
N PHE A 135 14.39 7.54 0.11
CA PHE A 135 13.05 7.03 -0.15
C PHE A 135 12.66 7.20 -1.62
N ALA A 136 13.12 8.30 -2.20
CA ALA A 136 12.83 8.60 -3.58
C ALA A 136 13.28 7.42 -4.45
N ARG A 137 14.50 6.96 -4.20
CA ARG A 137 15.05 5.86 -4.95
C ARG A 137 14.39 4.54 -4.51
N LYS A 138 13.79 4.58 -3.34
CA LYS A 138 13.12 3.41 -2.79
C LYS A 138 11.78 3.23 -3.49
N VAL A 139 11.11 4.35 -3.74
CA VAL A 139 9.82 4.32 -4.41
C VAL A 139 10.03 4.15 -5.91
N ALA A 140 10.95 4.94 -6.44
CA ALA A 140 11.25 4.89 -7.86
C ALA A 140 11.84 3.52 -8.20
N ASN A 141 12.17 2.77 -7.16
CA ASN A 141 12.73 1.44 -7.34
C ASN A 141 11.61 0.42 -7.38
N THR A 142 10.80 0.41 -6.33
CA THR A 142 9.68 -0.51 -6.25
C THR A 142 8.55 -0.06 -7.16
N PHE A 143 8.13 1.18 -6.96
CA PHE A 143 7.05 1.74 -7.77
C PHE A 143 7.59 2.35 -9.06
N LYS A 144 8.46 1.59 -9.72
CA LYS A 144 9.05 2.04 -10.97
C LYS A 144 7.96 2.63 -11.87
N PRO A 145 8.38 3.57 -12.74
CA PRO A 145 7.46 4.22 -13.65
C PRO A 145 7.08 3.29 -14.80
N HIS A 146 8.10 2.87 -15.53
CA HIS A 146 7.89 1.96 -16.65
C HIS A 146 7.11 0.73 -16.19
N ARG A 147 7.14 0.51 -14.88
CA ARG A 147 6.45 -0.62 -14.31
C ARG A 147 5.01 -0.25 -13.97
N LEU A 148 4.83 0.98 -13.51
CA LEU A 148 3.51 1.47 -13.16
C LEU A 148 2.61 1.42 -14.39
N GLN A 149 3.02 2.17 -15.42
CA GLN A 149 2.25 2.22 -16.65
C GLN A 149 2.15 0.82 -17.28
N ALA A 150 3.24 0.07 -17.13
CA ALA A 150 3.28 -1.28 -17.67
C ALA A 150 2.36 -2.19 -16.86
N ARG A 151 2.00 -1.70 -15.68
CA ARG A 151 1.13 -2.45 -14.79
C ARG A 151 -0.22 -2.73 -15.48
N LYS A 152 -0.50 -1.93 -16.50
CA LYS A 152 -1.74 -2.07 -17.24
C LYS A 152 -1.47 -2.89 -18.52
N ALA A 153 -0.21 -2.87 -18.93
CA ALA A 153 0.18 -3.60 -20.12
C ALA A 153 -0.54 -4.95 -20.16
N MET A 154 -0.83 -5.46 -18.97
CA MET A 154 -1.52 -6.74 -18.86
C MET A 154 -3.04 -6.55 -18.85
N TRP A 155 -3.47 -5.59 -18.04
CA TRP A 155 -4.89 -5.29 -17.93
C TRP A 155 -5.45 -5.17 -19.34
N ARG A 156 -4.76 -4.38 -20.16
CA ARG A 156 -5.19 -4.17 -21.53
C ARG A 156 -5.70 -5.48 -22.14
N LYS A 157 -5.03 -6.56 -21.77
CA LYS A 157 -5.39 -7.88 -22.27
C LYS A 157 -6.91 -8.07 -22.12
N GLU A 158 -7.39 -7.79 -20.92
CA GLU A 158 -8.81 -7.92 -20.64
C GLU A 158 -9.59 -6.77 -21.29
N GLN A 159 -8.89 -5.69 -21.56
CA GLN A 159 -9.50 -4.53 -22.18
C GLN A 159 -9.83 -4.82 -23.64
N ASP A 160 -8.95 -5.58 -24.28
CA ASP A 160 -9.13 -5.94 -25.67
C ASP A 160 -10.43 -6.71 -25.83
#